data_3RIA
#
_entry.id   3RIA
#
_cell.length_a   155.099
_cell.length_b   155.099
_cell.length_c   578.257
_cell.angle_alpha   90.00
_cell.angle_beta   90.00
_cell.angle_gamma   90.00
#
_symmetry.space_group_name_H-M   'P 43 21 2'
#
loop_
_entity.id
_entity.type
_entity.pdbx_description
1 polymer 'Avermectin-sensitive glutamate-gated chloride channel GluCl alpha'
2 polymer 'Mouse monoclonal Fab fragment, heavy chain'
3 polymer 'Mouse monoclonal Fab fragment, light chain'
4 non-polymer "(2aE,4E,5'S,6S,6'R,7S,8E,11R,13R,15S,17aR,20R,20aR,20bS)-6'-[(2S)-butan-2-yl]-20,20b-dihydroxy-5',6,8,19-tetramethyl-17 -oxo-3',4',5',6,6',10,11,14,15,17,17a,20,20a,20b-tetradecahydro-2H,7H-spiro[11,15-methanofuro[4,3,2-pq][2,6]benzodioxacy clooctadecine-13,2'-pyran]-7-yl 2,6-dideoxy-4-O-(2,6-dideoxy-3-O-methyl-alpha-L-arabino-hexopyranosyl)-3-O-methyl-alpha-L-arabino-hexopyranoside"
5 non-polymer DODECYL-BETA-D-MALTOSIDE
6 non-polymer 'IODIDE ION'
7 non-polymer N-OCTANE
8 non-polymer UNDECANE
9 non-polymer 'CHLORIDE ION'
#
loop_
_entity_poly.entity_id
_entity_poly.type
_entity_poly.pdbx_seq_one_letter_code
_entity_poly.pdbx_strand_id
1 'polypeptide(L)'
;SDSKILAHLFTSGYDFRVRPPTDNGGPVVVSVNMLLRTISKIDVVNMEYSAQLTLRESWIDKRLSYGVKGDGQPDFVILT
VGHQIWMPDTFFPNEKQAYKHTIDKPNVLIRIHNDGTVLYSVRISLVLSCPMYLQYYPMDVQQCSIDLASYAYTTKDIEY
LWKEHSPLQLKVGLSSSLPSFQLTNTSTTYCTSVTNTGIYSCLRTTIQLKREFSFYLLQLYIPSCMLVIVSWVSFWFDRT
AIPARVTLGVTTLLTMTAQSAGINSQLPPVSYIKAIDVWIGACMTFIFCALLEFALVNHIANAGTTEWNDISKRVDLISR
ALFPVLFFVFNILYWSRFGHHHHHHHH
;
A,B,C,D,E
2 'polypeptide(L)'
;EVQLQQSGPELVRPGASMKISCKASGYSFTGYTMNWVKQSHGKNLEWIGLINPYNGGTSYNQKFKGKATLTVDKSSSTAY
MELLSLTSEDSAVYYCARDGDYYRYGRYFDYWGQGTTLTVSSAKTTPPSVYPLAPGSAAQTNSMVTLGCLVKGYFPEPVT
VTWNSGSLSSGVHTFPAVLQSDLYTLSSSVTVPSSTWPSETVTCNVAHPASSTKVDKKIVP
;
F,G,H,I,J
3 'polypeptide(L)'
;QAVVTQESALTTSPGETVTLTCRSSTGAVTTINFANWVQEKPDHLFTGLIGGINNRAPGVPARFSGSLIGDKAALTITGA
QTEDEAIYFCALWYSNHWVFGGGTKLTVLGQPKSSPSVTLFPPSSEELETNKATLVCTITDFYPGVVTVDWKVDGTPVTQ
GMETTQPSKQSNNKYMASSYLTLTARAWERHSSYSCQVTHEGHTVEKSLS
;
K,L,M,N,O
#
loop_
_chem_comp.id
_chem_comp.type
_chem_comp.name
_chem_comp.formula
CL non-polymer 'CHLORIDE ION' 'Cl -1'
IOD non-polymer 'IODIDE ION' 'I -1'
IVM non-polymer '(2aE,4E,5'S,6S,6'R,7S,8E,11R,13R,15S,17aR,20R,20aR,20bS)-6'-[(2S)-butan-2-yl]-20,20b-dihydroxy-5',6,8,19-tetramethyl-17 -oxo-3',4',5',6,6',10,11,14,15,17,17a,20,20a,20b-tetradecahydro-2H,7H-spiro[11,15-methanofuro[4,3,2-pq][2,6]benzodioxacy clooctadecine-13,2'-pyran]-7-yl 2,6-dideoxy-4-O-(2,6-dideoxy-3-O-methyl-alpha-L-arabino-hexopyranosyl)-3-O-methyl-alpha-L-arabino-hexopyranoside' 'C48 H74 O14'
LMT D-saccharide DODECYL-BETA-D-MALTOSIDE 'C24 H46 O11'
OCT non-polymer N-OCTANE 'C8 H18'
UND non-polymer UNDECANE 'C11 H24'
#
# COMPACT_ATOMS: atom_id res chain seq x y z
N SER A 1 -10.92 -14.96 36.71
CA SER A 1 -10.07 -14.03 37.44
C SER A 1 -9.83 -12.76 36.63
N ASP A 2 -8.90 -12.82 35.68
CA ASP A 2 -8.61 -11.68 34.81
C ASP A 2 -9.86 -11.21 34.06
N SER A 3 -10.52 -12.16 33.40
CA SER A 3 -11.74 -11.86 32.67
C SER A 3 -12.80 -11.24 33.58
N LYS A 4 -12.80 -11.63 34.85
CA LYS A 4 -13.74 -11.12 35.83
C LYS A 4 -13.36 -9.71 36.26
N ILE A 5 -12.07 -9.49 36.46
CA ILE A 5 -11.56 -8.17 36.84
C ILE A 5 -11.85 -7.14 35.76
N LEU A 6 -11.64 -7.53 34.50
CA LEU A 6 -11.96 -6.68 33.37
C LEU A 6 -13.45 -6.37 33.34
N ALA A 7 -14.26 -7.42 33.48
CA ALA A 7 -15.71 -7.26 33.50
C ALA A 7 -16.15 -6.24 34.55
N HIS A 8 -15.56 -6.32 35.74
CA HIS A 8 -15.92 -5.41 36.83
C HIS A 8 -15.66 -3.96 36.47
N LEU A 9 -14.56 -3.71 35.76
CA LEU A 9 -14.16 -2.35 35.42
C LEU A 9 -15.09 -1.69 34.40
N PHE A 10 -15.64 -2.47 33.49
CA PHE A 10 -16.44 -1.94 32.40
C PHE A 10 -17.94 -2.14 32.59
N THR A 11 -18.34 -2.92 33.59
CA THR A 11 -19.75 -3.13 33.88
C THR A 11 -20.35 -1.83 34.43
N SER A 12 -19.54 -1.10 35.19
CA SER A 12 -19.94 0.23 35.66
C SER A 12 -19.93 1.20 34.49
N GLY A 13 -20.24 2.46 34.77
CA GLY A 13 -20.24 3.47 33.72
C GLY A 13 -18.85 3.97 33.41
N TYR A 14 -18.28 3.50 32.31
CA TYR A 14 -16.95 3.93 31.89
C TYR A 14 -16.95 4.43 30.44
N ASP A 15 -16.39 5.61 30.23
CA ASP A 15 -16.41 6.24 28.93
C ASP A 15 -15.00 6.45 28.39
N PHE A 16 -14.63 5.68 27.35
CA PHE A 16 -13.30 5.78 26.77
C PHE A 16 -13.10 7.10 26.04
N ARG A 17 -14.17 7.87 25.94
CA ARG A 17 -14.11 9.16 25.26
C ARG A 17 -13.79 10.25 26.26
N VAL A 18 -14.02 9.95 27.53
CA VAL A 18 -13.75 10.89 28.62
C VAL A 18 -12.33 10.74 29.13
N ARG A 19 -11.60 11.85 29.15
CA ARG A 19 -10.25 11.90 29.68
C ARG A 19 -10.24 11.42 31.13
N PRO A 20 -9.18 10.74 31.55
CA PRO A 20 -9.05 10.29 32.94
C PRO A 20 -9.05 11.47 33.89
N PRO A 21 -9.77 11.36 35.02
CA PRO A 21 -9.84 12.40 36.05
C PRO A 21 -8.49 12.61 36.73
N THR A 22 -8.30 13.79 37.32
CA THR A 22 -7.07 14.09 38.05
C THR A 22 -7.41 14.65 39.42
N ASP A 23 -6.46 14.58 40.34
CA ASP A 23 -6.68 15.03 41.72
C ASP A 23 -6.83 16.55 41.83
N ASN A 24 -6.03 17.28 41.06
CA ASN A 24 -6.08 18.73 41.10
C ASN A 24 -6.62 19.35 39.81
N GLY A 25 -7.21 18.51 38.96
CA GLY A 25 -7.74 18.97 37.69
C GLY A 25 -6.63 19.13 36.66
N GLY A 26 -5.41 18.79 37.08
CA GLY A 26 -4.25 18.89 36.22
C GLY A 26 -4.40 18.04 34.96
N PRO A 27 -3.39 18.09 34.08
CA PRO A 27 -3.43 17.33 32.83
C PRO A 27 -3.01 15.88 33.07
N VAL A 28 -3.50 14.96 32.25
CA VAL A 28 -3.05 13.58 32.29
C VAL A 28 -1.60 13.55 31.87
N VAL A 29 -0.72 13.04 32.73
CA VAL A 29 0.69 12.96 32.40
C VAL A 29 1.02 11.62 31.74
N VAL A 30 1.48 11.69 30.49
CA VAL A 30 1.83 10.49 29.75
C VAL A 30 3.34 10.32 29.66
N SER A 31 3.87 9.31 30.32
CA SER A 31 5.31 9.00 30.25
C SER A 31 5.58 8.19 29.00
N VAL A 32 6.64 8.54 28.29
CA VAL A 32 6.93 7.91 27.00
C VAL A 32 8.29 7.22 26.94
N ASN A 33 8.28 5.98 26.48
CA ASN A 33 9.49 5.25 26.17
C ASN A 33 9.51 4.95 24.68
N MET A 34 10.70 4.87 24.10
CA MET A 34 10.80 4.66 22.66
C MET A 34 11.96 3.73 22.33
N LEU A 35 11.69 2.67 21.57
CA LEU A 35 12.70 1.69 21.22
C LEU A 35 12.87 1.59 19.71
N LEU A 36 14.00 2.10 19.20
CA LEU A 36 14.30 2.02 17.78
C LEU A 36 14.78 0.63 17.40
N ARG A 37 14.11 0.02 16.42
CA ARG A 37 14.47 -1.31 15.96
C ARG A 37 15.40 -1.24 14.77
N THR A 38 15.01 -0.44 13.78
CA THR A 38 15.81 -0.28 12.56
C THR A 38 15.64 1.12 11.97
N ILE A 39 16.75 1.69 11.51
CA ILE A 39 16.74 2.96 10.81
C ILE A 39 17.31 2.75 9.43
N SER A 40 16.47 2.87 8.40
CA SER A 40 16.86 2.48 7.06
C SER A 40 16.42 3.48 5.99
N LYS A 41 16.88 3.25 4.76
CA LYS A 41 16.52 4.09 3.62
C LYS A 41 16.64 5.59 3.93
N ILE A 42 17.87 6.03 4.18
CA ILE A 42 18.13 7.44 4.46
C ILE A 42 18.29 8.23 3.16
N ASP A 43 17.16 8.74 2.66
CA ASP A 43 17.11 9.41 1.37
C ASP A 43 17.64 10.84 1.44
N VAL A 44 18.72 11.12 0.72
CA VAL A 44 19.33 12.45 0.73
C VAL A 44 18.66 13.40 -0.27
N VAL A 45 18.11 12.82 -1.33
CA VAL A 45 17.44 13.61 -2.37
C VAL A 45 16.14 14.21 -1.85
N ASN A 46 15.29 13.36 -1.27
CA ASN A 46 14.02 13.82 -0.71
C ASN A 46 14.15 14.19 0.77
N MET A 47 15.36 14.06 1.30
CA MET A 47 15.64 14.41 2.68
C MET A 47 14.59 13.83 3.62
N GLU A 48 14.60 12.52 3.73
CA GLU A 48 13.78 11.80 4.68
C GLU A 48 14.46 10.47 5.00
N TYR A 49 13.98 9.79 6.03
CA TYR A 49 14.51 8.49 6.37
C TYR A 49 13.39 7.63 6.93
N SER A 50 13.53 6.32 6.81
CA SER A 50 12.56 5.40 7.38
C SER A 50 13.09 4.88 8.71
N ALA A 51 12.20 4.38 9.55
CA ALA A 51 12.57 3.86 10.86
C ALA A 51 11.41 3.11 11.48
N GLN A 52 11.69 1.92 12.01
CA GLN A 52 10.68 1.16 12.73
C GLN A 52 10.99 1.17 14.22
N LEU A 53 9.99 1.55 15.02
CA LEU A 53 10.19 1.68 16.45
C LEU A 53 9.04 1.07 17.22
N THR A 54 9.25 0.92 18.53
CA THR A 54 8.18 0.51 19.43
C THR A 54 7.84 1.66 20.35
N LEU A 55 6.63 2.18 20.23
CA LEU A 55 6.16 3.25 21.10
C LEU A 55 5.63 2.65 22.38
N ARG A 56 5.94 3.29 23.51
CA ARG A 56 5.49 2.82 24.82
C ARG A 56 4.96 3.95 25.68
N GLU A 57 3.64 4.00 25.84
CA GLU A 57 3.02 5.08 26.60
C GLU A 57 2.48 4.57 27.92
N SER A 58 2.54 5.41 28.94
CA SER A 58 2.12 5.03 30.29
C SER A 58 1.49 6.21 31.03
N TRP A 59 0.22 6.07 31.39
CA TRP A 59 -0.48 7.10 32.14
C TRP A 59 -1.31 6.47 33.25
N ILE A 60 -1.91 7.30 34.09
CA ILE A 60 -2.76 6.80 35.17
C ILE A 60 -4.24 7.08 34.90
N ASP A 61 -5.06 6.06 35.07
CA ASP A 61 -6.49 6.17 34.89
C ASP A 61 -7.16 5.53 36.09
N LYS A 62 -7.40 6.32 37.14
CA LYS A 62 -7.94 5.79 38.40
C LYS A 62 -9.20 4.97 38.18
N ARG A 63 -9.99 5.33 37.18
CA ARG A 63 -11.21 4.60 36.86
C ARG A 63 -10.93 3.13 36.57
N LEU A 64 -9.71 2.82 36.15
CA LEU A 64 -9.35 1.47 35.75
C LEU A 64 -8.73 0.65 36.87
N SER A 65 -8.49 1.28 38.01
CA SER A 65 -7.90 0.57 39.14
C SER A 65 -8.87 -0.46 39.70
N TYR A 66 -8.38 -1.68 39.86
CA TYR A 66 -9.20 -2.80 40.31
C TYR A 66 -8.61 -3.39 41.58
N GLY A 67 -7.28 -3.55 41.58
CA GLY A 67 -6.60 -4.13 42.71
C GLY A 67 -6.24 -3.09 43.74
N VAL A 68 -6.13 -1.83 43.29
CA VAL A 68 -5.72 -0.75 44.17
C VAL A 68 -4.43 -1.16 44.87
N LYS A 69 -4.47 -1.31 46.19
CA LYS A 69 -3.31 -1.81 46.93
C LYS A 69 -3.02 -3.24 46.49
N GLY A 70 -4.10 -3.98 46.24
CA GLY A 70 -4.02 -5.34 45.74
C GLY A 70 -3.34 -6.28 46.72
N ASP A 71 -2.18 -6.79 46.31
CA ASP A 71 -1.39 -7.67 47.15
C ASP A 71 -2.15 -8.95 47.51
N GLY A 72 -3.37 -9.05 47.01
CA GLY A 72 -4.13 -10.29 47.01
C GLY A 72 -4.45 -10.69 45.58
N GLN A 73 -4.30 -9.73 44.67
CA GLN A 73 -4.68 -9.89 43.27
C GLN A 73 -3.49 -9.78 42.31
N PRO A 74 -3.71 -10.10 41.01
CA PRO A 74 -2.65 -9.98 40.02
C PRO A 74 -2.17 -8.54 39.87
N ASP A 75 -0.87 -8.33 39.71
CA ASP A 75 -0.31 -6.99 39.64
C ASP A 75 -0.96 -6.17 38.54
N PHE A 76 -1.06 -6.75 37.35
CA PHE A 76 -1.71 -6.10 36.22
C PHE A 76 -2.54 -7.12 35.47
N VAL A 77 -3.60 -6.65 34.82
CA VAL A 77 -4.43 -7.53 34.00
C VAL A 77 -4.27 -7.10 32.55
N ILE A 78 -3.99 -8.03 31.66
CA ILE A 78 -3.88 -7.71 30.24
C ILE A 78 -5.24 -7.35 29.65
N LEU A 79 -5.30 -6.20 29.01
CA LEU A 79 -6.54 -5.77 28.37
C LEU A 79 -6.82 -6.61 27.14
N THR A 80 -7.96 -7.31 27.15
CA THR A 80 -8.34 -8.16 26.04
C THR A 80 -9.16 -7.38 25.01
N VAL A 81 -9.35 -7.96 23.83
CA VAL A 81 -10.10 -7.31 22.77
C VAL A 81 -11.56 -7.08 23.16
N GLY A 82 -12.11 -5.93 22.77
CA GLY A 82 -13.50 -5.64 23.05
C GLY A 82 -13.72 -4.75 24.26
N HIS A 83 -12.63 -4.24 24.81
CA HIS A 83 -12.71 -3.32 25.95
C HIS A 83 -12.05 -2.00 25.59
N GLN A 84 -12.85 -0.96 25.44
CA GLN A 84 -12.34 0.36 25.08
C GLN A 84 -11.72 1.06 26.27
N ILE A 85 -10.66 1.82 26.01
CA ILE A 85 -9.97 2.58 27.06
C ILE A 85 -9.49 3.91 26.50
N TRP A 86 -9.65 4.98 27.27
CA TRP A 86 -9.14 6.28 26.84
C TRP A 86 -7.64 6.17 26.60
N MET A 87 -7.19 6.65 25.44
CA MET A 87 -5.78 6.65 25.12
C MET A 87 -5.36 7.99 24.53
N PRO A 88 -4.14 8.44 24.86
CA PRO A 88 -3.59 9.67 24.28
C PRO A 88 -3.60 9.58 22.75
N ASP A 89 -4.25 10.54 22.10
CA ASP A 89 -4.32 10.53 20.64
C ASP A 89 -3.02 11.04 20.02
N THR A 90 -1.90 10.44 20.43
CA THR A 90 -0.58 10.86 19.97
C THR A 90 -0.38 10.62 18.48
N PHE A 91 0.33 11.54 17.84
CA PHE A 91 0.71 11.39 16.44
C PHE A 91 2.14 11.88 16.27
N PHE A 92 2.72 11.60 15.10
CA PHE A 92 4.09 12.01 14.85
C PHE A 92 4.13 13.19 13.87
N PRO A 93 4.26 14.42 14.39
CA PRO A 93 4.20 15.64 13.58
C PRO A 93 5.04 15.61 12.30
N ASN A 94 6.24 15.05 12.35
CA ASN A 94 7.09 15.02 11.16
C ASN A 94 7.06 13.69 10.41
N GLU A 95 6.01 12.91 10.63
CA GLU A 95 5.79 11.67 9.90
C GLU A 95 5.12 11.94 8.57
N LYS A 96 5.69 11.42 7.49
CA LYS A 96 5.12 11.59 6.16
C LYS A 96 4.31 10.36 5.77
N GLN A 97 4.70 9.22 6.34
CA GLN A 97 4.01 7.95 6.13
C GLN A 97 4.17 7.10 7.38
N ALA A 98 3.15 6.32 7.71
CA ALA A 98 3.20 5.50 8.92
C ALA A 98 2.30 4.27 8.85
N TYR A 99 2.80 3.13 9.33
CA TYR A 99 2.03 1.91 9.34
C TYR A 99 2.10 1.24 10.70
N LYS A 100 1.00 0.63 11.12
CA LYS A 100 1.01 -0.24 12.29
C LYS A 100 1.17 -1.68 11.79
N HIS A 101 1.80 -2.53 12.59
CA HIS A 101 1.97 -3.92 12.20
C HIS A 101 0.81 -4.76 12.72
N THR A 102 0.18 -5.50 11.82
CA THR A 102 -1.04 -6.23 12.16
C THR A 102 -0.97 -7.69 11.68
N ILE A 103 0.23 -8.16 11.35
CA ILE A 103 0.37 -9.55 10.93
C ILE A 103 -0.17 -10.49 12.01
N ASP A 104 -1.03 -11.41 11.60
CA ASP A 104 -1.76 -12.26 12.54
C ASP A 104 -2.53 -11.32 13.47
N LYS A 105 -2.34 -11.48 14.77
CA LYS A 105 -2.90 -10.54 15.71
C LYS A 105 -2.12 -9.23 15.62
N PRO A 106 -2.81 -8.09 15.72
CA PRO A 106 -2.18 -6.77 15.74
C PRO A 106 -1.09 -6.71 16.79
N ASN A 107 0.00 -6.01 16.47
CA ASN A 107 1.14 -5.90 17.39
C ASN A 107 0.94 -4.82 18.43
N VAL A 108 0.04 -5.05 19.39
CA VAL A 108 -0.14 -4.11 20.48
C VAL A 108 -0.22 -4.85 21.80
N LEU A 109 -0.03 -4.11 22.88
CA LEU A 109 -0.11 -4.64 24.23
C LEU A 109 -0.62 -3.55 25.15
N ILE A 110 -1.67 -3.86 25.91
CA ILE A 110 -2.17 -2.91 26.89
C ILE A 110 -2.32 -3.59 28.23
N ARG A 111 -1.65 -3.03 29.24
CA ARG A 111 -1.75 -3.55 30.59
C ARG A 111 -2.43 -2.56 31.51
N ILE A 112 -3.32 -3.05 32.36
CA ILE A 112 -4.00 -2.19 33.32
C ILE A 112 -3.59 -2.61 34.72
N HIS A 113 -2.55 -1.99 35.25
CA HIS A 113 -2.09 -2.28 36.61
C HIS A 113 -3.17 -2.00 37.64
N ASN A 114 -3.06 -2.67 38.79
CA ASN A 114 -4.07 -2.57 39.83
C ASN A 114 -4.36 -1.14 40.30
N ASP A 115 -3.33 -0.31 40.35
CA ASP A 115 -3.48 1.07 40.81
C ASP A 115 -4.11 1.97 39.76
N GLY A 116 -4.30 1.44 38.56
CA GLY A 116 -4.90 2.20 37.48
C GLY A 116 -3.88 2.68 36.46
N THR A 117 -2.63 2.30 36.65
CA THR A 117 -1.58 2.65 35.71
C THR A 117 -1.70 1.80 34.44
N VAL A 118 -1.72 2.47 33.29
CA VAL A 118 -1.87 1.78 32.02
C VAL A 118 -0.55 1.75 31.25
N LEU A 119 -0.21 0.59 30.69
CA LEU A 119 0.93 0.49 29.79
C LEU A 119 0.44 0.23 28.36
N TYR A 120 1.01 0.95 27.41
CA TYR A 120 0.63 0.81 26.02
C TYR A 120 1.89 0.61 25.17
N SER A 121 1.92 -0.47 24.41
CA SER A 121 3.08 -0.78 23.55
C SER A 121 2.62 -1.14 22.15
N VAL A 122 3.24 -0.54 21.15
CA VAL A 122 2.82 -0.77 19.78
C VAL A 122 4.00 -0.62 18.82
N ARG A 123 4.07 -1.52 17.84
CA ARG A 123 5.07 -1.39 16.78
C ARG A 123 4.56 -0.43 15.73
N ILE A 124 5.44 0.44 15.25
CA ILE A 124 5.08 1.42 14.24
C ILE A 124 6.23 1.61 13.26
N SER A 125 5.93 1.52 11.97
CA SER A 125 6.91 1.84 10.95
C SER A 125 6.65 3.26 10.48
N LEU A 126 7.69 4.06 10.37
CA LEU A 126 7.53 5.46 9.99
C LEU A 126 8.43 5.84 8.82
N VAL A 127 8.00 6.87 8.10
CA VAL A 127 8.86 7.56 7.15
C VAL A 127 8.85 9.04 7.53
N LEU A 128 9.95 9.49 8.12
CA LEU A 128 10.02 10.83 8.67
C LEU A 128 10.83 11.74 7.76
N SER A 129 10.52 13.03 7.77
CA SER A 129 11.31 14.01 7.03
C SER A 129 12.48 14.47 7.89
N CYS A 130 13.66 14.51 7.28
CA CYS A 130 14.86 14.90 7.99
C CYS A 130 15.67 15.85 7.12
N PRO A 131 15.45 17.16 7.29
CA PRO A 131 16.20 18.15 6.50
C PRO A 131 17.70 17.95 6.71
N MET A 132 18.43 17.79 5.61
CA MET A 132 19.86 17.53 5.68
C MET A 132 20.67 18.69 5.11
N TYR A 133 21.91 18.80 5.57
CA TYR A 133 22.77 19.91 5.18
C TYR A 133 24.10 19.37 4.67
N LEU A 134 24.33 19.53 3.36
CA LEU A 134 25.44 18.84 2.70
C LEU A 134 26.68 19.69 2.48
N GLN A 135 26.85 20.72 3.30
CA GLN A 135 28.00 21.63 3.15
C GLN A 135 29.33 20.88 3.13
N TYR A 136 29.45 19.86 3.96
CA TYR A 136 30.65 19.03 3.98
C TYR A 136 30.32 17.61 3.49
N TYR A 137 29.48 17.53 2.45
CA TYR A 137 28.80 16.29 2.09
C TYR A 137 29.57 14.98 2.26
N PRO A 138 30.74 14.88 1.64
CA PRO A 138 31.47 13.60 1.77
C PRO A 138 31.66 13.23 3.24
N MET A 139 32.08 14.21 4.04
CA MET A 139 32.33 14.01 5.46
C MET A 139 31.36 14.82 6.33
N ASP A 140 30.07 14.51 6.27
CA ASP A 140 29.08 15.27 7.02
C ASP A 140 28.46 14.46 8.17
N VAL A 141 27.72 15.16 9.03
CA VAL A 141 26.88 14.51 10.01
C VAL A 141 25.49 15.12 9.97
N GLN A 142 24.48 14.27 9.89
CA GLN A 142 23.11 14.73 9.88
C GLN A 142 22.47 14.39 11.21
N GLN A 143 21.42 15.12 11.56
CA GLN A 143 20.67 14.83 12.77
C GLN A 143 19.20 14.67 12.44
N CYS A 144 18.70 13.45 12.57
CA CYS A 144 17.32 13.15 12.25
C CYS A 144 16.51 12.95 13.52
N SER A 145 15.25 13.36 13.48
CA SER A 145 14.43 13.35 14.69
C SER A 145 13.08 12.69 14.48
N ILE A 146 12.48 12.28 15.59
CA ILE A 146 11.11 11.80 15.58
C ILE A 146 10.34 12.66 16.58
N ASP A 147 9.28 13.32 16.12
CA ASP A 147 8.48 14.14 17.00
C ASP A 147 7.19 13.45 17.39
N LEU A 148 6.84 13.54 18.66
CA LEU A 148 5.65 12.89 19.17
C LEU A 148 4.85 13.91 19.96
N ALA A 149 3.56 13.99 19.69
CA ALA A 149 2.71 14.97 20.37
C ALA A 149 1.23 14.64 20.23
N SER A 150 0.41 15.22 21.10
CA SER A 150 -1.04 15.02 21.03
C SER A 150 -1.63 15.88 19.94
N TYR A 151 -2.72 15.42 19.33
CA TYR A 151 -3.33 16.18 18.23
C TYR A 151 -4.48 17.08 18.69
N ALA A 152 -5.39 16.51 19.48
CA ALA A 152 -6.59 17.23 19.87
C ALA A 152 -6.47 17.83 21.26
N TYR A 153 -5.81 17.11 22.16
CA TYR A 153 -5.68 17.54 23.55
C TYR A 153 -4.57 18.55 23.72
N THR A 154 -4.90 19.65 24.39
CA THR A 154 -3.97 20.75 24.59
C THR A 154 -3.13 20.53 25.86
N THR A 155 -2.49 21.58 26.32
CA THR A 155 -1.58 21.47 27.46
C THR A 155 -2.29 21.30 28.80
N LYS A 156 -3.60 21.52 28.81
CA LYS A 156 -4.37 21.44 30.04
C LYS A 156 -4.89 20.04 30.27
N ASP A 157 -4.89 19.22 29.22
CA ASP A 157 -5.48 17.89 29.28
C ASP A 157 -4.45 16.77 29.24
N ILE A 158 -3.35 17.01 28.54
CA ILE A 158 -2.36 15.96 28.35
C ILE A 158 -0.96 16.55 28.23
N GLU A 159 -0.02 15.97 28.98
CA GLU A 159 1.35 16.46 29.01
C GLU A 159 2.32 15.30 28.84
N TYR A 160 3.21 15.38 27.86
CA TYR A 160 4.18 14.32 27.66
C TYR A 160 5.47 14.56 28.39
N LEU A 161 6.06 13.47 28.87
CA LEU A 161 7.34 13.50 29.55
C LEU A 161 8.09 12.23 29.22
N TRP A 162 9.36 12.37 28.90
CA TRP A 162 10.19 11.21 28.64
C TRP A 162 10.36 10.39 29.90
N LYS A 163 10.33 9.06 29.77
CA LYS A 163 10.55 8.19 30.90
C LYS A 163 11.80 8.66 31.63
N GLU A 164 11.84 8.49 32.95
CA GLU A 164 12.94 9.01 33.73
C GLU A 164 14.24 8.27 33.42
N HIS A 165 14.17 6.94 33.33
CA HIS A 165 15.35 6.13 33.05
C HIS A 165 15.31 5.53 31.66
N SER A 166 16.40 5.71 30.91
CA SER A 166 16.51 5.24 29.53
C SER A 166 15.23 5.44 28.71
N PRO A 167 14.94 6.70 28.35
CA PRO A 167 13.74 7.06 27.58
C PRO A 167 13.85 6.53 26.16
N LEU A 168 15.05 6.58 25.59
CA LEU A 168 15.26 6.04 24.25
C LEU A 168 16.20 4.85 24.33
N GLN A 169 15.79 3.75 23.72
CA GLN A 169 16.62 2.55 23.67
C GLN A 169 16.78 2.11 22.22
N LEU A 170 17.91 1.46 21.92
CA LEU A 170 18.16 0.94 20.58
C LEU A 170 18.25 -0.59 20.63
N LYS A 171 17.70 -1.24 19.62
CA LYS A 171 17.85 -2.69 19.52
C LYS A 171 19.28 -3.01 19.15
N VAL A 172 19.76 -4.18 19.55
CA VAL A 172 21.17 -4.52 19.37
C VAL A 172 21.57 -4.61 17.89
N GLY A 173 20.66 -5.12 17.06
CA GLY A 173 20.93 -5.25 15.64
C GLY A 173 20.44 -4.05 14.82
N LEU A 174 20.79 -2.85 15.26
CA LEU A 174 20.40 -1.63 14.55
C LEU A 174 21.54 -1.11 13.70
N SER A 175 22.70 -0.97 14.30
CA SER A 175 23.87 -0.46 13.59
C SER A 175 24.31 -1.41 12.48
N SER A 176 23.99 -2.69 12.62
CA SER A 176 24.36 -3.69 11.63
C SER A 176 23.43 -3.64 10.42
N SER A 177 22.24 -3.09 10.61
CA SER A 177 21.28 -2.93 9.53
C SER A 177 21.40 -1.53 8.93
N LEU A 178 22.40 -0.79 9.42
CA LEU A 178 22.68 0.56 8.93
C LEU A 178 24.14 0.62 8.49
N PRO A 179 24.41 0.18 7.26
CA PRO A 179 25.78 0.00 6.75
C PRO A 179 26.46 1.31 6.34
N SER A 180 25.67 2.25 5.83
CA SER A 180 26.22 3.46 5.24
C SER A 180 26.56 4.55 6.26
N PHE A 181 25.96 4.48 7.43
CA PHE A 181 26.20 5.48 8.47
C PHE A 181 26.62 4.84 9.80
N GLN A 182 26.98 5.71 10.74
CA GLN A 182 27.32 5.29 12.08
C GLN A 182 26.55 6.14 13.08
N LEU A 183 25.62 5.51 13.81
CA LEU A 183 24.75 6.22 14.74
C LEU A 183 25.52 6.62 15.99
N THR A 184 26.17 7.78 15.95
CA THR A 184 27.12 8.19 16.98
C THR A 184 26.46 8.64 18.29
N ASN A 185 25.44 9.47 18.19
CA ASN A 185 24.82 10.04 19.39
C ASN A 185 23.29 10.09 19.30
N THR A 186 22.62 10.00 20.44
CA THR A 186 21.17 10.22 20.50
C THR A 186 20.79 11.14 21.65
N SER A 187 19.68 11.86 21.49
CA SER A 187 19.22 12.78 22.52
C SER A 187 17.71 12.73 22.68
N THR A 188 17.24 13.06 23.88
CA THR A 188 15.82 13.04 24.18
C THR A 188 15.38 14.41 24.72
N THR A 189 14.51 15.09 23.96
CA THR A 189 14.19 16.49 24.22
C THR A 189 12.71 16.81 24.13
N TYR A 190 12.35 18.04 24.47
CA TYR A 190 10.96 18.52 24.36
C TYR A 190 10.81 19.58 23.27
N CYS A 191 9.70 19.53 22.55
CA CYS A 191 9.46 20.44 21.44
C CYS A 191 8.07 21.08 21.52
N THR A 192 7.53 21.14 22.74
CA THR A 192 6.24 21.80 22.97
C THR A 192 6.22 23.16 22.28
N SER A 193 5.11 23.45 21.61
CA SER A 193 5.01 24.70 20.86
C SER A 193 3.65 25.35 21.05
N VAL A 194 3.59 26.66 20.81
CA VAL A 194 2.34 27.40 20.89
C VAL A 194 1.80 27.70 19.49
N THR A 195 0.66 27.10 19.17
CA THR A 195 0.03 27.24 17.87
C THR A 195 -1.22 28.10 17.94
N ASN A 196 -1.91 28.23 16.82
CA ASN A 196 -3.12 29.03 16.77
C ASN A 196 -4.31 28.35 17.42
N THR A 197 -4.25 27.02 17.53
CA THR A 197 -5.32 26.27 18.18
C THR A 197 -5.03 26.00 19.64
N GLY A 198 -3.83 26.39 20.09
CA GLY A 198 -3.44 26.25 21.49
C GLY A 198 -2.01 25.83 21.71
N ILE A 199 -1.66 25.55 22.96
CA ILE A 199 -0.30 25.11 23.30
C ILE A 199 -0.24 23.59 23.47
N TYR A 200 0.51 22.93 22.59
CA TYR A 200 0.55 21.46 22.60
C TYR A 200 1.88 20.89 23.09
N SER A 201 1.80 19.93 24.02
CA SER A 201 2.99 19.28 24.55
C SER A 201 3.60 18.35 23.51
N CYS A 202 4.92 18.27 23.47
CA CYS A 202 5.59 17.50 22.43
C CYS A 202 7.00 17.02 22.80
N LEU A 203 7.28 15.75 22.54
CA LEU A 203 8.61 15.18 22.77
C LEU A 203 9.36 15.10 21.45
N ARG A 204 10.68 14.97 21.52
CA ARG A 204 11.48 14.80 20.31
C ARG A 204 12.75 14.04 20.59
N THR A 205 12.86 12.86 19.98
CA THR A 205 14.09 12.08 20.03
C THR A 205 14.93 12.42 18.80
N THR A 206 16.25 12.41 18.98
CA THR A 206 17.17 12.78 17.90
C THR A 206 18.35 11.83 17.80
N ILE A 207 18.57 11.30 16.62
CA ILE A 207 19.74 10.45 16.39
C ILE A 207 20.72 11.22 15.51
N GLN A 208 22.01 10.99 15.72
CA GLN A 208 23.04 11.68 14.95
C GLN A 208 23.78 10.70 14.06
N LEU A 209 23.69 10.91 12.74
CA LEU A 209 24.26 9.99 11.79
C LEU A 209 25.54 10.53 11.14
N LYS A 210 26.63 9.80 11.32
CA LYS A 210 27.92 10.15 10.71
C LYS A 210 28.12 9.31 9.47
N ARG A 211 28.36 9.96 8.34
CA ARG A 211 28.48 9.25 7.07
C ARG A 211 29.79 8.48 6.99
N GLU A 212 29.69 7.20 6.63
CA GLU A 212 30.87 6.35 6.50
C GLU A 212 31.78 6.80 5.37
N PHE A 213 33.08 6.86 5.65
CA PHE A 213 34.05 7.46 4.74
C PHE A 213 34.69 6.47 3.76
N SER A 214 34.85 5.23 4.21
CA SER A 214 35.53 4.21 3.41
C SER A 214 35.05 4.18 1.97
N PHE A 215 33.75 4.35 1.76
CA PHE A 215 33.19 4.35 0.41
C PHE A 215 33.71 5.52 -0.41
N TYR A 216 33.69 6.71 0.17
CA TYR A 216 34.09 7.91 -0.57
C TYR A 216 35.60 7.95 -0.77
N LEU A 217 36.33 7.33 0.15
CA LEU A 217 37.78 7.18 -0.04
C LEU A 217 38.06 6.37 -1.28
N LEU A 218 37.39 5.22 -1.41
CA LEU A 218 37.67 4.30 -2.51
C LEU A 218 37.04 4.66 -3.85
N GLN A 219 35.86 5.27 -3.81
CA GLN A 219 35.11 5.54 -5.03
C GLN A 219 35.27 6.96 -5.55
N LEU A 220 35.88 7.83 -4.75
CA LEU A 220 36.01 9.24 -5.13
C LEU A 220 37.43 9.78 -5.02
N TYR A 221 37.97 9.77 -3.81
CA TYR A 221 39.28 10.38 -3.57
C TYR A 221 40.44 9.60 -4.20
N ILE A 222 40.58 8.32 -3.83
CA ILE A 222 41.64 7.49 -4.39
C ILE A 222 41.67 7.55 -5.92
N PRO A 223 40.54 7.25 -6.57
CA PRO A 223 40.53 7.21 -8.04
C PRO A 223 40.83 8.56 -8.68
N SER A 224 40.53 9.66 -7.99
CA SER A 224 40.83 10.98 -8.53
C SER A 224 42.31 11.30 -8.45
N CYS A 225 42.94 10.92 -7.34
CA CYS A 225 44.38 11.08 -7.24
C CYS A 225 45.06 10.23 -8.31
N MET A 226 44.60 8.99 -8.43
CA MET A 226 45.12 8.07 -9.42
C MET A 226 44.92 8.65 -10.82
N LEU A 227 43.92 9.53 -10.95
CA LEU A 227 43.61 10.15 -12.24
C LEU A 227 44.47 11.38 -12.49
N VAL A 228 44.69 12.17 -11.44
CA VAL A 228 45.55 13.35 -11.53
C VAL A 228 47.00 12.92 -11.74
N ILE A 229 47.41 11.88 -11.04
CA ILE A 229 48.78 11.37 -11.14
C ILE A 229 49.09 10.89 -12.55
N VAL A 230 48.09 10.32 -13.23
CA VAL A 230 48.27 9.89 -14.61
C VAL A 230 48.54 11.07 -15.53
N SER A 231 47.87 12.18 -15.28
CA SER A 231 48.05 13.38 -16.12
C SER A 231 49.47 13.92 -15.99
N TRP A 232 50.20 13.46 -14.98
CA TRP A 232 51.56 13.93 -14.77
C TRP A 232 52.60 13.11 -15.54
N VAL A 233 52.28 11.85 -15.84
CA VAL A 233 53.23 10.98 -16.51
C VAL A 233 53.46 11.43 -17.95
N SER A 234 52.77 12.48 -18.35
CA SER A 234 52.95 13.04 -19.67
C SER A 234 54.01 14.14 -19.66
N PHE A 235 54.49 14.48 -18.46
CA PHE A 235 55.58 15.43 -18.31
C PHE A 235 56.91 14.76 -18.61
N TRP A 236 56.88 13.44 -18.78
CA TRP A 236 58.09 12.66 -18.98
C TRP A 236 58.19 12.14 -20.42
N PHE A 237 57.18 12.44 -21.22
CA PHE A 237 57.23 12.16 -22.64
C PHE A 237 57.92 13.31 -23.37
N ASP A 238 58.72 12.98 -24.38
CA ASP A 238 59.41 14.00 -25.17
C ASP A 238 58.42 15.04 -25.71
N ARG A 239 58.83 16.31 -25.67
CA ARG A 239 57.97 17.41 -26.11
C ARG A 239 57.59 17.32 -27.59
N THR A 240 58.22 16.40 -28.30
CA THR A 240 57.96 16.22 -29.73
C THR A 240 56.72 15.37 -29.95
N ALA A 241 56.53 14.38 -29.08
CA ALA A 241 55.36 13.51 -29.16
C ALA A 241 54.20 14.09 -28.36
N ILE A 242 53.60 15.17 -28.88
CA ILE A 242 52.45 15.79 -28.24
C ILE A 242 51.18 14.92 -28.29
N PRO A 243 51.02 14.12 -29.37
CA PRO A 243 49.84 13.25 -29.41
C PRO A 243 49.66 12.45 -28.12
N ALA A 244 50.76 11.95 -27.57
CA ALA A 244 50.72 11.17 -26.35
C ALA A 244 50.25 12.01 -25.16
N ARG A 245 50.75 13.24 -25.07
CA ARG A 245 50.40 14.13 -23.96
C ARG A 245 48.93 14.52 -23.98
N VAL A 246 48.42 14.92 -25.14
CA VAL A 246 47.03 15.30 -25.27
C VAL A 246 46.13 14.12 -24.94
N THR A 247 46.47 12.95 -25.48
CA THR A 247 45.68 11.75 -25.21
C THR A 247 45.53 11.52 -23.71
N LEU A 248 46.63 11.62 -22.97
CA LEU A 248 46.58 11.49 -21.52
C LEU A 248 45.74 12.60 -20.89
N GLY A 249 46.21 13.84 -21.02
CA GLY A 249 45.56 14.98 -20.41
C GLY A 249 44.06 15.10 -20.67
N VAL A 250 43.64 14.70 -21.87
CA VAL A 250 42.23 14.79 -22.25
C VAL A 250 41.39 13.64 -21.72
N THR A 251 41.94 12.43 -21.78
CA THR A 251 41.24 11.26 -21.28
C THR A 251 41.03 11.32 -19.78
N THR A 252 42.05 11.79 -19.06
CA THR A 252 41.95 11.93 -17.62
C THR A 252 40.98 13.04 -17.23
N LEU A 253 40.91 14.08 -18.05
CA LEU A 253 39.97 15.18 -17.80
C LEU A 253 38.53 14.74 -18.04
N LEU A 254 38.32 14.04 -19.15
CA LEU A 254 37.00 13.54 -19.50
C LEU A 254 36.52 12.56 -18.43
N THR A 255 37.37 11.60 -18.08
CA THR A 255 37.05 10.63 -17.03
C THR A 255 36.70 11.34 -15.73
N MET A 256 37.47 12.37 -15.40
CA MET A 256 37.20 13.17 -14.22
C MET A 256 35.75 13.63 -14.23
N THR A 257 35.32 14.19 -15.36
CA THR A 257 33.95 14.64 -15.52
C THR A 257 32.96 13.52 -15.22
N ALA A 258 33.09 12.41 -15.94
CA ALA A 258 32.19 11.28 -15.75
C ALA A 258 32.08 10.92 -14.27
N GLN A 259 33.23 10.76 -13.62
CA GLN A 259 33.24 10.37 -12.22
C GLN A 259 32.40 11.31 -11.36
N SER A 260 32.59 12.60 -11.55
CA SER A 260 31.84 13.60 -10.80
C SER A 260 30.35 13.51 -11.09
N ALA A 261 30.01 13.33 -12.37
CA ALA A 261 28.62 13.16 -12.77
C ALA A 261 27.97 12.03 -11.99
N GLY A 262 28.73 10.96 -11.76
CA GLY A 262 28.26 9.85 -10.95
C GLY A 262 27.87 10.29 -9.54
N ILE A 263 28.83 10.85 -8.81
CA ILE A 263 28.57 11.28 -7.44
C ILE A 263 27.43 12.28 -7.40
N ASN A 264 27.49 13.28 -8.27
CA ASN A 264 26.51 14.36 -8.28
C ASN A 264 25.10 13.94 -8.64
N SER A 265 24.96 12.76 -9.25
CA SER A 265 23.63 12.29 -9.66
C SER A 265 22.80 11.77 -8.49
N GLN A 266 23.48 11.31 -7.44
CA GLN A 266 22.80 10.77 -6.26
C GLN A 266 22.44 11.86 -5.26
N LEU A 267 22.76 13.11 -5.61
CA LEU A 267 22.52 14.25 -4.72
C LEU A 267 21.42 15.17 -5.23
N PRO A 268 20.67 15.79 -4.31
CA PRO A 268 19.65 16.76 -4.71
C PRO A 268 20.32 18.08 -5.02
N PRO A 269 19.82 18.81 -6.02
CA PRO A 269 20.39 20.14 -6.28
C PRO A 269 20.18 21.06 -5.08
N VAL A 270 21.26 21.68 -4.61
CA VAL A 270 21.19 22.57 -3.46
C VAL A 270 21.57 23.98 -3.86
N SER A 271 21.64 24.88 -2.89
CA SER A 271 21.94 26.28 -3.15
C SER A 271 23.32 26.68 -2.64
N TYR A 272 24.06 25.72 -2.11
CA TYR A 272 25.37 25.99 -1.55
C TYR A 272 26.47 25.15 -2.20
N ILE A 273 27.73 25.51 -1.94
CA ILE A 273 28.85 24.75 -2.49
C ILE A 273 29.31 23.69 -1.49
N LYS A 274 29.24 22.42 -1.91
CA LYS A 274 29.63 21.32 -1.05
C LYS A 274 31.15 21.12 -1.08
N ALA A 275 31.69 20.51 -0.03
CA ALA A 275 33.12 20.26 0.03
C ALA A 275 33.54 19.28 -1.06
N ILE A 276 32.59 18.46 -1.49
CA ILE A 276 32.81 17.54 -2.61
C ILE A 276 33.09 18.34 -3.88
N ASP A 277 32.44 19.50 -4.00
CA ASP A 277 32.61 20.37 -5.16
C ASP A 277 34.01 20.97 -5.21
N VAL A 278 34.49 21.43 -4.05
CA VAL A 278 35.82 21.99 -3.95
C VAL A 278 36.89 20.98 -4.35
N TRP A 279 36.63 19.71 -4.06
CA TRP A 279 37.63 18.69 -4.33
C TRP A 279 37.63 18.23 -5.78
N ILE A 280 36.46 18.04 -6.36
CA ILE A 280 36.37 17.72 -7.79
C ILE A 280 36.91 18.88 -8.60
N GLY A 281 36.49 20.09 -8.26
CA GLY A 281 36.90 21.29 -8.96
C GLY A 281 38.41 21.49 -8.98
N ALA A 282 39.06 21.21 -7.87
CA ALA A 282 40.50 21.39 -7.78
C ALA A 282 41.23 20.40 -8.68
N CYS A 283 40.91 19.12 -8.53
CA CYS A 283 41.53 18.08 -9.36
C CYS A 283 41.31 18.39 -10.83
N MET A 284 40.13 18.90 -11.14
CA MET A 284 39.78 19.29 -12.49
C MET A 284 40.80 20.31 -13.01
N THR A 285 41.19 21.24 -12.14
CA THR A 285 42.14 22.30 -12.51
C THR A 285 43.54 21.76 -12.76
N PHE A 286 44.00 20.89 -11.85
CA PHE A 286 45.32 20.29 -12.00
C PHE A 286 45.47 19.58 -13.34
N ILE A 287 44.39 18.97 -13.82
CA ILE A 287 44.43 18.28 -15.11
C ILE A 287 44.30 19.30 -16.24
N PHE A 288 43.54 20.37 -16.00
CA PHE A 288 43.38 21.42 -16.99
C PHE A 288 44.69 22.19 -17.21
N CYS A 289 45.42 22.40 -16.13
CA CYS A 289 46.70 23.10 -16.21
C CYS A 289 47.77 22.21 -16.83
N ALA A 290 47.59 20.90 -16.72
CA ALA A 290 48.48 19.96 -17.39
C ALA A 290 48.39 20.16 -18.89
N LEU A 291 47.18 20.15 -19.42
CA LEU A 291 46.94 20.41 -20.83
C LEU A 291 47.54 21.74 -21.22
N LEU A 292 47.22 22.77 -20.45
CA LEU A 292 47.74 24.10 -20.70
C LEU A 292 49.25 24.09 -20.84
N GLU A 293 49.90 23.36 -19.93
CA GLU A 293 51.35 23.23 -19.98
C GLU A 293 51.82 22.61 -21.30
N PHE A 294 51.14 21.55 -21.73
CA PHE A 294 51.46 20.90 -23.00
C PHE A 294 51.50 21.92 -24.14
N ALA A 295 50.46 22.74 -24.22
CA ALA A 295 50.36 23.76 -25.25
C ALA A 295 51.51 24.76 -25.13
N LEU A 296 51.73 25.26 -23.93
CA LEU A 296 52.81 26.22 -23.68
C LEU A 296 54.16 25.65 -24.09
N VAL A 297 54.46 24.43 -23.65
CA VAL A 297 55.71 23.77 -23.97
C VAL A 297 55.87 23.54 -25.47
N ASN A 298 54.86 22.94 -26.08
CA ASN A 298 54.90 22.62 -27.50
C ASN A 298 55.00 23.87 -28.36
N HIS A 299 54.40 24.96 -27.90
CA HIS A 299 54.36 26.19 -28.68
C HIS A 299 55.70 26.90 -28.73
N ILE A 300 56.34 27.05 -27.57
CA ILE A 300 57.64 27.71 -27.50
C ILE A 300 58.76 26.74 -27.88
N ALA A 301 58.39 25.50 -28.19
CA ALA A 301 59.36 24.49 -28.58
C ALA A 301 59.70 24.60 -30.05
N ASN A 302 58.69 24.65 -30.90
CA ASN A 302 58.90 24.71 -32.34
C ASN A 302 59.46 26.05 -32.82
N ALA A 303 59.40 27.06 -31.96
CA ALA A 303 59.99 28.36 -32.28
C ALA A 303 61.45 28.18 -32.66
N GLY A 304 61.82 28.71 -33.83
CA GLY A 304 63.15 28.50 -34.38
C GLY A 304 64.32 28.63 -33.43
N THR A 305 64.38 29.73 -32.69
CA THR A 305 65.53 30.02 -31.84
C THR A 305 65.69 29.04 -30.69
N THR A 306 66.94 28.70 -30.39
CA THR A 306 67.23 27.80 -29.28
C THR A 306 66.99 28.50 -27.94
N GLU A 307 66.71 29.79 -28.00
CA GLU A 307 66.43 30.57 -26.81
C GLU A 307 65.16 30.07 -26.13
N TRP A 308 64.12 29.85 -26.93
CA TRP A 308 62.85 29.35 -26.41
C TRP A 308 62.91 27.84 -26.20
N ASN A 309 63.66 27.15 -27.05
CA ASN A 309 63.70 25.69 -26.99
C ASN A 309 64.11 25.15 -25.63
N ASP A 310 65.20 25.66 -25.08
CA ASP A 310 65.65 25.20 -23.77
C ASP A 310 64.74 25.70 -22.65
N ILE A 311 64.00 26.78 -22.91
CA ILE A 311 62.97 27.24 -21.98
C ILE A 311 61.84 26.21 -21.93
N SER A 312 61.46 25.72 -23.11
CA SER A 312 60.48 24.65 -23.22
C SER A 312 60.89 23.49 -22.33
N LYS A 313 62.16 23.09 -22.43
CA LYS A 313 62.69 22.01 -21.60
C LYS A 313 62.60 22.36 -20.13
N ARG A 314 62.84 23.63 -19.81
CA ARG A 314 62.86 24.09 -18.43
C ARG A 314 61.47 24.01 -17.80
N VAL A 315 60.44 24.28 -18.59
CA VAL A 315 59.06 24.23 -18.12
C VAL A 315 58.67 22.81 -17.70
N ASP A 316 59.13 21.81 -18.44
CA ASP A 316 58.88 20.42 -18.07
C ASP A 316 59.55 20.06 -16.76
N LEU A 317 60.84 20.36 -16.66
CA LEU A 317 61.58 20.07 -15.44
C LEU A 317 60.89 20.64 -14.21
N ILE A 318 60.41 21.87 -14.33
CA ILE A 318 59.71 22.52 -13.22
C ILE A 318 58.35 21.89 -12.96
N SER A 319 57.62 21.55 -14.02
CA SER A 319 56.30 20.94 -13.88
C SER A 319 56.39 19.59 -13.19
N ARG A 320 57.37 18.77 -13.58
CA ARG A 320 57.53 17.44 -13.02
C ARG A 320 57.59 17.44 -11.50
N ALA A 321 57.93 18.59 -10.93
CA ALA A 321 58.04 18.71 -9.48
C ALA A 321 56.99 19.66 -8.90
N LEU A 322 56.74 20.77 -9.59
CA LEU A 322 55.80 21.78 -9.10
C LEU A 322 54.38 21.24 -8.95
N PHE A 323 53.90 20.52 -9.98
CA PHE A 323 52.55 19.94 -9.92
C PHE A 323 52.35 19.05 -8.70
N PRO A 324 53.17 18.00 -8.55
CA PRO A 324 53.06 17.15 -7.36
C PRO A 324 53.10 17.96 -6.06
N VAL A 325 54.12 18.79 -5.90
CA VAL A 325 54.24 19.61 -4.70
C VAL A 325 52.96 20.43 -4.45
N LEU A 326 52.47 21.11 -5.48
CA LEU A 326 51.28 21.92 -5.35
C LEU A 326 50.04 21.08 -5.01
N PHE A 327 49.92 19.92 -5.65
CA PHE A 327 48.77 19.05 -5.40
C PHE A 327 48.82 18.51 -3.98
N PHE A 328 50.02 18.25 -3.50
CA PHE A 328 50.22 17.80 -2.14
C PHE A 328 49.87 18.91 -1.15
N VAL A 329 50.26 20.14 -1.49
CA VAL A 329 49.91 21.31 -0.69
C VAL A 329 48.40 21.46 -0.64
N PHE A 330 47.75 21.26 -1.79
CA PHE A 330 46.29 21.34 -1.84
C PHE A 330 45.65 20.35 -0.88
N ASN A 331 45.99 19.08 -1.04
CA ASN A 331 45.47 18.05 -0.15
C ASN A 331 45.55 18.47 1.31
N ILE A 332 46.72 18.95 1.71
CA ILE A 332 46.95 19.38 3.09
C ILE A 332 45.95 20.46 3.51
N LEU A 333 45.79 21.49 2.69
CA LEU A 333 44.80 22.53 2.97
C LEU A 333 43.40 21.94 2.98
N TYR A 334 43.08 21.14 1.97
CA TYR A 334 41.75 20.58 1.82
C TYR A 334 41.33 19.75 3.01
N TRP A 335 42.16 18.79 3.40
CA TRP A 335 41.80 17.86 4.47
C TRP A 335 41.77 18.50 5.84
N SER A 336 42.59 19.53 6.05
CA SER A 336 42.59 20.23 7.31
C SER A 336 41.34 21.10 7.40
N ARG A 337 40.76 21.41 6.25
CA ARG A 337 39.60 22.29 6.18
C ARG A 337 38.28 21.53 6.29
N PHE A 338 38.28 20.27 5.86
CA PHE A 338 37.03 19.51 5.78
C PHE A 338 37.06 18.18 6.54
N GLY A 339 38.24 17.74 6.94
CA GLY A 339 38.36 16.50 7.69
C GLY A 339 38.14 16.72 9.17
N HIS A 340 38.16 17.98 9.58
CA HIS A 340 38.07 18.37 10.98
C HIS A 340 36.98 17.59 11.71
N SER B 1 -19.39 16.76 32.92
CA SER B 1 -19.46 18.10 32.37
C SER B 1 -19.44 18.09 30.84
N ASP B 2 -18.25 17.93 30.26
CA ASP B 2 -18.12 17.86 28.80
C ASP B 2 -18.95 16.72 28.23
N SER B 3 -18.79 15.53 28.79
CA SER B 3 -19.54 14.36 28.36
C SER B 3 -21.04 14.59 28.47
N LYS B 4 -21.45 15.38 29.47
CA LYS B 4 -22.85 15.70 29.68
C LYS B 4 -23.35 16.72 28.66
N ILE B 5 -22.52 17.71 28.38
CA ILE B 5 -22.84 18.73 27.38
C ILE B 5 -23.03 18.10 26.00
N LEU B 6 -22.13 17.17 25.65
CA LEU B 6 -22.23 16.46 24.40
C LEU B 6 -23.52 15.64 24.36
N ALA B 7 -23.78 14.91 25.45
CA ALA B 7 -24.99 14.12 25.56
C ALA B 7 -26.23 14.95 25.30
N HIS B 8 -26.28 16.13 25.89
CA HIS B 8 -27.44 17.02 25.75
C HIS B 8 -27.70 17.40 24.30
N LEU B 9 -26.63 17.61 23.54
CA LEU B 9 -26.73 18.05 22.16
C LEU B 9 -27.29 16.98 21.22
N PHE B 10 -26.96 15.72 21.51
CA PHE B 10 -27.33 14.63 20.62
C PHE B 10 -28.50 13.79 21.13
N THR B 11 -28.92 14.03 22.37
CA THR B 11 -30.07 13.32 22.92
C THR B 11 -31.34 13.80 22.21
N SER B 12 -31.36 15.07 21.84
CA SER B 12 -32.46 15.62 21.05
C SER B 12 -32.34 15.11 19.63
N GLY B 13 -33.25 15.52 18.76
CA GLY B 13 -33.21 15.11 17.37
C GLY B 13 -32.18 15.89 16.57
N TYR B 14 -31.05 15.26 16.30
CA TYR B 14 -29.99 15.90 15.51
C TYR B 14 -29.56 15.02 14.35
N ASP B 15 -29.52 15.59 13.14
CA ASP B 15 -29.21 14.83 11.95
C ASP B 15 -27.96 15.36 11.26
N PHE B 16 -26.88 14.59 11.32
CA PHE B 16 -25.61 14.99 10.73
C PHE B 16 -25.68 15.02 9.20
N ARG B 17 -26.80 14.54 8.66
CA ARG B 17 -27.00 14.52 7.23
C ARG B 17 -27.67 15.82 6.78
N VAL B 18 -28.30 16.50 7.73
CA VAL B 18 -28.98 17.76 7.45
C VAL B 18 -28.03 18.93 7.60
N ARG B 19 -27.95 19.76 6.56
CA ARG B 19 -27.16 20.98 6.59
C ARG B 19 -27.60 21.88 7.74
N PRO B 20 -26.66 22.59 8.37
CA PRO B 20 -27.00 23.53 9.43
C PRO B 20 -27.94 24.62 8.93
N PRO B 21 -28.96 24.96 9.73
CA PRO B 21 -29.92 26.02 9.39
C PRO B 21 -29.27 27.40 9.35
N THR B 22 -29.90 28.33 8.63
CA THR B 22 -29.40 29.69 8.56
C THR B 22 -30.52 30.68 8.85
N ASP B 23 -30.16 31.90 9.25
CA ASP B 23 -31.14 32.91 9.60
C ASP B 23 -31.96 33.40 8.41
N ASN B 24 -31.30 33.57 7.26
CA ASN B 24 -31.98 34.06 6.07
C ASN B 24 -32.09 33.00 4.98
N GLY B 25 -31.81 31.75 5.33
CA GLY B 25 -31.83 30.66 4.37
C GLY B 25 -30.56 30.64 3.53
N GLY B 26 -29.65 31.56 3.85
CA GLY B 26 -28.39 31.65 3.13
C GLY B 26 -27.58 30.38 3.22
N PRO B 27 -26.42 30.36 2.56
CA PRO B 27 -25.56 29.18 2.58
C PRO B 27 -24.71 29.13 3.84
N VAL B 28 -24.35 27.93 4.27
CA VAL B 28 -23.42 27.76 5.37
C VAL B 28 -22.08 28.32 4.95
N VAL B 29 -21.57 29.30 5.69
CA VAL B 29 -20.28 29.88 5.37
C VAL B 29 -19.14 29.16 6.10
N VAL B 30 -18.26 28.55 5.32
CA VAL B 30 -17.12 27.82 5.88
C VAL B 30 -15.83 28.62 5.72
N SER B 31 -15.29 29.07 6.84
CA SER B 31 -14.00 29.77 6.83
C SER B 31 -12.87 28.76 6.83
N VAL B 32 -11.86 28.99 5.99
CA VAL B 32 -10.79 28.02 5.81
C VAL B 32 -9.40 28.57 6.15
N ASN B 33 -8.67 27.82 6.96
CA ASN B 33 -7.27 28.09 7.21
C ASN B 33 -6.45 26.91 6.70
N MET B 34 -5.22 27.17 6.29
CA MET B 34 -4.40 26.12 5.70
C MET B 34 -2.95 26.28 6.12
N LEU B 35 -2.37 25.21 6.66
CA LEU B 35 -0.98 25.24 7.13
C LEU B 35 -0.14 24.22 6.40
N LEU B 36 0.76 24.69 5.55
CA LEU B 36 1.68 23.81 4.82
C LEU B 36 2.81 23.36 5.73
N ARG B 37 2.98 22.04 5.84
CA ARG B 37 4.04 21.49 6.66
C ARG B 37 5.28 21.20 5.83
N THR B 38 5.09 20.51 4.71
CA THR B 38 6.20 20.17 3.82
C THR B 38 5.74 20.10 2.37
N ILE B 39 6.58 20.62 1.48
CA ILE B 39 6.33 20.52 0.04
C ILE B 39 7.51 19.79 -0.59
N SER B 40 7.24 18.58 -1.09
CA SER B 40 8.34 17.70 -1.52
C SER B 40 8.04 17.01 -2.84
N LYS B 41 9.05 16.30 -3.36
CA LYS B 41 8.93 15.54 -4.60
C LYS B 41 8.24 16.34 -5.70
N ILE B 42 8.91 17.40 -6.15
CA ILE B 42 8.39 18.23 -7.23
C ILE B 42 8.76 17.65 -8.59
N ASP B 43 7.89 16.79 -9.10
CA ASP B 43 8.14 16.03 -10.32
C ASP B 43 7.92 16.88 -11.57
N VAL B 44 8.98 17.10 -12.34
CA VAL B 44 8.88 17.92 -13.56
C VAL B 44 8.39 17.10 -14.75
N VAL B 45 8.71 15.81 -14.75
CA VAL B 45 8.31 14.91 -15.83
C VAL B 45 6.80 14.70 -15.86
N ASN B 46 6.24 14.32 -14.71
CA ASN B 46 4.80 14.12 -14.61
C ASN B 46 4.06 15.39 -14.20
N MET B 47 4.83 16.47 -13.99
CA MET B 47 4.26 17.76 -13.61
C MET B 47 3.26 17.63 -12.47
N GLU B 48 3.78 17.29 -11.30
CA GLU B 48 3.01 17.25 -10.09
C GLU B 48 3.97 17.44 -8.91
N TYR B 49 3.42 17.68 -7.73
CA TYR B 49 4.25 17.79 -6.54
C TYR B 49 3.49 17.25 -5.35
N SER B 50 4.21 16.78 -4.34
CA SER B 50 3.57 16.33 -3.11
C SER B 50 3.62 17.44 -2.07
N ALA B 51 2.74 17.35 -1.07
CA ALA B 51 2.66 18.35 -0.02
C ALA B 51 1.80 17.86 1.13
N GLN B 52 2.28 18.01 2.35
CA GLN B 52 1.50 17.67 3.52
C GLN B 52 1.06 18.95 4.24
N LEU B 53 -0.25 19.06 4.48
CA LEU B 53 -0.80 20.27 5.08
C LEU B 53 -1.78 19.94 6.19
N THR B 54 -2.16 20.96 6.95
CA THR B 54 -3.23 20.83 7.93
C THR B 54 -4.40 21.68 7.48
N LEU B 55 -5.51 21.03 7.17
CA LEU B 55 -6.74 21.74 6.80
C LEU B 55 -7.48 22.15 8.06
N ARG B 56 -8.01 23.37 8.05
CA ARG B 56 -8.75 23.89 9.19
C ARG B 56 -10.04 24.57 8.76
N GLU B 57 -11.16 23.92 9.03
CA GLU B 57 -12.45 24.44 8.62
C GLU B 57 -13.26 24.91 9.81
N SER B 58 -14.03 25.98 9.62
CA SER B 58 -14.81 26.57 10.70
C SER B 58 -16.14 27.13 10.19
N TRP B 59 -17.23 26.58 10.69
CA TRP B 59 -18.57 27.05 10.33
C TRP B 59 -19.45 27.14 11.57
N ILE B 60 -20.66 27.67 11.40
CA ILE B 60 -21.60 27.77 12.51
C ILE B 60 -22.75 26.79 12.37
N ASP B 61 -23.02 26.08 13.45
CA ASP B 61 -24.13 25.11 13.49
C ASP B 61 -24.92 25.37 14.77
N LYS B 62 -25.92 26.26 14.68
CA LYS B 62 -26.69 26.67 15.85
C LYS B 62 -27.22 25.48 16.64
N ARG B 63 -27.54 24.40 15.94
CA ARG B 63 -28.03 23.19 16.59
C ARG B 63 -27.06 22.66 17.64
N LEU B 64 -25.78 23.00 17.48
CA LEU B 64 -24.75 22.45 18.35
C LEU B 64 -24.42 23.37 19.52
N SER B 65 -25.02 24.56 19.55
CA SER B 65 -24.76 25.50 20.63
C SER B 65 -25.34 24.99 21.95
N TYR B 66 -24.51 25.00 22.98
CA TYR B 66 -24.87 24.46 24.28
C TYR B 66 -24.73 25.54 25.33
N GLY B 67 -23.64 26.28 25.26
CA GLY B 67 -23.36 27.32 26.22
C GLY B 67 -23.98 28.63 25.82
N VAL B 68 -24.23 28.78 24.52
CA VAL B 68 -24.76 30.03 23.99
C VAL B 68 -23.89 31.19 24.48
N LYS B 69 -24.46 32.06 25.30
CA LYS B 69 -23.67 33.14 25.92
C LYS B 69 -22.64 32.52 26.84
N GLY B 70 -23.05 31.44 27.51
CA GLY B 70 -22.19 30.68 28.39
C GLY B 70 -21.69 31.48 29.57
N ASP B 71 -20.39 31.70 29.61
CA ASP B 71 -19.77 32.51 30.66
C ASP B 71 -19.97 31.88 32.03
N GLY B 72 -20.65 30.74 32.06
CA GLY B 72 -20.72 29.88 33.22
C GLY B 72 -20.16 28.52 32.87
N GLN B 73 -20.05 28.27 31.57
CA GLN B 73 -19.65 26.96 31.04
C GLN B 73 -18.33 27.01 30.26
N PRO B 74 -17.79 25.84 29.88
CA PRO B 74 -16.53 25.79 29.11
C PRO B 74 -16.72 26.46 27.75
N ASP B 75 -15.71 27.20 27.30
CA ASP B 75 -15.81 27.92 26.04
C ASP B 75 -16.18 27.01 24.87
N PHE B 76 -15.46 25.88 24.76
CA PHE B 76 -15.75 24.88 23.74
C PHE B 76 -15.62 23.50 24.35
N VAL B 77 -16.36 22.55 23.79
CA VAL B 77 -16.26 21.16 24.23
C VAL B 77 -15.68 20.34 23.10
N ILE B 78 -14.64 19.55 23.39
CA ILE B 78 -14.04 18.69 22.37
C ILE B 78 -14.99 17.56 21.97
N LEU B 79 -15.25 17.44 20.68
CA LEU B 79 -16.11 16.38 20.18
C LEU B 79 -15.41 15.04 20.30
N THR B 80 -16.01 14.13 21.07
CA THR B 80 -15.45 12.81 21.28
C THR B 80 -15.96 11.83 20.23
N VAL B 81 -15.33 10.67 20.13
CA VAL B 81 -15.71 9.66 19.16
C VAL B 81 -17.12 9.15 19.40
N GLY B 82 -17.86 8.91 18.31
CA GLY B 82 -19.21 8.37 18.43
C GLY B 82 -20.30 9.42 18.36
N HIS B 83 -19.92 10.65 18.04
CA HIS B 83 -20.89 11.73 17.86
C HIS B 83 -20.78 12.32 16.46
N GLN B 84 -21.77 12.06 15.63
CA GLN B 84 -21.77 12.54 14.26
C GLN B 84 -22.12 14.02 14.18
N ILE B 85 -21.51 14.72 13.24
CA ILE B 85 -21.76 16.14 13.02
C ILE B 85 -21.70 16.47 11.54
N TRP B 86 -22.64 17.27 11.06
CA TRP B 86 -22.59 17.71 9.67
C TRP B 86 -21.26 18.40 9.39
N MET B 87 -20.59 18.00 8.33
CA MET B 87 -19.33 18.61 7.94
C MET B 87 -19.31 18.87 6.44
N PRO B 88 -18.69 20.00 6.04
CA PRO B 88 -18.54 20.31 4.61
C PRO B 88 -17.82 19.18 3.90
N ASP B 89 -18.45 18.63 2.86
CA ASP B 89 -17.83 17.53 2.12
C ASP B 89 -16.75 18.02 1.16
N THR B 90 -15.81 18.80 1.70
CA THR B 90 -14.75 19.39 0.89
C THR B 90 -13.82 18.34 0.30
N PHE B 91 -13.35 18.61 -0.91
CA PHE B 91 -12.36 17.78 -1.56
C PHE B 91 -11.37 18.67 -2.30
N PHE B 92 -10.27 18.10 -2.76
CA PHE B 92 -9.25 18.86 -3.47
C PHE B 92 -9.29 18.56 -4.97
N PRO B 93 -9.95 19.41 -5.75
CA PRO B 93 -10.15 19.21 -7.19
C PRO B 93 -8.90 18.76 -7.95
N ASN B 94 -7.74 19.34 -7.64
CA ASN B 94 -6.53 18.98 -8.38
C ASN B 94 -5.65 17.97 -7.64
N GLU B 95 -6.25 17.24 -6.72
CA GLU B 95 -5.55 16.18 -6.00
C GLU B 95 -5.58 14.90 -6.81
N LYS B 96 -4.42 14.29 -7.01
CA LYS B 96 -4.34 13.04 -7.76
C LYS B 96 -4.28 11.86 -6.79
N GLN B 97 -3.74 12.12 -5.60
CA GLN B 97 -3.65 11.13 -4.54
C GLN B 97 -3.72 11.84 -3.20
N ALA B 98 -4.32 11.21 -2.20
CA ALA B 98 -4.49 11.85 -0.90
C ALA B 98 -4.64 10.85 0.24
N TYR B 99 -3.99 11.13 1.37
CA TYR B 99 -4.07 10.25 2.53
C TYR B 99 -4.34 11.07 3.77
N LYS B 100 -5.13 10.51 4.69
CA LYS B 100 -5.27 11.09 6.01
C LYS B 100 -4.32 10.34 6.94
N HIS B 101 -3.81 11.00 7.97
CA HIS B 101 -2.91 10.36 8.92
C HIS B 101 -3.70 9.77 10.08
N THR B 102 -3.48 8.49 10.34
CA THR B 102 -4.26 7.76 11.32
C THR B 102 -3.39 6.96 12.28
N ILE B 103 -2.10 7.27 12.32
CA ILE B 103 -1.20 6.59 13.24
C ILE B 103 -1.70 6.75 14.68
N ASP B 104 -1.81 5.62 15.38
CA ASP B 104 -2.45 5.60 16.70
C ASP B 104 -3.86 6.12 16.52
N LYS B 105 -4.23 7.14 17.29
CA LYS B 105 -5.50 7.79 17.08
C LYS B 105 -5.40 8.63 15.81
N PRO B 106 -6.48 8.67 15.03
CA PRO B 106 -6.56 9.50 13.83
C PRO B 106 -6.20 10.94 14.13
N ASN B 107 -5.52 11.60 13.19
CA ASN B 107 -5.08 12.98 13.39
C ASN B 107 -6.16 13.98 13.05
N VAL B 108 -7.18 14.06 13.88
CA VAL B 108 -8.23 15.05 13.69
C VAL B 108 -8.58 15.72 15.02
N LEU B 109 -9.22 16.87 14.90
CA LEU B 109 -9.68 17.62 16.06
C LEU B 109 -10.97 18.33 15.70
N ILE B 110 -12.00 18.15 16.52
CA ILE B 110 -13.24 18.87 16.31
C ILE B 110 -13.68 19.55 17.60
N ARG B 111 -13.84 20.86 17.55
CA ARG B 111 -14.32 21.62 18.70
C ARG B 111 -15.69 22.21 18.44
N ILE B 112 -16.56 22.13 19.43
CA ILE B 112 -17.90 22.70 19.34
C ILE B 112 -18.03 23.83 20.34
N HIS B 113 -17.74 25.04 19.90
CA HIS B 113 -17.85 26.21 20.78
C HIS B 113 -19.28 26.39 21.26
N ASN B 114 -19.43 27.07 22.40
CA ASN B 114 -20.74 27.27 23.02
C ASN B 114 -21.79 27.90 22.10
N ASP B 115 -21.35 28.84 21.26
CA ASP B 115 -22.27 29.55 20.37
C ASP B 115 -22.66 28.70 19.16
N GLY B 116 -22.04 27.54 19.02
CA GLY B 116 -22.35 26.64 17.92
C GLY B 116 -21.30 26.66 16.83
N THR B 117 -20.24 27.44 17.05
CA THR B 117 -19.14 27.49 16.09
C THR B 117 -18.31 26.23 16.18
N VAL B 118 -18.08 25.60 15.03
CA VAL B 118 -17.32 24.36 14.97
C VAL B 118 -15.93 24.58 14.38
N LEU B 119 -14.92 23.99 15.02
CA LEU B 119 -13.58 23.97 14.45
C LEU B 119 -13.21 22.57 14.02
N TYR B 120 -12.63 22.46 12.84
CA TYR B 120 -12.24 21.17 12.30
C TYR B 120 -10.80 21.24 11.81
N SER B 121 -9.95 20.36 12.34
CA SER B 121 -8.54 20.34 11.96
C SER B 121 -8.11 18.92 11.62
N VAL B 122 -7.44 18.77 10.48
CA VAL B 122 -7.02 17.45 10.02
C VAL B 122 -5.73 17.50 9.22
N ARG B 123 -4.84 16.54 9.46
CA ARG B 123 -3.64 16.40 8.64
C ARG B 123 -3.98 15.66 7.37
N ILE B 124 -3.44 16.12 6.25
CA ILE B 124 -3.69 15.50 4.97
C ILE B 124 -2.43 15.53 4.13
N SER B 125 -2.05 14.39 3.58
CA SER B 125 -0.95 14.34 2.63
C SER B 125 -1.55 14.30 1.23
N LEU B 126 -1.03 15.13 0.34
CA LEU B 126 -1.57 15.24 -1.01
C LEU B 126 -0.50 15.04 -2.09
N VAL B 127 -0.95 14.61 -3.26
CA VAL B 127 -0.14 14.65 -4.46
C VAL B 127 -0.94 15.42 -5.51
N LEU B 128 -0.54 16.65 -5.76
CA LEU B 128 -1.32 17.55 -6.61
C LEU B 128 -0.65 17.67 -7.97
N SER B 129 -1.45 17.92 -9.00
CA SER B 129 -0.91 18.17 -10.33
C SER B 129 -0.59 19.66 -10.46
N CYS B 130 0.59 19.94 -11.00
CA CYS B 130 1.05 21.32 -11.16
C CYS B 130 1.67 21.49 -12.54
N PRO B 131 0.87 21.91 -13.52
CA PRO B 131 1.39 22.12 -14.87
C PRO B 131 2.55 23.11 -14.85
N MET B 132 3.69 22.69 -15.39
CA MET B 132 4.89 23.51 -15.36
C MET B 132 5.28 23.97 -16.76
N TYR B 133 5.98 25.09 -16.82
CA TYR B 133 6.38 25.69 -18.09
C TYR B 133 7.88 25.95 -18.11
N LEU B 134 8.59 25.18 -18.95
CA LEU B 134 10.04 25.13 -18.89
C LEU B 134 10.76 26.00 -19.92
N GLN B 135 10.08 27.05 -20.39
CA GLN B 135 10.65 27.93 -21.41
C GLN B 135 12.02 28.47 -21.02
N TYR B 136 12.18 28.81 -19.74
CA TYR B 136 13.47 29.26 -19.23
C TYR B 136 14.05 28.24 -18.25
N TYR B 137 13.88 26.95 -18.57
CA TYR B 137 14.04 25.86 -17.60
C TYR B 137 15.12 26.01 -16.53
N PRO B 138 16.37 26.25 -16.94
CA PRO B 138 17.42 26.34 -15.93
C PRO B 138 17.07 27.40 -14.89
N MET B 139 16.61 28.55 -15.36
CA MET B 139 16.24 29.67 -14.50
C MET B 139 14.75 29.99 -14.58
N ASP B 140 13.90 29.07 -14.15
CA ASP B 140 12.46 29.28 -14.24
C ASP B 140 11.80 29.47 -12.88
N VAL B 141 10.54 29.89 -12.90
CA VAL B 141 9.71 29.89 -11.71
C VAL B 141 8.38 29.22 -12.02
N GLN B 142 7.99 28.27 -11.19
CA GLN B 142 6.72 27.59 -11.36
C GLN B 142 5.76 28.06 -10.29
N GLN B 143 4.46 27.92 -10.56
CA GLN B 143 3.46 28.25 -9.56
C GLN B 143 2.52 27.06 -9.37
N CYS B 144 2.59 26.47 -8.18
CA CYS B 144 1.77 25.31 -7.87
C CYS B 144 0.66 25.69 -6.93
N SER B 145 -0.48 25.03 -7.08
CA SER B 145 -1.68 25.40 -6.33
C SER B 145 -2.34 24.22 -5.66
N ILE B 146 -3.15 24.52 -4.64
CA ILE B 146 -4.01 23.54 -4.03
C ILE B 146 -5.43 24.08 -4.11
N ASP B 147 -6.32 23.33 -4.74
CA ASP B 147 -7.71 23.78 -4.86
C ASP B 147 -8.59 23.05 -3.86
N LEU B 148 -9.49 23.79 -3.23
CA LEU B 148 -10.37 23.24 -2.22
C LEU B 148 -11.78 23.67 -2.54
N ALA B 149 -12.72 22.74 -2.54
CA ALA B 149 -14.11 23.03 -2.87
C ALA B 149 -15.05 21.92 -2.42
N SER B 150 -16.34 22.24 -2.33
CA SER B 150 -17.36 21.26 -1.96
C SER B 150 -17.70 20.39 -3.17
N TYR B 151 -18.08 19.14 -2.93
CA TYR B 151 -18.38 18.24 -4.04
C TYR B 151 -19.87 18.17 -4.36
N ALA B 152 -20.69 18.03 -3.34
CA ALA B 152 -22.12 17.81 -3.55
C ALA B 152 -22.92 19.11 -3.34
N TYR B 153 -22.48 19.92 -2.39
CA TYR B 153 -23.21 21.14 -2.05
C TYR B 153 -22.85 22.28 -2.99
N THR B 154 -23.88 22.93 -3.51
CA THR B 154 -23.71 23.99 -4.49
C THR B 154 -23.53 25.34 -3.78
N THR B 155 -23.69 26.43 -4.53
CA THR B 155 -23.44 27.76 -3.99
C THR B 155 -24.53 28.24 -3.05
N LYS B 156 -25.66 27.54 -3.03
CA LYS B 156 -26.78 27.95 -2.20
C LYS B 156 -26.70 27.33 -0.80
N ASP B 157 -25.87 26.30 -0.67
CA ASP B 157 -25.79 25.55 0.58
C ASP B 157 -24.50 25.77 1.34
N ILE B 158 -23.42 26.00 0.61
CA ILE B 158 -22.11 26.10 1.23
C ILE B 158 -21.20 27.05 0.46
N GLU B 159 -20.57 27.98 1.18
CA GLU B 159 -19.72 28.98 0.55
C GLU B 159 -18.39 29.05 1.29
N TYR B 160 -17.29 28.90 0.56
CA TYR B 160 -15.97 28.98 1.19
C TYR B 160 -15.40 30.39 1.16
N LEU B 161 -14.68 30.72 2.23
CA LEU B 161 -14.02 32.00 2.35
C LEU B 161 -12.73 31.77 3.13
N TRP B 162 -11.65 32.36 2.66
CA TRP B 162 -10.38 32.28 3.37
C TRP B 162 -10.48 33.04 4.68
N LYS B 163 -9.90 32.47 5.73
CA LYS B 163 -9.84 33.14 7.03
C LYS B 163 -9.39 34.57 6.80
N GLU B 164 -9.88 35.49 7.61
CA GLU B 164 -9.59 36.91 7.41
C GLU B 164 -8.12 37.22 7.66
N HIS B 165 -7.57 36.67 8.73
CA HIS B 165 -6.18 36.90 9.09
C HIS B 165 -5.31 35.65 8.88
N SER B 166 -4.20 35.83 8.17
CA SER B 166 -3.29 34.74 7.83
C SER B 166 -4.01 33.44 7.44
N PRO B 167 -4.60 33.43 6.24
CA PRO B 167 -5.34 32.27 5.74
C PRO B 167 -4.40 31.12 5.44
N LEU B 168 -3.21 31.44 4.91
CA LEU B 168 -2.21 30.43 4.62
C LEU B 168 -1.01 30.65 5.52
N GLN B 169 -0.58 29.60 6.21
CA GLN B 169 0.60 29.66 7.05
C GLN B 169 1.57 28.56 6.64
N LEU B 170 2.86 28.81 6.85
CA LEU B 170 3.88 27.81 6.58
C LEU B 170 4.57 27.39 7.87
N LYS B 171 4.88 26.10 8.00
CA LYS B 171 5.67 25.64 9.13
C LYS B 171 7.10 26.14 8.97
N VAL B 172 7.79 26.33 10.09
CA VAL B 172 9.12 26.93 10.05
C VAL B 172 10.13 26.06 9.29
N GLY B 173 10.03 24.75 9.44
CA GLY B 173 10.92 23.83 8.77
C GLY B 173 10.40 23.34 7.43
N LEU B 174 9.98 24.27 6.58
CA LEU B 174 9.46 23.91 5.26
C LEU B 174 10.52 24.14 4.19
N SER B 175 11.10 25.34 4.20
CA SER B 175 12.12 25.70 3.22
C SER B 175 13.37 24.83 3.36
N SER B 176 13.60 24.31 4.57
CA SER B 176 14.76 23.48 4.84
C SER B 176 14.56 22.06 4.32
N SER B 177 13.30 21.68 4.15
CA SER B 177 12.97 20.37 3.61
C SER B 177 12.76 20.47 2.10
N LEU B 178 12.99 21.66 1.57
CA LEU B 178 12.86 21.94 0.14
C LEU B 178 14.18 22.52 -0.37
N PRO B 179 15.14 21.64 -0.69
CA PRO B 179 16.51 22.04 -1.01
C PRO B 179 16.67 22.57 -2.42
N SER B 180 15.88 22.04 -3.36
CA SER B 180 16.07 22.35 -4.78
C SER B 180 15.42 23.65 -5.22
N PHE B 181 14.44 24.11 -4.46
CA PHE B 181 13.74 25.35 -4.80
C PHE B 181 13.73 26.35 -3.66
N GLN B 182 13.21 27.54 -3.94
CA GLN B 182 13.05 28.60 -2.95
C GLN B 182 11.62 29.13 -3.02
N LEU B 183 10.84 28.89 -1.97
CA LEU B 183 9.44 29.27 -1.94
C LEU B 183 9.31 30.78 -1.76
N THR B 184 9.35 31.52 -2.86
CA THR B 184 9.43 32.98 -2.82
C THR B 184 8.15 33.69 -2.42
N ASN B 185 7.03 33.28 -3.00
CA ASN B 185 5.76 33.96 -2.78
C ASN B 185 4.58 33.00 -2.63
N THR B 186 3.57 33.40 -1.86
CA THR B 186 2.32 32.65 -1.77
C THR B 186 1.10 33.56 -1.88
N SER B 187 0.00 33.02 -2.39
CA SER B 187 -1.22 33.79 -2.57
C SER B 187 -2.44 32.98 -2.20
N THR B 188 -3.49 33.68 -1.77
CA THR B 188 -4.74 33.04 -1.37
C THR B 188 -5.91 33.62 -2.19
N THR B 189 -6.54 32.77 -3.01
CA THR B 189 -7.50 33.23 -4.01
C THR B 189 -8.76 32.37 -4.09
N TYR B 190 -9.72 32.81 -4.89
CA TYR B 190 -10.96 32.07 -5.12
C TYR B 190 -11.05 31.55 -6.56
N CYS B 191 -11.58 30.33 -6.71
CA CYS B 191 -11.64 29.69 -8.02
C CYS B 191 -13.03 29.13 -8.29
N THR B 192 -14.03 29.70 -7.63
CA THR B 192 -15.43 29.32 -7.84
C THR B 192 -15.72 29.24 -9.33
N SER B 193 -16.40 28.19 -9.75
CA SER B 193 -16.69 27.99 -11.17
C SER B 193 -18.11 27.53 -11.41
N VAL B 194 -18.61 27.75 -12.62
CA VAL B 194 -19.93 27.31 -13.00
C VAL B 194 -19.86 26.07 -13.89
N THR B 195 -20.34 24.95 -13.35
CA THR B 195 -20.31 23.67 -14.05
C THR B 195 -21.70 23.25 -14.53
N ASN B 196 -21.78 22.06 -15.12
CA ASN B 196 -23.06 21.57 -15.63
C ASN B 196 -23.99 21.11 -14.51
N THR B 197 -23.43 20.77 -13.36
CA THR B 197 -24.23 20.35 -12.22
C THR B 197 -24.55 21.51 -11.29
N GLY B 198 -24.00 22.69 -11.58
CA GLY B 198 -24.27 23.88 -10.79
C GLY B 198 -23.06 24.76 -10.56
N ILE B 199 -23.23 25.80 -9.73
CA ILE B 199 -22.14 26.71 -9.39
C ILE B 199 -21.51 26.36 -8.04
N TYR B 200 -20.24 25.96 -8.05
CA TYR B 200 -19.57 25.50 -6.84
C TYR B 200 -18.51 26.47 -6.32
N SER B 201 -18.57 26.76 -5.02
CA SER B 201 -17.61 27.65 -4.38
C SER B 201 -16.27 26.95 -4.24
N CYS B 202 -15.18 27.69 -4.41
CA CYS B 202 -13.86 27.09 -4.41
C CYS B 202 -12.73 28.05 -4.03
N LEU B 203 -11.85 27.60 -3.14
CA LEU B 203 -10.66 28.37 -2.76
C LEU B 203 -9.44 27.84 -3.49
N ARG B 204 -8.39 28.66 -3.56
CA ARG B 204 -7.14 28.21 -4.16
C ARG B 204 -5.94 28.91 -3.58
N THR B 205 -5.09 28.15 -2.91
CA THR B 205 -3.82 28.67 -2.44
C THR B 205 -2.75 28.41 -3.50
N THR B 206 -1.79 29.33 -3.62
CA THR B 206 -0.75 29.21 -4.63
C THR B 206 0.63 29.52 -4.05
N ILE B 207 1.58 28.60 -4.25
CA ILE B 207 2.96 28.87 -3.87
C ILE B 207 3.79 29.08 -5.12
N GLN B 208 4.80 29.93 -5.03
CA GLN B 208 5.67 30.22 -6.17
C GLN B 208 7.08 29.69 -5.92
N LEU B 209 7.50 28.76 -6.77
CA LEU B 209 8.78 28.09 -6.57
C LEU B 209 9.85 28.57 -7.56
N LYS B 210 10.93 29.12 -7.03
CA LYS B 210 12.06 29.57 -7.83
C LYS B 210 13.14 28.51 -7.81
N ARG B 211 13.57 28.04 -8.99
CA ARG B 211 14.54 26.95 -9.06
C ARG B 211 15.94 27.41 -8.67
N GLU B 212 16.57 26.67 -7.77
CA GLU B 212 17.90 27.01 -7.29
C GLU B 212 18.93 26.89 -8.41
N PHE B 213 19.80 27.89 -8.52
CA PHE B 213 20.72 28.00 -9.65
C PHE B 213 22.08 27.36 -9.42
N SER B 214 22.53 27.35 -8.17
CA SER B 214 23.86 26.84 -7.83
C SER B 214 24.15 25.50 -8.47
N PHE B 215 23.15 24.62 -8.53
CA PHE B 215 23.33 23.31 -9.13
C PHE B 215 23.62 23.42 -10.62
N TYR B 216 22.83 24.21 -11.33
CA TYR B 216 22.97 24.32 -12.77
C TYR B 216 24.22 25.09 -13.15
N LEU B 217 24.65 26.00 -12.28
CA LEU B 217 25.91 26.69 -12.47
C LEU B 217 27.05 25.68 -12.49
N LEU B 218 27.09 24.81 -11.48
CA LEU B 218 28.19 23.87 -11.31
C LEU B 218 28.13 22.63 -12.21
N GLN B 219 26.94 22.16 -12.52
CA GLN B 219 26.79 20.91 -13.26
C GLN B 219 26.54 21.11 -14.75
N LEU B 220 26.28 22.33 -15.16
CA LEU B 220 25.96 22.60 -16.55
C LEU B 220 26.78 23.72 -17.19
N TYR B 221 26.68 24.92 -16.63
CA TYR B 221 27.33 26.08 -17.23
C TYR B 221 28.86 26.06 -17.08
N ILE B 222 29.35 26.01 -15.84
CA ILE B 222 30.78 25.95 -15.60
C ILE B 222 31.46 24.88 -16.45
N PRO B 223 31.01 23.61 -16.34
CA PRO B 223 31.69 22.53 -17.06
C PRO B 223 31.63 22.69 -18.58
N SER B 224 30.61 23.38 -19.10
CA SER B 224 30.53 23.60 -20.54
C SER B 224 31.51 24.67 -21.01
N CYS B 225 31.68 25.72 -20.21
CA CYS B 225 32.69 26.71 -20.52
C CYS B 225 34.06 26.07 -20.47
N MET B 226 34.28 25.30 -19.42
CA MET B 226 35.55 24.59 -19.26
C MET B 226 35.77 23.64 -20.43
N LEU B 227 34.67 23.24 -21.06
CA LEU B 227 34.74 22.32 -22.19
C LEU B 227 35.00 23.06 -23.50
N VAL B 228 34.35 24.21 -23.67
CA VAL B 228 34.57 25.05 -24.83
C VAL B 228 35.98 25.63 -24.83
N ILE B 229 36.43 26.04 -23.65
CA ILE B 229 37.77 26.62 -23.49
C ILE B 229 38.87 25.62 -23.87
N VAL B 230 38.62 24.34 -23.59
CA VAL B 230 39.58 23.30 -23.96
C VAL B 230 39.70 23.18 -25.48
N SER B 231 38.59 23.32 -26.19
CA SER B 231 38.60 23.23 -27.64
C SER B 231 39.42 24.35 -28.26
N TRP B 232 39.74 25.37 -27.46
CA TRP B 232 40.50 26.51 -27.96
C TRP B 232 42.00 26.29 -27.84
N VAL B 233 42.42 25.47 -26.88
CA VAL B 233 43.85 25.27 -26.65
C VAL B 233 44.48 24.51 -27.80
N SER B 234 43.67 24.15 -28.79
CA SER B 234 44.18 23.48 -29.98
C SER B 234 44.55 24.49 -31.06
N PHE B 235 44.22 25.76 -30.81
CA PHE B 235 44.60 26.84 -31.71
C PHE B 235 46.07 27.20 -31.50
N TRP B 236 46.68 26.62 -30.48
CA TRP B 236 48.06 26.95 -30.12
C TRP B 236 49.00 25.80 -30.44
N PHE B 237 48.45 24.70 -30.94
CA PHE B 237 49.26 23.60 -31.45
C PHE B 237 49.63 23.86 -32.90
N ASP B 238 50.86 23.51 -33.27
CA ASP B 238 51.31 23.67 -34.65
C ASP B 238 50.35 23.04 -35.65
N ARG B 239 50.11 23.73 -36.77
CA ARG B 239 49.17 23.27 -37.77
C ARG B 239 49.58 21.94 -38.40
N THR B 240 50.78 21.49 -38.09
CA THR B 240 51.29 20.24 -38.64
C THR B 240 50.79 19.05 -37.84
N ALA B 241 50.67 19.23 -36.54
CA ALA B 241 50.16 18.19 -35.65
C ALA B 241 48.64 18.26 -35.54
N ILE B 242 47.95 17.89 -36.62
CA ILE B 242 46.50 17.87 -36.62
C ILE B 242 45.89 16.78 -35.73
N PRO B 243 46.60 15.63 -35.58
CA PRO B 243 46.06 14.60 -34.69
C PRO B 243 45.68 15.17 -33.32
N ALA B 244 46.51 16.06 -32.79
CA ALA B 244 46.26 16.66 -31.49
C ALA B 244 44.99 17.52 -31.51
N ARG B 245 44.82 18.29 -32.58
CA ARG B 245 43.67 19.18 -32.70
C ARG B 245 42.35 18.43 -32.80
N VAL B 246 42.31 17.41 -33.66
CA VAL B 246 41.12 16.60 -33.82
C VAL B 246 40.76 15.90 -32.52
N THR B 247 41.76 15.32 -31.87
CA THR B 247 41.54 14.65 -30.58
C THR B 247 40.85 15.57 -29.58
N LEU B 248 41.34 16.80 -29.47
CA LEU B 248 40.70 17.78 -28.60
C LEU B 248 39.28 18.11 -29.07
N GLY B 249 39.17 18.71 -30.25
CA GLY B 249 37.90 19.15 -30.79
C GLY B 249 36.81 18.09 -30.79
N VAL B 250 37.18 16.84 -31.00
CA VAL B 250 36.21 15.74 -31.07
C VAL B 250 35.81 15.25 -29.68
N THR B 251 36.79 15.12 -28.79
CA THR B 251 36.51 14.67 -27.44
C THR B 251 35.63 15.66 -26.68
N THR B 252 35.91 16.95 -26.86
CA THR B 252 35.11 18.00 -26.21
C THR B 252 33.70 18.06 -26.79
N LEU B 253 33.58 17.75 -28.08
CA LEU B 253 32.26 17.75 -28.72
C LEU B 253 31.44 16.56 -28.24
N LEU B 254 32.06 15.40 -28.20
CA LEU B 254 31.41 14.18 -27.75
C LEU B 254 30.95 14.35 -26.29
N THR B 255 31.87 14.79 -25.43
CA THR B 255 31.57 15.03 -24.03
C THR B 255 30.40 16.01 -23.89
N MET B 256 30.41 17.05 -24.73
CA MET B 256 29.33 18.02 -24.74
C MET B 256 27.99 17.29 -24.91
N THR B 257 27.93 16.39 -25.89
CA THR B 257 26.74 15.59 -26.13
C THR B 257 26.30 14.84 -24.89
N ALA B 258 27.19 14.03 -24.34
CA ALA B 258 26.90 13.27 -23.13
C ALA B 258 26.30 14.16 -22.05
N GLN B 259 26.98 15.25 -21.74
CA GLN B 259 26.51 16.16 -20.71
C GLN B 259 25.06 16.58 -20.93
N SER B 260 24.75 17.00 -22.15
CA SER B 260 23.40 17.43 -22.47
C SER B 260 22.41 16.29 -22.31
N ALA B 261 22.79 15.10 -22.75
CA ALA B 261 21.96 13.92 -22.61
C ALA B 261 21.58 13.73 -21.15
N GLY B 262 22.51 14.01 -20.26
CA GLY B 262 22.26 13.92 -18.83
C GLY B 262 21.14 14.86 -18.40
N ILE B 263 21.32 16.15 -18.64
CA ILE B 263 20.31 17.13 -18.26
C ILE B 263 18.96 16.80 -18.90
N ASN B 264 18.99 16.53 -20.20
CA ASN B 264 17.76 16.32 -20.96
C ASN B 264 16.99 15.06 -20.56
N SER B 265 17.65 14.14 -19.87
CA SER B 265 17.01 12.89 -19.49
C SER B 265 16.05 13.08 -18.31
N GLN B 266 16.30 14.09 -17.49
CA GLN B 266 15.48 14.36 -16.31
C GLN B 266 14.27 15.23 -16.65
N LEU B 267 14.13 15.57 -17.93
CA LEU B 267 13.06 16.46 -18.37
C LEU B 267 12.05 15.73 -19.24
N PRO B 268 10.79 16.17 -19.18
CA PRO B 268 9.75 15.60 -20.05
C PRO B 268 9.85 16.21 -21.44
N PRO B 269 9.61 15.41 -22.48
CA PRO B 269 9.59 16.00 -23.82
C PRO B 269 8.50 17.05 -23.93
N VAL B 270 8.87 18.25 -24.38
CA VAL B 270 7.91 19.34 -24.53
C VAL B 270 7.79 19.76 -25.99
N SER B 271 7.03 20.81 -26.24
CA SER B 271 6.77 21.25 -27.61
C SER B 271 7.45 22.58 -27.90
N TYR B 272 8.21 23.08 -26.94
CA TYR B 272 8.87 24.38 -27.10
C TYR B 272 10.38 24.28 -26.90
N ILE B 273 11.09 25.34 -27.26
CA ILE B 273 12.54 25.38 -27.09
C ILE B 273 12.90 26.02 -25.76
N LYS B 274 13.57 25.26 -24.90
CA LYS B 274 13.97 25.76 -23.58
C LYS B 274 15.25 26.58 -23.69
N ALA B 275 15.46 27.47 -22.73
CA ALA B 275 16.67 28.28 -22.70
C ALA B 275 17.90 27.42 -22.51
N ILE B 276 17.72 26.27 -21.87
CA ILE B 276 18.78 25.29 -21.72
C ILE B 276 19.23 24.79 -23.10
N ASP B 277 18.28 24.69 -24.03
CA ASP B 277 18.57 24.23 -25.39
C ASP B 277 19.43 25.25 -26.12
N VAL B 278 19.09 26.52 -25.97
CA VAL B 278 19.83 27.59 -26.62
C VAL B 278 21.28 27.60 -26.15
N TRP B 279 21.50 27.22 -24.90
CA TRP B 279 22.83 27.29 -24.33
C TRP B 279 23.69 26.09 -24.71
N ILE B 280 23.11 24.90 -24.66
CA ILE B 280 23.83 23.71 -25.12
C ILE B 280 24.13 23.83 -26.60
N GLY B 281 23.12 24.24 -27.37
CA GLY B 281 23.25 24.36 -28.81
C GLY B 281 24.35 25.30 -29.23
N ALA B 282 24.49 26.42 -28.53
CA ALA B 282 25.50 27.41 -28.85
C ALA B 282 26.90 26.88 -28.61
N CYS B 283 27.13 26.37 -27.41
CA CYS B 283 28.43 25.79 -27.06
C CYS B 283 28.78 24.70 -28.04
N MET B 284 27.78 23.92 -28.43
CA MET B 284 27.96 22.87 -29.42
C MET B 284 28.56 23.44 -30.70
N THR B 285 28.07 24.60 -31.11
CA THR B 285 28.52 25.24 -32.33
C THR B 285 29.97 25.72 -32.23
N PHE B 286 30.30 26.36 -31.10
CA PHE B 286 31.65 26.87 -30.88
C PHE B 286 32.68 25.75 -31.00
N ILE B 287 32.30 24.56 -30.56
CA ILE B 287 33.20 23.41 -30.66
C ILE B 287 33.18 22.86 -32.08
N PHE B 288 32.02 22.92 -32.72
CA PHE B 288 31.90 22.45 -34.10
C PHE B 288 32.70 23.34 -35.06
N CYS B 289 32.70 24.64 -34.80
CA CYS B 289 33.43 25.58 -35.65
C CYS B 289 34.93 25.47 -35.39
N ALA B 290 35.30 25.01 -34.20
CA ALA B 290 36.69 24.75 -33.89
C ALA B 290 37.22 23.68 -34.82
N LEU B 291 36.51 22.55 -34.89
CA LEU B 291 36.87 21.47 -35.80
C LEU B 291 36.93 21.99 -37.23
N LEU B 292 35.88 22.70 -37.64
CA LEU B 292 35.83 23.27 -38.98
C LEU B 292 37.10 24.06 -39.26
N GLU B 293 37.52 24.87 -38.28
CA GLU B 293 38.72 25.68 -38.43
C GLU B 293 39.94 24.80 -38.68
N PHE B 294 40.06 23.71 -37.90
CA PHE B 294 41.17 22.77 -38.06
C PHE B 294 41.27 22.31 -39.52
N ALA B 295 40.14 21.90 -40.08
CA ALA B 295 40.11 21.43 -41.46
C ALA B 295 40.52 22.54 -42.42
N LEU B 296 39.93 23.73 -42.25
CA LEU B 296 40.26 24.86 -43.10
C LEU B 296 41.75 25.18 -43.05
N VAL B 297 42.30 25.25 -41.84
CA VAL B 297 43.71 25.57 -41.65
C VAL B 297 44.61 24.50 -42.26
N ASN B 298 44.34 23.25 -41.90
CA ASN B 298 45.15 22.14 -42.39
C ASN B 298 45.09 21.98 -43.90
N HIS B 299 43.94 22.32 -44.48
CA HIS B 299 43.74 22.15 -45.92
C HIS B 299 44.51 23.16 -46.75
N ILE B 300 44.41 24.44 -46.38
CA ILE B 300 45.13 25.48 -47.12
C ILE B 300 46.59 25.55 -46.67
N ALA B 301 46.97 24.69 -45.72
CA ALA B 301 48.33 24.67 -45.23
C ALA B 301 49.23 23.84 -46.14
N ASN B 302 48.80 22.62 -46.46
CA ASN B 302 49.59 21.72 -47.29
C ASN B 302 49.67 22.16 -48.75
N ALA B 303 48.80 23.08 -49.15
CA ALA B 303 48.86 23.63 -50.50
C ALA B 303 50.25 24.19 -50.79
N GLY B 304 50.85 23.73 -51.88
CA GLY B 304 52.23 24.06 -52.21
C GLY B 304 52.66 25.49 -52.01
N THR B 305 51.90 26.43 -52.57
CA THR B 305 52.31 27.84 -52.57
C THR B 305 52.33 28.44 -51.16
N THR B 306 53.31 29.29 -50.91
CA THR B 306 53.42 29.98 -49.63
C THR B 306 52.33 31.04 -49.48
N GLU B 307 51.58 31.27 -50.56
CA GLU B 307 50.49 32.22 -50.56
C GLU B 307 49.41 31.79 -49.58
N TRP B 308 49.05 30.51 -49.65
CA TRP B 308 48.03 29.96 -48.76
C TRP B 308 48.61 29.64 -47.39
N ASN B 309 49.88 29.25 -47.37
CA ASN B 309 50.51 28.83 -46.12
C ASN B 309 50.44 29.89 -45.03
N ASP B 310 50.84 31.11 -45.33
CA ASP B 310 50.80 32.18 -44.34
C ASP B 310 49.36 32.61 -44.04
N ILE B 311 48.44 32.33 -44.96
CA ILE B 311 47.02 32.54 -44.70
C ILE B 311 46.56 31.55 -43.65
N SER B 312 47.01 30.31 -43.77
CA SER B 312 46.75 29.29 -42.78
C SER B 312 47.15 29.80 -41.40
N LYS B 313 48.35 30.36 -41.31
CA LYS B 313 48.86 30.91 -40.08
C LYS B 313 47.97 32.05 -39.59
N ARG B 314 47.48 32.84 -40.53
CA ARG B 314 46.66 34.02 -40.20
C ARG B 314 45.32 33.61 -39.59
N VAL B 315 44.78 32.49 -40.05
CA VAL B 315 43.50 31.99 -39.55
C VAL B 315 43.60 31.60 -38.07
N ASP B 316 44.72 31.00 -37.69
CA ASP B 316 44.95 30.66 -36.30
C ASP B 316 45.04 31.90 -35.42
N LEU B 317 45.87 32.85 -35.82
CA LEU B 317 46.04 34.07 -35.07
C LEU B 317 44.69 34.75 -34.81
N ILE B 318 43.84 34.78 -35.83
CA ILE B 318 42.51 35.38 -35.70
C ILE B 318 41.60 34.54 -34.80
N SER B 319 41.65 33.23 -34.96
CA SER B 319 40.83 32.32 -34.16
C SER B 319 41.14 32.43 -32.67
N ARG B 320 42.43 32.47 -32.35
CA ARG B 320 42.89 32.52 -30.96
C ARG B 320 42.25 33.68 -30.19
N ALA B 321 41.76 34.67 -30.92
CA ALA B 321 41.14 35.83 -30.30
C ALA B 321 39.64 35.94 -30.62
N LEU B 322 39.29 35.64 -31.87
CA LEU B 322 37.91 35.77 -32.32
C LEU B 322 36.95 34.84 -31.55
N PHE B 323 37.34 33.58 -31.40
CA PHE B 323 36.51 32.62 -30.67
C PHE B 323 36.18 33.09 -29.25
N PRO B 324 37.21 33.35 -28.44
CA PRO B 324 36.96 33.86 -27.08
C PRO B 324 36.05 35.09 -27.11
N VAL B 325 36.41 36.10 -27.89
CA VAL B 325 35.60 37.31 -27.98
C VAL B 325 34.16 37.01 -28.34
N LEU B 326 33.95 36.19 -29.37
CA LEU B 326 32.61 35.82 -29.78
C LEU B 326 31.85 35.04 -28.72
N PHE B 327 32.52 34.12 -28.04
CA PHE B 327 31.90 33.34 -26.98
C PHE B 327 31.51 34.23 -25.80
N PHE B 328 32.37 35.21 -25.51
CA PHE B 328 32.07 36.19 -24.46
C PHE B 328 30.87 37.04 -24.85
N VAL B 329 30.83 37.45 -26.12
CA VAL B 329 29.70 38.19 -26.64
C VAL B 329 28.42 37.37 -26.49
N PHE B 330 28.52 36.08 -26.80
CA PHE B 330 27.36 35.19 -26.68
C PHE B 330 26.85 35.18 -25.24
N ASN B 331 27.73 34.85 -24.31
CA ASN B 331 27.36 34.84 -22.90
C ASN B 331 26.59 36.09 -22.52
N ILE B 332 27.12 37.25 -22.91
CA ILE B 332 26.47 38.53 -22.59
C ILE B 332 25.04 38.59 -23.11
N LEU B 333 24.85 38.24 -24.37
CA LEU B 333 23.51 38.19 -24.95
C LEU B 333 22.64 37.16 -24.24
N TYR B 334 23.20 35.97 -24.03
CA TYR B 334 22.45 34.87 -23.43
C TYR B 334 21.94 35.21 -22.03
N TRP B 335 22.83 35.66 -21.17
CA TRP B 335 22.46 35.91 -19.77
C TRP B 335 21.53 37.11 -19.61
N SER B 336 21.66 38.10 -20.49
CA SER B 336 20.78 39.26 -20.43
C SER B 336 19.40 38.85 -20.92
N ARG B 337 19.34 37.76 -21.68
CA ARG B 337 18.09 37.31 -22.27
C ARG B 337 17.33 36.35 -21.36
N PHE B 338 18.06 35.61 -20.53
CA PHE B 338 17.44 34.56 -19.72
C PHE B 338 17.67 34.69 -18.21
N GLY B 339 18.60 35.54 -17.82
CA GLY B 339 18.90 35.74 -16.41
C GLY B 339 17.97 36.77 -15.80
N HIS B 340 17.26 37.49 -16.66
CA HIS B 340 16.38 38.58 -16.24
C HIS B 340 15.54 38.21 -15.03
N SER C 1 -37.75 19.24 5.94
CA SER C 1 -38.15 19.22 4.52
C SER C 1 -37.42 18.11 3.76
N ASP C 2 -36.17 18.37 3.39
CA ASP C 2 -35.36 17.36 2.69
C ASP C 2 -35.25 16.08 3.50
N SER C 3 -34.85 16.23 4.77
CA SER C 3 -34.74 15.08 5.65
C SER C 3 -36.04 14.32 5.78
N LYS C 4 -37.15 15.04 5.69
CA LYS C 4 -38.48 14.44 5.77
C LYS C 4 -38.84 13.71 4.48
N ILE C 5 -38.50 14.33 3.35
CA ILE C 5 -38.74 13.72 2.04
C ILE C 5 -37.97 12.42 1.89
N LEU C 6 -36.73 12.41 2.35
CA LEU C 6 -35.90 11.21 2.34
C LEU C 6 -36.52 10.14 3.23
N ALA C 7 -36.90 10.53 4.44
CA ALA C 7 -37.55 9.62 5.38
C ALA C 7 -38.76 8.94 4.76
N HIS C 8 -39.60 9.73 4.07
CA HIS C 8 -40.80 9.19 3.45
C HIS C 8 -40.50 8.11 2.43
N LEU C 9 -39.42 8.29 1.68
CA LEU C 9 -39.05 7.34 0.61
C LEU C 9 -38.59 5.99 1.14
N PHE C 10 -37.92 6.01 2.29
CA PHE C 10 -37.32 4.78 2.83
C PHE C 10 -38.09 4.17 4.00
N THR C 11 -39.08 4.89 4.50
CA THR C 11 -39.92 4.37 5.57
C THR C 11 -40.78 3.22 5.03
N SER C 12 -41.19 3.35 3.78
CA SER C 12 -41.91 2.28 3.09
C SER C 12 -40.94 1.14 2.78
N GLY C 13 -41.42 0.09 2.14
CA GLY C 13 -40.57 -1.02 1.79
C GLY C 13 -39.76 -0.74 0.54
N TYR C 14 -38.47 -0.43 0.73
CA TYR C 14 -37.58 -0.16 -0.40
C TYR C 14 -36.33 -1.03 -0.32
N ASP C 15 -36.00 -1.69 -1.41
CA ASP C 15 -34.88 -2.61 -1.44
C ASP C 15 -33.82 -2.18 -2.45
N PHE C 16 -32.67 -1.73 -1.96
CA PHE C 16 -31.59 -1.26 -2.82
C PHE C 16 -30.96 -2.40 -3.61
N ARG C 17 -31.38 -3.61 -3.30
CA ARG C 17 -30.86 -4.80 -3.97
C ARG C 17 -31.73 -5.12 -5.17
N VAL C 18 -32.95 -4.60 -5.16
CA VAL C 18 -33.90 -4.83 -6.24
C VAL C 18 -33.76 -3.76 -7.32
N ARG C 19 -33.57 -4.20 -8.55
CA ARG C 19 -33.50 -3.32 -9.70
C ARG C 19 -34.77 -2.47 -9.79
N PRO C 20 -34.64 -1.22 -10.23
CA PRO C 20 -35.81 -0.35 -10.43
C PRO C 20 -36.77 -0.95 -11.44
N PRO C 21 -38.08 -0.89 -11.15
CA PRO C 21 -39.12 -1.39 -12.05
C PRO C 21 -39.20 -0.58 -13.35
N THR C 22 -39.76 -1.19 -14.39
CA THR C 22 -39.94 -0.50 -15.66
C THR C 22 -41.37 -0.67 -16.15
N ASP C 23 -41.80 0.22 -17.05
CA ASP C 23 -43.17 0.21 -17.54
C ASP C 23 -43.46 -1.01 -18.42
N ASN C 24 -42.51 -1.38 -19.26
CA ASN C 24 -42.69 -2.51 -20.17
C ASN C 24 -41.81 -3.70 -19.81
N GLY C 25 -41.22 -3.68 -18.62
CA GLY C 25 -40.32 -4.73 -18.19
C GLY C 25 -38.95 -4.58 -18.82
N GLY C 26 -38.78 -3.51 -19.59
CA GLY C 26 -37.52 -3.22 -20.25
C GLY C 26 -36.38 -3.08 -19.26
N PRO C 27 -35.16 -2.86 -19.79
CA PRO C 27 -33.99 -2.70 -18.93
C PRO C 27 -33.89 -1.27 -18.39
N VAL C 28 -33.29 -1.12 -17.22
CA VAL C 28 -33.00 0.21 -16.68
C VAL C 28 -32.03 0.90 -17.61
N VAL C 29 -32.40 2.06 -18.14
CA VAL C 29 -31.50 2.79 -19.02
C VAL C 29 -30.65 3.78 -18.24
N VAL C 30 -29.35 3.57 -18.27
CA VAL C 30 -28.39 4.44 -17.57
C VAL C 30 -27.67 5.37 -18.54
N SER C 31 -27.97 6.65 -18.45
CA SER C 31 -27.28 7.66 -19.26
C SER C 31 -25.95 8.03 -18.61
N VAL C 32 -24.90 8.11 -19.41
CA VAL C 32 -23.56 8.33 -18.86
C VAL C 32 -22.90 9.60 -19.39
N ASN C 33 -22.37 10.40 -18.46
CA ASN C 33 -21.52 11.52 -18.80
C ASN C 33 -20.14 11.27 -18.21
N MET C 34 -19.11 11.79 -18.86
CA MET C 34 -17.74 11.54 -18.42
C MET C 34 -16.89 12.80 -18.58
N LEU C 35 -16.22 13.20 -17.50
CA LEU C 35 -15.38 14.39 -17.53
C LEU C 35 -13.94 14.06 -17.18
N LEU C 36 -13.05 14.13 -18.18
CA LEU C 36 -11.63 13.88 -17.98
C LEU C 36 -10.97 15.09 -17.33
N ARG C 37 -10.31 14.87 -16.20
CA ARG C 37 -9.63 15.95 -15.48
C ARG C 37 -8.17 16.01 -15.88
N THR C 38 -7.50 14.85 -15.84
CA THR C 38 -6.09 14.77 -16.19
C THR C 38 -5.75 13.41 -16.79
N ILE C 39 -4.93 13.44 -17.83
CA ILE C 39 -4.40 12.22 -18.45
C ILE C 39 -2.88 12.24 -18.34
N SER C 40 -2.33 11.35 -17.54
CA SER C 40 -0.90 11.40 -17.20
C SER C 40 -0.21 10.05 -17.24
N LYS C 41 1.11 10.07 -17.08
CA LYS C 41 1.92 8.85 -17.05
C LYS C 41 1.55 7.88 -18.17
N ILE C 42 1.80 8.30 -19.41
CA ILE C 42 1.54 7.46 -20.57
C ILE C 42 2.71 6.51 -20.84
N ASP C 43 2.65 5.33 -20.22
CA ASP C 43 3.74 4.36 -20.25
C ASP C 43 3.77 3.58 -21.55
N VAL C 44 4.84 3.73 -22.32
CA VAL C 44 4.97 3.04 -23.61
C VAL C 44 5.51 1.63 -23.44
N VAL C 45 6.31 1.42 -22.40
CA VAL C 45 6.89 0.10 -22.14
C VAL C 45 5.82 -0.90 -21.71
N ASN C 46 5.02 -0.54 -20.71
CA ASN C 46 3.94 -1.39 -20.23
C ASN C 46 2.63 -1.14 -20.96
N MET C 47 2.67 -0.20 -21.90
CA MET C 47 1.50 0.14 -22.69
C MET C 47 0.26 0.33 -21.84
N GLU C 48 0.27 1.39 -21.05
CA GLU C 48 -0.88 1.79 -20.26
C GLU C 48 -0.75 3.28 -19.99
N TYR C 49 -1.82 3.88 -19.50
CA TYR C 49 -1.79 5.29 -19.14
C TYR C 49 -2.69 5.51 -17.93
N SER C 50 -2.39 6.55 -17.16
CA SER C 50 -3.25 6.92 -16.04
C SER C 50 -4.18 8.04 -16.45
N ALA C 51 -5.29 8.19 -15.73
CA ALA C 51 -6.26 9.24 -16.02
C ALA C 51 -7.24 9.39 -14.87
N GLN C 52 -7.49 10.63 -14.45
CA GLN C 52 -8.49 10.89 -13.43
C GLN C 52 -9.71 11.54 -14.06
N LEU C 53 -10.89 10.97 -13.80
CA LEU C 53 -12.11 11.45 -14.42
C LEU C 53 -13.24 11.55 -13.42
N THR C 54 -14.32 12.19 -13.82
CA THR C 54 -15.54 12.21 -13.03
C THR C 54 -16.62 11.44 -13.77
N LEU C 55 -17.06 10.33 -13.19
CA LEU C 55 -18.13 9.54 -13.76
C LEU C 55 -19.46 10.14 -13.36
N ARG C 56 -20.42 10.18 -14.28
CA ARG C 56 -21.73 10.73 -14.00
C ARG C 56 -22.83 9.85 -14.57
N GLU C 57 -23.54 9.15 -13.69
CA GLU C 57 -24.58 8.22 -14.13
C GLU C 57 -25.95 8.75 -13.78
N SER C 58 -26.92 8.48 -14.65
CA SER C 58 -28.28 8.97 -14.47
C SER C 58 -29.32 7.97 -14.96
N TRP C 59 -30.16 7.49 -14.05
CA TRP C 59 -31.23 6.55 -14.39
C TRP C 59 -32.52 6.94 -13.68
N ILE C 60 -33.61 6.25 -14.01
CA ILE C 60 -34.89 6.51 -13.37
C ILE C 60 -35.30 5.40 -12.41
N ASP C 61 -35.69 5.79 -11.21
CA ASP C 61 -36.14 4.86 -10.20
C ASP C 61 -37.45 5.37 -9.62
N LYS C 62 -38.57 4.99 -10.25
CA LYS C 62 -39.87 5.50 -9.86
C LYS C 62 -40.14 5.37 -8.36
N ARG C 63 -39.58 4.34 -7.75
CA ARG C 63 -39.73 4.11 -6.32
C ARG C 63 -39.23 5.30 -5.50
N LEU C 64 -38.32 6.07 -6.08
CA LEU C 64 -37.70 7.17 -5.36
C LEU C 64 -38.38 8.51 -5.59
N SER C 65 -39.37 8.53 -6.48
CA SER C 65 -40.08 9.78 -6.78
C SER C 65 -40.89 10.21 -5.56
N TYR C 66 -40.73 11.48 -5.19
CA TYR C 66 -41.39 12.03 -4.02
C TYR C 66 -42.23 13.22 -4.41
N GLY C 67 -41.67 14.07 -5.27
CA GLY C 67 -42.35 15.27 -5.70
C GLY C 67 -43.22 15.02 -6.90
N VAL C 68 -42.89 13.97 -7.65
CA VAL C 68 -43.60 13.65 -8.88
C VAL C 68 -43.66 14.91 -9.74
N LYS C 69 -44.85 15.43 -9.98
CA LYS C 69 -44.99 16.69 -10.70
C LYS C 69 -44.35 17.81 -9.89
N GLY C 70 -44.52 17.69 -8.56
CA GLY C 70 -43.92 18.62 -7.63
C GLY C 70 -44.43 20.03 -7.79
N ASP C 71 -43.54 20.94 -8.18
CA ASP C 71 -43.89 22.32 -8.43
C ASP C 71 -44.41 23.01 -7.16
N GLY C 72 -44.44 22.24 -6.07
CA GLY C 72 -44.66 22.78 -4.75
C GLY C 72 -43.46 22.43 -3.87
N GLN C 73 -42.67 21.48 -4.34
CA GLN C 73 -41.55 20.93 -3.58
C GLN C 73 -40.19 21.19 -4.25
N PRO C 74 -39.09 20.87 -3.54
CA PRO C 74 -37.75 21.05 -4.12
C PRO C 74 -37.55 20.15 -5.33
N ASP C 75 -36.88 20.67 -6.36
CA ASP C 75 -36.70 19.93 -7.61
C ASP C 75 -36.05 18.57 -7.36
N PHE C 76 -34.96 18.57 -6.59
CA PHE C 76 -34.27 17.35 -6.23
C PHE C 76 -33.84 17.43 -4.77
N VAL C 77 -33.74 16.27 -4.12
CA VAL C 77 -33.26 16.22 -2.75
C VAL C 77 -31.94 15.50 -2.73
N ILE C 78 -30.92 16.08 -2.10
CA ILE C 78 -29.62 15.43 -1.99
C ILE C 78 -29.67 14.22 -1.09
N LEU C 79 -29.24 13.08 -1.60
CA LEU C 79 -29.22 11.86 -0.81
C LEU C 79 -28.15 11.96 0.25
N THR C 80 -28.56 11.87 1.52
CA THR C 80 -27.63 11.94 2.65
C THR C 80 -27.12 10.54 3.02
N VAL C 81 -26.09 10.50 3.85
CA VAL C 81 -25.48 9.25 4.28
C VAL C 81 -26.47 8.39 5.07
N GLY C 82 -26.45 7.08 4.85
CA GLY C 82 -27.29 6.18 5.59
C GLY C 82 -28.57 5.78 4.86
N HIS C 83 -28.67 6.17 3.60
CA HIS C 83 -29.80 5.79 2.77
C HIS C 83 -29.33 5.02 1.53
N GLN C 84 -29.62 3.73 1.49
CA GLN C 84 -29.19 2.88 0.38
C GLN C 84 -30.08 3.07 -0.85
N ILE C 85 -29.47 2.98 -2.02
CA ILE C 85 -30.18 3.13 -3.28
C ILE C 85 -29.58 2.20 -4.33
N TRP C 86 -30.44 1.52 -5.09
CA TRP C 86 -29.95 0.67 -6.17
C TRP C 86 -29.10 1.51 -7.12
N MET C 87 -27.91 1.01 -7.43
CA MET C 87 -27.03 1.69 -8.37
C MET C 87 -26.44 0.70 -9.36
N PRO C 88 -26.26 1.14 -10.61
CA PRO C 88 -25.64 0.29 -11.64
C PRO C 88 -24.26 -0.16 -11.17
N ASP C 89 -24.02 -1.47 -11.14
CA ASP C 89 -22.73 -1.98 -10.68
C ASP C 89 -21.67 -1.85 -11.77
N THR C 90 -21.52 -0.64 -12.31
CA THR C 90 -20.58 -0.39 -13.40
C THR C 90 -19.14 -0.58 -12.98
N PHE C 91 -18.33 -1.10 -13.91
CA PHE C 91 -16.90 -1.24 -13.71
C PHE C 91 -16.19 -0.88 -15.01
N PHE C 92 -14.87 -0.73 -14.95
CA PHE C 92 -14.10 -0.37 -16.14
C PHE C 92 -13.30 -1.56 -16.64
N PRO C 93 -13.82 -2.27 -17.66
CA PRO C 93 -13.23 -3.51 -18.18
C PRO C 93 -11.72 -3.45 -18.41
N ASN C 94 -11.23 -2.34 -18.94
CA ASN C 94 -9.79 -2.23 -19.22
C ASN C 94 -9.00 -1.49 -18.14
N GLU C 95 -9.58 -1.40 -16.95
CA GLU C 95 -8.89 -0.79 -15.81
C GLU C 95 -7.99 -1.82 -15.14
N LYS C 96 -6.73 -1.45 -14.93
CA LYS C 96 -5.79 -2.33 -14.26
C LYS C 96 -5.67 -1.96 -12.79
N GLN C 97 -5.92 -0.68 -12.50
CA GLN C 97 -5.91 -0.17 -11.13
C GLN C 97 -6.90 0.98 -11.05
N ALA C 98 -7.55 1.14 -9.90
CA ALA C 98 -8.55 2.20 -9.75
C ALA C 98 -8.75 2.62 -8.30
N TYR C 99 -8.89 3.92 -8.07
CA TYR C 99 -9.10 4.44 -6.72
C TYR C 99 -10.24 5.43 -6.72
N LYS C 100 -11.02 5.44 -5.66
CA LYS C 100 -12.00 6.50 -5.44
C LYS C 100 -11.35 7.53 -4.51
N HIS C 101 -11.74 8.79 -4.63
CA HIS C 101 -11.20 9.82 -3.76
C HIS C 101 -12.07 10.01 -2.53
N THR C 102 -11.45 9.92 -1.35
CA THR C 102 -12.19 9.93 -0.11
C THR C 102 -11.61 10.91 0.90
N ILE C 103 -10.76 11.82 0.43
CA ILE C 103 -10.20 12.84 1.32
C ILE C 103 -11.32 13.60 2.02
N ASP C 104 -11.24 13.68 3.35
CA ASP C 104 -12.31 14.27 4.13
C ASP C 104 -13.56 13.45 3.86
N LYS C 105 -14.64 14.11 3.46
CA LYS C 105 -15.82 13.39 3.02
C LYS C 105 -15.53 12.77 1.65
N PRO C 106 -16.02 11.55 1.41
CA PRO C 106 -15.89 10.89 0.11
C PRO C 106 -16.38 11.79 -1.02
N ASN C 107 -15.71 11.73 -2.17
CA ASN C 107 -16.06 12.58 -3.30
C ASN C 107 -17.18 11.99 -4.15
N VAL C 108 -18.39 11.99 -3.61
CA VAL C 108 -19.55 11.53 -4.35
C VAL C 108 -20.71 12.49 -4.19
N LEU C 109 -21.67 12.38 -5.09
CA LEU C 109 -22.88 13.19 -5.06
C LEU C 109 -24.01 12.35 -5.63
N ILE C 110 -25.11 12.26 -4.87
CA ILE C 110 -26.30 11.58 -5.38
C ILE C 110 -27.52 12.46 -5.21
N ARG C 111 -28.20 12.74 -6.32
CA ARG C 111 -29.41 13.53 -6.29
C ARG C 111 -30.61 12.69 -6.67
N ILE C 112 -31.70 12.86 -5.94
CA ILE C 112 -32.94 12.15 -6.25
C ILE C 112 -34.01 13.15 -6.66
N HIS C 113 -34.11 13.41 -7.96
CA HIS C 113 -35.11 14.33 -8.48
C HIS C 113 -36.52 13.87 -8.14
N ASN C 114 -37.46 14.81 -8.11
CA ASN C 114 -38.83 14.52 -7.73
C ASN C 114 -39.49 13.41 -8.56
N ASP C 115 -39.18 13.37 -9.85
CA ASP C 115 -39.79 12.38 -10.74
C ASP C 115 -39.18 10.99 -10.57
N GLY C 116 -38.12 10.91 -9.77
CA GLY C 116 -37.46 9.64 -9.53
C GLY C 116 -36.15 9.50 -10.27
N THR C 117 -35.78 10.54 -11.02
CA THR C 117 -34.52 10.53 -11.73
C THR C 117 -33.36 10.70 -10.75
N VAL C 118 -32.38 9.82 -10.86
CA VAL C 118 -31.23 9.84 -9.97
C VAL C 118 -29.98 10.34 -10.69
N LEU C 119 -29.24 11.24 -10.06
CA LEU C 119 -27.93 11.64 -10.57
C LEU C 119 -26.84 11.10 -9.66
N TYR C 120 -25.79 10.55 -10.27
CA TYR C 120 -24.67 10.00 -9.53
C TYR C 120 -23.36 10.54 -10.09
N SER C 121 -22.57 11.17 -9.22
CA SER C 121 -21.30 11.75 -9.63
C SER C 121 -20.18 11.32 -8.69
N VAL C 122 -19.07 10.85 -9.26
CA VAL C 122 -17.97 10.34 -8.45
C VAL C 122 -16.62 10.57 -9.12
N ARG C 123 -15.63 10.98 -8.35
CA ARG C 123 -14.26 11.08 -8.86
C ARG C 123 -13.62 9.72 -8.81
N ILE C 124 -12.89 9.39 -9.87
CA ILE C 124 -12.21 8.10 -9.96
C ILE C 124 -10.86 8.27 -10.64
N SER C 125 -9.82 7.76 -10.02
CA SER C 125 -8.51 7.70 -10.65
C SER C 125 -8.32 6.30 -11.23
N LEU C 126 -7.87 6.24 -12.48
CA LEU C 126 -7.71 4.96 -13.15
C LEU C 126 -6.30 4.77 -13.73
N VAL C 127 -5.92 3.52 -13.88
CA VAL C 127 -4.76 3.14 -14.67
C VAL C 127 -5.23 2.13 -15.71
N LEU C 128 -5.35 2.59 -16.95
CA LEU C 128 -5.94 1.77 -18.00
C LEU C 128 -4.86 1.22 -18.92
N SER C 129 -5.12 0.06 -19.51
CA SER C 129 -4.21 -0.50 -20.50
C SER C 129 -4.54 0.07 -21.88
N CYS C 130 -3.50 0.49 -22.59
CA CYS C 130 -3.68 1.09 -23.91
C CYS C 130 -2.63 0.51 -24.85
N PRO C 131 -2.99 -0.55 -25.58
CA PRO C 131 -2.05 -1.16 -26.54
C PRO C 131 -1.60 -0.12 -27.54
N MET C 132 -0.29 0.05 -27.68
CA MET C 132 0.27 1.07 -28.56
C MET C 132 1.02 0.44 -29.72
N TYR C 133 1.09 1.17 -30.82
CA TYR C 133 1.72 0.67 -32.04
C TYR C 133 2.78 1.66 -32.52
N LEU C 134 4.05 1.24 -32.42
CA LEU C 134 5.17 2.15 -32.61
C LEU C 134 5.80 2.12 -34.00
N GLN C 135 5.05 1.67 -35.00
CA GLN C 135 5.58 1.56 -36.36
C GLN C 135 6.23 2.85 -36.84
N TYR C 136 5.62 3.99 -36.51
CA TYR C 136 6.18 5.29 -36.85
C TYR C 136 6.61 6.03 -35.58
N TYR C 137 7.17 5.29 -34.63
CA TYR C 137 7.34 5.76 -33.25
C TYR C 137 7.63 7.24 -33.02
N PRO C 138 8.69 7.78 -33.65
CA PRO C 138 8.99 9.18 -33.39
C PRO C 138 7.77 10.06 -33.70
N MET C 139 7.14 9.79 -34.84
CA MET C 139 5.97 10.55 -35.28
C MET C 139 4.71 9.68 -35.33
N ASP C 140 4.26 9.19 -34.18
CA ASP C 140 3.10 8.32 -34.16
C ASP C 140 1.87 8.96 -33.52
N VAL C 141 0.72 8.32 -33.66
CA VAL C 141 -0.47 8.67 -32.91
C VAL C 141 -1.05 7.42 -32.28
N GLN C 142 -1.32 7.49 -30.98
CA GLN C 142 -1.94 6.38 -30.27
C GLN C 142 -3.38 6.72 -29.95
N GLN C 143 -4.20 5.70 -29.76
CA GLN C 143 -5.58 5.91 -29.34
C GLN C 143 -5.87 5.11 -28.08
N CYS C 144 -6.10 5.82 -26.99
CA CYS C 144 -6.36 5.18 -25.72
C CYS C 144 -7.84 5.31 -25.37
N SER C 145 -8.36 4.29 -24.69
CA SER C 145 -9.79 4.23 -24.42
C SER C 145 -10.10 3.92 -22.97
N ILE C 146 -11.31 4.28 -22.56
CA ILE C 146 -11.84 3.89 -21.26
C ILE C 146 -13.13 3.13 -21.53
N ASP C 147 -13.21 1.90 -21.06
CA ASP C 147 -14.42 1.11 -21.24
C ASP C 147 -15.24 1.06 -19.96
N LEU C 148 -16.55 1.22 -20.12
CA LEU C 148 -17.46 1.24 -19.00
C LEU C 148 -18.60 0.28 -19.27
N ALA C 149 -18.90 -0.60 -18.31
CA ALA C 149 -19.96 -1.59 -18.50
C ALA C 149 -20.41 -2.18 -17.18
N SER C 150 -21.59 -2.80 -17.19
CA SER C 150 -22.11 -3.47 -16.00
C SER C 150 -21.46 -4.82 -15.82
N TYR C 151 -21.30 -5.27 -14.58
CA TYR C 151 -20.63 -6.55 -14.33
C TYR C 151 -21.60 -7.72 -14.19
N ALA C 152 -22.65 -7.53 -13.39
CA ALA C 152 -23.56 -8.62 -13.08
C ALA C 152 -24.83 -8.56 -13.92
N TYR C 153 -25.30 -7.34 -14.18
CA TYR C 153 -26.54 -7.15 -14.92
C TYR C 153 -26.32 -7.25 -16.43
N THR C 154 -27.16 -8.06 -17.07
CA THR C 154 -27.04 -8.31 -18.49
C THR C 154 -27.83 -7.28 -19.30
N THR C 155 -28.08 -7.58 -20.57
CA THR C 155 -28.71 -6.61 -21.46
C THR C 155 -30.20 -6.43 -21.19
N LYS C 156 -30.77 -7.31 -20.40
CA LYS C 156 -32.21 -7.28 -20.13
C LYS C 156 -32.51 -6.41 -18.92
N ASP C 157 -31.48 -6.13 -18.11
CA ASP C 157 -31.67 -5.42 -16.85
C ASP C 157 -31.11 -4.00 -16.88
N ILE C 158 -30.05 -3.81 -17.63
CA ILE C 158 -29.34 -2.53 -17.63
C ILE C 158 -28.71 -2.23 -18.98
N GLU C 159 -28.96 -1.02 -19.49
CA GLU C 159 -28.45 -0.64 -20.80
C GLU C 159 -27.80 0.72 -20.72
N TYR C 160 -26.55 0.82 -21.16
CA TYR C 160 -25.85 2.11 -21.13
C TYR C 160 -26.02 2.87 -22.43
N LEU C 161 -26.10 4.19 -22.29
CA LEU C 161 -26.20 5.09 -23.42
C LEU C 161 -25.47 6.37 -23.06
N TRP C 162 -24.65 6.86 -23.97
CA TRP C 162 -23.98 8.13 -23.76
C TRP C 162 -24.98 9.27 -23.72
N LYS C 163 -24.76 10.22 -22.81
CA LYS C 163 -25.62 11.39 -22.72
C LYS C 163 -25.79 11.96 -24.13
N GLU C 164 -26.95 12.53 -24.40
CA GLU C 164 -27.25 13.02 -25.74
C GLU C 164 -26.36 14.19 -26.13
N HIS C 165 -26.19 15.14 -25.21
CA HIS C 165 -25.38 16.32 -25.47
C HIS C 165 -24.07 16.30 -24.68
N SER C 166 -22.96 16.51 -25.39
CA SER C 166 -21.62 16.48 -24.80
C SER C 166 -21.45 15.35 -23.77
N PRO C 167 -21.35 14.11 -24.27
CA PRO C 167 -21.18 12.93 -23.42
C PRO C 167 -19.80 12.92 -22.77
N LEU C 168 -18.79 13.35 -23.51
CA LEU C 168 -17.44 13.46 -22.98
C LEU C 168 -17.02 14.91 -22.92
N GLN C 169 -16.54 15.33 -21.75
CA GLN C 169 -16.03 16.69 -21.57
C GLN C 169 -14.62 16.65 -21.01
N LEU C 170 -13.84 17.66 -21.34
CA LEU C 170 -12.48 17.77 -20.82
C LEU C 170 -12.35 19.00 -19.93
N LYS C 171 -11.61 18.87 -18.84
CA LYS C 171 -11.32 20.03 -18.01
C LYS C 171 -10.37 20.94 -18.76
N VAL C 172 -10.42 22.23 -18.46
CA VAL C 172 -9.62 23.20 -19.21
C VAL C 172 -8.12 23.00 -19.05
N GLY C 173 -7.70 22.63 -17.84
CA GLY C 173 -6.29 22.41 -17.58
C GLY C 173 -5.87 20.96 -17.75
N LEU C 174 -6.22 20.37 -18.89
CA LEU C 174 -5.86 18.99 -19.18
C LEU C 174 -4.65 18.93 -20.10
N SER C 175 -4.72 19.67 -21.20
CA SER C 175 -3.64 19.69 -22.18
C SER C 175 -2.36 20.28 -21.59
N SER C 176 -2.51 21.13 -20.58
CA SER C 176 -1.37 21.78 -19.94
C SER C 176 -0.67 20.83 -18.97
N SER C 177 -1.40 19.81 -18.51
CA SER C 177 -0.83 18.81 -17.63
C SER C 177 -0.34 17.61 -18.44
N LEU C 178 -0.43 17.75 -19.77
CA LEU C 178 -0.01 16.72 -20.70
C LEU C 178 1.00 17.33 -21.67
N PRO C 179 2.27 17.42 -21.26
CA PRO C 179 3.31 18.14 -22.00
C PRO C 179 3.84 17.37 -23.20
N SER C 180 3.90 16.05 -23.10
CA SER C 180 4.57 15.23 -24.11
C SER C 180 3.69 14.92 -25.32
N PHE C 181 2.38 15.01 -25.15
CA PHE C 181 1.46 14.73 -26.24
C PHE C 181 0.49 15.88 -26.52
N GLN C 182 -0.30 15.72 -27.57
CA GLN C 182 -1.34 16.67 -27.92
C GLN C 182 -2.64 15.93 -28.16
N LEU C 183 -3.63 16.15 -27.30
CA LEU C 183 -4.90 15.43 -27.38
C LEU C 183 -5.74 15.97 -28.52
N THR C 184 -5.52 15.42 -29.71
CA THR C 184 -6.11 15.95 -30.93
C THR C 184 -7.60 15.67 -31.11
N ASN C 185 -8.02 14.44 -30.86
CA ASN C 185 -9.41 14.05 -31.08
C ASN C 185 -9.97 13.13 -30.01
N THR C 186 -11.28 13.20 -29.79
CA THR C 186 -11.96 12.27 -28.88
C THR C 186 -13.24 11.74 -29.49
N SER C 187 -13.62 10.52 -29.11
CA SER C 187 -14.82 9.89 -29.65
C SER C 187 -15.59 9.14 -28.56
N THR C 188 -16.89 9.04 -28.76
CA THR C 188 -17.76 8.37 -27.79
C THR C 188 -18.54 7.24 -28.49
N THR C 189 -18.28 6.00 -28.09
CA THR C 189 -18.76 4.83 -28.82
C THR C 189 -19.33 3.74 -27.92
N TYR C 190 -19.90 2.70 -28.53
CA TYR C 190 -20.41 1.54 -27.80
C TYR C 190 -19.59 0.29 -28.08
N CYS C 191 -19.40 -0.52 -27.05
CA CYS C 191 -18.58 -1.73 -27.15
C CYS C 191 -19.30 -2.95 -26.58
N THR C 192 -20.62 -2.90 -26.56
CA THR C 192 -21.43 -4.03 -26.11
C THR C 192 -20.93 -5.31 -26.75
N SER C 193 -20.80 -6.37 -25.96
CA SER C 193 -20.29 -7.64 -26.48
C SER C 193 -21.09 -8.82 -25.96
N VAL C 194 -20.99 -9.94 -26.69
CA VAL C 194 -21.65 -11.17 -26.27
C VAL C 194 -20.64 -12.15 -25.70
N THR C 195 -20.79 -12.42 -24.40
CA THR C 195 -19.87 -13.30 -23.69
C THR C 195 -20.54 -14.63 -23.34
N ASN C 196 -19.82 -15.48 -22.62
CA ASN C 196 -20.35 -16.78 -22.24
C ASN C 196 -21.38 -16.69 -21.12
N THR C 197 -21.33 -15.61 -20.35
CA THR C 197 -22.30 -15.39 -19.27
C THR C 197 -23.48 -14.55 -19.72
N GLY C 198 -23.43 -14.04 -20.94
CA GLY C 198 -24.52 -13.26 -21.51
C GLY C 198 -24.08 -12.08 -22.35
N ILE C 199 -25.04 -11.26 -22.77
CA ILE C 199 -24.75 -10.07 -23.56
C ILE C 199 -24.74 -8.82 -22.69
N TYR C 200 -23.58 -8.18 -22.56
CA TYR C 200 -23.43 -7.03 -21.67
C TYR C 200 -23.28 -5.70 -22.40
N SER C 201 -24.06 -4.70 -21.99
CA SER C 201 -23.99 -3.37 -22.58
C SER C 201 -22.70 -2.66 -22.14
N CYS C 202 -22.12 -1.88 -23.03
CA CYS C 202 -20.82 -1.27 -22.76
C CYS C 202 -20.54 -0.02 -23.58
N LEU C 203 -20.07 1.04 -22.90
CA LEU C 203 -19.67 2.28 -23.56
C LEU C 203 -18.16 2.32 -23.70
N ARG C 204 -17.67 3.17 -24.59
CA ARG C 204 -16.24 3.35 -24.73
C ARG C 204 -15.88 4.74 -25.24
N THR C 205 -15.20 5.51 -24.40
CA THR C 205 -14.65 6.79 -24.82
C THR C 205 -13.22 6.59 -25.32
N THR C 206 -12.83 7.37 -26.31
CA THR C 206 -11.51 7.24 -26.91
C THR C 206 -10.83 8.58 -27.14
N ILE C 207 -9.62 8.74 -26.63
CA ILE C 207 -8.84 9.94 -26.88
C ILE C 207 -7.71 9.60 -27.84
N GLN C 208 -7.36 10.55 -28.69
CA GLN C 208 -6.28 10.35 -29.66
C GLN C 208 -5.07 11.22 -29.33
N LEU C 209 -3.95 10.57 -29.05
CA LEU C 209 -2.75 11.28 -28.60
C LEU C 209 -1.69 11.35 -29.70
N LYS C 210 -1.33 12.57 -30.07
CA LYS C 210 -0.29 12.82 -31.06
C LYS C 210 1.01 13.17 -30.35
N ARG C 211 2.07 12.42 -30.62
CA ARG C 211 3.32 12.62 -29.91
C ARG C 211 4.01 13.91 -30.34
N GLU C 212 4.41 14.72 -29.37
CA GLU C 212 5.10 15.98 -29.64
C GLU C 212 6.46 15.75 -30.29
N PHE C 213 6.74 16.52 -31.34
CA PHE C 213 7.92 16.29 -32.17
C PHE C 213 9.16 17.09 -31.75
N SER C 214 8.93 18.28 -31.18
CA SER C 214 10.02 19.16 -30.80
C SER C 214 11.14 18.45 -30.05
N PHE C 215 10.77 17.53 -29.17
CA PHE C 215 11.76 16.79 -28.39
C PHE C 215 12.63 15.91 -29.29
N TYR C 216 11.98 15.17 -30.19
CA TYR C 216 12.71 14.23 -31.04
C TYR C 216 13.51 14.97 -32.10
N LEU C 217 13.04 16.15 -32.49
CA LEU C 217 13.82 16.99 -33.39
C LEU C 217 15.14 17.36 -32.75
N LEU C 218 15.09 17.83 -31.50
CA LEU C 218 16.28 18.34 -30.81
C LEU C 218 17.18 17.26 -30.21
N GLN C 219 16.60 16.15 -29.77
CA GLN C 219 17.38 15.13 -29.07
C GLN C 219 17.78 13.96 -29.94
N LEU C 220 17.22 13.89 -31.16
CA LEU C 220 17.50 12.76 -32.03
C LEU C 220 17.94 13.16 -33.44
N TYR C 221 17.09 13.89 -34.15
CA TYR C 221 17.37 14.22 -35.54
C TYR C 221 18.48 15.24 -35.72
N ILE C 222 18.32 16.41 -35.10
CA ILE C 222 19.34 17.45 -35.18
C ILE C 222 20.73 16.92 -34.85
N PRO C 223 20.89 16.32 -33.65
CA PRO C 223 22.21 15.86 -33.22
C PRO C 223 22.79 14.76 -34.11
N SER C 224 21.94 13.99 -34.80
CA SER C 224 22.44 12.97 -35.70
C SER C 224 22.96 13.57 -36.99
N CYS C 225 22.26 14.58 -37.51
CA CYS C 225 22.74 15.28 -38.68
C CYS C 225 24.06 15.95 -38.36
N MET C 226 24.08 16.62 -37.21
CA MET C 226 25.30 17.27 -36.73
C MET C 226 26.43 16.26 -36.56
N LEU C 227 26.06 15.00 -36.36
CA LEU C 227 27.02 13.93 -36.18
C LEU C 227 27.50 13.37 -37.52
N VAL C 228 26.58 13.23 -38.46
CA VAL C 228 26.91 12.77 -39.80
C VAL C 228 27.74 13.82 -40.53
N ILE C 229 27.37 15.08 -40.36
CA ILE C 229 28.07 16.18 -41.00
C ILE C 229 29.54 16.26 -40.53
N VAL C 230 29.78 15.92 -39.28
CA VAL C 230 31.14 15.91 -38.75
C VAL C 230 31.99 14.84 -39.44
N SER C 231 31.38 13.70 -39.73
CA SER C 231 32.11 12.62 -40.39
C SER C 231 32.54 13.01 -41.80
N TRP C 232 31.98 14.10 -42.31
CA TRP C 232 32.30 14.58 -43.66
C TRP C 232 33.51 15.51 -43.67
N VAL C 233 33.74 16.21 -42.56
CA VAL C 233 34.83 17.18 -42.51
C VAL C 233 36.18 16.48 -42.57
N SER C 234 36.15 15.16 -42.62
CA SER C 234 37.40 14.40 -42.76
C SER C 234 37.73 14.15 -44.23
N PHE C 235 36.81 14.54 -45.12
CA PHE C 235 37.05 14.46 -46.55
C PHE C 235 37.93 15.61 -47.00
N TRP C 236 38.18 16.55 -46.09
CA TRP C 236 38.94 17.75 -46.42
C TRP C 236 40.32 17.73 -45.79
N PHE C 237 40.60 16.68 -45.03
CA PHE C 237 41.94 16.46 -44.50
C PHE C 237 42.78 15.72 -45.52
N ASP C 238 44.06 16.08 -45.62
CA ASP C 238 44.98 15.41 -46.55
C ASP C 238 44.98 13.90 -46.35
N ARG C 239 45.00 13.17 -47.46
CA ARG C 239 44.92 11.71 -47.42
C ARG C 239 46.10 11.08 -46.69
N THR C 240 47.09 11.90 -46.36
CA THR C 240 48.29 11.43 -45.68
C THR C 240 48.05 11.33 -44.18
N ALA C 241 47.27 12.26 -43.65
CA ALA C 241 46.93 12.26 -42.23
C ALA C 241 45.68 11.43 -41.96
N ILE C 242 45.81 10.12 -42.08
CA ILE C 242 44.69 9.21 -41.82
C ILE C 242 44.29 9.16 -40.34
N PRO C 243 45.26 9.33 -39.42
CA PRO C 243 44.88 9.32 -38.01
C PRO C 243 43.72 10.27 -37.71
N ALA C 244 43.72 11.44 -38.35
CA ALA C 244 42.66 12.41 -38.14
C ALA C 244 41.32 11.91 -38.66
N ARG C 245 41.34 11.26 -39.83
CA ARG C 245 40.13 10.75 -40.44
C ARG C 245 39.47 9.64 -39.63
N VAL C 246 40.28 8.66 -39.22
CA VAL C 246 39.78 7.56 -38.40
C VAL C 246 39.22 8.08 -37.08
N THR C 247 39.95 8.99 -36.43
CA THR C 247 39.47 9.56 -35.17
C THR C 247 38.08 10.15 -35.32
N LEU C 248 37.86 10.91 -36.39
CA LEU C 248 36.55 11.47 -36.66
C LEU C 248 35.52 10.36 -36.93
N GLY C 249 35.73 9.63 -38.02
CA GLY C 249 34.80 8.60 -38.45
C GLY C 249 34.41 7.60 -37.37
N VAL C 250 35.34 7.27 -36.48
CA VAL C 250 35.10 6.29 -35.43
C VAL C 250 34.37 6.90 -34.23
N THR C 251 34.76 8.10 -33.83
CA THR C 251 34.12 8.78 -32.71
C THR C 251 32.66 9.11 -33.02
N THR C 252 32.41 9.54 -34.24
CA THR C 252 31.05 9.87 -34.66
C THR C 252 30.19 8.62 -34.75
N LEU C 253 30.82 7.51 -35.15
CA LEU C 253 30.10 6.23 -35.24
C LEU C 253 29.76 5.69 -33.85
N LEU C 254 30.73 5.72 -32.95
CA LEU C 254 30.54 5.28 -31.58
C LEU C 254 29.46 6.13 -30.91
N THR C 255 29.59 7.45 -30.99
CA THR C 255 28.59 8.36 -30.43
C THR C 255 27.20 8.05 -30.99
N MET C 256 27.13 7.77 -32.28
CA MET C 256 25.87 7.42 -32.92
C MET C 256 25.24 6.26 -32.17
N THR C 257 26.03 5.23 -31.90
CA THR C 257 25.56 4.06 -31.16
C THR C 257 24.98 4.46 -29.81
N ALA C 258 25.78 5.14 -29.00
CA ALA C 258 25.33 5.60 -27.69
C ALA C 258 23.98 6.30 -27.79
N GLN C 259 23.89 7.29 -28.67
CA GLN C 259 22.66 8.05 -28.83
C GLN C 259 21.46 7.14 -29.05
N SER C 260 21.59 6.19 -29.97
CA SER C 260 20.51 5.25 -30.25
C SER C 260 20.16 4.41 -29.04
N ALA C 261 21.18 3.94 -28.34
CA ALA C 261 20.99 3.17 -27.11
C ALA C 261 20.10 3.94 -26.15
N GLY C 262 20.30 5.25 -26.09
CA GLY C 262 19.48 6.11 -25.25
C GLY C 262 18.01 6.04 -25.61
N ILE C 263 17.69 6.37 -26.86
CA ILE C 263 16.31 6.35 -27.33
C ILE C 263 15.70 4.96 -27.15
N ASN C 264 16.42 3.94 -27.60
CA ASN C 264 15.92 2.58 -27.57
C ASN C 264 15.70 2.00 -26.17
N SER C 265 16.29 2.62 -25.16
CA SER C 265 16.17 2.13 -23.79
C SER C 265 14.81 2.46 -23.18
N GLN C 266 14.18 3.52 -23.67
CA GLN C 266 12.89 3.95 -23.15
C GLN C 266 11.74 3.23 -23.85
N LEU C 267 12.07 2.34 -24.77
CA LEU C 267 11.06 1.64 -25.56
C LEU C 267 10.99 0.16 -25.22
N PRO C 268 9.79 -0.43 -25.33
CA PRO C 268 9.63 -1.87 -25.11
C PRO C 268 10.08 -2.63 -26.34
N PRO C 269 10.71 -3.79 -26.17
CA PRO C 269 11.08 -4.58 -27.35
C PRO C 269 9.82 -5.02 -28.10
N VAL C 270 9.79 -4.73 -29.41
CA VAL C 270 8.65 -5.07 -30.23
C VAL C 270 9.04 -6.07 -31.31
N SER C 271 8.10 -6.41 -32.18
CA SER C 271 8.35 -7.40 -33.22
C SER C 271 8.42 -6.79 -34.61
N TYR C 272 8.34 -5.46 -34.67
CA TYR C 272 8.36 -4.76 -35.96
C TYR C 272 9.48 -3.73 -36.04
N ILE C 273 9.74 -3.23 -37.24
CA ILE C 273 10.77 -2.21 -37.42
C ILE C 273 10.15 -0.82 -37.36
N LYS C 274 10.61 -0.02 -36.39
CA LYS C 274 10.09 1.33 -36.21
C LYS C 274 10.78 2.30 -37.16
N ALA C 275 10.11 3.41 -37.46
CA ALA C 275 10.67 4.43 -38.35
C ALA C 275 11.92 5.04 -37.74
N ILE C 276 11.98 5.02 -36.41
CA ILE C 276 13.17 5.47 -35.69
C ILE C 276 14.36 4.59 -36.05
N ASP C 277 14.10 3.31 -36.30
CA ASP C 277 15.15 2.35 -36.63
C ASP C 277 15.71 2.65 -38.01
N VAL C 278 14.82 2.94 -38.95
CA VAL C 278 15.24 3.27 -40.32
C VAL C 278 16.12 4.51 -40.33
N TRP C 279 15.87 5.44 -39.43
CA TRP C 279 16.63 6.68 -39.44
C TRP C 279 17.99 6.55 -38.75
N ILE C 280 18.04 5.86 -37.62
CA ILE C 280 19.31 5.59 -36.97
C ILE C 280 20.18 4.74 -37.89
N GLY C 281 19.57 3.69 -38.44
CA GLY C 281 20.29 2.76 -39.30
C GLY C 281 20.92 3.42 -40.51
N ALA C 282 20.22 4.36 -41.10
CA ALA C 282 20.71 5.06 -42.28
C ALA C 282 21.92 5.93 -41.94
N CYS C 283 21.76 6.78 -40.94
CA CYS C 283 22.85 7.64 -40.51
C CYS C 283 24.07 6.79 -40.14
N MET C 284 23.82 5.66 -39.52
CA MET C 284 24.87 4.72 -39.16
C MET C 284 25.67 4.34 -40.40
N THR C 285 24.97 4.11 -41.51
CA THR C 285 25.60 3.69 -42.76
C THR C 285 26.45 4.80 -43.37
N PHE C 286 25.91 6.01 -43.42
CA PHE C 286 26.65 7.16 -43.94
C PHE C 286 27.98 7.35 -43.23
N ILE C 287 28.01 7.07 -41.93
CA ILE C 287 29.25 7.18 -41.17
C ILE C 287 30.13 5.96 -41.42
N PHE C 288 29.50 4.81 -41.61
CA PHE C 288 30.24 3.58 -41.89
C PHE C 288 30.91 3.63 -43.25
N CYS C 289 30.22 4.24 -44.22
CA CYS C 289 30.77 4.38 -45.57
C CYS C 289 31.85 5.45 -45.62
N ALA C 290 31.79 6.39 -44.68
CA ALA C 290 32.85 7.38 -44.55
C ALA C 290 34.16 6.69 -44.20
N LEU C 291 34.13 5.85 -43.16
CA LEU C 291 35.29 5.06 -42.78
C LEU C 291 35.77 4.24 -43.96
N LEU C 292 34.85 3.52 -44.58
CA LEU C 292 35.17 2.69 -45.73
C LEU C 292 35.93 3.50 -46.78
N GLU C 293 35.46 4.72 -47.03
CA GLU C 293 36.11 5.60 -47.99
C GLU C 293 37.55 5.90 -47.58
N PHE C 294 37.75 6.20 -46.29
CA PHE C 294 39.10 6.46 -45.77
C PHE C 294 40.04 5.32 -46.14
N ALA C 295 39.61 4.10 -45.88
CA ALA C 295 40.41 2.92 -46.19
C ALA C 295 40.69 2.82 -47.68
N LEU C 296 39.65 2.95 -48.49
CA LEU C 296 39.80 2.90 -49.94
C LEU C 296 40.79 3.95 -50.44
N VAL C 297 40.61 5.19 -49.99
CA VAL C 297 41.49 6.28 -50.40
C VAL C 297 42.93 6.06 -49.96
N ASN C 298 43.11 5.77 -48.68
CA ASN C 298 44.43 5.56 -48.13
C ASN C 298 45.15 4.36 -48.76
N HIS C 299 44.38 3.35 -49.13
CA HIS C 299 44.96 2.12 -49.69
C HIS C 299 45.50 2.30 -51.10
N ILE C 300 44.71 2.90 -51.97
CA ILE C 300 45.14 3.15 -53.35
C ILE C 300 46.02 4.39 -53.44
N ALA C 301 46.26 5.04 -52.30
CA ALA C 301 47.11 6.22 -52.25
C ALA C 301 48.58 5.85 -52.17
N ASN C 302 48.92 4.97 -51.23
CA ASN C 302 50.30 4.56 -51.03
C ASN C 302 50.85 3.69 -52.16
N ALA C 303 49.96 3.15 -53.00
CA ALA C 303 50.38 2.38 -54.16
C ALA C 303 51.34 3.19 -55.01
N GLY C 304 52.52 2.62 -55.29
CA GLY C 304 53.58 3.33 -55.96
C GLY C 304 53.20 4.19 -57.16
N THR C 305 52.46 3.61 -58.09
CA THR C 305 52.16 4.30 -59.35
C THR C 305 51.26 5.52 -59.15
N THR C 306 51.54 6.58 -59.91
CA THR C 306 50.74 7.80 -59.85
C THR C 306 49.36 7.56 -60.48
N GLU C 307 49.19 6.39 -61.09
CA GLU C 307 47.92 6.03 -61.71
C GLU C 307 46.82 5.94 -60.65
N TRP C 308 47.12 5.28 -59.54
CA TRP C 308 46.18 5.13 -58.45
C TRP C 308 46.14 6.37 -57.58
N ASN C 309 47.28 7.05 -57.46
CA ASN C 309 47.38 8.21 -56.58
C ASN C 309 46.36 9.30 -56.90
N ASP C 310 46.27 9.70 -58.17
CA ASP C 310 45.32 10.73 -58.56
C ASP C 310 43.87 10.22 -58.52
N ILE C 311 43.71 8.90 -58.60
CA ILE C 311 42.40 8.27 -58.39
C ILE C 311 41.99 8.46 -56.94
N SER C 312 42.94 8.24 -56.04
CA SER C 312 42.73 8.48 -54.63
C SER C 312 42.19 9.90 -54.42
N LYS C 313 42.83 10.86 -55.06
CA LYS C 313 42.41 12.26 -54.98
C LYS C 313 41.00 12.43 -55.53
N ARG C 314 40.71 11.69 -56.61
CA ARG C 314 39.42 11.79 -57.28
C ARG C 314 38.28 11.30 -56.40
N VAL C 315 38.55 10.28 -55.60
CA VAL C 315 37.56 9.70 -54.69
C VAL C 315 37.13 10.72 -53.63
N ASP C 316 38.09 11.49 -53.14
CA ASP C 316 37.77 12.54 -52.16
C ASP C 316 36.88 13.61 -52.78
N LEU C 317 37.30 14.13 -53.93
CA LEU C 317 36.53 15.16 -54.62
C LEU C 317 35.09 14.74 -54.81
N ILE C 318 34.88 13.50 -55.22
CA ILE C 318 33.54 12.97 -55.42
C ILE C 318 32.78 12.79 -54.10
N SER C 319 33.48 12.31 -53.08
CA SER C 319 32.86 12.10 -51.78
C SER C 319 32.38 13.41 -51.16
N ARG C 320 33.21 14.44 -51.24
CA ARG C 320 32.90 15.74 -50.67
C ARG C 320 31.55 16.27 -51.13
N ALA C 321 31.06 15.75 -52.25
CA ALA C 321 29.79 16.19 -52.81
C ALA C 321 28.74 15.08 -52.81
N LEU C 322 29.17 13.87 -53.13
CA LEU C 322 28.26 12.73 -53.23
C LEU C 322 27.57 12.42 -51.91
N PHE C 323 28.35 12.37 -50.83
CA PHE C 323 27.80 12.09 -49.50
C PHE C 323 26.68 13.07 -49.13
N PRO C 324 26.98 14.38 -49.09
CA PRO C 324 25.94 15.35 -48.79
C PRO C 324 24.72 15.18 -49.68
N VAL C 325 24.93 15.13 -51.00
CA VAL C 325 23.81 14.97 -51.93
C VAL C 325 22.98 13.73 -51.60
N LEU C 326 23.65 12.60 -51.40
CA LEU C 326 22.96 11.36 -51.07
C LEU C 326 22.21 11.42 -49.74
N PHE C 327 22.84 12.04 -48.74
CA PHE C 327 22.21 12.18 -47.42
C PHE C 327 20.99 13.09 -47.51
N PHE C 328 21.08 14.11 -48.35
CA PHE C 328 19.95 15.02 -48.58
C PHE C 328 18.84 14.27 -49.27
N VAL C 329 19.20 13.44 -50.25
CA VAL C 329 18.24 12.62 -50.95
C VAL C 329 17.54 11.68 -49.98
N PHE C 330 18.31 11.09 -49.08
CA PHE C 330 17.74 10.22 -48.06
C PHE C 330 16.70 10.94 -47.23
N ASN C 331 17.10 12.06 -46.62
CA ASN C 331 16.17 12.85 -45.83
C ASN C 331 14.85 13.06 -46.56
N ILE C 332 14.93 13.45 -47.82
CA ILE C 332 13.74 13.71 -48.62
C ILE C 332 12.84 12.47 -48.69
N LEU C 333 13.44 11.33 -49.00
CA LEU C 333 12.67 10.08 -49.03
C LEU C 333 12.13 9.75 -47.65
N TYR C 334 12.98 9.85 -46.64
CA TYR C 334 12.61 9.50 -45.28
C TYR C 334 11.42 10.31 -44.76
N TRP C 335 11.51 11.63 -44.87
CA TRP C 335 10.47 12.49 -44.30
C TRP C 335 9.16 12.42 -45.06
N SER C 336 9.23 12.17 -46.36
CA SER C 336 8.02 12.03 -47.16
C SER C 336 7.34 10.70 -46.84
N ARG C 337 8.12 9.77 -46.30
CA ARG C 337 7.62 8.44 -45.99
C ARG C 337 7.04 8.35 -44.59
N PHE C 338 7.54 9.16 -43.67
CA PHE C 338 7.16 9.04 -42.25
C PHE C 338 6.60 10.31 -41.65
N GLY C 339 6.76 11.44 -42.34
CA GLY C 339 6.25 12.71 -41.87
C GLY C 339 4.74 12.84 -42.05
N SER D 1 -40.78 -10.68 -7.02
CA SER D 1 -40.45 -11.92 -7.72
C SER D 1 -39.06 -12.40 -7.31
N ASP D 2 -38.02 -11.82 -7.91
CA ASP D 2 -36.65 -12.19 -7.57
C ASP D 2 -36.37 -11.97 -6.08
N SER D 3 -36.70 -10.77 -5.59
CA SER D 3 -36.50 -10.45 -4.19
C SER D 3 -37.26 -11.41 -3.27
N LYS D 4 -38.40 -11.89 -3.75
CA LYS D 4 -39.21 -12.85 -3.00
C LYS D 4 -38.60 -14.24 -3.02
N ILE D 5 -38.09 -14.64 -4.17
CA ILE D 5 -37.42 -15.93 -4.32
C ILE D 5 -36.20 -16.03 -3.42
N LEU D 6 -35.42 -14.94 -3.38
CA LEU D 6 -34.26 -14.87 -2.51
C LEU D 6 -34.69 -14.97 -1.06
N ALA D 7 -35.70 -14.19 -0.69
CA ALA D 7 -36.23 -14.19 0.66
C ALA D 7 -36.61 -15.61 1.10
N HIS D 8 -37.28 -16.34 0.22
CA HIS D 8 -37.72 -17.70 0.51
C HIS D 8 -36.57 -18.62 0.85
N LEU D 9 -35.45 -18.46 0.15
CA LEU D 9 -34.29 -19.32 0.31
C LEU D 9 -33.58 -19.12 1.65
N PHE D 10 -33.58 -17.88 2.14
CA PHE D 10 -32.82 -17.55 3.35
C PHE D 10 -33.69 -17.37 4.59
N THR D 11 -35.00 -17.38 4.41
CA THR D 11 -35.92 -17.29 5.54
C THR D 11 -35.85 -18.58 6.35
N SER D 12 -35.66 -19.69 5.65
CA SER D 12 -35.46 -20.98 6.29
C SER D 12 -34.07 -20.99 6.93
N GLY D 13 -33.71 -22.11 7.54
CA GLY D 13 -32.40 -22.24 8.16
C GLY D 13 -31.32 -22.55 7.13
N TYR D 14 -30.54 -21.53 6.77
CA TYR D 14 -29.44 -21.72 5.83
C TYR D 14 -28.13 -21.19 6.39
N ASP D 15 -27.09 -22.02 6.32
CA ASP D 15 -25.81 -21.67 6.90
C ASP D 15 -24.71 -21.61 5.84
N PHE D 16 -24.23 -20.40 5.54
CA PHE D 16 -23.21 -20.22 4.52
C PHE D 16 -21.87 -20.81 4.97
N ARG D 17 -21.81 -21.24 6.21
CA ARG D 17 -20.59 -21.81 6.76
C ARG D 17 -20.59 -23.31 6.55
N VAL D 18 -21.77 -23.86 6.30
CA VAL D 18 -21.93 -25.29 6.07
C VAL D 18 -21.79 -25.62 4.59
N ARG D 19 -20.90 -26.55 4.30
CA ARG D 19 -20.70 -27.04 2.93
C ARG D 19 -22.02 -27.58 2.38
N PRO D 20 -22.26 -27.40 1.07
CA PRO D 20 -23.46 -27.94 0.43
C PRO D 20 -23.50 -29.46 0.55
N PRO D 21 -24.68 -30.02 0.86
CA PRO D 21 -24.87 -31.46 0.97
C PRO D 21 -24.70 -32.18 -0.37
N THR D 22 -24.41 -33.47 -0.32
CA THR D 22 -24.26 -34.27 -1.53
C THR D 22 -25.09 -35.54 -1.43
N ASP D 23 -25.40 -36.14 -2.57
CA ASP D 23 -26.24 -37.33 -2.61
C ASP D 23 -25.56 -38.56 -2.00
N ASN D 24 -24.26 -38.71 -2.29
CA ASN D 24 -23.52 -39.86 -1.79
C ASN D 24 -22.48 -39.47 -0.74
N GLY D 25 -22.56 -38.25 -0.23
CA GLY D 25 -21.60 -37.75 0.74
C GLY D 25 -20.31 -37.33 0.06
N GLY D 26 -20.30 -37.42 -1.27
CA GLY D 26 -19.14 -37.04 -2.06
C GLY D 26 -18.75 -35.60 -1.85
N PRO D 27 -17.66 -35.17 -2.50
CA PRO D 27 -17.19 -33.78 -2.36
C PRO D 27 -17.97 -32.85 -3.29
N VAL D 28 -18.09 -31.59 -2.89
CA VAL D 28 -18.69 -30.58 -3.76
C VAL D 28 -17.80 -30.41 -4.97
N VAL D 29 -18.35 -30.62 -6.17
CA VAL D 29 -17.56 -30.48 -7.39
C VAL D 29 -17.67 -29.07 -7.94
N VAL D 30 -16.55 -28.37 -7.99
CA VAL D 30 -16.50 -27.00 -8.49
C VAL D 30 -15.90 -26.94 -9.89
N SER D 31 -16.72 -26.61 -10.88
CA SER D 31 -16.24 -26.46 -12.24
C SER D 31 -15.66 -25.07 -12.41
N VAL D 32 -14.50 -24.97 -13.06
CA VAL D 32 -13.80 -23.70 -13.17
C VAL D 32 -13.56 -23.24 -14.61
N ASN D 33 -13.92 -22.00 -14.88
CA ASN D 33 -13.59 -21.34 -16.13
C ASN D 33 -12.67 -20.17 -15.83
N MET D 34 -11.80 -19.83 -16.77
CA MET D 34 -10.82 -18.78 -16.55
C MET D 34 -10.62 -17.96 -17.81
N LEU D 35 -10.75 -16.64 -17.69
CA LEU D 35 -10.61 -15.75 -18.83
C LEU D 35 -9.50 -14.74 -18.59
N LEU D 36 -8.38 -14.90 -19.30
CA LEU D 36 -7.27 -13.97 -19.21
C LEU D 36 -7.56 -12.70 -19.99
N ARG D 37 -7.46 -11.56 -19.31
CA ARG D 37 -7.71 -10.27 -19.93
C ARG D 37 -6.41 -9.65 -20.44
N THR D 38 -5.41 -9.60 -19.56
CA THR D 38 -4.12 -9.04 -19.90
C THR D 38 -2.99 -9.72 -19.13
N ILE D 39 -1.88 -9.97 -19.83
CA ILE D 39 -0.67 -10.51 -19.22
C ILE D 39 0.45 -9.53 -19.42
N SER D 40 0.92 -8.90 -18.34
CA SER D 40 1.85 -7.78 -18.45
C SER D 40 2.99 -7.86 -17.44
N LYS D 41 3.93 -6.94 -17.57
CA LYS D 41 5.07 -6.84 -16.66
C LYS D 41 5.71 -8.20 -16.38
N ILE D 42 6.30 -8.79 -17.42
CA ILE D 42 6.97 -10.08 -17.27
C ILE D 42 8.41 -9.90 -16.82
N ASP D 43 8.59 -9.88 -15.50
CA ASP D 43 9.87 -9.58 -14.88
C ASP D 43 10.83 -10.77 -14.91
N VAL D 44 11.95 -10.63 -15.61
CA VAL D 44 12.93 -11.71 -15.73
C VAL D 44 13.88 -11.75 -14.55
N VAL D 45 14.13 -10.59 -13.94
CA VAL D 45 15.02 -10.50 -12.80
C VAL D 45 14.43 -11.18 -11.56
N ASN D 46 13.19 -10.81 -11.22
CA ASN D 46 12.51 -11.42 -10.09
C ASN D 46 11.71 -12.65 -10.48
N MET D 47 11.75 -12.97 -11.77
CA MET D 47 11.04 -14.13 -12.29
C MET D 47 9.60 -14.19 -11.78
N GLU D 48 8.81 -13.25 -12.26
CA GLU D 48 7.39 -13.24 -12.00
C GLU D 48 6.71 -12.46 -13.12
N TYR D 49 5.40 -12.56 -13.21
CA TYR D 49 4.65 -11.79 -14.20
C TYR D 49 3.31 -11.38 -13.62
N SER D 50 2.75 -10.30 -14.13
CA SER D 50 1.42 -9.89 -13.71
C SER D 50 0.38 -10.36 -14.72
N ALA D 51 -0.87 -10.44 -14.30
CA ALA D 51 -1.95 -10.89 -15.17
C ALA D 51 -3.30 -10.60 -14.52
N GLN D 52 -4.22 -10.04 -15.30
CA GLN D 52 -5.57 -9.82 -14.83
C GLN D 52 -6.53 -10.79 -15.51
N LEU D 53 -7.31 -11.50 -14.71
CA LEU D 53 -8.19 -12.53 -15.24
C LEU D 53 -9.57 -12.45 -14.61
N THR D 54 -10.51 -13.17 -15.21
CA THR D 54 -11.84 -13.33 -14.62
C THR D 54 -12.02 -14.78 -14.19
N LEU D 55 -12.14 -15.00 -12.89
CA LEU D 55 -12.38 -16.33 -12.36
C LEU D 55 -13.86 -16.63 -12.44
N ARG D 56 -14.20 -17.86 -12.82
CA ARG D 56 -15.59 -18.28 -12.93
C ARG D 56 -15.81 -19.65 -12.30
N GLU D 57 -16.47 -19.67 -11.15
CA GLU D 57 -16.68 -20.93 -10.44
C GLU D 57 -18.15 -21.32 -10.48
N SER D 58 -18.41 -22.63 -10.55
CA SER D 58 -19.76 -23.14 -10.66
C SER D 58 -19.92 -24.47 -9.92
N TRP D 59 -20.78 -24.48 -8.91
CA TRP D 59 -21.06 -25.70 -8.14
C TRP D 59 -22.55 -25.83 -7.90
N ILE D 60 -22.96 -26.96 -7.32
CA ILE D 60 -24.36 -27.18 -7.00
C ILE D 60 -24.64 -27.11 -5.51
N ASP D 61 -25.66 -26.34 -5.14
CA ASP D 61 -26.06 -26.20 -3.75
C ASP D 61 -27.57 -26.41 -3.68
N LYS D 62 -27.99 -27.66 -3.51
CA LYS D 62 -29.41 -28.00 -3.52
C LYS D 62 -30.24 -27.12 -2.59
N ARG D 63 -29.63 -26.70 -1.48
CA ARG D 63 -30.30 -25.84 -0.52
C ARG D 63 -30.79 -24.54 -1.16
N LEU D 64 -30.15 -24.15 -2.27
CA LEU D 64 -30.46 -22.87 -2.90
C LEU D 64 -31.46 -23.00 -4.05
N SER D 65 -31.83 -24.23 -4.38
CA SER D 65 -32.79 -24.45 -5.46
C SER D 65 -34.17 -23.92 -5.06
N TYR D 66 -34.75 -23.11 -5.94
CA TYR D 66 -36.04 -22.46 -5.67
C TYR D 66 -37.03 -22.87 -6.74
N GLY D 67 -36.58 -22.84 -8.00
CA GLY D 67 -37.43 -23.17 -9.11
C GLY D 67 -37.46 -24.65 -9.40
N VAL D 68 -36.40 -25.34 -8.96
CA VAL D 68 -36.27 -26.76 -9.23
C VAL D 68 -36.46 -27.00 -10.73
N LYS D 69 -37.52 -27.73 -11.10
CA LYS D 69 -37.84 -27.90 -12.51
C LYS D 69 -38.20 -26.54 -13.11
N GLY D 70 -38.87 -25.72 -12.31
CA GLY D 70 -39.22 -24.36 -12.68
C GLY D 70 -40.15 -24.32 -13.87
N ASP D 71 -39.66 -23.75 -14.97
CA ASP D 71 -40.43 -23.67 -16.21
C ASP D 71 -41.69 -22.83 -16.03
N GLY D 72 -41.89 -22.33 -14.82
CA GLY D 72 -42.89 -21.33 -14.53
C GLY D 72 -42.21 -20.09 -13.96
N GLN D 73 -40.95 -20.28 -13.54
CA GLN D 73 -40.19 -19.22 -12.87
C GLN D 73 -38.94 -18.81 -13.65
N PRO D 74 -38.26 -17.74 -13.19
CA PRO D 74 -37.02 -17.28 -13.85
C PRO D 74 -35.94 -18.35 -13.76
N ASP D 75 -35.17 -18.50 -14.85
CA ASP D 75 -34.15 -19.55 -14.91
C ASP D 75 -33.17 -19.43 -13.75
N PHE D 76 -32.66 -18.23 -13.52
CA PHE D 76 -31.77 -17.96 -12.40
C PHE D 76 -32.11 -16.63 -11.77
N VAL D 77 -31.84 -16.49 -10.48
CA VAL D 77 -32.05 -15.24 -9.79
C VAL D 77 -30.70 -14.68 -9.38
N ILE D 78 -30.46 -13.41 -9.70
CA ILE D 78 -29.20 -12.76 -9.31
C ILE D 78 -29.13 -12.56 -7.81
N LEU D 79 -28.07 -13.05 -7.20
CA LEU D 79 -27.87 -12.88 -5.76
C LEU D 79 -27.56 -11.43 -5.44
N THR D 80 -28.43 -10.80 -4.64
CA THR D 80 -28.24 -9.41 -4.25
C THR D 80 -27.41 -9.30 -2.98
N VAL D 81 -26.96 -8.10 -2.67
CA VAL D 81 -26.14 -7.85 -1.49
C VAL D 81 -26.90 -8.16 -0.20
N GLY D 82 -26.22 -8.76 0.77
CA GLY D 82 -26.83 -9.03 2.06
C GLY D 82 -27.32 -10.47 2.20
N HIS D 83 -27.00 -11.30 1.23
CA HIS D 83 -27.33 -12.72 1.29
C HIS D 83 -26.09 -13.58 1.20
N GLN D 84 -25.74 -14.22 2.31
CA GLN D 84 -24.55 -15.05 2.37
C GLN D 84 -24.77 -16.40 1.70
N ILE D 85 -23.73 -16.92 1.06
CA ILE D 85 -23.77 -18.21 0.39
C ILE D 85 -22.45 -18.93 0.53
N TRP D 86 -22.49 -20.23 0.83
CA TRP D 86 -21.25 -20.99 0.89
C TRP D 86 -20.51 -20.88 -0.44
N MET D 87 -19.23 -20.56 -0.37
CA MET D 87 -18.40 -20.47 -1.56
C MET D 87 -17.07 -21.17 -1.35
N PRO D 88 -16.55 -21.83 -2.40
CA PRO D 88 -15.23 -22.46 -2.33
C PRO D 88 -14.17 -21.45 -1.94
N ASP D 89 -13.44 -21.72 -0.85
CA ASP D 89 -12.42 -20.80 -0.39
C ASP D 89 -11.15 -20.90 -1.23
N THR D 90 -11.31 -20.80 -2.56
CA THR D 90 -10.19 -20.92 -3.48
C THR D 90 -9.16 -19.81 -3.33
N PHE D 91 -7.90 -20.18 -3.52
CA PHE D 91 -6.81 -19.21 -3.52
C PHE D 91 -5.82 -19.60 -4.60
N PHE D 92 -4.88 -18.71 -4.91
CA PHE D 92 -3.90 -18.97 -5.94
C PHE D 92 -2.52 -19.27 -5.32
N PRO D 93 -2.18 -20.56 -5.18
CA PRO D 93 -0.95 -21.00 -4.52
C PRO D 93 0.32 -20.23 -4.94
N ASN D 94 0.47 -19.92 -6.22
CA ASN D 94 1.66 -19.23 -6.68
C ASN D 94 1.48 -17.73 -6.86
N GLU D 95 0.45 -17.18 -6.23
CA GLU D 95 0.20 -15.75 -6.24
C GLU D 95 1.05 -15.07 -5.18
N LYS D 96 1.79 -14.04 -5.57
CA LYS D 96 2.61 -13.28 -4.62
C LYS D 96 1.88 -12.02 -4.19
N GLN D 97 1.00 -11.53 -5.05
CA GLN D 97 0.17 -10.35 -4.77
C GLN D 97 -1.14 -10.50 -5.53
N ALA D 98 -2.23 -10.00 -4.96
CA ALA D 98 -3.54 -10.13 -5.60
C ALA D 98 -4.54 -9.06 -5.16
N TYR D 99 -5.31 -8.54 -6.12
CA TYR D 99 -6.30 -7.52 -5.82
C TYR D 99 -7.62 -7.87 -6.48
N LYS D 100 -8.71 -7.58 -5.80
CA LYS D 100 -10.04 -7.66 -6.41
C LYS D 100 -10.39 -6.25 -6.87
N HIS D 101 -11.18 -6.13 -7.94
CA HIS D 101 -11.59 -4.82 -8.44
C HIS D 101 -12.91 -4.41 -7.81
N THR D 102 -12.92 -3.22 -7.22
CA THR D 102 -14.07 -2.77 -6.45
C THR D 102 -14.49 -1.36 -6.84
N ILE D 103 -14.02 -0.87 -7.98
CA ILE D 103 -14.42 0.46 -8.45
C ILE D 103 -15.93 0.54 -8.55
N ASP D 104 -16.51 1.58 -7.95
CA ASP D 104 -17.95 1.69 -7.84
C ASP D 104 -18.43 0.45 -7.08
N LYS D 105 -19.39 -0.26 -7.66
CA LYS D 105 -19.79 -1.53 -7.11
C LYS D 105 -18.68 -2.54 -7.39
N PRO D 106 -18.42 -3.43 -6.42
CA PRO D 106 -17.45 -4.51 -6.57
C PRO D 106 -17.72 -5.31 -7.83
N ASN D 107 -16.65 -5.75 -8.49
CA ASN D 107 -16.79 -6.49 -9.74
C ASN D 107 -17.02 -7.98 -9.50
N VAL D 108 -18.22 -8.32 -9.04
CA VAL D 108 -18.59 -9.71 -8.86
C VAL D 108 -19.99 -9.97 -9.39
N LEU D 109 -20.28 -11.25 -9.64
CA LEU D 109 -21.58 -11.68 -10.10
C LEU D 109 -21.85 -13.04 -9.52
N ILE D 110 -23.01 -13.20 -8.88
CA ILE D 110 -23.42 -14.51 -8.39
C ILE D 110 -24.83 -14.82 -8.85
N ARG D 111 -24.98 -15.94 -9.55
CA ARG D 111 -26.29 -16.39 -10.00
C ARG D 111 -26.69 -17.68 -9.31
N ILE D 112 -27.95 -17.75 -8.89
CA ILE D 112 -28.48 -18.96 -8.28
C ILE D 112 -29.56 -19.56 -9.15
N HIS D 113 -29.16 -20.46 -10.03
CA HIS D 113 -30.10 -21.13 -10.93
C HIS D 113 -31.16 -21.90 -10.14
N ASN D 114 -32.31 -22.12 -10.77
CA ASN D 114 -33.44 -22.78 -10.11
C ASN D 114 -33.11 -24.15 -9.52
N ASP D 115 -32.25 -24.90 -10.20
CA ASP D 115 -31.91 -26.25 -9.75
C ASP D 115 -30.91 -26.24 -8.60
N GLY D 116 -30.41 -25.05 -8.27
CA GLY D 116 -29.45 -24.91 -7.18
C GLY D 116 -28.03 -24.71 -7.67
N THR D 117 -27.86 -24.66 -8.98
CA THR D 117 -26.54 -24.41 -9.56
C THR D 117 -26.15 -22.95 -9.38
N VAL D 118 -24.96 -22.73 -8.83
CA VAL D 118 -24.46 -21.39 -8.57
C VAL D 118 -23.37 -20.99 -9.56
N LEU D 119 -23.46 -19.77 -10.09
CA LEU D 119 -22.37 -19.23 -10.90
C LEU D 119 -21.70 -18.10 -10.15
N TYR D 120 -20.37 -18.09 -10.17
CA TYR D 120 -19.60 -17.07 -9.49
C TYR D 120 -18.56 -16.49 -10.44
N SER D 121 -18.60 -15.18 -10.64
CA SER D 121 -17.67 -14.51 -11.55
C SER D 121 -17.03 -13.30 -10.86
N VAL D 122 -15.72 -13.19 -10.96
CA VAL D 122 -15.01 -12.12 -10.28
C VAL D 122 -13.74 -11.72 -11.03
N ARG D 123 -13.47 -10.42 -11.12
CA ARG D 123 -12.23 -9.94 -11.69
C ARG D 123 -11.16 -9.97 -10.62
N ILE D 124 -9.97 -10.40 -11.00
CA ILE D 124 -8.85 -10.49 -10.08
C ILE D 124 -7.57 -10.11 -10.80
N SER D 125 -6.80 -9.21 -10.20
CA SER D 125 -5.48 -8.91 -10.71
C SER D 125 -4.45 -9.68 -9.88
N LEU D 126 -3.51 -10.33 -10.55
CA LEU D 126 -2.53 -11.15 -9.84
C LEU D 126 -1.09 -10.78 -10.20
N VAL D 127 -0.18 -11.09 -9.29
CA VAL D 127 1.23 -11.09 -9.58
C VAL D 127 1.78 -12.47 -9.22
N LEU D 128 2.04 -13.28 -10.23
CA LEU D 128 2.40 -14.67 -10.01
C LEU D 128 3.90 -14.87 -10.19
N SER D 129 4.46 -15.86 -9.50
CA SER D 129 5.86 -16.21 -9.70
C SER D 129 5.97 -17.21 -10.84
N CYS D 130 6.94 -16.96 -11.73
CA CYS D 130 7.14 -17.81 -12.89
C CYS D 130 8.63 -18.05 -13.08
N PRO D 131 9.13 -19.15 -12.50
CA PRO D 131 10.56 -19.48 -12.64
C PRO D 131 10.93 -19.58 -14.11
N MET D 132 11.93 -18.83 -14.53
CA MET D 132 12.33 -18.78 -15.93
C MET D 132 13.71 -19.38 -16.14
N TYR D 133 13.96 -19.88 -17.34
CA TYR D 133 15.20 -20.55 -17.68
C TYR D 133 15.82 -19.92 -18.92
N LEU D 134 16.94 -19.24 -18.72
CA LEU D 134 17.52 -18.38 -19.76
C LEU D 134 18.66 -19.01 -20.54
N GLN D 135 18.70 -20.34 -20.59
CA GLN D 135 19.78 -21.04 -21.28
C GLN D 135 19.96 -20.56 -22.73
N TYR D 136 18.84 -20.29 -23.40
CA TYR D 136 18.87 -19.77 -24.76
C TYR D 136 18.31 -18.34 -24.78
N TYR D 137 18.67 -17.57 -23.77
CA TYR D 137 17.96 -16.31 -23.44
C TYR D 137 17.45 -15.48 -24.60
N PRO D 138 18.33 -15.11 -25.55
CA PRO D 138 17.84 -14.27 -26.65
C PRO D 138 16.65 -14.92 -27.35
N MET D 139 16.77 -16.22 -27.63
CA MET D 139 15.72 -16.98 -28.31
C MET D 139 15.16 -18.07 -27.41
N ASP D 140 14.49 -17.68 -26.32
CA ASP D 140 13.94 -18.66 -25.39
C ASP D 140 12.42 -18.72 -25.41
N VAL D 141 11.87 -19.73 -24.75
CA VAL D 141 10.44 -19.78 -24.46
C VAL D 141 10.24 -20.10 -22.99
N GLN D 142 9.41 -19.31 -22.33
CA GLN D 142 9.09 -19.55 -20.93
C GLN D 142 7.67 -20.07 -20.84
N GLN D 143 7.38 -20.77 -19.74
CA GLN D 143 6.03 -21.24 -19.47
C GLN D 143 5.58 -20.77 -18.09
N CYS D 144 4.60 -19.88 -18.09
CA CYS D 144 4.09 -19.34 -16.83
C CYS D 144 2.73 -19.93 -16.53
N SER D 145 2.46 -20.10 -15.25
CA SER D 145 1.24 -20.79 -14.83
C SER D 145 0.48 -20.03 -13.77
N ILE D 146 -0.81 -20.35 -13.65
CA ILE D 146 -1.64 -19.87 -12.57
C ILE D 146 -2.21 -21.09 -11.87
N ASP D 147 -1.95 -21.22 -10.57
CA ASP D 147 -2.47 -22.35 -9.82
C ASP D 147 -3.67 -21.94 -8.98
N LEU D 148 -4.68 -22.80 -8.97
CA LEU D 148 -5.92 -22.51 -8.27
C LEU D 148 -6.27 -23.73 -7.43
N ALA D 149 -6.58 -23.52 -6.15
CA ALA D 149 -6.89 -24.64 -5.26
C ALA D 149 -7.58 -24.15 -3.99
N SER D 150 -8.22 -25.08 -3.29
CA SER D 150 -8.89 -24.77 -2.03
C SER D 150 -7.86 -24.70 -0.91
N TYR D 151 -8.12 -23.86 0.10
CA TYR D 151 -7.16 -23.71 1.19
C TYR D 151 -7.48 -24.58 2.40
N ALA D 152 -8.74 -24.58 2.81
CA ALA D 152 -9.14 -25.28 4.03
C ALA D 152 -9.77 -26.62 3.73
N TYR D 153 -10.54 -26.68 2.65
CA TYR D 153 -11.26 -27.90 2.31
C TYR D 153 -10.37 -28.89 1.58
N THR D 154 -10.39 -30.13 2.04
CA THR D 154 -9.56 -31.18 1.49
C THR D 154 -10.25 -31.88 0.32
N THR D 155 -9.74 -33.05 -0.06
CA THR D 155 -10.24 -33.76 -1.23
C THR D 155 -11.61 -34.40 -1.00
N LYS D 156 -12.03 -34.48 0.25
CA LYS D 156 -13.29 -35.13 0.58
C LYS D 156 -14.45 -34.14 0.55
N ASP D 157 -14.13 -32.85 0.56
CA ASP D 157 -15.15 -31.81 0.65
C ASP D 157 -15.31 -31.02 -0.63
N ILE D 158 -14.22 -30.84 -1.37
CA ILE D 158 -14.23 -29.99 -2.54
C ILE D 158 -13.25 -30.48 -3.60
N GLU D 159 -13.72 -30.59 -4.84
CA GLU D 159 -12.90 -31.11 -5.92
C GLU D 159 -13.01 -30.19 -7.14
N TYR D 160 -11.87 -29.71 -7.64
CA TYR D 160 -11.90 -28.84 -8.80
C TYR D 160 -11.78 -29.60 -10.11
N LEU D 161 -12.47 -29.09 -11.11
CA LEU D 161 -12.42 -29.67 -12.45
C LEU D 161 -12.56 -28.53 -13.44
N TRP D 162 -11.74 -28.55 -14.47
CA TRP D 162 -11.84 -27.55 -15.52
C TRP D 162 -13.13 -27.74 -16.29
N LYS D 163 -13.77 -26.62 -16.65
CA LYS D 163 -14.98 -26.67 -17.45
C LYS D 163 -14.73 -27.61 -18.63
N GLU D 164 -15.77 -28.31 -19.07
CA GLU D 164 -15.59 -29.29 -20.13
C GLU D 164 -15.23 -28.63 -21.46
N HIS D 165 -15.92 -27.55 -21.79
CA HIS D 165 -15.67 -26.85 -23.05
C HIS D 165 -15.00 -25.50 -22.82
N SER D 166 -13.91 -25.26 -23.54
CA SER D 166 -13.11 -24.04 -23.42
C SER D 166 -12.94 -23.57 -21.98
N PRO D 167 -12.11 -24.28 -21.20
CA PRO D 167 -11.85 -23.97 -19.80
C PRO D 167 -11.06 -22.68 -19.66
N LEU D 168 -10.12 -22.47 -20.57
CA LEU D 168 -9.35 -21.23 -20.58
C LEU D 168 -9.67 -20.43 -21.83
N GLN D 169 -10.01 -19.16 -21.65
CA GLN D 169 -10.29 -18.28 -22.78
C GLN D 169 -9.42 -17.03 -22.66
N LEU D 170 -9.09 -16.44 -23.81
CA LEU D 170 -8.30 -15.21 -23.83
C LEU D 170 -9.13 -14.09 -24.42
N LYS D 171 -9.00 -12.89 -23.85
CA LYS D 171 -9.64 -11.72 -24.42
C LYS D 171 -8.95 -11.36 -25.73
N VAL D 172 -9.68 -10.74 -26.65
CA VAL D 172 -9.16 -10.48 -27.98
C VAL D 172 -7.97 -9.52 -27.96
N GLY D 173 -8.01 -8.55 -27.07
CA GLY D 173 -6.95 -7.57 -26.97
C GLY D 173 -5.90 -7.93 -25.93
N LEU D 174 -5.41 -9.17 -25.97
CA LEU D 174 -4.40 -9.62 -25.03
C LEU D 174 -3.02 -9.59 -25.66
N SER D 175 -2.90 -10.16 -26.85
CA SER D 175 -1.61 -10.21 -27.55
C SER D 175 -1.13 -8.81 -27.93
N SER D 176 -2.08 -7.89 -28.09
CA SER D 176 -1.76 -6.53 -28.47
C SER D 176 -1.23 -5.72 -27.29
N SER D 177 -1.57 -6.17 -26.08
CA SER D 177 -1.09 -5.53 -24.86
C SER D 177 0.17 -6.23 -24.37
N LEU D 178 0.63 -7.21 -25.16
CA LEU D 178 1.83 -7.96 -24.86
C LEU D 178 2.79 -7.86 -26.04
N PRO D 179 3.57 -6.77 -26.09
CA PRO D 179 4.40 -6.43 -27.24
C PRO D 179 5.70 -7.23 -27.32
N SER D 180 6.26 -7.56 -26.16
CA SER D 180 7.59 -8.17 -26.11
C SER D 180 7.58 -9.68 -26.36
N PHE D 181 6.43 -10.32 -26.15
CA PHE D 181 6.33 -11.76 -26.34
C PHE D 181 5.19 -12.14 -27.28
N GLN D 182 5.13 -13.43 -27.59
CA GLN D 182 4.06 -13.99 -28.41
C GLN D 182 3.47 -15.22 -27.70
N LEU D 183 2.22 -15.10 -27.28
CA LEU D 183 1.58 -16.17 -26.51
C LEU D 183 1.20 -17.33 -27.42
N THR D 184 2.14 -18.24 -27.63
CA THR D 184 2.01 -19.30 -28.63
C THR D 184 1.04 -20.41 -28.25
N ASN D 185 1.13 -20.91 -27.03
CA ASN D 185 0.31 -22.05 -26.60
C ASN D 185 -0.22 -21.92 -25.18
N THR D 186 -1.37 -22.52 -24.91
CA THR D 186 -1.90 -22.59 -23.55
C THR D 186 -2.40 -23.98 -23.22
N SER D 187 -2.35 -24.36 -21.95
CA SER D 187 -2.77 -25.68 -21.51
C SER D 187 -3.54 -25.62 -20.19
N THR D 188 -4.42 -26.58 -20.00
CA THR D 188 -5.24 -26.63 -18.79
C THR D 188 -5.06 -28.00 -18.11
N THR D 189 -4.51 -27.96 -16.90
CA THR D 189 -4.06 -29.19 -16.23
C THR D 189 -4.43 -29.24 -14.75
N TYR D 190 -4.15 -30.38 -14.11
CA TYR D 190 -4.40 -30.57 -12.69
C TYR D 190 -3.09 -30.70 -11.92
N CYS D 191 -3.06 -30.12 -10.71
CA CYS D 191 -1.85 -30.09 -9.90
C CYS D 191 -2.13 -30.53 -8.46
N THR D 192 -3.20 -31.30 -8.28
CA THR D 192 -3.55 -31.84 -6.98
C THR D 192 -2.33 -32.45 -6.32
N SER D 193 -2.13 -32.16 -5.05
CA SER D 193 -0.96 -32.64 -4.34
C SER D 193 -1.30 -33.16 -2.95
N VAL D 194 -0.43 -34.01 -2.41
CA VAL D 194 -0.61 -34.53 -1.06
C VAL D 194 0.35 -33.84 -0.09
N THR D 195 -0.22 -33.08 0.84
CA THR D 195 0.54 -32.31 1.81
C THR D 195 0.44 -32.91 3.20
N ASN D 196 1.05 -32.25 4.18
CA ASN D 196 1.03 -32.74 5.56
C ASN D 196 -0.33 -32.52 6.23
N THR D 197 -1.11 -31.57 5.72
CA THR D 197 -2.43 -31.31 6.27
C THR D 197 -3.53 -32.04 5.51
N GLY D 198 -3.14 -32.73 4.43
CA GLY D 198 -4.09 -33.52 3.66
C GLY D 198 -3.87 -33.46 2.15
N ILE D 199 -4.79 -34.06 1.41
CA ILE D 199 -4.73 -34.05 -0.06
C ILE D 199 -5.64 -32.99 -0.66
N TYR D 200 -5.07 -31.98 -1.31
CA TYR D 200 -5.84 -30.86 -1.81
C TYR D 200 -5.96 -30.84 -3.35
N SER D 201 -7.18 -30.67 -3.84
CA SER D 201 -7.43 -30.60 -5.28
C SER D 201 -6.93 -29.28 -5.83
N CYS D 202 -6.39 -29.31 -7.05
CA CYS D 202 -5.78 -28.12 -7.62
C CYS D 202 -5.73 -28.11 -9.15
N LEU D 203 -6.11 -26.97 -9.74
CA LEU D 203 -6.04 -26.80 -11.18
C LEU D 203 -4.80 -25.98 -11.53
N ARG D 204 -4.38 -26.04 -12.79
CA ARG D 204 -3.28 -25.21 -13.24
C ARG D 204 -3.37 -24.89 -14.72
N THR D 205 -3.54 -23.62 -15.04
CA THR D 205 -3.49 -23.16 -16.41
C THR D 205 -2.06 -22.72 -16.73
N THR D 206 -1.63 -22.93 -17.97
CA THR D 206 -0.28 -22.60 -18.37
C THR D 206 -0.24 -21.91 -19.72
N ILE D 207 0.43 -20.76 -19.78
CA ILE D 207 0.63 -20.06 -21.04
C ILE D 207 2.09 -20.18 -21.44
N GLN D 208 2.35 -20.25 -22.75
CA GLN D 208 3.72 -20.37 -23.23
C GLN D 208 4.13 -19.12 -23.97
N LEU D 209 5.17 -18.46 -23.48
CA LEU D 209 5.59 -17.18 -24.02
C LEU D 209 6.89 -17.30 -24.82
N LYS D 210 6.81 -16.93 -26.10
CA LYS D 210 7.97 -16.94 -26.99
C LYS D 210 8.51 -15.53 -27.11
N ARG D 211 9.78 -15.33 -26.80
CA ARG D 211 10.35 -13.99 -26.79
C ARG D 211 10.54 -13.44 -28.21
N GLU D 212 10.07 -12.22 -28.43
CA GLU D 212 10.17 -11.59 -29.74
C GLU D 212 11.63 -11.31 -30.10
N PHE D 213 12.00 -11.64 -31.34
CA PHE D 213 13.39 -11.61 -31.77
C PHE D 213 13.81 -10.29 -32.41
N SER D 214 12.88 -9.61 -33.06
CA SER D 214 13.18 -8.38 -33.79
C SER D 214 14.01 -7.41 -32.97
N PHE D 215 13.72 -7.30 -31.68
CA PHE D 215 14.47 -6.41 -30.81
C PHE D 215 15.93 -6.83 -30.68
N TYR D 216 16.16 -8.11 -30.43
CA TYR D 216 17.50 -8.61 -30.21
C TYR D 216 18.30 -8.64 -31.51
N LEU D 217 17.60 -8.80 -32.63
CA LEU D 217 18.25 -8.70 -33.93
C LEU D 217 18.84 -7.31 -34.12
N LEU D 218 18.02 -6.29 -33.84
CA LEU D 218 18.43 -4.91 -34.09
C LEU D 218 19.33 -4.30 -33.01
N GLN D 219 19.14 -4.69 -31.77
CA GLN D 219 19.87 -4.06 -30.67
C GLN D 219 21.09 -4.85 -30.21
N LEU D 220 21.24 -6.07 -30.71
CA LEU D 220 22.33 -6.93 -30.27
C LEU D 220 23.14 -7.54 -31.40
N TYR D 221 22.48 -8.33 -32.24
CA TYR D 221 23.19 -9.06 -33.30
C TYR D 221 23.69 -8.14 -34.41
N ILE D 222 22.78 -7.42 -35.06
CA ILE D 222 23.18 -6.50 -36.13
C ILE D 222 24.34 -5.60 -35.71
N PRO D 223 24.17 -4.86 -34.61
CA PRO D 223 25.21 -3.90 -34.21
C PRO D 223 26.55 -4.56 -33.86
N SER D 224 26.52 -5.82 -33.44
CA SER D 224 27.77 -6.53 -33.13
C SER D 224 28.49 -6.95 -34.40
N CYS D 225 27.75 -7.41 -35.40
CA CYS D 225 28.35 -7.72 -36.69
C CYS D 225 28.94 -6.45 -37.28
N MET D 226 28.16 -5.37 -37.24
CA MET D 226 28.61 -4.08 -37.73
C MET D 226 29.85 -3.63 -36.96
N LEU D 227 30.01 -4.14 -35.75
CA LEU D 227 31.15 -3.79 -34.92
C LEU D 227 32.37 -4.66 -35.22
N VAL D 228 32.13 -5.94 -35.45
CA VAL D 228 33.19 -6.86 -35.82
C VAL D 228 33.73 -6.52 -37.21
N ILE D 229 32.81 -6.19 -38.12
CA ILE D 229 33.17 -5.85 -39.49
C ILE D 229 34.07 -4.61 -39.54
N VAL D 230 33.84 -3.67 -38.63
CA VAL D 230 34.68 -2.48 -38.57
C VAL D 230 36.11 -2.83 -38.17
N SER D 231 36.26 -3.80 -37.27
CA SER D 231 37.59 -4.20 -36.83
C SER D 231 38.39 -4.83 -37.96
N TRP D 232 37.70 -5.16 -39.06
CA TRP D 232 38.36 -5.78 -40.20
C TRP D 232 38.90 -4.74 -41.18
N VAL D 233 38.29 -3.57 -41.23
CA VAL D 233 38.71 -2.54 -42.18
C VAL D 233 40.09 -2.00 -41.84
N SER D 234 40.67 -2.51 -40.76
CA SER D 234 42.03 -2.12 -40.39
C SER D 234 43.05 -3.07 -41.01
N PHE D 235 42.57 -4.12 -41.65
CA PHE D 235 43.43 -5.04 -42.38
C PHE D 235 43.83 -4.45 -43.72
N TRP D 236 43.22 -3.32 -44.06
CA TRP D 236 43.44 -2.69 -45.36
C TRP D 236 44.24 -1.40 -45.22
N PHE D 237 44.57 -1.04 -43.99
CA PHE D 237 45.47 0.08 -43.74
C PHE D 237 46.92 -0.41 -43.79
N ASP D 238 47.80 0.41 -44.34
CA ASP D 238 49.22 0.07 -44.42
C ASP D 238 49.78 -0.31 -43.05
N ARG D 239 50.61 -1.34 -43.02
CA ARG D 239 51.18 -1.85 -41.77
C ARG D 239 52.04 -0.82 -41.05
N THR D 240 52.31 0.29 -41.72
CA THR D 240 53.14 1.34 -41.15
C THR D 240 52.32 2.25 -40.24
N ALA D 241 51.07 2.48 -40.62
CA ALA D 241 50.17 3.30 -39.82
C ALA D 241 49.43 2.45 -38.79
N ILE D 242 50.14 2.00 -37.76
CA ILE D 242 49.53 1.20 -36.71
C ILE D 242 48.59 2.02 -35.83
N PRO D 243 48.86 3.32 -35.64
CA PRO D 243 47.93 4.11 -34.83
C PRO D 243 46.47 3.94 -35.28
N ALA D 244 46.25 3.88 -36.59
CA ALA D 244 44.91 3.72 -37.13
C ALA D 244 44.31 2.37 -36.77
N ARG D 245 45.14 1.32 -36.85
CA ARG D 245 44.68 -0.03 -36.55
C ARG D 245 44.29 -0.20 -35.09
N VAL D 246 45.15 0.27 -34.20
CA VAL D 246 44.88 0.17 -32.77
C VAL D 246 43.62 0.95 -32.41
N THR D 247 43.50 2.16 -32.95
CA THR D 247 42.31 2.98 -32.70
C THR D 247 41.03 2.24 -33.06
N LEU D 248 41.02 1.59 -34.23
CA LEU D 248 39.88 0.78 -34.61
C LEU D 248 39.69 -0.41 -33.67
N GLY D 249 40.65 -1.32 -33.67
CA GLY D 249 40.57 -2.54 -32.86
C GLY D 249 40.20 -2.32 -31.40
N VAL D 250 40.66 -1.22 -30.82
CA VAL D 250 40.41 -0.94 -29.42
C VAL D 250 39.05 -0.32 -29.18
N THR D 251 38.64 0.60 -30.05
CA THR D 251 37.36 1.26 -29.92
C THR D 251 36.22 0.27 -30.13
N THR D 252 36.37 -0.62 -31.09
CA THR D 252 35.36 -1.63 -31.36
C THR D 252 35.28 -2.65 -30.22
N LEU D 253 36.41 -2.94 -29.60
CA LEU D 253 36.45 -3.86 -28.47
C LEU D 253 35.79 -3.24 -27.23
N LEU D 254 36.14 -2.00 -26.95
CA LEU D 254 35.55 -1.28 -25.83
C LEU D 254 34.04 -1.17 -26.01
N THR D 255 33.61 -0.72 -27.18
CA THR D 255 32.20 -0.59 -27.49
C THR D 255 31.48 -1.93 -27.30
N MET D 256 32.13 -2.99 -27.75
CA MET D 256 31.59 -4.34 -27.57
C MET D 256 31.25 -4.56 -26.11
N THR D 257 32.20 -4.25 -25.23
CA THR D 257 32.00 -4.38 -23.80
C THR D 257 30.76 -3.63 -23.34
N ALA D 258 30.72 -2.33 -23.62
CA ALA D 258 29.58 -1.50 -23.23
C ALA D 258 28.28 -2.15 -23.65
N GLN D 259 28.18 -2.51 -24.93
CA GLN D 259 26.96 -3.11 -25.45
C GLN D 259 26.50 -4.30 -24.62
N SER D 260 27.43 -5.21 -24.34
CA SER D 260 27.12 -6.38 -23.53
C SER D 260 26.66 -6.00 -22.12
N ALA D 261 27.35 -5.02 -21.53
CA ALA D 261 26.97 -4.52 -20.21
C ALA D 261 25.50 -4.11 -20.21
N GLY D 262 25.07 -3.49 -21.31
CA GLY D 262 23.69 -3.08 -21.45
C GLY D 262 22.73 -4.27 -21.36
N ILE D 263 22.91 -5.24 -22.24
CA ILE D 263 22.05 -6.42 -22.24
C ILE D 263 22.08 -7.14 -20.90
N ASN D 264 23.29 -7.36 -20.39
CA ASN D 264 23.48 -8.12 -19.14
C ASN D 264 22.93 -7.43 -17.89
N SER D 265 22.68 -6.13 -17.98
CA SER D 265 22.16 -5.40 -16.82
C SER D 265 20.68 -5.67 -16.56
N GLN D 266 19.95 -6.04 -17.61
CA GLN D 266 18.52 -6.30 -17.51
C GLN D 266 18.24 -7.74 -17.09
N LEU D 267 19.30 -8.50 -16.87
CA LEU D 267 19.18 -9.92 -16.54
C LEU D 267 19.60 -10.22 -15.11
N PRO D 268 18.97 -11.23 -14.49
CA PRO D 268 19.36 -11.65 -13.14
C PRO D 268 20.59 -12.52 -13.24
N PRO D 269 21.50 -12.41 -12.26
CA PRO D 269 22.66 -13.31 -12.28
C PRO D 269 22.21 -14.77 -12.12
N VAL D 270 22.65 -15.62 -13.03
CA VAL D 270 22.28 -17.03 -13.00
C VAL D 270 23.51 -17.90 -12.79
N SER D 271 23.31 -19.21 -12.82
CA SER D 271 24.39 -20.15 -12.58
C SER D 271 24.80 -20.90 -13.84
N TYR D 272 24.20 -20.55 -14.97
CA TYR D 272 24.49 -21.22 -16.22
C TYR D 272 24.97 -20.27 -17.30
N ILE D 273 25.50 -20.81 -18.40
CA ILE D 273 25.94 -19.98 -19.52
C ILE D 273 24.83 -19.82 -20.55
N LYS D 274 24.41 -18.58 -20.78
CA LYS D 274 23.34 -18.29 -21.72
C LYS D 274 23.88 -18.25 -23.15
N ALA D 275 23.02 -18.49 -24.13
CA ALA D 275 23.43 -18.44 -25.53
C ALA D 275 23.86 -17.04 -25.91
N ILE D 276 23.33 -16.05 -25.21
CA ILE D 276 23.74 -14.66 -25.39
C ILE D 276 25.22 -14.49 -25.03
N ASP D 277 25.67 -15.26 -24.04
CA ASP D 277 27.06 -15.21 -23.59
C ASP D 277 27.99 -15.78 -24.65
N VAL D 278 27.59 -16.89 -25.26
CA VAL D 278 28.38 -17.51 -26.32
C VAL D 278 28.56 -16.55 -27.49
N TRP D 279 27.53 -15.74 -27.76
CA TRP D 279 27.60 -14.86 -28.91
C TRP D 279 28.42 -13.60 -28.66
N ILE D 280 28.24 -12.98 -27.49
CA ILE D 280 29.05 -11.83 -27.13
C ILE D 280 30.52 -12.25 -27.03
N GLY D 281 30.75 -13.38 -26.36
CA GLY D 281 32.09 -13.88 -26.15
C GLY D 281 32.85 -14.15 -27.43
N ALA D 282 32.16 -14.70 -28.43
CA ALA D 282 32.78 -15.02 -29.70
C ALA D 282 33.20 -13.75 -30.44
N CYS D 283 32.25 -12.82 -30.61
CA CYS D 283 32.54 -11.56 -31.27
C CYS D 283 33.70 -10.87 -30.56
N MET D 284 33.70 -10.94 -29.24
CA MET D 284 34.77 -10.37 -28.42
C MET D 284 36.12 -10.91 -28.88
N THR D 285 36.17 -12.20 -29.17
CA THR D 285 37.40 -12.87 -29.58
C THR D 285 37.86 -12.41 -30.96
N PHE D 286 36.92 -12.35 -31.90
CA PHE D 286 37.25 -11.90 -33.26
C PHE D 286 37.90 -10.52 -33.26
N ILE D 287 37.45 -9.66 -32.35
CA ILE D 287 38.03 -8.33 -32.24
C ILE D 287 39.37 -8.39 -31.49
N PHE D 288 39.46 -9.30 -30.51
CA PHE D 288 40.69 -9.48 -29.76
C PHE D 288 41.81 -10.04 -30.64
N CYS D 289 41.44 -10.94 -31.54
CA CYS D 289 42.42 -11.54 -32.44
C CYS D 289 42.82 -10.56 -33.54
N ALA D 290 41.95 -9.60 -33.82
CA ALA D 290 42.29 -8.53 -34.74
C ALA D 290 43.46 -7.72 -34.19
N LEU D 291 43.32 -7.26 -32.95
CA LEU D 291 44.40 -6.56 -32.26
C LEU D 291 45.66 -7.41 -32.26
N LEU D 292 45.53 -8.66 -31.84
CA LEU D 292 46.65 -9.57 -31.81
C LEU D 292 47.36 -9.59 -33.15
N GLU D 293 46.58 -9.62 -34.23
CA GLU D 293 47.14 -9.64 -35.58
C GLU D 293 47.96 -8.38 -35.84
N PHE D 294 47.43 -7.23 -35.44
CA PHE D 294 48.13 -5.96 -35.61
C PHE D 294 49.53 -6.05 -35.00
N ALA D 295 49.60 -6.52 -33.76
CA ALA D 295 50.88 -6.66 -33.07
C ALA D 295 51.81 -7.60 -33.81
N LEU D 296 51.30 -8.77 -34.18
CA LEU D 296 52.08 -9.75 -34.93
C LEU D 296 52.63 -9.16 -36.22
N VAL D 297 51.76 -8.52 -36.98
CA VAL D 297 52.15 -7.91 -38.25
C VAL D 297 53.18 -6.81 -38.06
N ASN D 298 52.86 -5.86 -37.18
CA ASN D 298 53.76 -4.74 -36.91
C ASN D 298 55.11 -5.17 -36.36
N HIS D 299 55.12 -6.24 -35.58
CA HIS D 299 56.35 -6.72 -34.95
C HIS D 299 57.33 -7.35 -35.93
N ILE D 300 56.83 -8.25 -36.78
CA ILE D 300 57.68 -8.91 -37.75
C ILE D 300 57.90 -8.01 -38.97
N ALA D 301 57.29 -6.83 -38.95
CA ALA D 301 57.42 -5.88 -40.06
C ALA D 301 58.70 -5.07 -39.94
N ASN D 302 58.92 -4.49 -38.75
CA ASN D 302 60.09 -3.64 -38.54
C ASN D 302 61.40 -4.42 -38.48
N ALA D 303 61.31 -5.74 -38.34
CA ALA D 303 62.49 -6.59 -38.36
C ALA D 303 63.28 -6.35 -39.64
N GLY D 304 64.56 -6.04 -39.49
CA GLY D 304 65.40 -5.63 -40.61
C GLY D 304 65.26 -6.43 -41.90
N THR D 305 65.36 -7.75 -41.79
CA THR D 305 65.39 -8.61 -42.97
C THR D 305 64.07 -8.60 -43.75
N THR D 306 64.18 -8.62 -45.07
CA THR D 306 63.00 -8.64 -45.93
C THR D 306 62.32 -10.00 -45.85
N GLU D 307 62.95 -10.94 -45.17
CA GLU D 307 62.39 -12.28 -45.00
C GLU D 307 61.10 -12.21 -44.20
N TRP D 308 61.13 -11.46 -43.10
CA TRP D 308 59.96 -11.29 -42.26
C TRP D 308 59.00 -10.26 -42.84
N ASN D 309 59.55 -9.26 -43.52
CA ASN D 309 58.73 -8.18 -44.04
C ASN D 309 57.60 -8.65 -44.96
N ASP D 310 57.93 -9.48 -45.95
CA ASP D 310 56.92 -9.97 -46.86
C ASP D 310 56.00 -11.00 -46.18
N ILE D 311 56.48 -11.60 -45.10
CA ILE D 311 55.63 -12.46 -44.27
C ILE D 311 54.57 -11.60 -43.59
N SER D 312 55.00 -10.45 -43.09
CA SER D 312 54.09 -9.48 -42.51
C SER D 312 52.97 -9.16 -43.50
N LYS D 313 53.34 -8.91 -44.74
CA LYS D 313 52.37 -8.63 -45.80
C LYS D 313 51.44 -9.82 -46.01
N ARG D 314 52.01 -11.02 -45.91
CA ARG D 314 51.27 -12.25 -46.15
C ARG D 314 50.19 -12.48 -45.10
N VAL D 315 50.49 -12.08 -43.86
CA VAL D 315 49.55 -12.23 -42.75
C VAL D 315 48.31 -11.38 -42.97
N ASP D 316 48.48 -10.18 -43.52
CA ASP D 316 47.36 -9.31 -43.83
C ASP D 316 46.48 -9.92 -44.91
N LEU D 317 47.10 -10.32 -46.02
CA LEU D 317 46.36 -10.92 -47.12
C LEU D 317 45.50 -12.07 -46.64
N ILE D 318 46.07 -12.91 -45.78
CA ILE D 318 45.34 -14.06 -45.24
C ILE D 318 44.23 -13.62 -44.29
N SER D 319 44.52 -12.64 -43.45
CA SER D 319 43.53 -12.14 -42.48
C SER D 319 42.31 -11.53 -43.18
N ARG D 320 42.56 -10.74 -44.22
CA ARG D 320 41.50 -10.08 -44.95
C ARG D 320 40.43 -11.04 -45.43
N ALA D 321 40.78 -12.32 -45.50
CA ALA D 321 39.83 -13.34 -45.97
C ALA D 321 39.49 -14.34 -44.88
N LEU D 322 40.50 -14.75 -44.10
CA LEU D 322 40.32 -15.76 -43.07
C LEU D 322 39.31 -15.31 -41.99
N PHE D 323 39.46 -14.08 -41.51
CA PHE D 323 38.55 -13.55 -40.49
C PHE D 323 37.09 -13.62 -40.93
N PRO D 324 36.75 -12.98 -42.06
CA PRO D 324 35.38 -13.05 -42.56
C PRO D 324 34.89 -14.50 -42.69
N VAL D 325 35.65 -15.33 -43.39
CA VAL D 325 35.28 -16.74 -43.55
C VAL D 325 35.02 -17.41 -42.20
N LEU D 326 35.94 -17.26 -41.26
CA LEU D 326 35.79 -17.86 -39.95
C LEU D 326 34.58 -17.32 -39.18
N PHE D 327 34.34 -16.02 -39.27
CA PHE D 327 33.21 -15.40 -38.60
C PHE D 327 31.91 -15.89 -39.21
N PHE D 328 31.91 -16.08 -40.53
CA PHE D 328 30.74 -16.62 -41.22
C PHE D 328 30.51 -18.07 -40.79
N VAL D 329 31.59 -18.83 -40.68
CA VAL D 329 31.51 -20.20 -40.19
C VAL D 329 30.93 -20.23 -38.79
N PHE D 330 31.36 -19.30 -37.94
CA PHE D 330 30.85 -19.20 -36.59
C PHE D 330 29.34 -18.99 -36.59
N ASN D 331 28.89 -17.93 -37.26
CA ASN D 331 27.47 -17.66 -37.36
C ASN D 331 26.68 -18.91 -37.71
N ILE D 332 27.14 -19.64 -38.72
CA ILE D 332 26.46 -20.85 -39.16
C ILE D 332 26.33 -21.86 -38.03
N LEU D 333 27.43 -22.12 -37.33
CA LEU D 333 27.38 -23.02 -36.19
C LEU D 333 26.47 -22.47 -35.09
N TYR D 334 26.63 -21.18 -34.79
CA TYR D 334 25.89 -20.55 -33.71
C TYR D 334 24.38 -20.63 -33.92
N TRP D 335 23.92 -20.19 -35.10
CA TRP D 335 22.49 -20.12 -35.37
C TRP D 335 21.83 -21.48 -35.50
N SER D 336 22.59 -22.46 -35.98
CA SER D 336 22.05 -23.82 -36.10
C SER D 336 21.95 -24.44 -34.71
N ARG D 337 22.72 -23.89 -33.77
CA ARG D 337 22.76 -24.43 -32.42
C ARG D 337 21.72 -23.80 -31.50
N PHE D 338 21.35 -22.55 -31.78
CA PHE D 338 20.47 -21.81 -30.88
C PHE D 338 19.20 -21.27 -31.53
N GLY D 339 19.15 -21.28 -32.86
CA GLY D 339 17.97 -20.80 -33.57
C GLY D 339 16.92 -21.89 -33.72
N HIS D 340 17.34 -23.12 -33.44
CA HIS D 340 16.49 -24.29 -33.61
C HIS D 340 15.08 -24.07 -33.09
N SER E 1 -24.20 -32.10 11.82
CA SER E 1 -23.10 -32.78 12.49
C SER E 1 -22.01 -31.78 12.88
N ASP E 2 -21.16 -31.40 11.92
CA ASP E 2 -20.10 -30.44 12.17
C ASP E 2 -20.67 -29.12 12.69
N SER E 3 -21.66 -28.59 11.99
CA SER E 3 -22.31 -27.34 12.39
C SER E 3 -22.90 -27.45 13.79
N LYS E 4 -23.35 -28.65 14.15
CA LYS E 4 -23.93 -28.90 15.47
C LYS E 4 -22.84 -28.98 16.53
N ILE E 5 -21.73 -29.63 16.19
CA ILE E 5 -20.59 -29.75 17.10
C ILE E 5 -20.02 -28.38 17.44
N LEU E 6 -19.90 -27.54 16.42
CA LEU E 6 -19.44 -26.17 16.60
C LEU E 6 -20.41 -25.41 17.50
N ALA E 7 -21.71 -25.52 17.19
CA ALA E 7 -22.74 -24.86 17.98
C ALA E 7 -22.62 -25.22 19.46
N HIS E 8 -22.41 -26.51 19.74
CA HIS E 8 -22.31 -26.98 21.11
C HIS E 8 -21.17 -26.32 21.86
N LEU E 9 -20.06 -26.09 21.17
CA LEU E 9 -18.86 -25.54 21.80
C LEU E 9 -19.00 -24.07 22.19
N PHE E 10 -19.77 -23.33 21.40
CA PHE E 10 -19.90 -21.89 21.61
C PHE E 10 -21.22 -21.47 22.24
N THR E 11 -22.15 -22.41 22.36
CA THR E 11 -23.42 -22.11 23.02
C THR E 11 -23.19 -21.89 24.51
N SER E 12 -22.24 -22.64 25.07
CA SER E 12 -21.83 -22.45 26.45
C SER E 12 -21.04 -21.15 26.56
N GLY E 13 -20.56 -20.84 27.76
CA GLY E 13 -19.77 -19.64 27.96
C GLY E 13 -18.33 -19.81 27.51
N TYR E 14 -18.01 -19.27 26.34
CA TYR E 14 -16.64 -19.35 25.83
C TYR E 14 -16.11 -17.96 25.46
N ASP E 15 -14.92 -17.65 25.94
CA ASP E 15 -14.34 -16.33 25.74
C ASP E 15 -13.02 -16.41 24.97
N PHE E 16 -13.03 -15.94 23.72
CA PHE E 16 -11.84 -16.00 22.88
C PHE E 16 -10.76 -15.05 23.38
N ARG E 17 -11.11 -14.25 24.37
CA ARG E 17 -10.18 -13.29 24.94
C ARG E 17 -9.43 -13.91 26.09
N VAL E 18 -10.00 -14.99 26.62
CA VAL E 18 -9.39 -15.71 27.72
C VAL E 18 -8.46 -16.80 27.23
N ARG E 19 -7.22 -16.77 27.71
CA ARG E 19 -6.23 -17.78 27.41
C ARG E 19 -6.76 -19.17 27.80
N PRO E 20 -6.41 -20.21 27.01
CA PRO E 20 -6.81 -21.58 27.36
C PRO E 20 -6.24 -22.00 28.70
N PRO E 21 -7.05 -22.67 29.53
CA PRO E 21 -6.63 -23.16 30.84
C PRO E 21 -5.56 -24.25 30.72
N THR E 22 -4.81 -24.45 31.79
CA THR E 22 -3.79 -25.50 31.82
C THR E 22 -3.93 -26.33 33.10
N ASP E 23 -3.38 -27.55 33.06
CA ASP E 23 -3.50 -28.46 34.19
C ASP E 23 -2.72 -27.99 35.42
N ASN E 24 -1.52 -27.46 35.19
CA ASN E 24 -0.68 -27.00 36.29
C ASN E 24 -0.52 -25.48 36.33
N GLY E 25 -1.35 -24.78 35.56
CA GLY E 25 -1.28 -23.33 35.48
C GLY E 25 -0.14 -22.89 34.56
N GLY E 26 0.52 -23.87 33.97
CA GLY E 26 1.62 -23.60 33.05
C GLY E 26 1.20 -22.75 31.87
N PRO E 27 2.15 -22.42 31.00
CA PRO E 27 1.85 -21.61 29.82
C PRO E 27 1.27 -22.46 28.70
N VAL E 28 0.46 -21.85 27.84
CA VAL E 28 -0.02 -22.52 26.65
C VAL E 28 1.15 -22.81 25.74
N VAL E 29 1.38 -24.07 25.41
CA VAL E 29 2.48 -24.43 24.54
C VAL E 29 2.03 -24.45 23.08
N VAL E 30 2.63 -23.57 22.28
CA VAL E 30 2.30 -23.48 20.86
C VAL E 30 3.39 -24.10 20.00
N SER E 31 3.08 -25.23 19.36
CA SER E 31 4.02 -25.87 18.45
C SER E 31 3.94 -25.19 17.09
N VAL E 32 5.10 -24.93 16.49
CA VAL E 32 5.13 -24.17 15.24
C VAL E 32 5.78 -24.94 14.08
N ASN E 33 5.09 -24.96 12.94
CA ASN E 33 5.64 -25.46 11.71
C ASN E 33 5.72 -24.30 10.71
N MET E 34 6.68 -24.34 9.80
CA MET E 34 6.88 -23.24 8.86
C MET E 34 7.26 -23.78 7.49
N LEU E 35 6.53 -23.35 6.47
CA LEU E 35 6.79 -23.80 5.11
C LEU E 35 7.11 -22.63 4.19
N LEU E 36 8.38 -22.52 3.77
CA LEU E 36 8.81 -21.48 2.86
C LEU E 36 8.38 -21.81 1.44
N ARG E 37 7.65 -20.90 0.80
CA ARG E 37 7.19 -21.09 -0.56
C ARG E 37 8.16 -20.46 -1.55
N THR E 38 8.51 -19.21 -1.31
CA THR E 38 9.42 -18.49 -2.18
C THR E 38 10.24 -17.46 -1.40
N ILE E 39 11.52 -17.36 -1.74
CA ILE E 39 12.40 -16.35 -1.15
C ILE E 39 12.93 -15.49 -2.28
N SER E 40 12.52 -14.22 -2.31
CA SER E 40 12.81 -13.37 -3.46
C SER E 40 13.26 -11.97 -3.09
N LYS E 41 13.66 -11.20 -4.09
CA LYS E 41 14.08 -9.81 -3.89
C LYS E 41 15.03 -9.64 -2.71
N ILE E 42 16.22 -10.23 -2.83
CA ILE E 42 17.23 -10.13 -1.79
C ILE E 42 18.06 -8.86 -1.95
N ASP E 43 17.58 -7.78 -1.34
CA ASP E 43 18.15 -6.45 -1.48
C ASP E 43 19.41 -6.28 -0.64
N VAL E 44 20.54 -6.05 -1.31
CA VAL E 44 21.82 -5.89 -0.62
C VAL E 44 22.02 -4.46 -0.14
N VAL E 45 21.43 -3.50 -0.86
CA VAL E 45 21.56 -2.09 -0.50
C VAL E 45 20.81 -1.78 0.80
N ASN E 46 19.55 -2.18 0.87
CA ASN E 46 18.76 -1.96 2.07
C ASN E 46 18.85 -3.13 3.05
N MET E 47 19.62 -4.14 2.65
CA MET E 47 19.82 -5.32 3.50
C MET E 47 18.51 -5.85 4.04
N GLU E 48 17.71 -6.38 3.14
CA GLU E 48 16.47 -7.06 3.49
C GLU E 48 16.14 -8.03 2.38
N TYR E 49 15.19 -8.93 2.63
CA TYR E 49 14.76 -9.86 1.60
C TYR E 49 13.28 -10.13 1.78
N SER E 50 12.60 -10.50 0.70
CA SER E 50 11.21 -10.88 0.79
C SER E 50 11.09 -12.40 0.84
N ALA E 51 9.95 -12.87 1.33
CA ALA E 51 9.70 -14.31 1.45
C ALA E 51 8.23 -14.57 1.75
N GLN E 52 7.64 -15.52 1.03
CA GLN E 52 6.28 -15.94 1.31
C GLN E 52 6.27 -17.32 1.94
N LEU E 53 5.60 -17.46 3.07
CA LEU E 53 5.61 -18.71 3.81
C LEU E 53 4.22 -19.06 4.30
N THR E 54 4.07 -20.30 4.77
CA THR E 54 2.85 -20.73 5.42
C THR E 54 3.15 -20.99 6.88
N LEU E 55 2.54 -20.20 7.76
CA LEU E 55 2.67 -20.38 9.20
C LEU E 55 1.68 -21.43 9.66
N ARG E 56 2.13 -22.31 10.56
CA ARG E 56 1.28 -23.37 11.08
C ARG E 56 1.42 -23.50 12.59
N GLU E 57 0.41 -23.07 13.32
CA GLU E 57 0.45 -23.08 14.77
C GLU E 57 -0.51 -24.13 15.33
N SER E 58 -0.10 -24.75 16.44
CA SER E 58 -0.87 -25.82 17.04
C SER E 58 -0.76 -25.80 18.56
N TRP E 59 -1.90 -25.60 19.23
CA TRP E 59 -1.95 -25.60 20.69
C TRP E 59 -3.16 -26.37 21.19
N ILE E 60 -3.25 -26.57 22.50
CA ILE E 60 -4.39 -27.27 23.07
C ILE E 60 -5.32 -26.33 23.83
N ASP E 61 -6.61 -26.44 23.53
CA ASP E 61 -7.63 -25.64 24.19
C ASP E 61 -8.74 -26.57 24.66
N LYS E 62 -8.61 -27.11 25.87
CA LYS E 62 -9.56 -28.09 26.38
C LYS E 62 -11.01 -27.65 26.24
N ARG E 63 -11.24 -26.34 26.36
CA ARG E 63 -12.58 -25.79 26.22
C ARG E 63 -13.21 -26.13 24.88
N LEU E 64 -12.38 -26.42 23.89
CA LEU E 64 -12.86 -26.66 22.54
C LEU E 64 -13.05 -28.14 22.23
N SER E 65 -12.67 -29.00 23.17
CA SER E 65 -12.81 -30.44 22.96
C SER E 65 -14.29 -30.83 22.94
N TYR E 66 -14.68 -31.57 21.91
CA TYR E 66 -16.07 -31.96 21.71
C TYR E 66 -16.17 -33.47 21.65
N GLY E 67 -15.25 -34.09 20.93
CA GLY E 67 -15.25 -35.53 20.76
C GLY E 67 -14.49 -36.21 21.88
N VAL E 68 -13.58 -35.48 22.51
CA VAL E 68 -12.75 -36.04 23.56
C VAL E 68 -12.10 -37.32 23.02
N LYS E 69 -12.44 -38.46 23.61
CA LYS E 69 -11.95 -39.75 23.10
C LYS E 69 -12.54 -39.96 21.70
N GLY E 70 -13.79 -39.52 21.54
CA GLY E 70 -14.46 -39.58 20.26
C GLY E 70 -14.66 -41.00 19.77
N ASP E 71 -14.01 -41.31 18.65
CA ASP E 71 -14.06 -42.66 18.07
C ASP E 71 -15.49 -43.03 17.68
N GLY E 72 -16.41 -42.12 17.91
CA GLY E 72 -17.76 -42.21 17.36
C GLY E 72 -18.02 -40.98 16.49
N GLN E 73 -17.17 -39.97 16.65
CA GLN E 73 -17.34 -38.68 15.99
C GLN E 73 -16.19 -38.34 15.04
N PRO E 74 -16.35 -37.26 14.25
CA PRO E 74 -15.28 -36.84 13.32
C PRO E 74 -14.01 -36.45 14.08
N ASP E 75 -12.86 -36.82 13.55
CA ASP E 75 -11.59 -36.57 14.22
C ASP E 75 -11.41 -35.09 14.56
N PHE E 76 -11.65 -34.23 13.57
CA PHE E 76 -11.59 -32.79 13.77
C PHE E 76 -12.74 -32.12 13.02
N VAL E 77 -13.17 -30.97 13.52
CA VAL E 77 -14.20 -30.21 12.84
C VAL E 77 -13.59 -28.91 12.36
N ILE E 78 -13.81 -28.58 11.08
CA ILE E 78 -13.30 -27.33 10.52
C ILE E 78 -14.03 -26.12 11.10
N LEU E 79 -13.27 -25.18 11.65
CA LEU E 79 -13.87 -23.98 12.21
C LEU E 79 -14.40 -23.10 11.10
N THR E 80 -15.70 -22.85 11.12
CA THR E 80 -16.34 -22.02 10.11
C THR E 80 -16.34 -20.55 10.53
N VAL E 81 -16.65 -19.67 9.59
CA VAL E 81 -16.67 -18.23 9.86
C VAL E 81 -17.72 -17.87 10.90
N GLY E 82 -17.39 -16.92 11.77
CA GLY E 82 -18.34 -16.46 12.78
C GLY E 82 -18.16 -17.11 14.14
N HIS E 83 -17.09 -17.88 14.30
CA HIS E 83 -16.78 -18.51 15.58
C HIS E 83 -15.40 -18.07 16.06
N GLN E 84 -15.37 -17.25 17.11
CA GLN E 84 -14.12 -16.74 17.64
C GLN E 84 -13.40 -17.79 18.47
N ILE E 85 -12.06 -17.78 18.40
CA ILE E 85 -11.24 -18.70 19.16
C ILE E 85 -9.97 -18.01 19.62
N TRP E 86 -9.58 -18.22 20.87
CA TRP E 86 -8.31 -17.67 21.36
C TRP E 86 -7.18 -18.16 20.47
N MET E 87 -6.36 -17.22 20.01
CA MET E 87 -5.20 -17.55 19.18
C MET E 87 -3.96 -16.80 19.66
N PRO E 88 -2.79 -17.46 19.59
CA PRO E 88 -1.52 -16.81 19.95
C PRO E 88 -1.32 -15.55 19.13
N ASP E 89 -1.15 -14.41 19.79
CA ASP E 89 -0.97 -13.15 19.06
C ASP E 89 0.45 -13.01 18.51
N THR E 90 0.89 -14.04 17.79
CA THR E 90 2.24 -14.07 17.23
C THR E 90 2.48 -12.98 16.20
N PHE E 91 3.71 -12.46 16.21
CA PHE E 91 4.13 -11.49 15.22
C PHE E 91 5.57 -11.80 14.82
N PHE E 92 6.05 -11.16 13.75
CA PHE E 92 7.41 -11.39 13.29
C PHE E 92 8.31 -10.20 13.63
N PRO E 93 9.08 -10.29 14.73
CA PRO E 93 9.91 -9.20 15.23
C PRO E 93 10.74 -8.48 14.16
N ASN E 94 11.34 -9.23 13.24
CA ASN E 94 12.18 -8.60 12.22
C ASN E 94 11.46 -8.37 10.88
N GLU E 95 10.13 -8.35 10.92
CA GLU E 95 9.34 -8.06 9.74
C GLU E 95 9.18 -6.56 9.56
N LYS E 96 9.49 -6.07 8.37
CA LYS E 96 9.37 -4.64 8.08
C LYS E 96 8.05 -4.38 7.35
N GLN E 97 7.57 -5.38 6.64
CA GLN E 97 6.29 -5.31 5.93
C GLN E 97 5.70 -6.71 5.89
N ALA E 98 4.37 -6.81 5.95
CA ALA E 98 3.71 -8.12 5.95
C ALA E 98 2.27 -8.07 5.43
N TYR E 99 1.90 -9.06 4.63
CA TYR E 99 0.56 -9.13 4.09
C TYR E 99 0.00 -10.53 4.27
N LYS E 100 -1.30 -10.61 4.55
CA LYS E 100 -2.00 -11.89 4.51
C LYS E 100 -2.68 -11.99 3.14
N HIS E 101 -2.85 -13.20 2.63
CA HIS E 101 -3.50 -13.40 1.35
C HIS E 101 -4.99 -13.62 1.54
N THR E 102 -5.79 -12.83 0.83
CA THR E 102 -7.23 -12.83 1.04
C THR E 102 -7.98 -12.91 -0.29
N ILE E 103 -7.29 -13.30 -1.35
CA ILE E 103 -7.95 -13.45 -2.65
C ILE E 103 -9.12 -14.43 -2.53
N ASP E 104 -10.29 -14.00 -2.98
CA ASP E 104 -11.51 -14.77 -2.81
C ASP E 104 -11.69 -14.94 -1.32
N LYS E 105 -11.85 -16.17 -0.86
CA LYS E 105 -11.87 -16.41 0.58
C LYS E 105 -10.45 -16.25 1.13
N PRO E 106 -10.33 -15.68 2.33
CA PRO E 106 -9.03 -15.55 3.01
C PRO E 106 -8.31 -16.88 3.08
N ASN E 107 -6.99 -16.84 2.94
CA ASN E 107 -6.19 -18.06 2.96
C ASN E 107 -5.85 -18.51 4.37
N VAL E 108 -6.84 -18.99 5.10
CA VAL E 108 -6.61 -19.54 6.43
C VAL E 108 -7.33 -20.87 6.60
N LEU E 109 -6.89 -21.62 7.60
CA LEU E 109 -7.50 -22.88 7.94
C LEU E 109 -7.39 -23.07 9.45
N ILE E 110 -8.51 -23.37 10.10
CA ILE E 110 -8.49 -23.68 11.51
C ILE E 110 -9.24 -24.97 11.80
N ARG E 111 -8.54 -25.93 12.39
CA ARG E 111 -9.15 -27.20 12.75
C ARG E 111 -9.22 -27.35 14.26
N ILE E 112 -10.35 -27.85 14.74
CA ILE E 112 -10.53 -28.09 16.17
C ILE E 112 -10.69 -29.59 16.39
N HIS E 113 -9.59 -30.27 16.65
CA HIS E 113 -9.61 -31.71 16.92
C HIS E 113 -10.47 -32.03 18.13
N ASN E 114 -10.99 -33.25 18.19
CA ASN E 114 -11.87 -33.67 19.26
C ASN E 114 -11.29 -33.48 20.67
N ASP E 115 -9.99 -33.70 20.82
CA ASP E 115 -9.35 -33.59 22.13
C ASP E 115 -9.14 -32.13 22.55
N GLY E 116 -9.41 -31.19 21.64
CA GLY E 116 -9.23 -29.79 21.91
C GLY E 116 -7.99 -29.21 21.25
N THR E 117 -7.27 -30.04 20.51
CA THR E 117 -6.08 -29.58 19.79
C THR E 117 -6.50 -28.74 18.58
N VAL E 118 -5.93 -27.55 18.48
CA VAL E 118 -6.24 -26.62 17.40
C VAL E 118 -5.11 -26.55 16.38
N LEU E 119 -5.46 -26.61 15.09
CA LEU E 119 -4.49 -26.36 14.04
C LEU E 119 -4.79 -25.05 13.35
N TYR E 120 -3.76 -24.25 13.12
CA TYR E 120 -3.92 -22.96 12.48
C TYR E 120 -2.93 -22.83 11.33
N SER E 121 -3.43 -22.56 10.13
CA SER E 121 -2.57 -22.45 8.95
C SER E 121 -2.92 -21.19 8.17
N VAL E 122 -1.91 -20.41 7.82
CA VAL E 122 -2.13 -19.14 7.14
C VAL E 122 -0.98 -18.79 6.20
N ARG E 123 -1.30 -18.28 5.02
CA ARG E 123 -0.28 -17.77 4.12
C ARG E 123 0.09 -16.36 4.52
N ILE E 124 1.38 -16.05 4.49
CA ILE E 124 1.85 -14.73 4.86
C ILE E 124 3.00 -14.34 3.94
N SER E 125 2.92 -13.15 3.36
CA SER E 125 4.04 -12.60 2.63
C SER E 125 4.78 -11.62 3.54
N LEU E 126 6.11 -11.72 3.58
CA LEU E 126 6.90 -10.90 4.48
C LEU E 126 8.01 -10.16 3.75
N VAL E 127 8.43 -9.05 4.32
CA VAL E 127 9.66 -8.38 3.93
C VAL E 127 10.50 -8.22 5.20
N LEU E 128 11.53 -9.05 5.33
CA LEU E 128 12.32 -9.11 6.55
C LEU E 128 13.64 -8.40 6.36
N SER E 129 14.18 -7.86 7.45
CA SER E 129 15.51 -7.25 7.42
C SER E 129 16.56 -8.33 7.65
N CYS E 130 17.60 -8.31 6.83
CA CYS E 130 18.66 -9.30 6.93
C CYS E 130 20.01 -8.60 6.80
N PRO E 131 20.61 -8.23 7.95
CA PRO E 131 21.92 -7.57 7.91
C PRO E 131 22.92 -8.45 7.18
N MET E 132 23.58 -7.89 6.17
CA MET E 132 24.52 -8.64 5.35
C MET E 132 25.94 -8.13 5.54
N TYR E 133 26.90 -9.02 5.29
CA TYR E 133 28.31 -8.69 5.48
C TYR E 133 29.09 -9.01 4.22
N LEU E 134 29.58 -7.97 3.55
CA LEU E 134 30.12 -8.09 2.20
C LEU E 134 31.65 -8.17 2.15
N GLN E 135 32.28 -8.60 3.24
CA GLN E 135 33.73 -8.67 3.29
C GLN E 135 34.33 -9.45 2.13
N TYR E 136 33.66 -10.54 1.74
CA TYR E 136 34.09 -11.35 0.60
C TYR E 136 33.05 -11.25 -0.52
N TYR E 137 32.53 -10.05 -0.73
CA TYR E 137 31.29 -9.85 -1.49
C TYR E 137 31.07 -10.74 -2.72
N PRO E 138 32.03 -10.76 -3.65
CA PRO E 138 31.79 -11.58 -4.85
C PRO E 138 31.47 -13.03 -4.44
N MET E 139 32.27 -13.56 -3.52
CA MET E 139 32.10 -14.94 -3.04
C MET E 139 31.71 -14.99 -1.57
N ASP E 140 30.52 -14.49 -1.23
CA ASP E 140 30.09 -14.45 0.16
C ASP E 140 28.94 -15.41 0.45
N VAL E 141 28.66 -15.60 1.73
CA VAL E 141 27.44 -16.29 2.16
C VAL E 141 26.74 -15.45 3.21
N GLN E 142 25.45 -15.22 3.01
CA GLN E 142 24.66 -14.48 3.98
C GLN E 142 23.74 -15.45 4.71
N GLN E 143 23.33 -15.06 5.91
CA GLN E 143 22.35 -15.84 6.66
C GLN E 143 21.16 -14.97 7.04
N CYS E 144 20.00 -15.28 6.45
CA CYS E 144 18.81 -14.51 6.72
C CYS E 144 17.86 -15.31 7.60
N SER E 145 17.12 -14.61 8.45
CA SER E 145 16.29 -15.26 9.45
C SER E 145 14.87 -14.73 9.49
N ILE E 146 13.97 -15.53 10.03
CA ILE E 146 12.61 -15.09 10.30
C ILE E 146 12.36 -15.32 11.78
N ASP E 147 12.03 -14.27 12.51
CA ASP E 147 11.77 -14.40 13.94
C ASP E 147 10.28 -14.40 14.21
N LEU E 148 9.87 -15.29 15.10
CA LEU E 148 8.45 -15.44 15.43
C LEU E 148 8.32 -15.43 16.94
N ALA E 149 7.41 -14.62 17.46
CA ALA E 149 7.23 -14.50 18.91
C ALA E 149 5.90 -13.86 19.27
N SER E 150 5.47 -14.05 20.52
CA SER E 150 4.24 -13.43 20.99
C SER E 150 4.48 -11.97 21.34
N TYR E 151 3.45 -11.14 21.19
CA TYR E 151 3.61 -9.72 21.47
C TYR E 151 3.18 -9.31 22.87
N ALA E 152 2.01 -9.78 23.28
CA ALA E 152 1.45 -9.37 24.56
C ALA E 152 1.68 -10.40 25.65
N TYR E 153 1.62 -11.67 25.27
CA TYR E 153 1.76 -12.75 26.25
C TYR E 153 3.21 -13.04 26.57
N THR E 154 3.51 -13.10 27.85
CA THR E 154 4.86 -13.33 28.32
C THR E 154 5.18 -14.82 28.43
N THR E 155 6.25 -15.16 29.14
CA THR E 155 6.71 -16.54 29.22
C THR E 155 5.82 -17.41 30.10
N LYS E 156 4.94 -16.77 30.88
CA LYS E 156 4.09 -17.51 31.81
C LYS E 156 2.79 -17.93 31.14
N ASP E 157 2.48 -17.33 30.00
CA ASP E 157 1.19 -17.56 29.36
C ASP E 157 1.32 -18.33 28.06
N ILE E 158 2.42 -18.14 27.36
CA ILE E 158 2.59 -18.73 26.04
C ILE E 158 4.06 -19.05 25.75
N GLU E 159 4.31 -20.27 25.28
CA GLU E 159 5.68 -20.73 25.03
C GLU E 159 5.75 -21.39 23.66
N TYR E 160 6.66 -20.91 22.81
CA TYR E 160 6.79 -21.49 21.48
C TYR E 160 7.82 -22.60 21.46
N LEU E 161 7.55 -23.59 20.64
CA LEU E 161 8.45 -24.70 20.43
C LEU E 161 8.31 -25.15 18.99
N TRP E 162 9.44 -25.40 18.34
CA TRP E 162 9.41 -25.91 16.98
C TRP E 162 8.84 -27.32 16.96
N LYS E 163 8.03 -27.61 15.95
CA LYS E 163 7.48 -28.95 15.79
C LYS E 163 8.64 -29.93 15.91
N GLU E 164 8.35 -31.12 16.46
CA GLU E 164 9.40 -32.09 16.72
C GLU E 164 10.01 -32.63 15.42
N HIS E 165 9.16 -32.95 14.45
CA HIS E 165 9.63 -33.48 13.18
C HIS E 165 9.46 -32.47 12.04
N SER E 166 10.54 -32.26 11.29
CA SER E 166 10.56 -31.29 10.19
C SER E 166 9.82 -29.99 10.51
N PRO E 167 10.42 -29.16 11.37
CA PRO E 167 9.83 -27.88 11.78
C PRO E 167 9.82 -26.90 10.62
N LEU E 168 10.87 -26.92 9.80
CA LEU E 168 10.93 -26.05 8.63
C LEU E 168 10.92 -26.90 7.38
N GLN E 169 10.02 -26.58 6.46
CA GLN E 169 9.95 -27.27 5.18
C GLN E 169 10.04 -26.27 4.04
N LEU E 170 10.57 -26.71 2.91
CA LEU E 170 10.67 -25.86 1.73
C LEU E 170 9.81 -26.42 0.61
N LYS E 171 9.13 -25.56 -0.12
CA LYS E 171 8.41 -26.00 -1.30
C LYS E 171 9.40 -26.41 -2.38
N VAL E 172 9.00 -27.33 -3.24
CA VAL E 172 9.91 -27.88 -4.23
C VAL E 172 10.40 -26.83 -5.22
N GLY E 173 9.52 -25.90 -5.61
CA GLY E 173 9.88 -24.86 -6.55
C GLY E 173 10.35 -23.58 -5.89
N LEU E 174 11.29 -23.71 -4.95
CA LEU E 174 11.84 -22.55 -4.26
C LEU E 174 13.18 -22.14 -4.83
N SER E 175 14.08 -23.12 -4.96
CA SER E 175 15.42 -22.85 -5.50
C SER E 175 15.36 -22.41 -6.96
N SER E 176 14.31 -22.80 -7.66
CA SER E 176 14.14 -22.45 -9.06
C SER E 176 13.65 -21.01 -9.22
N SER E 177 13.03 -20.49 -8.17
CA SER E 177 12.55 -19.11 -8.16
C SER E 177 13.61 -18.21 -7.53
N LEU E 178 14.74 -18.80 -7.20
CA LEU E 178 15.86 -18.09 -6.60
C LEU E 178 17.11 -18.32 -7.44
N PRO E 179 17.26 -17.54 -8.52
CA PRO E 179 18.29 -17.76 -9.53
C PRO E 179 19.67 -17.28 -9.11
N SER E 180 19.73 -16.20 -8.33
CA SER E 180 20.99 -15.55 -8.00
C SER E 180 21.75 -16.20 -6.85
N PHE E 181 21.05 -16.95 -6.03
CA PHE E 181 21.67 -17.62 -4.88
C PHE E 181 21.39 -19.12 -4.85
N GLN E 182 22.03 -19.79 -3.91
CA GLN E 182 21.83 -21.21 -3.69
C GLN E 182 21.57 -21.44 -2.20
N LEU E 183 20.36 -21.86 -1.86
CA LEU E 183 19.97 -22.05 -0.46
C LEU E 183 20.60 -23.31 0.11
N THR E 184 21.82 -23.17 0.62
CA THR E 184 22.64 -24.31 1.03
C THR E 184 22.19 -24.98 2.34
N ASN E 185 21.92 -24.20 3.36
CA ASN E 185 21.62 -24.75 4.68
C ASN E 185 20.47 -24.00 5.36
N THR E 186 19.70 -24.71 6.19
CA THR E 186 18.68 -24.06 7.04
C THR E 186 18.75 -24.58 8.47
N SER E 187 18.36 -23.74 9.41
CA SER E 187 18.39 -24.11 10.83
C SER E 187 17.17 -23.61 11.57
N THR E 188 16.80 -24.32 12.63
CA THR E 188 15.63 -23.97 13.43
C THR E 188 16.03 -23.79 14.90
N THR E 189 15.89 -22.56 15.41
CA THR E 189 16.46 -22.20 16.71
C THR E 189 15.51 -21.37 17.57
N TYR E 190 15.92 -21.11 18.81
CA TYR E 190 15.15 -20.27 19.73
C TYR E 190 15.86 -18.93 20.01
N CYS E 191 15.08 -17.86 20.13
CA CYS E 191 15.64 -16.54 20.33
C CYS E 191 14.95 -15.81 21.48
N THR E 192 14.36 -16.57 22.40
CA THR E 192 13.71 -16.01 23.57
C THR E 192 14.62 -14.97 24.21
N SER E 193 14.05 -13.83 24.58
CA SER E 193 14.85 -12.76 25.16
C SER E 193 14.17 -12.13 26.36
N VAL E 194 14.95 -11.47 27.21
CA VAL E 194 14.41 -10.77 28.35
C VAL E 194 14.41 -9.25 28.10
N THR E 195 13.19 -8.69 28.04
CA THR E 195 13.01 -7.27 27.75
C THR E 195 12.54 -6.52 28.99
N ASN E 196 12.26 -5.23 28.83
CA ASN E 196 11.82 -4.40 29.94
C ASN E 196 10.37 -4.68 30.33
N THR E 197 9.60 -5.22 29.38
CA THR E 197 8.21 -5.55 29.66
C THR E 197 8.04 -7.01 30.09
N GLY E 198 9.13 -7.78 30.06
CA GLY E 198 9.10 -9.16 30.49
C GLY E 198 9.93 -10.09 29.63
N ILE E 199 9.83 -11.39 29.91
CA ILE E 199 10.56 -12.41 29.15
C ILE E 199 9.66 -13.06 28.10
N TYR E 200 9.98 -12.87 26.82
CA TYR E 200 9.14 -13.35 25.74
C TYR E 200 9.74 -14.52 24.96
N SER E 201 8.94 -15.57 24.77
CA SER E 201 9.38 -16.75 24.03
C SER E 201 9.45 -16.43 22.56
N CYS E 202 10.44 -17.00 21.86
CA CYS E 202 10.68 -16.65 20.46
C CYS E 202 11.43 -17.72 19.67
N LEU E 203 10.91 -18.04 18.48
CA LEU E 203 11.56 -18.98 17.59
C LEU E 203 12.32 -18.23 16.50
N ARG E 204 13.27 -18.90 15.85
CA ARG E 204 13.96 -18.28 14.73
C ARG E 204 14.44 -19.31 13.72
N THR E 205 13.89 -19.24 12.52
CA THR E 205 14.38 -20.06 11.42
C THR E 205 15.44 -19.27 10.66
N THR E 206 16.44 -19.99 10.14
CA THR E 206 17.54 -19.34 9.43
C THR E 206 17.90 -20.06 8.12
N ILE E 207 17.94 -19.32 7.03
CA ILE E 207 18.38 -19.90 5.76
C ILE E 207 19.75 -19.33 5.43
N GLN E 208 20.58 -20.14 4.78
CA GLN E 208 21.92 -19.71 4.41
C GLN E 208 22.04 -19.59 2.89
N LEU E 209 22.33 -18.39 2.42
CA LEU E 209 22.36 -18.12 0.98
C LEU E 209 23.78 -17.95 0.46
N LYS E 210 24.16 -18.80 -0.49
CA LYS E 210 25.46 -18.74 -1.12
C LYS E 210 25.32 -18.04 -2.47
N ARG E 211 26.09 -16.97 -2.68
CA ARG E 211 25.95 -16.19 -3.91
C ARG E 211 26.52 -16.93 -5.12
N GLU E 212 25.73 -17.00 -6.18
CA GLU E 212 26.15 -17.68 -7.40
C GLU E 212 27.31 -16.96 -8.08
N PHE E 213 28.31 -17.73 -8.49
CA PHE E 213 29.59 -17.18 -8.96
C PHE E 213 29.65 -16.97 -10.47
N SER E 214 28.94 -17.80 -11.22
CA SER E 214 28.97 -17.75 -12.68
C SER E 214 28.82 -16.34 -13.23
N PHE E 215 27.94 -15.55 -12.62
CA PHE E 215 27.72 -14.17 -13.05
C PHE E 215 28.97 -13.32 -12.87
N TYR E 216 29.58 -13.41 -11.69
CA TYR E 216 30.74 -12.58 -11.38
C TYR E 216 31.97 -13.05 -12.14
N LEU E 217 32.02 -14.34 -12.47
CA LEU E 217 33.08 -14.85 -13.32
C LEU E 217 33.02 -14.20 -14.69
N LEU E 218 31.83 -14.15 -15.29
CA LEU E 218 31.67 -13.66 -16.64
C LEU E 218 31.61 -12.13 -16.76
N GLN E 219 31.04 -11.46 -15.75
CA GLN E 219 30.83 -10.01 -15.85
C GLN E 219 31.90 -9.20 -15.15
N LEU E 220 32.77 -9.86 -14.39
CA LEU E 220 33.78 -9.13 -13.62
C LEU E 220 35.20 -9.66 -13.82
N TYR E 221 35.43 -10.92 -13.47
CA TYR E 221 36.77 -11.48 -13.51
C TYR E 221 37.30 -11.69 -14.93
N ILE E 222 36.57 -12.48 -15.73
CA ILE E 222 36.98 -12.73 -17.11
C ILE E 222 37.29 -11.43 -17.86
N PRO E 223 36.33 -10.49 -17.89
CA PRO E 223 36.54 -9.27 -18.67
C PRO E 223 37.69 -8.41 -18.15
N SER E 224 38.01 -8.51 -16.86
CA SER E 224 39.13 -7.75 -16.33
C SER E 224 40.47 -8.35 -16.73
N CYS E 225 40.55 -9.68 -16.73
CA CYS E 225 41.75 -10.35 -17.23
C CYS E 225 41.94 -10.01 -18.69
N MET E 226 40.85 -10.13 -19.45
CA MET E 226 40.87 -9.80 -20.86
C MET E 226 41.29 -8.34 -21.05
N LEU E 227 41.07 -7.53 -20.04
CA LEU E 227 41.40 -6.10 -20.10
C LEU E 227 42.87 -5.87 -19.73
N VAL E 228 43.35 -6.58 -18.72
CA VAL E 228 44.74 -6.49 -18.30
C VAL E 228 45.64 -7.07 -19.39
N ILE E 229 45.21 -8.18 -19.98
CA ILE E 229 45.99 -8.84 -21.03
C ILE E 229 46.16 -7.94 -22.25
N VAL E 230 45.16 -7.12 -22.54
CA VAL E 230 45.26 -6.17 -23.65
C VAL E 230 46.33 -5.12 -23.39
N SER E 231 46.45 -4.69 -22.14
CA SER E 231 47.44 -3.68 -21.79
C SER E 231 48.86 -4.22 -21.98
N TRP E 232 48.98 -5.53 -22.14
CA TRP E 232 50.30 -6.15 -22.32
C TRP E 232 50.73 -6.20 -23.77
N VAL E 233 49.76 -6.23 -24.68
CA VAL E 233 50.08 -6.35 -26.11
C VAL E 233 50.77 -5.10 -26.62
N SER E 234 50.94 -4.12 -25.74
CA SER E 234 51.64 -2.89 -26.11
C SER E 234 53.12 -3.01 -25.79
N PHE E 235 53.50 -4.11 -25.15
CA PHE E 235 54.90 -4.39 -24.88
C PHE E 235 55.58 -4.93 -26.13
N TRP E 236 54.78 -5.21 -27.16
CA TRP E 236 55.27 -5.81 -28.39
C TRP E 236 55.28 -4.81 -29.54
N PHE E 237 54.80 -3.60 -29.27
CA PHE E 237 54.90 -2.51 -30.23
C PHE E 237 56.25 -1.82 -30.09
N ASP E 238 56.85 -1.43 -31.21
CA ASP E 238 58.12 -0.72 -31.19
C ASP E 238 58.07 0.49 -30.27
N ARG E 239 59.17 0.71 -29.53
CA ARG E 239 59.23 1.78 -28.54
C ARG E 239 59.12 3.16 -29.19
N THR E 240 59.16 3.20 -30.51
CA THR E 240 59.09 4.46 -31.25
C THR E 240 57.64 4.91 -31.41
N ALA E 241 56.75 3.94 -31.60
CA ALA E 241 55.33 4.22 -31.74
C ALA E 241 54.64 4.24 -30.38
N ILE E 242 54.92 5.28 -29.58
CA ILE E 242 54.31 5.43 -28.28
C ILE E 242 52.81 5.74 -28.35
N PRO E 243 52.36 6.46 -29.40
CA PRO E 243 50.92 6.72 -29.50
C PRO E 243 50.08 5.45 -29.35
N ALA E 244 50.55 4.35 -29.93
CA ALA E 244 49.84 3.08 -29.86
C ALA E 244 49.80 2.55 -28.42
N ARG E 245 50.92 2.66 -27.71
CA ARG E 245 51.01 2.17 -26.35
C ARG E 245 50.10 2.94 -25.38
N VAL E 246 50.15 4.27 -25.47
CA VAL E 246 49.31 5.09 -24.61
C VAL E 246 47.84 4.83 -24.88
N THR E 247 47.47 4.77 -26.16
CA THR E 247 46.09 4.47 -26.52
C THR E 247 45.58 3.20 -25.85
N LEU E 248 46.40 2.14 -25.91
CA LEU E 248 46.05 0.90 -25.24
C LEU E 248 45.96 1.08 -23.73
N GLY E 249 47.10 1.38 -23.11
CA GLY E 249 47.18 1.52 -21.67
C GLY E 249 46.13 2.42 -21.03
N VAL E 250 45.75 3.48 -21.74
CA VAL E 250 44.78 4.44 -21.22
C VAL E 250 43.34 3.98 -21.41
N THR E 251 43.05 3.41 -22.57
CA THR E 251 41.71 2.91 -22.84
C THR E 251 41.35 1.75 -21.93
N THR E 252 42.30 0.87 -21.69
CA THR E 252 42.08 -0.27 -20.81
C THR E 252 41.93 0.18 -19.35
N LEU E 253 42.64 1.24 -18.98
CA LEU E 253 42.53 1.78 -17.62
C LEU E 253 41.19 2.45 -17.41
N LEU E 254 40.78 3.26 -18.37
CA LEU E 254 39.51 3.96 -18.32
C LEU E 254 38.37 2.94 -18.26
N THR E 255 38.38 1.98 -19.17
CA THR E 255 37.37 0.92 -19.19
C THR E 255 37.32 0.20 -17.85
N MET E 256 38.49 -0.07 -17.28
CA MET E 256 38.57 -0.70 -15.97
C MET E 256 37.73 0.07 -14.98
N THR E 257 37.92 1.39 -14.94
CA THR E 257 37.15 2.27 -14.08
C THR E 257 35.65 2.08 -14.27
N ALA E 258 35.20 2.28 -15.50
CA ALA E 258 33.78 2.12 -15.82
C ALA E 258 33.24 0.80 -15.28
N GLN E 259 33.91 -0.29 -15.60
CA GLN E 259 33.47 -1.61 -15.16
C GLN E 259 33.25 -1.67 -13.66
N SER E 260 34.23 -1.17 -12.89
CA SER E 260 34.11 -1.16 -11.45
C SER E 260 32.94 -0.29 -10.97
N ALA E 261 32.77 0.87 -11.61
CA ALA E 261 31.66 1.75 -11.28
C ALA E 261 30.34 0.99 -11.40
N GLY E 262 30.25 0.13 -12.40
CA GLY E 262 29.07 -0.70 -12.58
C GLY E 262 28.81 -1.58 -11.39
N ILE E 263 29.77 -2.43 -11.05
CA ILE E 263 29.62 -3.33 -9.91
C ILE E 263 29.34 -2.56 -8.62
N ASN E 264 30.13 -1.53 -8.37
CA ASN E 264 30.03 -0.76 -7.14
C ASN E 264 28.72 0.02 -6.98
N SER E 265 27.99 0.22 -8.08
CA SER E 265 26.75 0.99 -8.02
C SER E 265 25.59 0.17 -7.43
N GLN E 266 25.68 -1.14 -7.53
CA GLN E 266 24.63 -2.02 -7.02
C GLN E 266 24.85 -2.36 -5.54
N LEU E 267 25.91 -1.79 -4.96
CA LEU E 267 26.26 -2.08 -3.57
C LEU E 267 26.06 -0.87 -2.66
N PRO E 268 25.73 -1.14 -1.39
CA PRO E 268 25.58 -0.05 -0.42
C PRO E 268 26.95 0.35 0.08
N PRO E 269 27.16 1.66 0.33
CA PRO E 269 28.45 2.06 0.88
C PRO E 269 28.64 1.43 2.25
N VAL E 270 29.78 0.77 2.44
CA VAL E 270 30.09 0.13 3.71
C VAL E 270 31.33 0.75 4.36
N SER E 271 31.75 0.18 5.48
CA SER E 271 32.88 0.73 6.22
C SER E 271 34.11 -0.15 6.14
N TYR E 272 34.01 -1.22 5.36
CA TYR E 272 35.11 -2.17 5.24
C TYR E 272 35.57 -2.37 3.80
N ILE E 273 36.72 -3.00 3.62
CA ILE E 273 37.21 -3.28 2.27
C ILE E 273 36.76 -4.66 1.81
N LYS E 274 36.01 -4.69 0.71
CA LYS E 274 35.50 -5.94 0.16
C LYS E 274 36.57 -6.62 -0.70
N ALA E 275 36.46 -7.93 -0.85
CA ALA E 275 37.41 -8.68 -1.67
C ALA E 275 37.31 -8.25 -3.13
N ILE E 276 36.15 -7.76 -3.51
CA ILE E 276 35.95 -7.20 -4.85
C ILE E 276 36.86 -5.99 -5.04
N ASP E 277 37.08 -5.25 -3.96
CA ASP E 277 37.92 -4.05 -4.01
C ASP E 277 39.37 -4.43 -4.24
N VAL E 278 39.82 -5.47 -3.54
CA VAL E 278 41.19 -5.94 -3.69
C VAL E 278 41.46 -6.37 -5.12
N TRP E 279 40.45 -6.93 -5.77
CA TRP E 279 40.67 -7.45 -7.11
C TRP E 279 40.63 -6.37 -8.19
N ILE E 280 39.69 -5.44 -8.09
CA ILE E 280 39.65 -4.31 -9.00
C ILE E 280 40.92 -3.48 -8.83
N GLY E 281 41.27 -3.21 -7.57
CA GLY E 281 42.42 -2.39 -7.26
C GLY E 281 43.73 -2.94 -7.81
N ALA E 282 43.89 -4.26 -7.74
CA ALA E 282 45.10 -4.89 -8.23
C ALA E 282 45.22 -4.77 -9.76
N CYS E 283 44.17 -5.18 -10.46
CA CYS E 283 44.14 -5.08 -11.91
C CYS E 283 44.42 -3.64 -12.33
N MET E 284 43.84 -2.71 -11.60
CA MET E 284 44.03 -1.29 -11.85
C MET E 284 45.52 -0.96 -11.85
N THR E 285 46.25 -1.56 -10.91
CA THR E 285 47.68 -1.30 -10.75
C THR E 285 48.48 -1.87 -11.92
N PHE E 286 48.18 -3.11 -12.30
CA PHE E 286 48.87 -3.75 -13.41
C PHE E 286 48.77 -2.93 -14.68
N ILE E 287 47.64 -2.26 -14.88
CA ILE E 287 47.45 -1.40 -16.04
C ILE E 287 48.16 -0.07 -15.83
N PHE E 288 48.17 0.40 -14.59
CA PHE E 288 48.84 1.65 -14.25
C PHE E 288 50.36 1.51 -14.41
N CYS E 289 50.89 0.36 -14.04
CA CYS E 289 52.32 0.11 -14.16
C CYS E 289 52.71 -0.12 -15.62
N ALA E 290 51.76 -0.55 -16.43
CA ALA E 290 51.98 -0.68 -17.86
C ALA E 290 52.28 0.69 -18.45
N LEU E 291 51.42 1.66 -18.17
CA LEU E 291 51.62 3.04 -18.60
C LEU E 291 52.97 3.54 -18.10
N LEU E 292 53.20 3.37 -16.80
CA LEU E 292 54.46 3.79 -16.20
C LEU E 292 55.64 3.25 -17.00
N GLU E 293 55.55 1.97 -17.37
CA GLU E 293 56.62 1.34 -18.14
C GLU E 293 56.82 2.05 -19.48
N PHE E 294 55.72 2.38 -20.15
CA PHE E 294 55.79 3.09 -21.43
C PHE E 294 56.62 4.36 -21.27
N ALA E 295 56.32 5.14 -20.24
CA ALA E 295 57.04 6.37 -20.00
C ALA E 295 58.52 6.11 -19.74
N LEU E 296 58.81 5.16 -18.85
CA LEU E 296 60.18 4.80 -18.53
C LEU E 296 60.94 4.39 -19.78
N VAL E 297 60.36 3.50 -20.57
CA VAL E 297 60.99 3.01 -21.79
C VAL E 297 61.22 4.13 -22.80
N ASN E 298 60.16 4.89 -23.08
CA ASN E 298 60.23 5.97 -24.06
C ASN E 298 61.21 7.06 -23.64
N HIS E 299 61.32 7.29 -22.33
CA HIS E 299 62.18 8.35 -21.82
C HIS E 299 63.66 8.04 -21.94
N ILE E 300 64.07 6.84 -21.52
CA ILE E 300 65.47 6.44 -21.63
C ILE E 300 65.80 5.96 -23.03
N ALA E 301 64.81 5.98 -23.91
CA ALA E 301 65.01 5.56 -25.29
C ALA E 301 65.59 6.69 -26.14
N ASN E 302 64.97 7.86 -26.07
CA ASN E 302 65.41 9.01 -26.86
C ASN E 302 66.74 9.61 -26.39
N ALA E 303 67.16 9.24 -25.18
CA ALA E 303 68.46 9.66 -24.68
C ALA E 303 69.55 9.30 -25.67
N GLY E 304 70.34 10.29 -26.07
CA GLY E 304 71.34 10.12 -27.11
C GLY E 304 72.17 8.85 -27.08
N THR E 305 72.77 8.58 -25.92
CA THR E 305 73.71 7.47 -25.81
C THR E 305 73.05 6.10 -25.99
N THR E 306 73.75 5.20 -26.67
CA THR E 306 73.26 3.85 -26.89
C THR E 306 73.28 3.05 -25.59
N GLU E 307 73.86 3.63 -24.55
CA GLU E 307 73.91 3.00 -23.24
C GLU E 307 72.52 2.81 -22.68
N TRP E 308 71.70 3.86 -22.76
CA TRP E 308 70.33 3.80 -22.27
C TRP E 308 69.42 3.12 -23.29
N ASN E 309 69.72 3.29 -24.57
CA ASN E 309 68.85 2.76 -25.62
C ASN E 309 68.62 1.25 -25.49
N ASP E 310 69.69 0.48 -25.36
CA ASP E 310 69.55 -0.97 -25.23
C ASP E 310 68.97 -1.36 -23.87
N ILE E 311 69.10 -0.48 -22.88
CA ILE E 311 68.42 -0.66 -21.60
C ILE E 311 66.92 -0.55 -21.80
N SER E 312 66.52 0.45 -22.60
CA SER E 312 65.13 0.61 -22.97
C SER E 312 64.58 -0.69 -23.55
N LYS E 313 65.34 -1.28 -24.46
CA LYS E 313 64.97 -2.55 -25.07
C LYS E 313 64.87 -3.65 -24.02
N ARG E 314 65.77 -3.62 -23.06
CA ARG E 314 65.84 -4.63 -22.01
C ARG E 314 64.61 -4.59 -21.11
N VAL E 315 64.10 -3.39 -20.86
CA VAL E 315 62.92 -3.21 -20.02
C VAL E 315 61.69 -3.86 -20.64
N ASP E 316 61.56 -3.76 -21.96
CA ASP E 316 60.45 -4.41 -22.66
C ASP E 316 60.54 -5.92 -22.57
N LEU E 317 61.70 -6.47 -22.90
CA LEU E 317 61.91 -7.91 -22.82
C LEU E 317 61.52 -8.45 -21.45
N ILE E 318 61.92 -7.75 -20.40
CA ILE E 318 61.60 -8.17 -19.04
C ILE E 318 60.11 -8.02 -18.74
N SER E 319 59.52 -6.93 -19.20
CA SER E 319 58.10 -6.67 -18.96
C SER E 319 57.23 -7.73 -19.63
N ARG E 320 57.54 -8.08 -20.86
CA ARG E 320 56.77 -9.05 -21.62
C ARG E 320 56.59 -10.36 -20.87
N ALA E 321 57.45 -10.61 -19.90
CA ALA E 321 57.38 -11.84 -19.12
C ALA E 321 57.04 -11.58 -17.65
N LEU E 322 57.63 -10.53 -17.08
CA LEU E 322 57.44 -10.21 -15.67
C LEU E 322 55.97 -9.90 -15.33
N PHE E 323 55.33 -9.07 -16.16
CA PHE E 323 53.93 -8.72 -15.94
C PHE E 323 53.03 -9.96 -15.85
N PRO E 324 53.00 -10.77 -16.92
CA PRO E 324 52.22 -12.01 -16.88
C PRO E 324 52.52 -12.86 -15.64
N VAL E 325 53.80 -13.16 -15.42
CA VAL E 325 54.18 -13.95 -14.27
C VAL E 325 53.66 -13.35 -12.96
N LEU E 326 53.86 -12.06 -12.78
CA LEU E 326 53.40 -11.38 -11.56
C LEU E 326 51.88 -11.40 -11.43
N PHE E 327 51.18 -11.20 -12.54
CA PHE E 327 49.72 -11.21 -12.53
C PHE E 327 49.20 -12.60 -12.20
N PHE E 328 49.89 -13.62 -12.72
CA PHE E 328 49.55 -15.01 -12.42
C PHE E 328 49.79 -15.30 -10.94
N VAL E 329 50.91 -14.80 -10.42
CA VAL E 329 51.21 -14.93 -9.00
C VAL E 329 50.12 -14.28 -8.16
N PHE E 330 49.67 -13.10 -8.60
CA PHE E 330 48.60 -12.41 -7.90
C PHE E 330 47.35 -13.25 -7.83
N ASN E 331 46.87 -13.68 -8.99
CA ASN E 331 45.69 -14.55 -9.04
C ASN E 331 45.77 -15.68 -8.03
N ILE E 332 46.92 -16.36 -8.01
CA ILE E 332 47.12 -17.48 -7.09
C ILE E 332 46.93 -17.06 -5.63
N LEU E 333 47.55 -15.96 -5.24
CA LEU E 333 47.38 -15.44 -3.88
C LEU E 333 45.93 -15.03 -3.66
N TYR E 334 45.37 -14.30 -4.62
CA TYR E 334 44.01 -13.78 -4.48
C TYR E 334 42.97 -14.89 -4.28
N TRP E 335 42.99 -15.88 -5.16
CA TRP E 335 41.97 -16.92 -5.13
C TRP E 335 42.11 -17.85 -3.92
N SER E 336 43.33 -18.05 -3.46
CA SER E 336 43.56 -18.88 -2.30
C SER E 336 43.12 -18.15 -1.05
N ARG E 337 43.04 -16.83 -1.15
CA ARG E 337 42.68 -15.99 -0.02
C ARG E 337 41.17 -15.77 0.09
N PHE E 338 40.47 -15.78 -1.04
CA PHE E 338 39.05 -15.45 -1.07
C PHE E 338 38.14 -16.53 -1.65
N GLY E 339 38.72 -17.53 -2.31
CA GLY E 339 37.94 -18.61 -2.88
C GLY E 339 37.66 -19.69 -1.86
N HIS E 340 38.38 -19.63 -0.74
CA HIS E 340 38.31 -20.65 0.30
C HIS E 340 36.88 -21.06 0.61
N GLU F 1 -10.22 45.90 -27.50
CA GLU F 1 -11.44 46.25 -26.79
C GLU F 1 -12.50 45.16 -26.97
N VAL F 2 -13.18 44.82 -25.88
CA VAL F 2 -14.25 43.83 -25.94
C VAL F 2 -15.55 44.50 -26.34
N GLN F 3 -16.40 43.76 -27.04
CA GLN F 3 -17.72 44.27 -27.43
C GLN F 3 -18.77 43.18 -27.41
N LEU F 4 -19.94 43.53 -26.91
CA LEU F 4 -21.09 42.64 -26.95
C LEU F 4 -22.17 43.33 -27.78
N GLN F 5 -22.44 42.81 -28.97
CA GLN F 5 -23.47 43.37 -29.81
C GLN F 5 -24.70 42.46 -29.85
N GLN F 6 -25.82 43.00 -29.40
CA GLN F 6 -27.05 42.23 -29.34
C GLN F 6 -27.91 42.47 -30.58
N SER F 7 -28.84 41.55 -30.82
CA SER F 7 -29.72 41.65 -31.98
C SER F 7 -30.58 42.90 -31.92
N GLY F 8 -31.22 43.22 -33.04
CA GLY F 8 -32.06 44.40 -33.13
C GLY F 8 -33.36 44.25 -32.36
N PRO F 9 -34.19 45.31 -32.36
CA PRO F 9 -35.47 45.31 -31.67
C PRO F 9 -36.45 44.37 -32.34
N GLU F 10 -37.37 43.80 -31.56
CA GLU F 10 -38.33 42.84 -32.10
C GLU F 10 -39.74 43.14 -31.62
N LEU F 11 -40.72 42.87 -32.50
CA LEU F 11 -42.13 43.00 -32.17
C LEU F 11 -42.83 41.68 -32.43
N VAL F 12 -43.40 41.10 -31.39
CA VAL F 12 -44.03 39.79 -31.51
C VAL F 12 -45.36 39.71 -30.76
N ARG F 13 -46.29 38.92 -31.30
CA ARG F 13 -47.60 38.74 -30.70
C ARG F 13 -47.54 37.78 -29.52
N PRO F 14 -48.42 37.98 -28.52
CA PRO F 14 -48.50 37.10 -27.35
C PRO F 14 -48.64 35.64 -27.74
N GLY F 15 -48.07 34.75 -26.94
CA GLY F 15 -48.15 33.32 -27.23
C GLY F 15 -46.99 32.83 -28.06
N ALA F 16 -46.39 33.73 -28.84
CA ALA F 16 -45.25 33.38 -29.66
C ALA F 16 -43.97 33.38 -28.84
N SER F 17 -42.85 33.04 -29.48
CA SER F 17 -41.56 33.02 -28.80
C SER F 17 -40.45 33.46 -29.75
N MET F 18 -39.60 34.36 -29.27
CA MET F 18 -38.48 34.83 -30.08
C MET F 18 -37.15 34.70 -29.34
N LYS F 19 -36.05 34.77 -30.08
CA LYS F 19 -34.73 34.54 -29.53
C LYS F 19 -33.75 35.67 -29.89
N ILE F 20 -33.22 36.34 -28.87
CA ILE F 20 -32.27 37.42 -29.07
C ILE F 20 -30.82 36.97 -28.89
N SER F 21 -29.91 37.57 -29.64
CA SER F 21 -28.51 37.14 -29.63
C SER F 21 -27.59 38.19 -29.02
N CYS F 22 -26.38 37.76 -28.70
CA CYS F 22 -25.37 38.63 -28.11
C CYS F 22 -24.01 38.21 -28.62
N LYS F 23 -23.59 38.80 -29.74
CA LYS F 23 -22.31 38.42 -30.35
C LYS F 23 -21.12 39.08 -29.68
N ALA F 24 -20.26 38.25 -29.09
CA ALA F 24 -19.09 38.73 -28.36
C ALA F 24 -17.84 38.75 -29.23
N SER F 25 -17.03 39.78 -29.03
CA SER F 25 -15.79 39.93 -29.79
C SER F 25 -14.76 40.71 -28.98
N GLY F 26 -13.49 40.45 -29.23
CA GLY F 26 -12.42 41.16 -28.55
C GLY F 26 -11.89 40.44 -27.34
N TYR F 27 -12.37 39.22 -27.11
CA TYR F 27 -11.87 38.39 -26.02
C TYR F 27 -12.12 36.93 -26.30
N SER F 28 -11.41 36.06 -25.60
CA SER F 28 -11.62 34.62 -25.71
C SER F 28 -13.03 34.28 -25.23
N PHE F 29 -13.95 34.13 -26.18
CA PHE F 29 -15.39 34.01 -25.87
C PHE F 29 -15.70 32.95 -24.83
N THR F 30 -14.98 31.84 -24.87
CA THR F 30 -15.31 30.68 -24.07
C THR F 30 -14.79 30.81 -22.63
N GLY F 31 -14.11 31.90 -22.34
CA GLY F 31 -13.48 32.08 -21.04
C GLY F 31 -14.32 32.78 -20.00
N TYR F 32 -15.30 33.56 -20.43
CA TYR F 32 -16.12 34.34 -19.52
C TYR F 32 -17.59 33.93 -19.62
N THR F 33 -18.24 33.75 -18.48
CA THR F 33 -19.66 33.35 -18.49
C THR F 33 -20.55 34.57 -18.69
N MET F 34 -21.71 34.36 -19.31
CA MET F 34 -22.61 35.44 -19.68
C MET F 34 -23.85 35.51 -18.80
N ASN F 35 -24.19 36.72 -18.36
CA ASN F 35 -25.44 36.96 -17.65
C ASN F 35 -26.49 37.55 -18.59
N TRP F 36 -27.75 37.37 -18.24
CA TRP F 36 -28.85 38.06 -18.94
C TRP F 36 -29.70 38.85 -17.95
N VAL F 37 -29.83 40.14 -18.19
CA VAL F 37 -30.57 41.03 -17.30
C VAL F 37 -31.78 41.60 -18.01
N LYS F 38 -32.92 41.63 -17.32
CA LYS F 38 -34.16 42.18 -17.88
C LYS F 38 -34.54 43.50 -17.22
N GLN F 39 -34.61 44.55 -18.02
CA GLN F 39 -35.02 45.86 -17.52
C GLN F 39 -36.38 46.23 -18.09
N SER F 40 -37.40 46.16 -17.24
CA SER F 40 -38.77 46.46 -17.66
C SER F 40 -39.25 47.77 -17.05
N HIS F 41 -40.18 48.42 -17.74
CA HIS F 41 -40.72 49.68 -17.25
C HIS F 41 -41.38 49.49 -15.89
N GLY F 42 -42.14 48.39 -15.77
CA GLY F 42 -42.91 48.12 -14.57
C GLY F 42 -42.11 47.95 -13.29
N LYS F 43 -40.92 47.35 -13.40
CA LYS F 43 -40.11 47.05 -12.22
C LYS F 43 -38.65 47.46 -12.40
N ASN F 44 -37.79 46.98 -11.50
CA ASN F 44 -36.37 47.29 -11.58
C ASN F 44 -35.68 46.34 -12.56
N LEU F 45 -34.36 46.23 -12.42
CA LEU F 45 -33.61 45.23 -13.16
C LEU F 45 -33.84 43.86 -12.54
N GLU F 46 -34.00 42.86 -13.38
CA GLU F 46 -34.11 41.49 -12.90
C GLU F 46 -33.01 40.62 -13.52
N TRP F 47 -32.46 39.72 -12.72
CA TRP F 47 -31.45 38.79 -13.21
C TRP F 47 -32.13 37.51 -13.69
N ILE F 48 -32.00 37.22 -14.98
CA ILE F 48 -32.68 36.08 -15.57
C ILE F 48 -31.92 34.78 -15.31
N GLY F 49 -30.63 34.78 -15.64
CA GLY F 49 -29.81 33.61 -15.47
C GLY F 49 -28.44 33.80 -16.09
N LEU F 50 -27.62 32.76 -16.07
CA LEU F 50 -26.30 32.85 -16.66
C LEU F 50 -25.90 31.53 -17.33
N ILE F 51 -24.97 31.62 -18.27
CA ILE F 51 -24.48 30.45 -18.97
C ILE F 51 -22.97 30.52 -19.12
N ASN F 52 -22.31 29.37 -18.96
CA ASN F 52 -20.88 29.27 -19.14
C ASN F 52 -20.57 28.74 -20.53
N PRO F 53 -20.05 29.60 -21.41
CA PRO F 53 -19.81 29.24 -22.81
C PRO F 53 -18.98 27.96 -22.96
N TYR F 54 -17.89 27.88 -22.21
CA TYR F 54 -16.98 26.74 -22.30
C TYR F 54 -17.65 25.45 -21.86
N ASN F 55 -18.56 25.57 -20.91
CA ASN F 55 -19.08 24.44 -20.18
C ASN F 55 -20.43 23.99 -20.69
N GLY F 56 -21.21 24.95 -21.19
CA GLY F 56 -22.57 24.68 -21.61
C GLY F 56 -23.51 24.86 -20.42
N GLY F 57 -22.94 24.78 -19.22
CA GLY F 57 -23.70 24.87 -17.99
C GLY F 57 -24.52 26.14 -17.84
N THR F 58 -25.69 26.01 -17.23
CA THR F 58 -26.56 27.15 -17.01
C THR F 58 -27.13 27.17 -15.60
N SER F 59 -27.59 28.35 -15.17
CA SER F 59 -28.23 28.51 -13.88
C SER F 59 -29.25 29.65 -13.96
N TYR F 60 -30.53 29.33 -13.77
CA TYR F 60 -31.59 30.32 -13.95
C TYR F 60 -32.12 30.85 -12.63
N ASN F 61 -32.59 32.09 -12.66
CA ASN F 61 -33.38 32.64 -11.58
C ASN F 61 -34.67 31.82 -11.50
N GLN F 62 -35.03 31.37 -10.30
CA GLN F 62 -36.23 30.57 -10.13
C GLN F 62 -37.41 31.19 -10.87
N LYS F 63 -37.44 32.52 -10.90
CA LYS F 63 -38.52 33.26 -11.53
C LYS F 63 -38.67 32.97 -13.02
N PHE F 64 -37.54 32.87 -13.72
CA PHE F 64 -37.54 32.67 -15.16
C PHE F 64 -37.32 31.21 -15.57
N LYS F 65 -37.36 30.32 -14.58
CA LYS F 65 -37.28 28.89 -14.84
C LYS F 65 -38.40 28.47 -15.78
N GLY F 66 -38.06 28.25 -17.05
CA GLY F 66 -39.05 27.84 -18.02
C GLY F 66 -39.50 28.97 -18.94
N LYS F 67 -39.16 30.20 -18.59
CA LYS F 67 -39.47 31.35 -19.43
C LYS F 67 -38.32 31.66 -20.39
N ALA F 68 -37.09 31.51 -19.90
CA ALA F 68 -35.91 31.77 -20.71
C ALA F 68 -35.03 30.53 -20.85
N THR F 69 -34.38 30.39 -22.00
CA THR F 69 -33.48 29.27 -22.25
C THR F 69 -32.16 29.74 -22.83
N LEU F 70 -31.13 29.81 -21.98
CA LEU F 70 -29.82 30.28 -22.40
C LEU F 70 -29.06 29.20 -23.15
N THR F 71 -28.48 29.59 -24.28
CA THR F 71 -27.64 28.69 -25.06
C THR F 71 -26.42 29.45 -25.56
N VAL F 72 -25.53 28.77 -26.25
CA VAL F 72 -24.31 29.39 -26.73
C VAL F 72 -23.76 28.67 -27.96
N ASP F 73 -23.28 29.43 -28.93
CA ASP F 73 -22.70 28.87 -30.14
C ASP F 73 -21.22 29.23 -30.21
N LYS F 74 -20.37 28.31 -29.76
CA LYS F 74 -18.93 28.57 -29.66
C LYS F 74 -18.31 29.07 -30.95
N SER F 75 -18.69 28.45 -32.08
CA SER F 75 -18.10 28.77 -33.37
C SER F 75 -18.20 30.26 -33.69
N SER F 76 -19.38 30.84 -33.43
CA SER F 76 -19.65 32.23 -33.81
C SER F 76 -19.51 33.20 -32.64
N SER F 77 -19.05 32.72 -31.49
CA SER F 77 -18.88 33.56 -30.31
C SER F 77 -20.17 34.31 -29.97
N THR F 78 -21.30 33.62 -30.07
CA THR F 78 -22.59 34.24 -29.81
C THR F 78 -23.33 33.57 -28.66
N ALA F 79 -23.97 34.37 -27.82
CA ALA F 79 -24.85 33.85 -26.78
C ALA F 79 -26.29 34.17 -27.14
N TYR F 80 -27.16 33.16 -27.02
CA TYR F 80 -28.56 33.35 -27.39
C TYR F 80 -29.46 33.21 -26.17
N MET F 81 -30.65 33.83 -26.23
CA MET F 81 -31.65 33.65 -25.19
C MET F 81 -33.04 33.45 -25.79
N GLU F 82 -33.62 32.28 -25.53
CA GLU F 82 -34.98 31.98 -25.95
C GLU F 82 -35.97 32.53 -24.92
N LEU F 83 -37.09 33.04 -25.40
CA LEU F 83 -38.17 33.48 -24.51
C LEU F 83 -39.49 32.87 -24.96
N LEU F 84 -40.02 31.97 -24.15
CA LEU F 84 -41.20 31.21 -24.53
C LEU F 84 -42.48 31.83 -23.97
N SER F 85 -43.62 31.42 -24.52
CA SER F 85 -44.92 31.91 -24.08
C SER F 85 -44.92 33.41 -23.77
N LEU F 86 -44.44 34.20 -24.73
CA LEU F 86 -44.35 35.65 -24.55
C LEU F 86 -45.70 36.27 -24.21
N THR F 87 -45.69 37.23 -23.29
CA THR F 87 -46.90 37.93 -22.89
C THR F 87 -46.63 39.41 -22.73
N SER F 88 -47.59 40.15 -22.19
CA SER F 88 -47.44 41.58 -21.98
C SER F 88 -46.28 41.87 -21.03
N GLU F 89 -46.15 41.05 -19.99
CA GLU F 89 -45.14 41.26 -18.96
C GLU F 89 -43.71 41.08 -19.48
N ASP F 90 -43.59 40.43 -20.63
CA ASP F 90 -42.27 40.17 -21.20
C ASP F 90 -41.75 41.35 -22.02
N SER F 91 -42.59 42.37 -22.19
CA SER F 91 -42.19 43.57 -22.92
C SER F 91 -41.17 44.39 -22.11
N ALA F 92 -39.91 44.30 -22.49
CA ALA F 92 -38.85 45.00 -21.78
C ALA F 92 -37.59 45.15 -22.63
N VAL F 93 -36.50 45.57 -21.99
CA VAL F 93 -35.20 45.62 -22.63
C VAL F 93 -34.28 44.57 -22.00
N TYR F 94 -33.76 43.68 -22.82
CA TYR F 94 -32.93 42.59 -22.33
C TYR F 94 -31.45 42.81 -22.60
N TYR F 95 -30.66 42.96 -21.55
CA TYR F 95 -29.23 43.15 -21.68
C TYR F 95 -28.51 41.83 -21.46
N CYS F 96 -27.29 41.74 -22.00
CA CYS F 96 -26.41 40.63 -21.68
C CYS F 96 -25.14 41.20 -21.07
N ALA F 97 -24.75 40.68 -19.90
CA ALA F 97 -23.60 41.22 -19.17
C ALA F 97 -22.58 40.12 -18.84
N ARG F 98 -21.33 40.33 -19.27
CA ARG F 98 -20.28 39.35 -19.07
C ARG F 98 -19.80 39.32 -17.63
N ASP F 99 -19.39 38.14 -17.16
CA ASP F 99 -18.79 38.01 -15.85
C ASP F 99 -17.32 38.44 -15.91
N GLY F 100 -16.77 38.82 -14.77
CA GLY F 100 -15.45 39.42 -14.73
C GLY F 100 -14.25 38.49 -14.86
N ASP F 101 -14.34 37.29 -14.31
CA ASP F 101 -13.18 36.41 -14.20
C ASP F 101 -12.91 35.53 -15.42
N TYR F 102 -11.64 35.17 -15.57
CA TYR F 102 -11.14 34.38 -16.70
C TYR F 102 -11.16 32.89 -16.38
N TYR F 103 -12.03 32.15 -17.06
CA TYR F 103 -12.21 30.73 -16.81
C TYR F 103 -12.48 30.42 -15.33
N ARG F 104 -13.34 31.21 -14.74
CA ARG F 104 -13.86 30.97 -13.40
C ARG F 104 -14.90 32.04 -13.05
N TYR F 105 -15.81 31.69 -12.15
CA TYR F 105 -16.93 32.56 -11.83
C TYR F 105 -16.54 33.56 -10.73
N GLY F 106 -16.56 34.84 -11.08
CA GLY F 106 -16.14 35.88 -10.16
C GLY F 106 -17.28 36.65 -9.52
N ARG F 107 -18.50 36.44 -9.99
CA ARG F 107 -19.65 37.15 -9.47
C ARG F 107 -19.45 38.66 -9.48
N TYR F 108 -19.10 39.21 -10.64
CA TYR F 108 -19.07 40.65 -10.82
C TYR F 108 -19.10 41.00 -12.31
N PHE F 109 -19.76 42.10 -12.64
CA PHE F 109 -20.05 42.41 -14.04
C PHE F 109 -18.98 43.25 -14.72
N ASP F 110 -18.66 42.87 -15.95
CA ASP F 110 -17.74 43.63 -16.81
C ASP F 110 -18.54 44.51 -17.75
N TYR F 111 -18.65 44.02 -18.98
CA TYR F 111 -19.26 44.75 -20.08
C TYR F 111 -20.68 44.29 -20.33
N TRP F 112 -21.55 45.23 -20.65
CA TRP F 112 -22.92 44.93 -21.02
C TRP F 112 -23.09 45.15 -22.51
N GLY F 113 -24.22 44.69 -23.06
CA GLY F 113 -24.57 44.99 -24.43
C GLY F 113 -25.36 46.28 -24.50
N GLN F 114 -25.71 46.71 -25.70
CA GLN F 114 -26.49 47.93 -25.86
C GLN F 114 -27.95 47.68 -25.51
N GLY F 115 -28.27 46.42 -25.27
CA GLY F 115 -29.63 46.02 -24.95
C GLY F 115 -30.48 45.71 -26.16
N THR F 116 -31.47 44.85 -25.97
CA THR F 116 -32.42 44.52 -27.02
C THR F 116 -33.84 44.82 -26.55
N THR F 117 -34.55 45.67 -27.27
CA THR F 117 -35.91 46.03 -26.88
C THR F 117 -36.92 45.07 -27.48
N LEU F 118 -37.65 44.35 -26.62
CA LEU F 118 -38.66 43.40 -27.06
C LEU F 118 -40.05 43.94 -26.75
N THR F 119 -40.89 44.05 -27.78
CA THR F 119 -42.24 44.53 -27.61
C THR F 119 -43.26 43.43 -27.90
N VAL F 120 -43.99 43.01 -26.87
CA VAL F 120 -45.01 41.99 -27.02
C VAL F 120 -46.38 42.65 -26.93
N SER F 121 -46.93 42.96 -28.09
CA SER F 121 -48.23 43.64 -28.21
C SER F 121 -48.99 43.04 -29.39
N SER F 122 -50.31 43.15 -29.35
CA SER F 122 -51.13 42.61 -30.43
C SER F 122 -51.65 43.70 -31.37
N ALA F 123 -51.13 44.91 -31.20
CA ALA F 123 -51.51 46.04 -32.05
C ALA F 123 -50.95 45.88 -33.47
N LYS F 124 -51.72 46.32 -34.46
CA LYS F 124 -51.31 46.24 -35.86
C LYS F 124 -50.65 47.54 -36.32
N THR F 125 -49.91 47.46 -37.43
CA THR F 125 -49.22 48.64 -37.96
C THR F 125 -50.21 49.74 -38.35
N THR F 126 -50.28 50.78 -37.52
CA THR F 126 -51.21 51.88 -37.75
C THR F 126 -50.47 53.17 -38.12
N PRO F 127 -50.83 53.77 -39.27
CA PRO F 127 -50.22 55.03 -39.71
C PRO F 127 -50.62 56.20 -38.83
N PRO F 128 -49.71 57.16 -38.63
CA PRO F 128 -49.88 58.31 -37.74
C PRO F 128 -50.83 59.38 -38.29
N SER F 129 -51.82 59.75 -37.49
CA SER F 129 -52.75 60.82 -37.86
C SER F 129 -52.24 62.14 -37.31
N VAL F 130 -51.81 63.04 -38.20
CA VAL F 130 -51.20 64.30 -37.80
C VAL F 130 -52.22 65.44 -37.67
N TYR F 131 -52.18 66.15 -36.54
CA TYR F 131 -53.05 67.29 -36.32
C TYR F 131 -52.23 68.54 -36.00
N PRO F 132 -52.58 69.67 -36.64
CA PRO F 132 -51.87 70.94 -36.44
C PRO F 132 -52.15 71.59 -35.09
N LEU F 133 -51.09 72.00 -34.39
CA LEU F 133 -51.23 72.68 -33.11
C LEU F 133 -50.83 74.15 -33.23
N CYS F 149 -47.29 70.41 -33.52
CA CYS F 149 -47.53 69.35 -34.50
C CYS F 149 -47.74 68.01 -33.80
N LEU F 150 -49.01 67.61 -33.67
CA LEU F 150 -49.38 66.41 -32.93
C LEU F 150 -49.45 65.17 -33.80
N VAL F 151 -48.53 64.23 -33.57
CA VAL F 151 -48.53 62.95 -34.28
C VAL F 151 -49.21 61.88 -33.43
N LYS F 152 -50.50 61.65 -33.70
CA LYS F 152 -51.33 60.82 -32.83
C LYS F 152 -51.67 59.47 -33.45
N GLY F 153 -51.84 58.46 -32.58
CA GLY F 153 -52.26 57.14 -33.01
C GLY F 153 -51.43 56.50 -34.11
N TYR F 154 -50.19 56.15 -33.78
CA TYR F 154 -49.31 55.49 -34.74
C TYR F 154 -48.59 54.31 -34.12
N PHE F 155 -48.23 53.33 -34.95
CA PHE F 155 -47.57 52.12 -34.49
C PHE F 155 -47.01 51.35 -35.68
N PRO F 156 -45.83 50.74 -35.51
CA PRO F 156 -45.03 50.84 -34.28
C PRO F 156 -43.98 51.94 -34.42
N GLU F 157 -43.32 52.29 -33.33
CA GLU F 157 -42.26 53.29 -33.37
C GLU F 157 -41.16 52.89 -34.36
N PRO F 158 -40.35 53.87 -34.81
CA PRO F 158 -40.39 55.29 -34.42
C PRO F 158 -41.06 56.17 -35.48
N VAL F 159 -41.08 57.47 -35.22
CA VAL F 159 -41.53 58.45 -36.20
C VAL F 159 -40.57 59.63 -36.25
N THR F 160 -40.18 60.04 -37.44
CA THR F 160 -39.24 61.15 -37.61
C THR F 160 -39.97 62.45 -37.98
N VAL F 161 -39.73 63.50 -37.20
CA VAL F 161 -40.41 64.78 -37.42
C VAL F 161 -39.44 65.92 -37.76
N THR F 162 -39.75 66.63 -38.85
CA THR F 162 -38.94 67.77 -39.28
C THR F 162 -39.79 69.01 -39.48
N TRP F 163 -39.16 70.10 -39.91
CA TRP F 163 -39.87 71.36 -40.19
C TRP F 163 -39.36 72.02 -41.47
N ASN F 164 -40.28 72.31 -42.38
CA ASN F 164 -39.93 72.90 -43.68
C ASN F 164 -39.00 72.00 -44.49
N SER F 165 -39.20 70.68 -44.36
CA SER F 165 -38.41 69.71 -45.09
C SER F 165 -36.96 69.65 -44.60
N GLY F 166 -36.68 70.36 -43.52
CA GLY F 166 -35.34 70.37 -42.95
C GLY F 166 -34.82 71.77 -42.63
N SER F 167 -35.47 72.78 -43.22
CA SER F 167 -35.04 74.17 -43.04
C SER F 167 -34.87 74.55 -41.57
N LEU F 168 -36.00 74.69 -40.87
CA LEU F 168 -35.96 75.04 -39.45
C LEU F 168 -35.26 73.97 -38.63
N SER F 169 -33.99 74.23 -38.31
CA SER F 169 -33.20 73.30 -37.52
C SER F 169 -33.08 73.78 -36.07
N SER F 170 -33.06 75.10 -35.90
CA SER F 170 -32.95 75.70 -34.58
C SER F 170 -34.31 75.96 -33.96
N GLY F 171 -34.45 75.65 -32.68
CA GLY F 171 -35.69 75.88 -31.95
C GLY F 171 -36.67 74.72 -32.04
N VAL F 172 -36.21 73.61 -32.60
CA VAL F 172 -37.05 72.43 -32.79
C VAL F 172 -37.03 71.53 -31.55
N HIS F 173 -38.19 70.96 -31.23
CA HIS F 173 -38.32 70.09 -30.07
C HIS F 173 -39.28 68.92 -30.32
N THR F 174 -38.74 67.71 -30.42
CA THR F 174 -39.55 66.51 -30.59
C THR F 174 -39.62 65.72 -29.29
N PHE F 175 -40.80 65.72 -28.67
CA PHE F 175 -40.98 65.09 -27.36
C PHE F 175 -41.09 63.56 -27.44
N PRO F 176 -40.83 62.87 -26.32
CA PRO F 176 -40.96 61.41 -26.23
C PRO F 176 -42.40 60.97 -26.42
N ALA F 177 -42.61 59.75 -26.92
CA ALA F 177 -43.95 59.27 -27.23
C ALA F 177 -44.56 58.46 -26.09
N VAL F 178 -45.82 58.76 -25.76
CA VAL F 178 -46.55 58.03 -24.72
C VAL F 178 -47.19 56.77 -25.28
N LEU F 179 -48.25 56.30 -24.61
CA LEU F 179 -48.98 55.13 -25.08
C LEU F 179 -50.46 55.29 -24.77
N GLN F 180 -51.18 55.95 -25.67
CA GLN F 180 -52.61 56.17 -25.51
C GLN F 180 -53.40 55.08 -26.24
N SER F 181 -53.92 54.13 -25.48
CA SER F 181 -54.77 53.06 -26.03
C SER F 181 -54.05 52.23 -27.09
N ASP F 182 -53.01 51.51 -26.68
CA ASP F 182 -52.33 50.57 -27.56
C ASP F 182 -51.62 51.21 -28.76
N LEU F 183 -51.63 52.53 -28.83
CA LEU F 183 -50.94 53.25 -29.88
C LEU F 183 -50.09 54.40 -29.31
N TYR F 184 -49.10 54.83 -30.08
CA TYR F 184 -48.18 55.88 -29.64
C TYR F 184 -48.65 57.27 -30.04
N THR F 185 -48.19 58.28 -29.31
CA THR F 185 -48.57 59.66 -29.58
C THR F 185 -47.51 60.62 -29.07
N LEU F 186 -46.94 61.42 -29.96
CA LEU F 186 -45.95 62.42 -29.58
C LEU F 186 -46.21 63.77 -30.25
N SER F 187 -45.49 64.80 -29.81
CA SER F 187 -45.68 66.14 -30.35
C SER F 187 -44.36 66.80 -30.74
N THR F 203 -44.76 74.29 -41.94
CA THR F 203 -45.29 72.93 -41.99
C THR F 203 -44.33 71.96 -41.31
N CYS F 204 -44.77 70.73 -41.10
CA CYS F 204 -43.92 69.69 -40.54
C CYS F 204 -44.10 68.37 -41.29
N ASN F 205 -43.00 67.70 -41.58
CA ASN F 205 -43.04 66.43 -42.27
C ASN F 205 -43.03 65.25 -41.30
N VAL F 206 -44.18 64.60 -41.16
CA VAL F 206 -44.29 63.43 -40.31
C VAL F 206 -44.18 62.17 -41.17
N ALA F 207 -43.14 61.38 -40.93
CA ALA F 207 -42.93 60.14 -41.67
C ALA F 207 -42.88 58.93 -40.73
N HIS F 208 -43.49 57.84 -41.16
CA HIS F 208 -43.51 56.59 -40.42
C HIS F 208 -42.97 55.49 -41.31
N PRO F 209 -41.85 54.88 -40.92
CA PRO F 209 -41.19 53.83 -41.71
C PRO F 209 -42.09 52.62 -42.03
N ALA F 210 -42.73 52.04 -41.02
CA ALA F 210 -43.55 50.86 -41.23
C ALA F 210 -44.79 51.16 -42.08
N SER F 211 -45.45 52.27 -41.77
CA SER F 211 -46.63 52.70 -42.51
C SER F 211 -46.28 53.09 -43.94
N SER F 212 -45.06 53.59 -44.10
CA SER F 212 -44.62 54.15 -45.38
C SER F 212 -45.52 55.32 -45.74
N THR F 213 -46.04 55.99 -44.72
CA THR F 213 -46.93 57.13 -44.91
C THR F 213 -46.26 58.42 -44.46
N LYS F 214 -46.32 59.44 -45.33
CA LYS F 214 -45.76 60.75 -45.01
C LYS F 214 -46.81 61.83 -45.23
N VAL F 215 -47.08 62.61 -44.18
CA VAL F 215 -48.13 63.61 -44.23
C VAL F 215 -47.58 65.03 -44.06
N ASP F 216 -48.35 66.02 -44.49
CA ASP F 216 -48.00 67.43 -44.31
C ASP F 216 -49.18 68.22 -43.76
N LYS F 217 -48.93 69.01 -42.72
CA LYS F 217 -49.96 69.86 -42.13
C LYS F 217 -49.37 71.21 -41.73
N LYS F 218 -49.59 72.23 -42.57
CA LYS F 218 -49.05 73.55 -42.30
C LYS F 218 -49.84 74.26 -41.20
N ILE F 219 -49.13 75.05 -40.41
CA ILE F 219 -49.75 75.72 -39.27
C ILE F 219 -50.47 77.01 -39.69
N VAL F 220 -51.79 76.97 -39.68
CA VAL F 220 -52.60 78.14 -40.01
C VAL F 220 -53.17 78.78 -38.75
N PRO F 221 -53.02 80.11 -38.61
CA PRO F 221 -53.46 80.83 -37.42
C PRO F 221 -54.99 80.84 -37.26
N GLU G 1 -15.35 -9.27 -51.18
CA GLU G 1 -16.78 -9.44 -50.92
C GLU G 1 -17.01 -10.56 -49.92
N VAL G 2 -17.91 -10.34 -48.97
CA VAL G 2 -18.24 -11.37 -47.99
C VAL G 2 -19.33 -12.26 -48.55
N GLN G 3 -19.31 -13.53 -48.15
CA GLN G 3 -20.33 -14.48 -48.57
C GLN G 3 -20.65 -15.46 -47.47
N LEU G 4 -21.94 -15.75 -47.32
CA LEU G 4 -22.38 -16.79 -46.41
C LEU G 4 -23.11 -17.84 -47.23
N GLN G 5 -22.50 -19.02 -47.35
CA GLN G 5 -23.13 -20.11 -48.10
C GLN G 5 -23.64 -21.17 -47.16
N GLN G 6 -24.94 -21.42 -47.20
CA GLN G 6 -25.56 -22.39 -46.31
C GLN G 6 -25.71 -23.74 -47.01
N SER G 7 -25.90 -24.79 -46.23
CA SER G 7 -26.03 -26.13 -46.76
C SER G 7 -27.28 -26.26 -47.65
N GLY G 8 -27.35 -27.36 -48.40
CA GLY G 8 -28.46 -27.58 -49.30
C GLY G 8 -29.75 -27.90 -48.57
N PRO G 9 -30.84 -28.11 -49.33
CA PRO G 9 -32.15 -28.43 -48.75
C PRO G 9 -32.15 -29.82 -48.15
N GLU G 10 -32.98 -30.04 -47.12
CA GLU G 10 -33.01 -31.31 -46.45
C GLU G 10 -34.44 -31.79 -46.22
N LEU G 11 -34.63 -33.11 -46.29
CA LEU G 11 -35.92 -33.72 -46.00
C LEU G 11 -35.73 -34.77 -44.91
N VAL G 12 -36.41 -34.58 -43.78
CA VAL G 12 -36.25 -35.46 -42.63
C VAL G 12 -37.59 -35.80 -41.97
N ARG G 13 -37.67 -37.02 -41.43
CA ARG G 13 -38.89 -37.47 -40.77
C ARG G 13 -38.99 -36.91 -39.36
N PRO G 14 -40.21 -36.69 -38.88
CA PRO G 14 -40.46 -36.18 -37.52
C PRO G 14 -39.73 -37.01 -36.47
N GLY G 15 -39.31 -36.38 -35.39
CA GLY G 15 -38.60 -37.08 -34.32
C GLY G 15 -37.09 -37.07 -34.52
N ALA G 16 -36.66 -36.96 -35.77
CA ALA G 16 -35.25 -36.93 -36.09
C ALA G 16 -34.68 -35.53 -35.87
N SER G 17 -33.37 -35.38 -36.09
CA SER G 17 -32.72 -34.08 -35.94
C SER G 17 -31.62 -33.91 -36.98
N MET G 18 -31.60 -32.75 -37.63
CA MET G 18 -30.57 -32.47 -38.62
C MET G 18 -29.88 -31.14 -38.35
N LYS G 19 -28.71 -30.95 -38.97
CA LYS G 19 -27.88 -29.78 -38.71
C LYS G 19 -27.47 -29.06 -39.99
N ILE G 20 -27.86 -27.80 -40.12
CA ILE G 20 -27.51 -27.01 -41.30
C ILE G 20 -26.31 -26.10 -41.05
N SER G 21 -25.52 -25.86 -42.09
CA SER G 21 -24.28 -25.11 -41.95
C SER G 21 -24.34 -23.76 -42.66
N CYS G 22 -23.39 -22.89 -42.34
CA CYS G 22 -23.29 -21.56 -42.93
C CYS G 22 -21.83 -21.19 -43.06
N LYS G 23 -21.23 -21.53 -44.19
CA LYS G 23 -19.81 -21.29 -44.40
C LYS G 23 -19.52 -19.84 -44.81
N ALA G 24 -18.80 -19.13 -43.94
CA ALA G 24 -18.49 -17.73 -44.16
C ALA G 24 -17.13 -17.54 -44.82
N SER G 25 -17.06 -16.58 -45.73
CA SER G 25 -15.83 -16.27 -46.44
C SER G 25 -15.79 -14.80 -46.84
N GLY G 26 -14.58 -14.26 -46.96
CA GLY G 26 -14.42 -12.88 -47.38
C GLY G 26 -14.27 -11.90 -46.24
N TYR G 27 -14.21 -12.43 -45.01
CA TYR G 27 -14.01 -11.60 -43.83
C TYR G 27 -13.41 -12.41 -42.69
N SER G 28 -12.83 -11.73 -41.72
CA SER G 28 -12.30 -12.40 -40.54
C SER G 28 -13.46 -13.05 -39.78
N PHE G 29 -13.63 -14.35 -39.99
CA PHE G 29 -14.79 -15.08 -39.50
C PHE G 29 -15.08 -14.88 -38.02
N THR G 30 -14.03 -14.79 -37.23
CA THR G 30 -14.16 -14.79 -35.78
C THR G 30 -14.53 -13.40 -35.23
N GLY G 31 -14.63 -12.42 -36.11
CA GLY G 31 -14.86 -11.05 -35.68
C GLY G 31 -16.31 -10.64 -35.59
N TYR G 32 -17.18 -11.32 -36.33
CA TYR G 32 -18.58 -10.96 -36.39
C TYR G 32 -19.47 -12.10 -35.87
N THR G 33 -20.43 -11.76 -35.02
CA THR G 33 -21.32 -12.78 -34.46
C THR G 33 -22.44 -13.12 -35.44
N MET G 34 -22.91 -14.36 -35.40
CA MET G 34 -23.89 -14.85 -36.36
C MET G 34 -25.28 -14.99 -35.76
N ASN G 35 -26.29 -14.53 -36.50
CA ASN G 35 -27.68 -14.74 -36.13
C ASN G 35 -28.28 -15.89 -36.94
N TRP G 36 -29.34 -16.50 -36.43
CA TRP G 36 -30.12 -17.46 -37.18
C TRP G 36 -31.59 -17.05 -37.19
N VAL G 37 -32.14 -16.90 -38.39
CA VAL G 37 -33.52 -16.48 -38.54
C VAL G 37 -34.35 -17.58 -39.21
N LYS G 38 -35.55 -17.80 -38.69
CA LYS G 38 -36.46 -18.81 -39.25
C LYS G 38 -37.65 -18.18 -39.95
N GLN G 39 -37.78 -18.46 -41.25
CA GLN G 39 -38.91 -17.97 -42.03
C GLN G 39 -39.82 -19.12 -42.40
N SER G 40 -40.97 -19.19 -41.74
CA SER G 40 -41.93 -20.26 -42.00
C SER G 40 -43.17 -19.73 -42.70
N HIS G 41 -43.83 -20.60 -43.46
CA HIS G 41 -45.03 -20.21 -44.19
C HIS G 41 -46.11 -19.73 -43.22
N GLY G 42 -46.25 -20.45 -42.11
CA GLY G 42 -47.30 -20.18 -41.14
C GLY G 42 -47.23 -18.82 -40.46
N LYS G 43 -46.03 -18.33 -40.21
CA LYS G 43 -45.85 -17.08 -39.48
C LYS G 43 -44.85 -16.15 -40.15
N ASN G 44 -44.42 -15.12 -39.43
CA ASN G 44 -43.44 -14.19 -39.96
C ASN G 44 -42.04 -14.74 -39.77
N LEU G 45 -41.08 -13.84 -39.82
CA LEU G 45 -39.70 -14.16 -39.49
C LEU G 45 -39.56 -14.31 -37.97
N GLU G 46 -38.82 -15.31 -37.54
CA GLU G 46 -38.54 -15.47 -36.12
C GLU G 46 -37.03 -15.47 -35.88
N TRP G 47 -36.60 -14.84 -34.79
CA TRP G 47 -35.20 -14.85 -34.43
C TRP G 47 -34.90 -16.00 -33.48
N ILE G 48 -34.06 -16.93 -33.92
CA ILE G 48 -33.77 -18.13 -33.15
C ILE G 48 -32.75 -17.87 -32.05
N GLY G 49 -31.63 -17.27 -32.42
CA GLY G 49 -30.56 -17.01 -31.47
C GLY G 49 -29.32 -16.51 -32.19
N LEU G 50 -28.24 -16.31 -31.43
CA LEU G 50 -27.00 -15.86 -32.03
C LEU G 50 -25.80 -16.48 -31.33
N ILE G 51 -24.68 -16.53 -32.05
CA ILE G 51 -23.45 -17.08 -31.48
C ILE G 51 -22.26 -16.21 -31.86
N ASN G 52 -21.35 -16.03 -30.92
CA ASN G 52 -20.13 -15.27 -31.16
C ASN G 52 -18.99 -16.24 -31.47
N PRO G 53 -18.55 -16.26 -32.73
CA PRO G 53 -17.53 -17.21 -33.19
C PRO G 53 -16.27 -17.18 -32.32
N TYR G 54 -15.77 -15.98 -32.04
CA TYR G 54 -14.54 -15.82 -31.27
C TYR G 54 -14.69 -16.33 -29.86
N ASN G 55 -15.90 -16.20 -29.33
CA ASN G 55 -16.14 -16.37 -27.90
C ASN G 55 -16.72 -17.74 -27.57
N GLY G 56 -17.48 -18.29 -28.52
CA GLY G 56 -18.20 -19.52 -28.29
C GLY G 56 -19.56 -19.22 -27.70
N GLY G 57 -19.67 -18.03 -27.10
CA GLY G 57 -20.88 -17.63 -26.42
C GLY G 57 -22.12 -17.66 -27.28
N THR G 58 -23.26 -18.00 -26.66
CA THR G 58 -24.53 -18.05 -27.38
C THR G 58 -25.65 -17.40 -26.57
N SER G 59 -26.72 -17.05 -27.26
CA SER G 59 -27.91 -16.47 -26.62
C SER G 59 -29.13 -16.82 -27.47
N TYR G 60 -30.05 -17.60 -26.89
CA TYR G 60 -31.20 -18.08 -27.64
C TYR G 60 -32.47 -17.32 -27.34
N ASN G 61 -33.36 -17.26 -28.32
CA ASN G 61 -34.72 -16.83 -28.09
C ASN G 61 -35.39 -17.84 -27.16
N GLN G 62 -36.04 -17.36 -26.11
CA GLN G 62 -36.67 -18.26 -25.14
C GLN G 62 -37.48 -19.34 -25.86
N LYS G 63 -38.07 -18.96 -26.99
CA LYS G 63 -38.91 -19.85 -27.77
C LYS G 63 -38.16 -21.09 -28.26
N PHE G 64 -36.93 -20.90 -28.72
CA PHE G 64 -36.15 -21.99 -29.29
C PHE G 64 -35.15 -22.58 -28.31
N LYS G 65 -35.26 -22.18 -27.05
CA LYS G 65 -34.44 -22.77 -25.99
C LYS G 65 -34.65 -24.28 -25.93
N GLY G 66 -33.69 -25.02 -26.46
CA GLY G 66 -33.78 -26.47 -26.45
C GLY G 66 -34.15 -27.05 -27.80
N LYS G 67 -34.61 -26.20 -28.72
CA LYS G 67 -34.95 -26.64 -30.06
C LYS G 67 -33.76 -26.49 -31.01
N ALA G 68 -33.00 -25.41 -30.82
CA ALA G 68 -31.82 -25.16 -31.64
C ALA G 68 -30.55 -25.08 -30.80
N THR G 69 -29.43 -25.50 -31.40
CA THR G 69 -28.14 -25.47 -30.72
C THR G 69 -27.06 -24.90 -31.62
N LEU G 70 -26.75 -23.63 -31.42
CA LEU G 70 -25.75 -22.95 -32.24
C LEU G 70 -24.33 -23.33 -31.85
N THR G 71 -23.52 -23.65 -32.85
CA THR G 71 -22.11 -23.94 -32.63
C THR G 71 -21.29 -23.28 -33.73
N VAL G 72 -19.98 -23.41 -33.64
CA VAL G 72 -19.10 -22.79 -34.62
C VAL G 72 -17.77 -23.53 -34.72
N ASP G 73 -17.28 -23.67 -35.94
CA ASP G 73 -16.00 -24.33 -36.18
C ASP G 73 -15.01 -23.34 -36.76
N LYS G 74 -14.18 -22.76 -35.90
CA LYS G 74 -13.25 -21.70 -36.29
C LYS G 74 -12.38 -22.07 -37.48
N SER G 75 -11.84 -23.29 -37.47
CA SER G 75 -10.91 -23.73 -38.51
C SER G 75 -11.50 -23.57 -39.90
N SER G 76 -12.75 -23.95 -40.07
CA SER G 76 -13.39 -23.95 -41.39
C SER G 76 -14.28 -22.74 -41.64
N SER G 77 -14.27 -21.78 -40.72
CA SER G 77 -15.10 -20.58 -40.84
C SER G 77 -16.56 -20.92 -41.08
N THR G 78 -17.07 -21.93 -40.38
CA THR G 78 -18.44 -22.37 -40.57
C THR G 78 -19.27 -22.23 -39.29
N ALA G 79 -20.51 -21.79 -39.44
CA ALA G 79 -21.45 -21.77 -38.31
C ALA G 79 -22.50 -22.84 -38.53
N TYR G 80 -22.77 -23.63 -37.49
CA TYR G 80 -23.73 -24.72 -37.59
C TYR G 80 -24.94 -24.47 -36.71
N MET G 81 -26.07 -25.08 -37.07
CA MET G 81 -27.26 -25.04 -36.22
C MET G 81 -27.93 -26.41 -36.13
N GLU G 82 -27.98 -26.95 -34.92
CA GLU G 82 -28.68 -28.20 -34.67
C GLU G 82 -30.16 -27.93 -34.45
N LEU G 83 -31.01 -28.83 -34.95
CA LEU G 83 -32.44 -28.75 -34.69
C LEU G 83 -32.95 -30.09 -34.19
N LEU G 84 -33.35 -30.13 -32.91
CA LEU G 84 -33.73 -31.39 -32.27
C LEU G 84 -35.24 -31.61 -32.30
N SER G 85 -35.65 -32.86 -32.07
CA SER G 85 -37.07 -33.23 -32.04
C SER G 85 -37.86 -32.54 -33.15
N LEU G 86 -37.38 -32.67 -34.39
CA LEU G 86 -38.05 -32.04 -35.52
C LEU G 86 -39.50 -32.47 -35.65
N THR G 87 -40.37 -31.51 -36.00
CA THR G 87 -41.78 -31.78 -36.18
C THR G 87 -42.31 -31.02 -37.40
N SER G 88 -43.63 -31.03 -37.58
CA SER G 88 -44.24 -30.33 -38.70
C SER G 88 -43.95 -28.84 -38.65
N GLU G 89 -44.01 -28.27 -37.45
CA GLU G 89 -43.82 -26.84 -37.26
C GLU G 89 -42.42 -26.36 -37.59
N ASP G 90 -41.48 -27.29 -37.66
CA ASP G 90 -40.09 -26.94 -37.95
C ASP G 90 -39.82 -26.82 -39.45
N SER G 91 -40.82 -27.15 -40.25
CA SER G 91 -40.70 -27.04 -41.71
C SER G 91 -40.68 -25.59 -42.15
N ALA G 92 -39.49 -25.09 -42.46
CA ALA G 92 -39.34 -23.68 -42.85
C ALA G 92 -38.05 -23.43 -43.62
N VAL G 93 -37.74 -22.16 -43.84
CA VAL G 93 -36.46 -21.77 -44.42
C VAL G 93 -35.61 -21.06 -43.36
N TYR G 94 -34.42 -21.59 -43.12
CA TYR G 94 -33.55 -21.06 -42.08
C TYR G 94 -32.40 -20.24 -42.65
N TYR G 95 -32.40 -18.94 -42.35
CA TYR G 95 -31.33 -18.06 -42.80
C TYR G 95 -30.30 -17.85 -41.71
N CYS G 96 -29.09 -17.49 -42.11
CA CYS G 96 -28.09 -17.06 -41.15
C CYS G 96 -27.67 -15.64 -41.52
N ALA G 97 -27.71 -14.73 -40.54
CA ALA G 97 -27.43 -13.32 -40.80
C ALA G 97 -26.34 -12.78 -39.87
N ARG G 98 -25.29 -12.23 -40.46
CA ARG G 98 -24.16 -11.73 -39.70
C ARG G 98 -24.48 -10.41 -39.02
N ASP G 99 -23.86 -10.19 -37.86
CA ASP G 99 -24.00 -8.91 -37.16
C ASP G 99 -23.04 -7.89 -37.78
N GLY G 100 -23.34 -6.61 -37.61
CA GLY G 100 -22.63 -5.57 -38.31
C GLY G 100 -21.26 -5.18 -37.80
N ASP G 101 -21.07 -5.23 -36.48
CA ASP G 101 -19.85 -4.68 -35.87
C ASP G 101 -18.66 -5.65 -35.80
N TYR G 102 -17.48 -5.06 -35.78
CA TYR G 102 -16.21 -5.79 -35.78
C TYR G 102 -15.71 -6.03 -34.35
N TYR G 103 -15.72 -7.30 -33.94
CA TYR G 103 -15.35 -7.68 -32.58
C TYR G 103 -16.12 -6.91 -31.52
N ARG G 104 -17.43 -6.80 -31.74
CA ARG G 104 -18.35 -6.23 -30.77
C ARG G 104 -19.78 -6.31 -31.31
N TYR G 105 -20.76 -6.37 -30.42
CA TYR G 105 -22.15 -6.58 -30.80
C TYR G 105 -22.80 -5.25 -31.15
N GLY G 106 -23.23 -5.11 -32.40
CA GLY G 106 -23.82 -3.87 -32.87
C GLY G 106 -25.33 -3.88 -32.99
N ARG G 107 -25.92 -5.07 -32.86
CA ARG G 107 -27.37 -5.21 -33.02
C ARG G 107 -27.88 -4.62 -34.33
N TYR G 108 -27.30 -5.05 -35.44
CA TYR G 108 -27.81 -4.71 -36.76
C TYR G 108 -27.28 -5.68 -37.82
N PHE G 109 -28.09 -6.00 -38.81
CA PHE G 109 -27.77 -7.07 -39.73
C PHE G 109 -27.00 -6.62 -40.97
N ASP G 110 -25.98 -7.41 -41.34
CA ASP G 110 -25.23 -7.19 -42.55
C ASP G 110 -25.76 -8.08 -43.66
N TYR G 111 -25.03 -9.18 -43.86
CA TYR G 111 -25.28 -10.11 -44.94
C TYR G 111 -26.02 -11.33 -44.45
N TRP G 112 -26.94 -11.80 -45.28
CA TRP G 112 -27.66 -13.04 -45.00
C TRP G 112 -27.17 -14.13 -45.92
N GLY G 113 -27.56 -15.37 -45.64
CA GLY G 113 -27.28 -16.49 -46.53
C GLY G 113 -28.42 -16.64 -47.52
N GLN G 114 -28.28 -17.58 -48.45
CA GLN G 114 -29.33 -17.80 -49.44
C GLN G 114 -30.49 -18.56 -48.80
N GLY G 115 -30.30 -19.00 -47.57
CA GLY G 115 -31.32 -19.74 -46.84
C GLY G 115 -31.23 -21.24 -47.07
N THR G 116 -31.69 -22.00 -46.09
CA THR G 116 -31.75 -23.45 -46.20
C THR G 116 -33.18 -23.92 -45.98
N THR G 117 -33.73 -24.64 -46.95
CA THR G 117 -35.11 -25.11 -46.83
C THR G 117 -35.16 -26.47 -46.16
N LEU G 118 -35.80 -26.54 -45.00
CA LEU G 118 -35.94 -27.79 -44.26
C LEU G 118 -37.37 -28.29 -44.33
N THR G 119 -37.56 -29.51 -44.82
CA THR G 119 -38.88 -30.11 -44.92
C THR G 119 -39.02 -31.30 -43.98
N VAL G 120 -39.89 -31.16 -42.98
CA VAL G 120 -40.13 -32.24 -42.03
C VAL G 120 -41.50 -32.86 -42.26
N SER G 121 -41.50 -34.05 -42.86
CA SER G 121 -42.74 -34.75 -43.17
C SER G 121 -42.53 -36.25 -43.12
N SER G 122 -43.36 -36.93 -42.33
CA SER G 122 -43.31 -38.39 -42.26
C SER G 122 -44.01 -38.99 -43.49
N ALA G 123 -44.28 -38.14 -44.48
CA ALA G 123 -45.03 -38.54 -45.66
C ALA G 123 -44.31 -39.57 -46.52
N LYS G 124 -45.09 -40.36 -47.25
CA LYS G 124 -44.57 -41.36 -48.17
C LYS G 124 -44.52 -40.78 -49.58
N THR G 125 -43.55 -41.24 -50.38
CA THR G 125 -43.49 -40.80 -51.78
C THR G 125 -44.82 -41.09 -52.45
N THR G 126 -45.56 -40.03 -52.76
CA THR G 126 -46.90 -40.18 -53.30
C THR G 126 -47.07 -39.48 -54.63
N PRO G 127 -47.69 -40.17 -55.60
CA PRO G 127 -48.01 -39.58 -56.91
C PRO G 127 -49.18 -38.60 -56.78
N PRO G 128 -49.33 -37.71 -57.76
CA PRO G 128 -50.38 -36.68 -57.75
C PRO G 128 -51.72 -37.20 -58.29
N SER G 129 -52.80 -36.92 -57.56
CA SER G 129 -54.14 -37.23 -58.06
C SER G 129 -54.72 -35.98 -58.72
N VAL G 130 -54.79 -36.01 -60.05
CA VAL G 130 -55.22 -34.83 -60.81
C VAL G 130 -56.73 -34.80 -61.05
N TYR G 131 -57.36 -33.71 -60.64
CA TYR G 131 -58.78 -33.50 -60.90
C TYR G 131 -58.94 -32.32 -61.84
N PRO G 132 -59.93 -32.41 -62.75
CA PRO G 132 -60.22 -31.36 -63.73
C PRO G 132 -60.96 -30.16 -63.13
N LEU G 133 -60.58 -28.95 -63.53
CA LEU G 133 -61.21 -27.73 -63.05
C LEU G 133 -61.91 -26.99 -64.18
N ALA G 134 -63.21 -27.23 -64.33
CA ALA G 134 -64.01 -26.57 -65.37
C ALA G 134 -65.03 -25.62 -64.76
N PRO G 135 -65.49 -24.63 -65.56
CA PRO G 135 -66.48 -23.64 -65.10
C PRO G 135 -67.89 -24.21 -65.04
N GLY G 148 -58.60 -25.06 -65.96
CA GLY G 148 -57.65 -25.27 -64.87
C GLY G 148 -57.53 -26.73 -64.43
N CYS G 149 -56.40 -27.05 -63.80
CA CYS G 149 -56.16 -28.39 -63.28
C CYS G 149 -55.93 -28.32 -61.77
N LEU G 150 -55.84 -29.48 -61.12
CA LEU G 150 -55.67 -29.52 -59.68
C LEU G 150 -54.81 -30.70 -59.22
N VAL G 151 -53.50 -30.55 -59.33
CA VAL G 151 -52.57 -31.54 -58.82
C VAL G 151 -52.72 -31.61 -57.30
N LYS G 152 -53.13 -32.77 -56.78
CA LYS G 152 -53.51 -32.88 -55.38
C LYS G 152 -52.86 -34.07 -54.66
N GLY G 153 -52.44 -33.84 -53.41
CA GLY G 153 -51.86 -34.87 -52.58
C GLY G 153 -50.62 -35.52 -53.16
N TYR G 154 -49.68 -34.70 -53.62
CA TYR G 154 -48.45 -35.21 -54.21
C TYR G 154 -47.23 -34.78 -53.37
N PHE G 155 -46.29 -35.70 -53.19
CA PHE G 155 -45.10 -35.42 -52.39
C PHE G 155 -43.99 -36.40 -52.74
N PRO G 156 -42.74 -35.92 -52.76
CA PRO G 156 -42.40 -34.52 -52.48
C PRO G 156 -42.38 -33.69 -53.76
N GLU G 157 -42.38 -32.37 -53.61
CA GLU G 157 -42.24 -31.47 -54.75
C GLU G 157 -41.00 -31.87 -55.55
N PRO G 158 -40.90 -31.38 -56.79
CA PRO G 158 -41.92 -30.52 -57.40
C PRO G 158 -42.84 -31.31 -58.30
N VAL G 159 -43.61 -30.57 -59.10
CA VAL G 159 -44.44 -31.15 -60.14
C VAL G 159 -44.52 -30.15 -61.29
N THR G 160 -44.50 -30.64 -62.51
CA THR G 160 -44.54 -29.76 -63.67
C THR G 160 -45.81 -30.00 -64.49
N VAL G 161 -46.36 -28.92 -65.04
CA VAL G 161 -47.61 -28.98 -65.78
C VAL G 161 -47.52 -28.26 -67.11
N THR G 162 -48.03 -28.91 -68.16
CA THR G 162 -48.12 -28.30 -69.48
C THR G 162 -49.56 -28.42 -69.98
N TRP G 163 -49.87 -27.70 -71.05
CA TRP G 163 -51.20 -27.77 -71.65
C TRP G 163 -51.14 -28.29 -73.08
N ASN G 164 -52.08 -29.15 -73.44
CA ASN G 164 -52.11 -29.74 -74.77
C ASN G 164 -50.76 -30.34 -75.15
N SER G 165 -50.13 -31.01 -74.20
CA SER G 165 -48.83 -31.64 -74.42
C SER G 165 -47.77 -30.62 -74.83
N GLY G 166 -47.98 -29.36 -74.47
CA GLY G 166 -47.02 -28.32 -74.75
C GLY G 166 -47.49 -27.25 -75.71
N SER G 167 -48.46 -27.58 -76.54
CA SER G 167 -48.97 -26.65 -77.56
C SER G 167 -49.45 -25.34 -76.94
N LEU G 168 -50.54 -25.41 -76.21
CA LEU G 168 -51.13 -24.22 -75.57
C LEU G 168 -50.25 -23.71 -74.43
N SER G 169 -49.36 -22.78 -74.73
CA SER G 169 -48.40 -22.27 -73.75
C SER G 169 -48.63 -20.80 -73.40
N SER G 170 -49.61 -20.19 -74.06
CA SER G 170 -49.91 -18.77 -73.83
C SER G 170 -51.07 -18.57 -72.86
N GLY G 171 -50.80 -17.85 -71.78
CA GLY G 171 -51.83 -17.56 -70.78
C GLY G 171 -51.95 -18.65 -69.72
N VAL G 172 -50.91 -19.46 -69.58
CA VAL G 172 -50.91 -20.53 -68.59
C VAL G 172 -50.26 -20.08 -67.30
N HIS G 173 -50.99 -20.24 -66.19
CA HIS G 173 -50.50 -19.81 -64.89
C HIS G 173 -50.42 -20.99 -63.92
N THR G 174 -49.19 -21.36 -63.54
CA THR G 174 -49.01 -22.42 -62.56
C THR G 174 -48.72 -21.82 -61.17
N PHE G 175 -49.65 -22.02 -60.26
CA PHE G 175 -49.57 -21.39 -58.94
C PHE G 175 -48.71 -22.20 -57.97
N PRO G 176 -48.05 -21.50 -57.03
CA PRO G 176 -47.29 -22.11 -55.94
C PRO G 176 -48.03 -23.29 -55.33
N ALA G 177 -47.28 -24.27 -54.83
CA ALA G 177 -47.89 -25.43 -54.16
C ALA G 177 -48.16 -25.11 -52.70
N VAL G 178 -49.08 -25.87 -52.09
CA VAL G 178 -49.44 -25.65 -50.70
C VAL G 178 -49.47 -26.95 -49.92
N LEU G 179 -49.26 -26.87 -48.61
CA LEU G 179 -49.25 -28.05 -47.75
C LEU G 179 -50.58 -28.14 -47.00
N GLN G 180 -51.57 -28.78 -47.62
CA GLN G 180 -52.94 -28.78 -47.10
C GLN G 180 -53.30 -30.00 -46.27
N SER G 181 -52.68 -31.14 -46.57
CA SER G 181 -52.96 -32.37 -45.83
C SER G 181 -51.67 -33.09 -45.49
N ASP G 182 -50.60 -32.32 -45.39
CA ASP G 182 -49.24 -32.88 -45.23
C ASP G 182 -48.73 -33.32 -46.59
N LEU G 183 -49.58 -33.17 -47.60
CA LEU G 183 -49.21 -33.47 -48.99
C LEU G 183 -49.40 -32.23 -49.85
N TYR G 184 -48.39 -31.91 -50.66
CA TYR G 184 -48.46 -30.71 -51.50
C TYR G 184 -49.63 -30.77 -52.48
N THR G 185 -50.06 -29.60 -52.96
CA THR G 185 -51.23 -29.48 -53.81
C THR G 185 -51.23 -28.14 -54.54
N LEU G 186 -51.18 -28.17 -55.86
CA LEU G 186 -51.20 -26.93 -56.64
C LEU G 186 -52.14 -27.02 -57.83
N SER G 187 -52.47 -25.87 -58.41
CA SER G 187 -53.30 -25.83 -59.61
C SER G 187 -52.66 -24.98 -60.70
N SER G 188 -53.26 -24.99 -61.89
CA SER G 188 -52.72 -24.24 -63.03
C SER G 188 -53.82 -23.89 -64.02
N SER G 189 -54.05 -22.61 -64.26
CA SER G 189 -55.13 -22.17 -65.15
C SER G 189 -54.66 -21.82 -66.55
N VAL G 190 -55.60 -21.37 -67.38
CA VAL G 190 -55.31 -21.01 -68.77
C VAL G 190 -56.41 -20.12 -69.37
N THR G 191 -56.05 -19.28 -70.32
CA THR G 191 -56.99 -18.35 -70.93
C THR G 191 -57.32 -18.72 -72.37
N THR G 201 -60.73 -28.99 -78.00
CA THR G 201 -60.34 -29.75 -76.82
C THR G 201 -59.23 -29.04 -76.05
N VAL G 202 -59.02 -29.47 -74.80
CA VAL G 202 -58.00 -28.89 -73.92
C VAL G 202 -57.69 -29.83 -72.76
N THR G 203 -56.43 -30.30 -72.68
CA THR G 203 -56.01 -31.19 -71.60
C THR G 203 -54.73 -30.69 -70.91
N CYS G 204 -54.59 -30.98 -69.63
CA CYS G 204 -53.41 -30.57 -68.87
C CYS G 204 -52.55 -31.78 -68.51
N ASN G 205 -51.25 -31.66 -68.72
CA ASN G 205 -50.32 -32.76 -68.46
C ASN G 205 -49.47 -32.54 -67.22
N VAL G 206 -49.53 -33.50 -66.29
CA VAL G 206 -48.76 -33.43 -65.05
C VAL G 206 -47.64 -34.47 -65.10
N ALA G 207 -46.48 -34.13 -64.54
CA ALA G 207 -45.33 -35.03 -64.62
C ALA G 207 -44.50 -35.08 -63.34
N HIS G 208 -44.97 -35.84 -62.35
CA HIS G 208 -44.27 -35.99 -61.07
C HIS G 208 -43.04 -36.88 -61.21
N PRO G 209 -41.83 -36.29 -61.11
CA PRO G 209 -40.57 -37.01 -61.31
C PRO G 209 -40.17 -37.88 -60.11
N ALA G 210 -40.73 -37.60 -58.94
CA ALA G 210 -40.36 -38.33 -57.72
C ALA G 210 -40.96 -39.73 -57.67
N SER G 211 -41.96 -39.97 -58.50
CA SER G 211 -42.61 -41.27 -58.57
C SER G 211 -42.89 -41.68 -60.01
N SER G 212 -42.34 -40.92 -60.95
CA SER G 212 -42.48 -41.22 -62.37
C SER G 212 -43.94 -41.28 -62.79
N THR G 213 -44.74 -40.38 -62.27
CA THR G 213 -46.16 -40.33 -62.60
C THR G 213 -46.45 -39.20 -63.59
N LYS G 214 -46.83 -39.56 -64.81
CA LYS G 214 -47.18 -38.57 -65.82
C LYS G 214 -48.62 -38.76 -66.30
N VAL G 215 -49.58 -38.37 -65.46
CA VAL G 215 -50.99 -38.53 -65.76
C VAL G 215 -51.55 -37.31 -66.48
N ASP G 216 -52.48 -37.53 -67.40
CA ASP G 216 -53.17 -36.43 -68.09
C ASP G 216 -54.68 -36.51 -67.81
N LYS G 217 -55.30 -35.34 -67.68
CA LYS G 217 -56.74 -35.27 -67.47
C LYS G 217 -57.36 -34.25 -68.42
N LYS G 218 -58.30 -34.69 -69.25
CA LYS G 218 -58.99 -33.81 -70.18
C LYS G 218 -59.89 -32.85 -69.43
N ILE G 219 -60.17 -31.70 -70.03
CA ILE G 219 -61.04 -30.71 -69.40
C ILE G 219 -62.38 -30.58 -70.11
N VAL G 220 -63.38 -31.29 -69.59
CA VAL G 220 -64.72 -31.28 -70.18
C VAL G 220 -65.68 -30.41 -69.36
N PRO G 221 -66.74 -29.90 -70.01
CA PRO G 221 -67.74 -29.04 -69.38
C PRO G 221 -68.35 -29.65 -68.11
N GLU H 1 23.89 41.51 22.47
CA GLU H 1 23.01 41.58 23.63
C GLU H 1 21.57 41.82 23.21
N VAL H 2 20.65 41.11 23.84
CA VAL H 2 19.23 41.29 23.54
C VAL H 2 18.67 42.43 24.39
N GLN H 3 17.70 43.14 23.84
CA GLN H 3 17.03 44.20 24.57
C GLN H 3 15.56 44.28 24.23
N LEU H 4 14.75 44.50 25.26
CA LEU H 4 13.33 44.74 25.07
C LEU H 4 13.02 46.14 25.61
N GLN H 5 12.71 47.06 24.72
CA GLN H 5 12.38 48.42 25.13
C GLN H 5 10.89 48.67 24.98
N GLN H 6 10.24 48.99 26.10
CA GLN H 6 8.80 49.21 26.10
C GLN H 6 8.48 50.70 25.98
N SER H 7 7.26 51.01 25.59
CA SER H 7 6.83 52.38 25.42
C SER H 7 6.88 53.15 26.74
N GLY H 8 6.76 54.47 26.65
CA GLY H 8 6.82 55.32 27.83
C GLY H 8 5.58 55.20 28.69
N PRO H 9 5.56 55.92 29.81
CA PRO H 9 4.42 55.91 30.74
C PRO H 9 3.21 56.58 30.12
N GLU H 10 2.01 56.16 30.52
CA GLU H 10 0.79 56.69 29.95
C GLU H 10 -0.23 57.02 31.02
N LEU H 11 -1.00 58.09 30.79
CA LEU H 11 -2.09 58.49 31.66
C LEU H 11 -3.38 58.57 30.86
N VAL H 12 -4.37 57.75 31.24
CA VAL H 12 -5.61 57.67 30.50
C VAL H 12 -6.83 57.62 31.42
N ARG H 13 -7.94 58.20 30.96
CA ARG H 13 -9.17 58.22 31.73
C ARG H 13 -9.91 56.89 31.61
N PRO H 14 -10.65 56.52 32.67
CA PRO H 14 -11.42 55.28 32.70
C PRO H 14 -12.34 55.17 31.48
N GLY H 15 -12.57 53.94 31.01
CA GLY H 15 -13.42 53.73 29.87
C GLY H 15 -12.66 53.73 28.55
N ALA H 16 -11.53 54.42 28.54
CA ALA H 16 -10.69 54.48 27.34
C ALA H 16 -9.83 53.23 27.23
N SER H 17 -9.04 53.15 26.17
CA SER H 17 -8.16 52.01 25.95
C SER H 17 -6.86 52.45 25.29
N MET H 18 -5.74 51.99 25.83
CA MET H 18 -4.44 52.33 25.26
C MET H 18 -3.60 51.08 24.98
N LYS H 19 -2.56 51.24 24.17
CA LYS H 19 -1.75 50.12 23.72
C LYS H 19 -0.26 50.37 23.94
N ILE H 20 0.38 49.52 24.74
CA ILE H 20 1.81 49.65 25.00
C ILE H 20 2.64 48.70 24.13
N SER H 21 3.84 49.13 23.77
CA SER H 21 4.69 48.36 22.86
C SER H 21 5.94 47.80 23.56
N CYS H 22 6.58 46.86 22.89
CA CYS H 22 7.79 46.22 23.41
C CYS H 22 8.69 45.90 22.23
N LYS H 23 9.57 46.83 21.89
CA LYS H 23 10.45 46.65 20.74
C LYS H 23 11.67 45.79 21.07
N ALA H 24 11.76 44.64 20.41
CA ALA H 24 12.83 43.68 20.65
C ALA H 24 13.97 43.85 19.66
N SER H 25 15.18 43.69 20.16
CA SER H 25 16.38 43.83 19.33
C SER H 25 17.51 42.96 19.89
N GLY H 26 18.40 42.52 19.01
CA GLY H 26 19.54 41.73 19.42
C GLY H 26 19.32 40.24 19.31
N TYR H 27 18.18 39.85 18.75
CA TYR H 27 17.88 38.44 18.51
C TYR H 27 16.86 38.28 17.41
N SER H 28 16.79 37.08 16.83
CA SER H 28 15.79 36.78 15.82
C SER H 28 14.39 36.88 16.44
N PHE H 29 13.75 38.03 16.23
CA PHE H 29 12.51 38.36 16.91
C PHE H 29 11.43 37.28 16.84
N THR H 30 11.37 36.61 15.70
CA THR H 30 10.27 35.69 15.43
C THR H 30 10.50 34.31 16.06
N GLY H 31 11.64 34.14 16.72
CA GLY H 31 12.01 32.85 17.25
C GLY H 31 11.59 32.60 18.68
N TYR H 32 11.36 33.66 19.45
CA TYR H 32 11.02 33.54 20.85
C TYR H 32 9.65 34.14 21.14
N THR H 33 8.83 33.41 21.90
CA THR H 33 7.48 33.90 22.21
C THR H 33 7.54 34.89 23.38
N MET H 34 6.61 35.85 23.39
CA MET H 34 6.61 36.92 24.38
C MET H 34 5.53 36.76 25.43
N ASN H 35 5.89 36.97 26.69
CA ASN H 35 4.92 37.01 27.78
C ASN H 35 4.60 38.44 28.16
N TRP H 36 3.45 38.66 28.77
CA TRP H 36 3.13 39.95 29.37
C TRP H 36 2.76 39.77 30.84
N VAL H 37 3.47 40.49 31.71
CA VAL H 37 3.24 40.37 33.14
C VAL H 37 2.76 41.70 33.72
N LYS H 38 1.75 41.64 34.59
CA LYS H 38 1.21 42.84 35.23
C LYS H 38 1.58 42.91 36.70
N GLN H 39 2.30 43.98 37.08
CA GLN H 39 2.66 44.20 38.47
C GLN H 39 1.90 45.40 39.03
N SER H 40 0.91 45.13 39.87
CA SER H 40 0.10 46.18 40.45
C SER H 40 0.39 46.33 41.94
N HIS H 41 0.17 47.53 42.46
CA HIS H 41 0.41 47.81 43.87
C HIS H 41 -0.48 46.90 44.74
N GLY H 42 -1.73 46.76 44.34
CA GLY H 42 -2.71 46.01 45.11
C GLY H 42 -2.40 44.53 45.32
N LYS H 43 -1.80 43.89 44.32
CA LYS H 43 -1.55 42.46 44.37
C LYS H 43 -0.12 42.10 43.95
N ASN H 44 0.12 40.82 43.71
CA ASN H 44 1.43 40.36 43.26
C ASN H 44 1.57 40.53 41.76
N LEU H 45 2.51 39.79 41.17
CA LEU H 45 2.64 39.73 39.73
C LEU H 45 1.55 38.85 39.16
N GLU H 46 0.97 39.28 38.05
CA GLU H 46 -0.01 38.46 37.37
C GLU H 46 0.44 38.18 35.94
N TRP H 47 0.21 36.96 35.47
CA TRP H 47 0.52 36.61 34.09
C TRP H 47 -0.70 36.87 33.19
N ILE H 48 -0.54 37.78 32.23
CA ILE H 48 -1.65 38.19 31.38
C ILE H 48 -1.86 37.18 30.25
N GLY H 49 -0.79 36.89 29.51
CA GLY H 49 -0.88 35.98 28.39
C GLY H 49 0.43 35.95 27.62
N LEU H 50 0.44 35.23 26.50
CA LEU H 50 1.64 35.15 25.69
C LEU H 50 1.29 35.07 24.21
N ILE H 51 2.24 35.48 23.38
CA ILE H 51 2.04 35.44 21.93
C ILE H 51 3.30 34.94 21.24
N ASN H 52 3.10 34.12 20.21
CA ASN H 52 4.19 33.58 19.41
C ASN H 52 4.36 34.42 18.16
N PRO H 53 5.44 35.22 18.10
CA PRO H 53 5.66 36.14 16.98
C PRO H 53 5.56 35.45 15.63
N TYR H 54 6.23 34.31 15.49
CA TYR H 54 6.31 33.60 14.22
C TYR H 54 4.94 33.10 13.80
N ASN H 55 4.14 32.75 14.79
CA ASN H 55 2.93 31.99 14.57
C ASN H 55 1.68 32.86 14.56
N GLY H 56 1.73 33.94 15.32
CA GLY H 56 0.58 34.80 15.51
C GLY H 56 -0.25 34.30 16.68
N GLY H 57 -0.05 33.03 17.01
CA GLY H 57 -0.83 32.38 18.05
C GLY H 57 -0.74 33.06 19.41
N THR H 58 -1.85 33.02 20.15
CA THR H 58 -1.90 33.61 21.47
C THR H 58 -2.57 32.70 22.49
N SER H 59 -2.32 32.96 23.76
CA SER H 59 -2.94 32.22 24.85
C SER H 59 -3.04 33.13 26.07
N TYR H 60 -4.27 33.43 26.49
CA TYR H 60 -4.50 34.37 27.57
C TYR H 60 -4.83 33.70 28.90
N ASN H 61 -4.45 34.36 29.99
CA ASN H 61 -4.93 33.99 31.30
C ASN H 61 -6.43 34.22 31.32
N GLN H 62 -7.20 33.23 31.78
CA GLN H 62 -8.65 33.35 31.80
C GLN H 62 -9.08 34.70 32.38
N LYS H 63 -8.32 35.19 33.34
CA LYS H 63 -8.61 36.45 34.02
C LYS H 63 -8.64 37.65 33.07
N PHE H 64 -7.69 37.68 32.13
CA PHE H 64 -7.56 38.82 31.22
C PHE H 64 -8.18 38.56 29.86
N LYS H 65 -8.91 37.45 29.75
CA LYS H 65 -9.64 37.14 28.53
C LYS H 65 -10.61 38.27 28.21
N GLY H 66 -10.27 39.08 27.22
CA GLY H 66 -11.12 40.19 26.82
C GLY H 66 -10.63 41.54 27.35
N LYS H 67 -9.71 41.51 28.29
CA LYS H 67 -9.13 42.75 28.82
C LYS H 67 -7.88 43.14 28.04
N ALA H 68 -7.08 42.14 27.66
CA ALA H 68 -5.86 42.38 26.90
C ALA H 68 -5.89 41.68 25.55
N THR H 69 -5.25 42.29 24.55
CA THR H 69 -5.17 41.73 23.22
C THR H 69 -3.75 41.78 22.67
N LEU H 70 -3.05 40.65 22.75
CA LEU H 70 -1.67 40.58 22.29
C LEU H 70 -1.58 40.50 20.77
N THR H 71 -0.70 41.31 20.20
CA THR H 71 -0.43 41.29 18.77
C THR H 71 1.08 41.43 18.55
N VAL H 72 1.49 41.36 17.29
CA VAL H 72 2.90 41.43 16.96
C VAL H 72 3.11 41.95 15.55
N ASP H 73 4.11 42.81 15.38
CA ASP H 73 4.44 43.36 14.07
C ASP H 73 5.83 42.89 13.66
N LYS H 74 5.87 41.84 12.86
CA LYS H 74 7.13 41.20 12.47
C LYS H 74 8.15 42.18 11.87
N SER H 75 7.68 43.05 10.99
CA SER H 75 8.55 43.98 10.29
C SER H 75 9.41 44.80 11.24
N SER H 76 8.79 45.31 12.30
CA SER H 76 9.47 46.21 13.24
C SER H 76 9.95 45.52 14.51
N SER H 77 9.83 44.20 14.56
CA SER H 77 10.25 43.44 15.75
C SER H 77 9.62 43.98 17.03
N THR H 78 8.35 44.33 16.96
CA THR H 78 7.66 44.90 18.11
C THR H 78 6.48 44.04 18.55
N ALA H 79 6.31 43.88 19.86
CA ALA H 79 5.13 43.23 20.42
C ALA H 79 4.25 44.29 21.07
N TYR H 80 2.95 44.24 20.78
CA TYR H 80 2.01 45.22 21.33
C TYR H 80 1.01 44.57 22.27
N MET H 81 0.46 45.34 23.19
CA MET H 81 -0.60 44.86 24.05
C MET H 81 -1.72 45.90 24.18
N GLU H 82 -2.91 45.54 23.72
CA GLU H 82 -4.08 46.39 23.87
C GLU H 82 -4.69 46.17 25.25
N LEU H 83 -5.18 47.24 25.86
CA LEU H 83 -5.94 47.13 27.10
C LEU H 83 -7.27 47.87 26.99
N LEU H 84 -8.37 47.12 26.99
CA LEU H 84 -9.70 47.68 26.75
C LEU H 84 -10.42 48.00 28.06
N SER H 85 -11.46 48.83 27.96
CA SER H 85 -12.26 49.21 29.12
C SER H 85 -11.43 49.47 30.36
N LEU H 86 -10.43 50.33 30.22
CA LEU H 86 -9.53 50.63 31.32
C LEU H 86 -10.28 51.16 32.54
N THR H 87 -9.85 50.73 33.73
CA THR H 87 -10.46 51.16 34.97
C THR H 87 -9.39 51.43 36.03
N SER H 88 -9.80 51.66 37.27
CA SER H 88 -8.87 51.91 38.36
C SER H 88 -7.95 50.71 38.57
N GLU H 89 -8.52 49.51 38.48
CA GLU H 89 -7.77 48.28 38.74
C GLU H 89 -6.68 48.02 37.72
N ASP H 90 -6.77 48.68 36.57
CA ASP H 90 -5.78 48.49 35.51
C ASP H 90 -4.54 49.35 35.70
N SER H 91 -4.56 50.21 36.71
CA SER H 91 -3.40 51.05 37.02
C SER H 91 -2.26 50.21 37.61
N ALA H 92 -1.26 49.94 36.79
CA ALA H 92 -0.13 49.12 37.22
C ALA H 92 1.09 49.32 36.33
N VAL H 93 2.09 48.46 36.52
CA VAL H 93 3.26 48.43 35.64
C VAL H 93 3.25 47.14 34.84
N TYR H 94 3.28 47.28 33.52
CA TYR H 94 3.19 46.12 32.63
C TYR H 94 4.53 45.78 32.01
N TYR H 95 5.05 44.60 32.34
CA TYR H 95 6.32 44.14 31.79
C TYR H 95 6.08 43.19 30.64
N CYS H 96 7.06 43.07 29.77
CA CYS H 96 7.04 42.04 28.73
C CYS H 96 8.26 41.16 28.93
N ALA H 97 8.06 39.85 29.00
CA ALA H 97 9.15 38.91 29.28
C ALA H 97 9.25 37.81 28.23
N ARG H 98 10.42 37.70 27.61
CA ARG H 98 10.64 36.72 26.54
C ARG H 98 10.75 35.30 27.07
N ASP H 99 10.30 34.33 26.28
CA ASP H 99 10.46 32.93 26.63
C ASP H 99 11.87 32.47 26.27
N GLY H 100 12.33 31.41 26.92
CA GLY H 100 13.72 31.00 26.80
C GLY H 100 14.13 30.27 25.55
N ASP H 101 13.24 29.46 25.00
CA ASP H 101 13.64 28.55 23.92
C ASP H 101 13.52 29.13 22.51
N TYR H 102 14.34 28.57 21.61
CA TYR H 102 14.46 29.02 20.22
C TYR H 102 13.50 28.25 19.32
N TYR H 103 12.50 28.95 18.80
CA TYR H 103 11.47 28.33 17.98
C TYR H 103 10.82 27.11 18.64
N ARG H 104 10.51 27.27 19.93
CA ARG H 104 9.74 26.30 20.68
C ARG H 104 9.49 26.85 22.08
N TYR H 105 8.41 26.39 22.71
CA TYR H 105 8.00 26.91 24.01
C TYR H 105 8.71 26.18 25.14
N GLY H 106 9.52 26.90 25.89
CA GLY H 106 10.30 26.32 26.96
C GLY H 106 9.74 26.54 28.36
N ARG H 107 8.75 27.42 28.47
CA ARG H 107 8.17 27.73 29.78
C ARG H 107 9.23 28.17 30.78
N TYR H 108 10.03 29.17 30.41
CA TYR H 108 10.95 29.81 31.35
C TYR H 108 11.39 31.16 30.82
N PHE H 109 11.59 32.12 31.74
CA PHE H 109 11.77 33.51 31.34
C PHE H 109 13.22 33.89 31.12
N ASP H 110 13.47 34.64 30.06
CA ASP H 110 14.78 35.21 29.77
C ASP H 110 14.83 36.63 30.25
N TYR H 111 14.67 37.53 29.29
CA TYR H 111 14.83 38.95 29.50
C TYR H 111 13.48 39.65 29.64
N TRP H 112 13.41 40.61 30.54
CA TRP H 112 12.22 41.43 30.71
C TRP H 112 12.48 42.81 30.16
N GLY H 113 11.42 43.60 30.01
CA GLY H 113 11.55 45.00 29.64
C GLY H 113 11.69 45.85 30.88
N GLN H 114 11.89 47.16 30.71
CA GLN H 114 12.03 48.04 31.85
C GLN H 114 10.68 48.30 32.49
N GLY H 115 9.63 47.83 31.83
CA GLY H 115 8.27 48.01 32.31
C GLY H 115 7.62 49.29 31.80
N THR H 116 6.30 49.28 31.71
CA THR H 116 5.55 50.46 31.31
C THR H 116 4.54 50.79 32.39
N THR H 117 4.60 52.00 32.94
CA THR H 117 3.67 52.39 33.99
C THR H 117 2.41 53.01 33.42
N LEU H 118 1.27 52.36 33.66
CA LEU H 118 -0.01 52.85 33.18
C LEU H 118 -0.86 53.40 34.33
N THR H 119 -1.26 54.65 34.22
CA THR H 119 -2.07 55.28 35.24
C THR H 119 -3.46 55.59 34.72
N VAL H 120 -4.47 54.93 35.29
CA VAL H 120 -5.85 55.15 34.90
C VAL H 120 -6.60 55.87 36.01
N SER H 121 -6.89 57.15 35.80
CA SER H 121 -7.57 57.93 36.83
C SER H 121 -8.55 58.93 36.23
N SER H 122 -9.67 59.11 36.91
CA SER H 122 -10.67 60.08 36.50
C SER H 122 -10.51 61.37 37.30
N ALA H 123 -9.31 61.58 37.85
CA ALA H 123 -9.00 62.80 38.59
C ALA H 123 -8.16 63.73 37.73
N LYS H 124 -8.31 65.03 37.93
CA LYS H 124 -7.65 66.03 37.09
C LYS H 124 -6.41 66.58 37.76
N THR H 125 -5.56 67.23 36.97
CA THR H 125 -4.30 67.78 37.47
C THR H 125 -4.52 68.62 38.72
N THR H 126 -3.82 68.26 39.80
CA THR H 126 -3.91 68.96 41.08
C THR H 126 -2.52 69.22 41.64
N PRO H 127 -2.24 70.47 42.03
CA PRO H 127 -0.96 70.83 42.63
C PRO H 127 -0.88 70.40 44.09
N PRO H 128 0.35 70.18 44.60
CA PRO H 128 0.59 69.63 45.94
C PRO H 128 0.41 70.66 47.05
N SER H 129 -0.08 70.21 48.21
CA SER H 129 -0.18 71.08 49.38
C SER H 129 0.96 70.79 50.35
N VAL H 130 2.08 71.47 50.16
CA VAL H 130 3.28 71.22 50.95
C VAL H 130 3.18 71.72 52.39
N TYR H 131 3.24 70.81 53.35
CA TYR H 131 3.13 71.14 54.76
C TYR H 131 4.40 70.77 55.53
N PRO H 132 4.92 71.70 56.35
CA PRO H 132 6.18 71.54 57.06
C PRO H 132 6.11 70.56 58.22
N LEU H 133 7.01 69.58 58.24
CA LEU H 133 7.08 68.60 59.32
C LEU H 133 8.03 69.08 60.42
N ALA H 134 7.45 69.43 61.57
CA ALA H 134 8.20 70.03 62.67
C ALA H 134 8.71 69.00 63.67
N PRO H 135 10.01 69.04 63.97
CA PRO H 135 10.65 68.10 64.88
C PRO H 135 10.11 68.27 66.30
N GLY H 136 10.07 67.18 67.06
CA GLY H 136 9.61 67.24 68.43
C GLY H 136 10.62 67.97 69.31
N SER H 137 10.15 68.47 70.46
CA SER H 137 11.02 69.15 71.40
C SER H 137 12.11 68.19 71.89
N ALA H 138 11.78 66.92 71.97
CA ALA H 138 12.72 65.88 72.38
C ALA H 138 13.77 65.65 71.30
N ALA H 139 13.36 65.77 70.04
CA ALA H 139 14.27 65.65 68.91
C ALA H 139 15.28 66.79 68.90
N GLN H 140 14.85 67.98 69.32
CA GLN H 140 15.74 69.15 69.40
C GLN H 140 16.94 68.89 70.30
N THR H 141 16.77 67.98 71.26
CA THR H 141 17.83 67.66 72.21
C THR H 141 18.88 66.75 71.57
N ASN H 142 18.73 66.45 70.30
CA ASN H 142 19.66 65.58 69.59
C ASN H 142 20.73 66.37 68.84
N SER H 143 21.90 65.77 68.67
CA SER H 143 23.00 66.41 67.97
C SER H 143 22.66 66.63 66.50
N MET H 144 21.86 65.73 65.94
CA MET H 144 21.27 65.96 64.63
C MET H 144 19.76 65.75 64.66
N VAL H 145 19.06 66.70 64.06
CA VAL H 145 17.61 66.68 64.02
C VAL H 145 17.17 66.38 62.60
N THR H 146 15.97 65.83 62.45
CA THR H 146 15.44 65.50 61.13
C THR H 146 14.14 66.25 60.81
N LEU H 147 14.15 66.99 59.71
CA LEU H 147 13.00 67.78 59.28
C LEU H 147 12.44 67.24 57.98
N GLY H 148 11.22 67.62 57.64
CA GLY H 148 10.61 67.15 56.41
C GLY H 148 9.48 67.99 55.84
N CYS H 149 9.30 67.89 54.53
CA CYS H 149 8.15 68.48 53.86
C CYS H 149 7.15 67.38 53.55
N LEU H 150 5.87 67.64 53.83
CA LEU H 150 4.82 66.68 53.47
C LEU H 150 4.08 67.16 52.23
N VAL H 151 4.34 66.51 51.11
CA VAL H 151 3.68 66.86 49.86
C VAL H 151 2.35 66.09 49.77
N LYS H 152 1.25 66.77 50.05
CA LYS H 152 -0.05 66.11 50.22
C LYS H 152 -1.09 66.45 49.15
N GLY H 153 -1.71 65.41 48.59
CA GLY H 153 -2.83 65.56 47.68
C GLY H 153 -2.53 66.13 46.31
N TYR H 154 -1.60 65.52 45.58
CA TYR H 154 -1.28 65.97 44.23
C TYR H 154 -1.60 64.93 43.17
N PHE H 155 -1.43 65.31 41.91
CA PHE H 155 -1.69 64.43 40.77
C PHE H 155 -1.38 65.21 39.50
N PRO H 156 -0.80 64.51 38.49
CA PRO H 156 -0.32 63.15 38.56
C PRO H 156 1.16 63.15 38.88
N GLU H 157 1.75 61.98 39.13
CA GLU H 157 3.18 61.91 39.35
C GLU H 157 3.90 62.53 38.15
N PRO H 158 5.17 62.94 38.34
CA PRO H 158 5.87 62.85 39.62
C PRO H 158 5.99 64.21 40.29
N VAL H 159 6.68 64.24 41.42
CA VAL H 159 7.05 65.48 42.09
C VAL H 159 8.51 65.38 42.49
N THR H 160 9.25 66.48 42.33
CA THR H 160 10.67 66.48 42.69
C THR H 160 10.93 67.36 43.91
N VAL H 161 11.61 66.78 44.90
CA VAL H 161 11.87 67.48 46.16
C VAL H 161 13.37 67.64 46.42
N THR H 162 13.75 68.85 46.82
CA THR H 162 15.13 69.16 47.17
C THR H 162 15.19 69.87 48.51
N TRP H 163 16.38 70.34 48.89
CA TRP H 163 16.54 71.09 50.14
C TRP H 163 17.53 72.24 49.98
N ASN H 164 17.11 73.43 50.37
CA ASN H 164 17.90 74.64 50.21
C ASN H 164 18.28 74.86 48.75
N SER H 165 17.34 74.60 47.85
CA SER H 165 17.55 74.76 46.42
C SER H 165 18.62 73.82 45.88
N GLY H 166 19.01 72.84 46.70
CA GLY H 166 19.98 71.84 46.28
C GLY H 166 21.13 71.65 47.25
N SER H 167 21.40 72.64 48.09
CA SER H 167 22.53 72.62 49.01
C SER H 167 22.64 71.30 49.78
N LEU H 168 21.67 71.05 50.66
CA LEU H 168 21.66 69.82 51.44
C LEU H 168 21.50 68.61 50.54
N SER H 169 22.62 68.02 50.12
CA SER H 169 22.60 66.84 49.28
C SER H 169 22.68 65.58 50.12
N SER H 170 23.42 65.66 51.21
CA SER H 170 23.62 64.52 52.09
C SER H 170 22.55 64.47 53.18
N GLY H 171 22.10 63.26 53.51
CA GLY H 171 21.13 63.09 54.56
C GLY H 171 19.70 63.37 54.13
N VAL H 172 19.49 63.45 52.82
CA VAL H 172 18.14 63.66 52.28
C VAL H 172 17.47 62.31 52.08
N HIS H 173 16.14 62.31 52.12
CA HIS H 173 15.37 61.11 51.86
C HIS H 173 14.00 61.47 51.33
N THR H 174 13.74 61.13 50.06
CA THR H 174 12.42 61.30 49.49
C THR H 174 11.73 59.95 49.39
N PHE H 175 10.73 59.73 50.22
CA PHE H 175 10.07 58.43 50.33
C PHE H 175 9.14 58.13 49.15
N PRO H 176 8.66 56.87 49.07
CA PRO H 176 7.68 56.50 48.04
C PRO H 176 6.39 57.30 48.21
N ALA H 177 5.67 57.49 47.12
CA ALA H 177 4.37 58.14 47.19
C ALA H 177 3.30 57.11 47.51
N VAL H 178 2.29 57.51 48.28
CA VAL H 178 1.17 56.63 48.58
C VAL H 178 -0.04 57.08 47.77
N LEU H 179 -1.16 56.41 47.96
CA LEU H 179 -2.36 56.74 47.21
C LEU H 179 -3.58 56.78 48.12
N GLN H 180 -4.25 57.92 48.13
CA GLN H 180 -5.47 58.08 48.92
C GLN H 180 -6.46 58.99 48.21
N SER H 181 -7.63 58.44 47.88
CA SER H 181 -8.66 59.20 47.17
C SER H 181 -8.22 59.59 45.77
N ASP H 182 -7.54 58.68 45.09
CA ASP H 182 -7.04 58.98 43.75
C ASP H 182 -6.21 60.26 43.74
N LEU H 183 -5.64 60.59 44.89
CA LEU H 183 -4.70 61.69 45.00
C LEU H 183 -3.42 61.22 45.69
N TYR H 184 -2.28 61.46 45.05
CA TYR H 184 -1.00 60.99 45.56
C TYR H 184 -0.50 61.85 46.72
N THR H 185 0.41 61.30 47.51
CA THR H 185 0.96 61.98 48.68
C THR H 185 2.30 61.35 49.08
N LEU H 186 3.32 62.18 49.24
CA LEU H 186 4.61 61.71 49.72
C LEU H 186 5.24 62.72 50.65
N SER H 187 6.30 62.30 51.34
CA SER H 187 7.09 63.22 52.17
C SER H 187 8.58 63.00 52.03
N SER H 188 9.36 64.03 52.34
CA SER H 188 10.81 63.98 52.19
C SER H 188 11.49 64.56 53.41
N SER H 189 12.25 63.75 54.12
CA SER H 189 12.96 64.24 55.30
C SER H 189 14.37 64.67 54.94
N VAL H 190 15.07 65.26 55.91
CA VAL H 190 16.45 65.65 55.74
C VAL H 190 17.09 65.80 57.13
N THR H 191 18.34 65.38 57.24
CA THR H 191 19.02 65.42 58.53
C THR H 191 20.09 66.49 58.55
N VAL H 192 20.05 67.35 59.57
CA VAL H 192 21.04 68.41 59.71
C VAL H 192 21.57 68.49 61.13
N PRO H 193 22.79 69.02 61.28
CA PRO H 193 23.42 69.29 62.58
C PRO H 193 22.56 70.21 63.42
N SER H 194 22.40 69.87 64.70
CA SER H 194 21.57 70.66 65.61
C SER H 194 22.01 72.12 65.68
N SER H 195 23.30 72.36 65.55
CA SER H 195 23.84 73.72 65.63
C SER H 195 23.30 74.59 64.50
N THR H 196 23.26 74.04 63.30
CA THR H 196 22.85 74.80 62.13
C THR H 196 21.33 74.92 61.97
N TRP H 197 20.61 74.76 63.08
CA TRP H 197 19.15 74.87 63.07
C TRP H 197 18.57 74.90 64.48
N PRO H 198 17.59 75.80 64.72
CA PRO H 198 17.04 76.72 63.72
C PRO H 198 17.89 77.97 63.53
N SER H 199 19.11 77.99 64.07
CA SER H 199 19.97 79.15 63.94
C SER H 199 20.05 79.61 62.49
N GLU H 200 20.14 78.64 61.58
CA GLU H 200 20.16 78.93 60.16
C GLU H 200 18.79 78.70 59.54
N THR H 201 18.76 78.34 58.25
CA THR H 201 17.50 78.16 57.55
C THR H 201 17.55 77.01 56.54
N VAL H 202 16.72 76.00 56.77
CA VAL H 202 16.60 74.88 55.84
C VAL H 202 15.17 74.79 55.29
N THR H 203 15.00 75.26 54.06
CA THR H 203 13.71 75.22 53.39
C THR H 203 13.68 74.13 52.33
N CYS H 204 12.49 73.63 52.02
CA CYS H 204 12.35 72.61 50.99
C CYS H 204 11.83 73.23 49.70
N ASN H 205 12.05 72.54 48.59
CA ASN H 205 11.61 73.02 47.29
C ASN H 205 10.84 71.95 46.54
N VAL H 206 9.51 72.03 46.59
CA VAL H 206 8.66 71.05 45.93
C VAL H 206 8.30 71.51 44.52
N ALA H 207 8.41 70.59 43.56
CA ALA H 207 8.13 70.89 42.17
C ALA H 207 7.12 69.90 41.59
N HIS H 208 6.23 70.40 40.74
CA HIS H 208 5.22 69.56 40.12
C HIS H 208 5.00 69.98 38.66
N PRO H 209 5.70 69.31 37.74
CA PRO H 209 5.64 69.67 36.31
C PRO H 209 4.22 69.67 35.76
N ALA H 210 3.42 68.69 36.18
CA ALA H 210 2.07 68.51 35.65
C ALA H 210 1.18 69.76 35.77
N SER H 211 1.43 70.57 36.78
CA SER H 211 0.65 71.78 36.99
C SER H 211 1.52 73.02 36.97
N SER H 212 2.77 72.86 36.56
CA SER H 212 3.73 73.95 36.51
C SER H 212 3.79 74.68 37.85
N THR H 213 4.02 73.92 38.92
CA THR H 213 4.07 74.47 40.27
C THR H 213 5.46 74.29 40.86
N LYS H 214 5.89 75.30 41.62
CA LYS H 214 7.13 75.18 42.39
C LYS H 214 7.03 76.01 43.66
N VAL H 215 6.45 75.40 44.69
CA VAL H 215 6.25 76.07 45.97
C VAL H 215 7.36 75.74 46.96
N ASP H 216 7.55 76.63 47.93
CA ASP H 216 8.56 76.44 48.98
C ASP H 216 7.89 76.33 50.34
N LYS H 217 8.63 75.81 51.31
CA LYS H 217 8.17 75.77 52.69
C LYS H 217 9.34 75.56 53.64
N LYS H 218 9.73 76.62 54.33
CA LYS H 218 10.83 76.54 55.28
C LYS H 218 10.35 76.07 56.64
N ILE H 219 11.11 75.18 57.26
CA ILE H 219 10.70 74.56 58.50
C ILE H 219 11.00 75.44 59.72
N VAL H 220 9.94 75.83 60.42
CA VAL H 220 10.06 76.59 61.67
C VAL H 220 9.57 75.74 62.83
N PRO H 221 10.39 75.61 63.87
CA PRO H 221 10.13 74.70 64.99
C PRO H 221 8.75 74.89 65.64
N GLU I 1 15.05 -47.93 -16.53
CA GLU I 1 13.86 -48.66 -16.08
C GLU I 1 13.69 -48.50 -14.58
N VAL I 2 12.46 -48.27 -14.15
CA VAL I 2 12.17 -48.15 -12.72
C VAL I 2 11.93 -49.53 -12.13
N GLN I 3 12.29 -49.69 -10.87
CA GLN I 3 12.05 -50.95 -10.17
C GLN I 3 11.70 -50.72 -8.72
N LEU I 4 10.73 -51.48 -8.23
CA LEU I 4 10.39 -51.48 -6.82
C LEU I 4 10.61 -52.88 -6.28
N GLN I 5 11.63 -53.04 -5.45
CA GLN I 5 11.93 -54.33 -4.85
C GLN I 5 11.54 -54.37 -3.39
N GLN I 6 10.62 -55.25 -3.04
CA GLN I 6 10.13 -55.35 -1.68
C GLN I 6 10.88 -56.42 -0.91
N SER I 7 10.81 -56.34 0.41
CA SER I 7 11.49 -57.30 1.27
C SER I 7 10.96 -58.72 1.06
N GLY I 8 11.68 -59.70 1.59
CA GLY I 8 11.31 -61.10 1.44
C GLY I 8 10.09 -61.47 2.27
N PRO I 9 9.65 -62.72 2.18
CA PRO I 9 8.49 -63.23 2.91
C PRO I 9 8.78 -63.30 4.40
N GLU I 10 7.75 -63.14 5.23
CA GLU I 10 7.94 -63.14 6.66
C GLU I 10 6.90 -64.01 7.36
N LEU I 11 7.32 -64.64 8.45
CA LEU I 11 6.43 -65.43 9.29
C LEU I 11 6.51 -64.93 10.72
N VAL I 12 5.37 -64.46 11.24
CA VAL I 12 5.34 -63.87 12.58
C VAL I 12 4.13 -64.32 13.39
N ARG I 13 4.31 -64.43 14.69
CA ARG I 13 3.24 -64.84 15.59
C ARG I 13 2.28 -63.69 15.88
N PRO I 14 1.01 -64.00 16.12
CA PRO I 14 -0.01 -63.00 16.44
C PRO I 14 0.43 -62.11 17.60
N GLY I 15 0.02 -60.84 17.58
CA GLY I 15 0.37 -59.91 18.64
C GLY I 15 1.66 -59.16 18.34
N ALA I 16 2.52 -59.76 17.54
CA ALA I 16 3.77 -59.12 17.16
C ALA I 16 3.55 -58.12 16.04
N SER I 17 4.61 -57.44 15.62
CA SER I 17 4.53 -56.48 14.54
C SER I 17 5.80 -56.49 13.70
N MET I 18 5.64 -56.53 12.38
CA MET I 18 6.79 -56.52 11.48
C MET I 18 6.68 -55.42 10.44
N LYS I 19 7.80 -55.10 9.79
CA LYS I 19 7.86 -53.98 8.85
C LYS I 19 8.48 -54.39 7.51
N ILE I 20 7.71 -54.26 6.44
CA ILE I 20 8.19 -54.60 5.10
C ILE I 20 8.65 -53.38 4.32
N SER I 21 9.66 -53.56 3.48
CA SER I 21 10.27 -52.46 2.76
C SER I 21 10.01 -52.51 1.26
N CYS I 22 10.25 -51.39 0.58
CA CYS I 22 10.04 -51.27 -0.85
C CYS I 22 11.11 -50.35 -1.42
N LYS I 23 12.23 -50.93 -1.82
CA LYS I 23 13.36 -50.13 -2.32
C LYS I 23 13.17 -49.72 -3.77
N ALA I 24 13.07 -48.41 -4.00
CA ALA I 24 12.84 -47.89 -5.33
C ALA I 24 14.14 -47.47 -6.01
N SER I 25 14.20 -47.71 -7.31
CA SER I 25 15.39 -47.38 -8.10
C SER I 25 14.99 -47.10 -9.55
N GLY I 26 15.77 -46.28 -10.22
CA GLY I 26 15.53 -45.98 -11.63
C GLY I 26 14.72 -44.73 -11.85
N TYR I 27 14.43 -44.01 -10.77
CA TYR I 27 13.72 -42.74 -10.86
C TYR I 27 14.00 -41.86 -9.65
N SER I 28 13.75 -40.57 -9.78
CA SER I 28 13.90 -39.65 -8.65
C SER I 28 12.91 -40.03 -7.55
N PHE I 29 13.42 -40.75 -6.54
CA PHE I 29 12.56 -41.37 -5.53
C PHE I 29 11.57 -40.41 -4.87
N THR I 30 12.02 -39.19 -4.66
CA THR I 30 11.25 -38.23 -3.88
C THR I 30 10.16 -37.54 -4.70
N GLY I 31 10.07 -37.89 -5.98
CA GLY I 31 9.13 -37.23 -6.86
C GLY I 31 7.77 -37.88 -6.98
N TYR I 32 7.70 -39.17 -6.69
CA TYR I 32 6.46 -39.92 -6.84
C TYR I 32 5.99 -40.49 -5.50
N THR I 33 4.70 -40.35 -5.21
CA THR I 33 4.17 -40.84 -3.94
C THR I 33 3.85 -42.34 -4.05
N MET I 34 3.97 -43.04 -2.93
CA MET I 34 3.83 -44.49 -2.90
C MET I 34 2.52 -44.95 -2.29
N ASN I 35 1.87 -45.92 -2.94
CA ASN I 35 0.69 -46.56 -2.38
C ASN I 35 1.06 -47.90 -1.79
N TRP I 36 0.23 -48.38 -0.86
CA TRP I 36 0.35 -49.74 -0.35
C TRP I 36 -0.97 -50.48 -0.51
N VAL I 37 -0.93 -51.62 -1.20
CA VAL I 37 -2.12 -52.40 -1.47
C VAL I 37 -2.04 -53.77 -0.81
N LYS I 38 -3.13 -54.21 -0.18
CA LYS I 38 -3.17 -55.50 0.48
C LYS I 38 -4.05 -56.49 -0.28
N GLN I 39 -3.45 -57.59 -0.71
CA GLN I 39 -4.19 -58.65 -1.40
C GLN I 39 -4.28 -59.89 -0.52
N SER I 40 -5.46 -60.13 0.04
CA SER I 40 -5.66 -61.27 0.92
C SER I 40 -6.54 -62.32 0.26
N HIS I 41 -6.36 -63.57 0.66
CA HIS I 41 -7.14 -64.67 0.10
C HIS I 41 -8.63 -64.45 0.36
N GLY I 42 -8.95 -64.00 1.56
CA GLY I 42 -10.33 -63.84 1.99
C GLY I 42 -11.15 -62.82 1.21
N LYS I 43 -10.50 -61.74 0.78
CA LYS I 43 -11.21 -60.65 0.10
C LYS I 43 -10.48 -60.19 -1.17
N ASN I 44 -10.90 -59.05 -1.70
CA ASN I 44 -10.27 -58.50 -2.89
C ASN I 44 -9.01 -57.73 -2.52
N LEU I 45 -8.59 -56.84 -3.41
CA LEU I 45 -7.52 -55.91 -3.11
C LEU I 45 -8.05 -54.79 -2.22
N GLU I 46 -7.24 -54.41 -1.23
CA GLU I 46 -7.61 -53.29 -0.38
C GLU I 46 -6.53 -52.23 -0.45
N TRP I 47 -6.93 -50.97 -0.45
CA TRP I 47 -5.98 -49.86 -0.44
C TRP I 47 -5.70 -49.44 1.00
N ILE I 48 -4.45 -49.59 1.44
CA ILE I 48 -4.08 -49.31 2.82
C ILE I 48 -3.89 -47.82 3.06
N GLY I 49 -3.06 -47.19 2.22
CA GLY I 49 -2.77 -45.78 2.37
C GLY I 49 -1.67 -45.36 1.41
N LEU I 50 -1.25 -44.10 1.51
CA LEU I 50 -0.18 -43.61 0.65
C LEU I 50 0.70 -42.62 1.40
N ILE I 51 1.94 -42.49 0.92
CA ILE I 51 2.89 -41.56 1.52
C ILE I 51 3.65 -40.81 0.44
N ASN I 52 3.87 -39.52 0.67
CA ASN I 52 4.63 -38.67 -0.24
C ASN I 52 6.07 -38.57 0.25
N PRO I 53 7.00 -39.22 -0.46
CA PRO I 53 8.40 -39.29 -0.04
C PRO I 53 8.99 -37.89 0.25
N TYR I 54 8.76 -36.96 -0.67
CA TYR I 54 9.33 -35.62 -0.56
C TYR I 54 8.78 -34.88 0.64
N ASN I 55 7.53 -35.18 0.96
CA ASN I 55 6.77 -34.37 1.89
C ASN I 55 6.72 -34.98 3.29
N GLY I 56 6.77 -36.30 3.35
CA GLY I 56 6.60 -37.02 4.59
C GLY I 56 5.12 -37.28 4.83
N GLY I 57 4.28 -36.51 4.16
CA GLY I 57 2.84 -36.61 4.34
C GLY I 57 2.26 -37.97 4.07
N THR I 58 1.22 -38.33 4.82
CA THR I 58 0.56 -39.61 4.64
C THR I 58 -0.95 -39.46 4.68
N SER I 59 -1.64 -40.47 4.14
CA SER I 59 -3.09 -40.52 4.16
C SER I 59 -3.54 -41.98 4.17
N TYR I 60 -4.20 -42.41 5.24
CA TYR I 60 -4.58 -43.81 5.40
C TYR I 60 -6.05 -44.07 5.07
N ASN I 61 -6.32 -45.28 4.61
CA ASN I 61 -7.69 -45.78 4.54
C ASN I 61 -8.21 -45.87 5.97
N GLN I 62 -9.40 -45.34 6.22
CA GLN I 62 -9.97 -45.36 7.55
C GLN I 62 -9.86 -46.75 8.18
N LYS I 63 -9.96 -47.77 7.33
CA LYS I 63 -9.90 -49.16 7.77
C LYS I 63 -8.59 -49.52 8.46
N PHE I 64 -7.47 -49.03 7.90
CA PHE I 64 -6.15 -49.38 8.41
C PHE I 64 -5.56 -48.29 9.30
N LYS I 65 -6.38 -47.31 9.65
CA LYS I 65 -5.97 -46.28 10.59
C LYS I 65 -5.55 -46.92 11.91
N GLY I 66 -4.24 -46.98 12.14
CA GLY I 66 -3.72 -47.55 13.36
C GLY I 66 -3.16 -48.96 13.18
N LYS I 67 -3.47 -49.57 12.04
CA LYS I 67 -2.94 -50.90 11.73
C LYS I 67 -1.64 -50.80 10.95
N ALA I 68 -1.55 -49.82 10.05
CA ALA I 68 -0.36 -49.62 9.25
C ALA I 68 0.23 -48.23 9.48
N THR I 69 1.56 -48.15 9.38
CA THR I 69 2.26 -46.88 9.54
C THR I 69 3.29 -46.67 8.44
N LEU I 70 2.93 -45.87 7.44
CA LEU I 70 3.81 -45.61 6.31
C LEU I 70 4.91 -44.61 6.66
N THR I 71 6.14 -44.96 6.29
CA THR I 71 7.28 -44.07 6.47
C THR I 71 8.16 -44.12 5.22
N VAL I 72 9.22 -43.33 5.22
CA VAL I 72 10.09 -43.27 4.06
C VAL I 72 11.49 -42.81 4.47
N ASP I 73 12.50 -43.45 3.87
CA ASP I 73 13.89 -43.10 4.13
C ASP I 73 14.54 -42.56 2.86
N LYS I 74 14.56 -41.23 2.73
CA LYS I 74 15.04 -40.57 1.52
C LYS I 74 16.42 -41.03 1.09
N SER I 75 17.34 -41.16 2.05
CA SER I 75 18.73 -41.49 1.74
C SER I 75 18.83 -42.78 0.93
N SER I 76 18.06 -43.79 1.32
CA SER I 76 18.16 -45.12 0.71
C SER I 76 17.07 -45.39 -0.33
N SER I 77 16.27 -44.37 -0.63
CA SER I 77 15.18 -44.52 -1.60
C SER I 77 14.28 -45.70 -1.26
N THR I 78 13.97 -45.86 0.02
CA THR I 78 13.14 -46.97 0.47
C THR I 78 11.85 -46.50 1.13
N ALA I 79 10.75 -47.19 0.85
CA ALA I 79 9.49 -46.93 1.54
C ALA I 79 9.21 -48.11 2.46
N TYR I 80 8.83 -47.82 3.71
CA TYR I 80 8.57 -48.87 4.68
C TYR I 80 7.10 -48.88 5.11
N MET I 81 6.62 -50.03 5.56
CA MET I 81 5.28 -50.12 6.13
C MET I 81 5.27 -50.95 7.41
N GLU I 82 4.91 -50.32 8.52
CA GLU I 82 4.75 -51.01 9.78
C GLU I 82 3.37 -51.64 9.86
N LEU I 83 3.29 -52.83 10.45
CA LEU I 83 2.01 -53.48 10.71
C LEU I 83 1.93 -53.91 12.17
N LEU I 84 1.06 -53.26 12.93
CA LEU I 84 0.97 -53.48 14.36
C LEU I 84 -0.12 -54.49 14.72
N SER I 85 -0.04 -55.02 15.94
CA SER I 85 -1.02 -55.98 16.44
C SER I 85 -1.43 -57.00 15.38
N LEU I 86 -0.45 -57.64 14.78
CA LEU I 86 -0.71 -58.62 13.72
C LEU I 86 -1.63 -59.74 14.20
N THR I 87 -2.54 -60.15 13.33
CA THR I 87 -3.48 -61.23 13.63
C THR I 87 -3.65 -62.13 12.42
N SER I 88 -4.60 -63.05 12.49
CA SER I 88 -4.87 -63.96 11.40
C SER I 88 -5.27 -63.20 10.13
N GLU I 89 -6.10 -62.17 10.31
CA GLU I 89 -6.62 -61.41 9.19
C GLU I 89 -5.55 -60.64 8.43
N ASP I 90 -4.40 -60.45 9.06
CA ASP I 90 -3.31 -59.71 8.44
C ASP I 90 -2.47 -60.58 7.51
N SER I 91 -2.76 -61.87 7.48
CA SER I 91 -2.04 -62.79 6.59
C SER I 91 -2.43 -62.56 5.14
N ALA I 92 -1.54 -61.92 4.39
CA ALA I 92 -1.83 -61.59 3.00
C ALA I 92 -0.56 -61.28 2.22
N VAL I 93 -0.73 -60.77 0.99
CA VAL I 93 0.39 -60.28 0.20
C VAL I 93 0.29 -58.77 0.06
N TYR I 94 1.33 -58.07 0.48
CA TYR I 94 1.32 -56.60 0.47
C TYR I 94 2.18 -56.03 -0.65
N TYR I 95 1.51 -55.35 -1.59
CA TYR I 95 2.20 -54.72 -2.70
C TYR I 95 2.43 -53.24 -2.41
N CYS I 96 3.42 -52.66 -3.08
CA CYS I 96 3.60 -51.22 -3.06
C CYS I 96 3.52 -50.72 -4.51
N ALA I 97 2.68 -49.72 -4.74
CA ALA I 97 2.44 -49.23 -6.09
C ALA I 97 2.64 -47.71 -6.19
N ARG I 98 3.53 -47.30 -7.10
CA ARG I 98 3.87 -45.89 -7.26
C ARG I 98 2.77 -45.12 -7.96
N ASP I 99 2.63 -43.84 -7.60
CA ASP I 99 1.70 -42.96 -8.28
C ASP I 99 2.32 -42.46 -9.58
N GLY I 100 1.46 -42.06 -10.53
CA GLY I 100 1.91 -41.75 -11.87
C GLY I 100 2.61 -40.42 -12.08
N ASP I 101 2.19 -39.39 -11.37
CA ASP I 101 2.65 -38.02 -11.65
C ASP I 101 3.96 -37.61 -10.96
N TYR I 102 4.64 -36.66 -11.60
CA TYR I 102 5.94 -36.17 -11.15
C TYR I 102 5.80 -34.96 -10.24
N TYR I 103 6.12 -35.14 -8.97
CA TYR I 103 5.95 -34.08 -7.97
C TYR I 103 4.53 -33.50 -7.96
N ARG I 104 3.56 -34.40 -8.01
CA ARG I 104 2.15 -34.04 -7.83
C ARG I 104 1.31 -35.31 -7.88
N TYR I 105 0.16 -35.28 -7.23
CA TYR I 105 -0.68 -36.46 -7.08
C TYR I 105 -1.60 -36.62 -8.29
N GLY I 106 -1.42 -37.71 -9.02
CA GLY I 106 -2.19 -37.95 -10.23
C GLY I 106 -3.31 -38.95 -10.08
N ARG I 107 -3.34 -39.66 -8.96
CA ARG I 107 -4.37 -40.68 -8.73
C ARG I 107 -4.42 -41.70 -9.86
N TYR I 108 -3.27 -42.30 -10.17
CA TYR I 108 -3.23 -43.43 -11.10
C TYR I 108 -1.92 -44.21 -10.92
N PHE I 109 -2.00 -45.53 -11.07
CA PHE I 109 -0.87 -46.38 -10.71
C PHE I 109 0.10 -46.64 -11.85
N ASP I 110 1.39 -46.58 -11.51
CA ASP I 110 2.46 -46.93 -12.44
C ASP I 110 2.91 -48.35 -12.20
N TYR I 111 4.02 -48.46 -11.49
CA TYR I 111 4.69 -49.72 -11.26
C TYR I 111 4.40 -50.26 -9.88
N TRP I 112 4.23 -51.58 -9.79
CA TRP I 112 4.04 -52.25 -8.52
C TRP I 112 5.30 -53.02 -8.16
N GLY I 113 5.36 -53.49 -6.92
CA GLY I 113 6.44 -54.38 -6.51
C GLY I 113 6.06 -55.82 -6.76
N GLN I 114 6.96 -56.74 -6.49
CA GLN I 114 6.67 -58.15 -6.69
C GLN I 114 5.78 -58.67 -5.58
N GLY I 115 5.55 -57.83 -4.58
CA GLY I 115 4.72 -58.19 -3.45
C GLY I 115 5.50 -58.85 -2.33
N THR I 116 5.00 -58.70 -1.10
CA THR I 116 5.61 -59.35 0.06
C THR I 116 4.57 -60.21 0.75
N THR I 117 4.85 -61.50 0.89
CA THR I 117 3.91 -62.40 1.53
C THR I 117 4.13 -62.46 3.04
N LEU I 118 3.11 -62.04 3.79
CA LEU I 118 3.18 -62.05 5.26
C LEU I 118 2.27 -63.14 5.82
N THR I 119 2.86 -64.04 6.60
CA THR I 119 2.10 -65.12 7.21
C THR I 119 2.06 -64.97 8.73
N VAL I 120 0.87 -64.73 9.26
CA VAL I 120 0.67 -64.60 10.70
C VAL I 120 -0.07 -65.82 11.23
N SER I 121 0.66 -66.77 11.80
CA SER I 121 0.05 -68.02 12.26
C SER I 121 0.53 -68.44 13.65
N SER I 122 -0.34 -69.15 14.36
CA SER I 122 -0.04 -69.59 15.73
C SER I 122 -0.29 -71.09 15.91
N ALA I 123 0.02 -71.87 14.88
CA ALA I 123 -0.18 -73.31 14.92
C ALA I 123 1.12 -74.06 14.65
N LYS I 124 1.40 -75.08 15.46
CA LYS I 124 2.61 -75.86 15.31
C LYS I 124 2.40 -77.04 14.37
N THR I 125 3.48 -77.73 14.04
CA THR I 125 3.44 -78.85 13.10
C THR I 125 2.33 -79.84 13.45
N THR I 126 1.58 -80.26 12.43
CA THR I 126 0.48 -81.21 12.63
C THR I 126 0.44 -82.25 11.51
N PRO I 127 0.35 -83.53 11.88
CA PRO I 127 0.33 -84.64 10.93
C PRO I 127 -0.92 -84.61 10.04
N PRO I 128 -0.75 -84.92 8.74
CA PRO I 128 -1.86 -84.89 7.78
C PRO I 128 -2.86 -86.02 8.02
N SER I 129 -4.11 -85.66 8.27
CA SER I 129 -5.18 -86.63 8.49
C SER I 129 -5.82 -87.05 7.17
N VAL I 130 -5.52 -88.28 6.74
CA VAL I 130 -5.94 -88.75 5.41
C VAL I 130 -7.22 -89.58 5.42
N TYR I 131 -8.24 -89.08 4.72
CA TYR I 131 -9.54 -89.73 4.62
C TYR I 131 -9.85 -90.06 3.17
N PRO I 132 -9.98 -91.36 2.85
CA PRO I 132 -10.25 -91.79 1.47
C PRO I 132 -11.63 -91.40 0.96
N LEU I 133 -11.72 -91.11 -0.33
CA LEU I 133 -12.99 -90.77 -0.96
C LEU I 133 -13.30 -91.74 -2.10
N ALA I 134 -14.59 -91.94 -2.38
CA ALA I 134 -15.03 -92.82 -3.46
C ALA I 134 -16.51 -92.61 -3.77
N PRO I 135 -16.92 -92.87 -5.02
CA PRO I 135 -18.31 -92.65 -5.44
C PRO I 135 -19.32 -93.30 -4.48
N SER I 143 -16.88 -98.07 -17.73
CA SER I 143 -16.19 -96.94 -18.35
C SER I 143 -14.94 -96.57 -17.57
N MET I 144 -14.93 -95.39 -16.97
CA MET I 144 -13.82 -94.95 -16.13
C MET I 144 -14.33 -94.34 -14.82
N VAL I 145 -14.00 -94.99 -13.71
CA VAL I 145 -14.41 -94.50 -12.40
C VAL I 145 -13.30 -93.68 -11.76
N THR I 146 -13.66 -92.50 -11.26
CA THR I 146 -12.70 -91.61 -10.61
C THR I 146 -12.71 -91.78 -9.09
N LEU I 147 -11.53 -91.93 -8.50
CA LEU I 147 -11.40 -92.10 -7.06
C LEU I 147 -10.80 -90.85 -6.42
N GLY I 148 -11.20 -90.57 -5.18
CA GLY I 148 -10.71 -89.40 -4.48
C GLY I 148 -9.96 -89.74 -3.21
N CYS I 149 -8.98 -88.90 -2.87
CA CYS I 149 -8.26 -89.05 -1.62
C CYS I 149 -8.16 -87.69 -0.94
N LEU I 150 -8.52 -87.65 0.35
CA LEU I 150 -8.60 -86.38 1.06
C LEU I 150 -7.55 -86.25 2.16
N VAL I 151 -6.70 -85.23 2.05
CA VAL I 151 -5.73 -84.91 3.08
C VAL I 151 -6.25 -83.75 3.93
N LYS I 152 -6.27 -83.91 5.25
CA LYS I 152 -6.94 -82.95 6.12
C LYS I 152 -6.12 -82.48 7.32
N GLY I 153 -6.20 -81.18 7.60
CA GLY I 153 -5.59 -80.59 8.78
C GLY I 153 -4.08 -80.77 8.92
N TYR I 154 -3.33 -80.38 7.89
CA TYR I 154 -1.88 -80.56 7.90
C TYR I 154 -1.11 -79.24 7.96
N SER I 170 -1.26 -91.71 -14.63
CA SER I 170 -2.32 -91.15 -15.47
C SER I 170 -3.49 -90.64 -14.64
N GLY I 171 -3.85 -89.37 -14.85
CA GLY I 171 -4.98 -88.77 -14.16
C GLY I 171 -4.65 -88.31 -12.76
N VAL I 172 -3.36 -88.15 -12.48
CA VAL I 172 -2.92 -87.70 -11.16
C VAL I 172 -3.18 -86.19 -10.99
N HIS I 173 -4.34 -85.86 -10.44
CA HIS I 173 -4.76 -84.47 -10.30
C HIS I 173 -4.84 -84.00 -8.85
N THR I 174 -3.75 -83.38 -8.37
CA THR I 174 -3.75 -82.76 -7.05
C THR I 174 -4.12 -81.27 -7.13
N PHE I 175 -5.23 -80.91 -6.48
CA PHE I 175 -5.77 -79.55 -6.56
C PHE I 175 -5.14 -78.65 -5.50
N PRO I 176 -5.37 -77.32 -5.60
CA PRO I 176 -4.81 -76.37 -4.63
C PRO I 176 -5.18 -76.72 -3.19
N ALA I 177 -4.47 -76.11 -2.23
CA ALA I 177 -4.71 -76.38 -0.82
C ALA I 177 -5.41 -75.23 -0.13
N VAL I 178 -6.58 -75.50 0.45
CA VAL I 178 -7.35 -74.47 1.15
C VAL I 178 -6.77 -74.19 2.53
N LEU I 179 -7.53 -73.46 3.35
CA LEU I 179 -7.13 -73.21 4.73
C LEU I 179 -8.35 -73.33 5.64
N GLN I 180 -8.58 -74.52 6.16
CA GLN I 180 -9.72 -74.80 7.02
C GLN I 180 -9.31 -74.80 8.50
N SER I 181 -9.90 -73.91 9.27
CA SER I 181 -9.66 -73.85 10.71
C SER I 181 -8.18 -73.72 11.08
N ASP I 182 -7.49 -72.77 10.44
CA ASP I 182 -6.09 -72.50 10.74
C ASP I 182 -5.18 -73.66 10.34
N LEU I 183 -5.65 -74.49 9.42
CA LEU I 183 -4.88 -75.62 8.90
C LEU I 183 -5.14 -75.77 7.41
N TYR I 184 -4.40 -76.66 6.76
CA TYR I 184 -4.54 -76.87 5.32
C TYR I 184 -5.33 -78.15 5.00
N THR I 185 -5.82 -78.24 3.77
CA THR I 185 -6.67 -79.35 3.35
C THR I 185 -6.79 -79.42 1.82
N LEU I 186 -6.30 -80.51 1.22
CA LEU I 186 -6.46 -80.72 -0.23
C LEU I 186 -6.83 -82.18 -0.53
N SER I 187 -7.48 -82.39 -1.68
CA SER I 187 -7.84 -83.74 -2.10
C SER I 187 -7.00 -84.17 -3.29
N SER I 188 -7.34 -85.31 -3.88
CA SER I 188 -6.58 -85.84 -5.01
C SER I 188 -7.39 -86.81 -5.89
N SER I 189 -7.84 -86.30 -7.03
CA SER I 189 -8.56 -87.10 -8.01
C SER I 189 -7.60 -88.07 -8.71
N VAL I 190 -8.14 -89.13 -9.29
CA VAL I 190 -7.36 -90.05 -10.10
C VAL I 190 -8.24 -90.96 -10.95
N THR I 191 -8.37 -90.63 -12.23
CA THR I 191 -9.19 -91.40 -13.15
C THR I 191 -8.44 -92.62 -13.65
N VAL I 192 -9.10 -93.79 -13.61
CA VAL I 192 -8.51 -95.03 -14.10
C VAL I 192 -9.61 -95.94 -14.65
N PRO I 193 -9.24 -96.80 -15.61
CA PRO I 193 -10.20 -97.78 -16.15
C PRO I 193 -10.90 -98.53 -15.02
N SER I 194 -12.23 -98.60 -15.08
CA SER I 194 -13.00 -99.24 -14.01
C SER I 194 -12.61 -100.70 -13.82
N SER I 195 -12.02 -101.31 -14.84
CA SER I 195 -11.64 -102.72 -14.80
C SER I 195 -10.41 -102.96 -13.92
N THR I 196 -9.83 -101.89 -13.39
CA THR I 196 -8.69 -102.00 -12.49
C THR I 196 -9.09 -101.64 -11.07
N TRP I 197 -10.37 -101.81 -10.76
CA TRP I 197 -10.89 -101.47 -9.43
C TRP I 197 -12.32 -101.98 -9.25
N PRO I 198 -12.57 -102.67 -8.12
CA PRO I 198 -11.61 -102.92 -7.03
C PRO I 198 -10.76 -104.17 -7.27
N SER I 199 -10.69 -104.63 -8.51
CA SER I 199 -9.92 -105.83 -8.84
C SER I 199 -8.42 -105.65 -8.54
N GLU I 200 -8.00 -104.40 -8.42
CA GLU I 200 -6.61 -104.09 -8.09
C GLU I 200 -6.56 -103.00 -7.01
N THR I 201 -5.58 -103.10 -6.13
CA THR I 201 -5.50 -102.21 -4.98
C THR I 201 -5.07 -100.79 -5.35
N VAL I 202 -6.04 -99.87 -5.34
CA VAL I 202 -5.75 -98.46 -5.48
C VAL I 202 -5.47 -97.89 -4.10
N THR I 203 -4.35 -97.17 -3.98
CA THR I 203 -3.97 -96.54 -2.72
C THR I 203 -3.30 -95.20 -3.02
N CYS I 204 -3.28 -94.31 -2.04
CA CYS I 204 -2.62 -93.02 -2.22
C CYS I 204 -1.67 -92.69 -1.07
N ASN I 205 -0.42 -92.39 -1.42
CA ASN I 205 0.62 -92.05 -0.44
C ASN I 205 0.52 -90.60 0.02
N VAL I 206 0.55 -90.40 1.34
CA VAL I 206 0.45 -89.06 1.90
C VAL I 206 1.61 -88.76 2.85
N ALA I 207 2.64 -88.09 2.33
CA ALA I 207 3.81 -87.74 3.12
C ALA I 207 3.79 -86.29 3.57
N HIS I 208 4.54 -85.98 4.63
CA HIS I 208 4.59 -84.62 5.18
C HIS I 208 5.93 -84.39 5.87
N PRO I 209 6.93 -83.91 5.13
CA PRO I 209 8.31 -83.71 5.61
C PRO I 209 8.40 -82.99 6.96
N ALA I 210 7.63 -81.92 7.14
CA ALA I 210 7.70 -81.12 8.35
C ALA I 210 7.14 -81.83 9.58
N SER I 211 6.36 -82.88 9.35
CA SER I 211 5.77 -83.65 10.45
C SER I 211 6.37 -85.05 10.53
N SER I 212 7.08 -85.45 9.48
CA SER I 212 7.68 -86.77 9.42
C SER I 212 6.65 -87.87 9.60
N THR I 213 5.62 -87.84 8.75
CA THR I 213 4.56 -88.85 8.80
C THR I 213 4.03 -89.17 7.42
N LYS I 214 4.06 -90.45 7.06
CA LYS I 214 3.52 -90.90 5.78
C LYS I 214 2.45 -91.96 6.02
N VAL I 215 1.24 -91.68 5.53
CA VAL I 215 0.12 -92.59 5.74
C VAL I 215 -0.45 -93.09 4.41
N ASP I 216 -1.08 -94.25 4.43
CA ASP I 216 -1.72 -94.82 3.25
C ASP I 216 -3.20 -95.09 3.53
N LYS I 217 -4.04 -94.75 2.57
CA LYS I 217 -5.47 -95.07 2.66
C LYS I 217 -5.92 -95.84 1.42
N LYS I 218 -6.33 -97.08 1.63
CA LYS I 218 -6.78 -97.94 0.54
C LYS I 218 -8.20 -97.57 0.11
N ILE I 219 -8.35 -97.16 -1.15
CA ILE I 219 -9.66 -96.82 -1.68
C ILE I 219 -10.47 -98.10 -1.93
N VAL I 220 -11.56 -98.26 -1.18
CA VAL I 220 -12.44 -99.42 -1.34
C VAL I 220 -13.85 -98.98 -1.74
N PRO I 221 -14.58 -99.87 -2.44
CA PRO I 221 -15.93 -99.59 -2.95
C PRO I 221 -17.02 -99.75 -1.88
N GLU J 1 39.19 -16.82 30.06
CA GLU J 1 38.34 -17.40 31.08
C GLU J 1 37.42 -16.34 31.68
N VAL J 2 36.15 -16.71 31.89
CA VAL J 2 35.22 -15.79 32.51
C VAL J 2 35.29 -15.90 34.02
N GLN J 3 35.03 -14.80 34.71
CA GLN J 3 35.03 -14.80 36.16
C GLN J 3 33.97 -13.86 36.70
N LEU J 4 33.28 -14.31 37.75
CA LEU J 4 32.34 -13.47 38.46
C LEU J 4 32.84 -13.36 39.90
N GLN J 5 33.30 -12.18 40.28
CA GLN J 5 33.77 -11.95 41.64
C GLN J 5 32.78 -11.11 42.42
N GLN J 6 32.25 -11.67 43.50
CA GLN J 6 31.25 -10.99 44.31
C GLN J 6 31.90 -10.29 45.49
N SER J 7 31.19 -9.33 46.07
CA SER J 7 31.70 -8.57 47.20
C SER J 7 31.96 -9.46 48.41
N GLY J 8 32.66 -8.92 49.39
CA GLY J 8 33.00 -9.67 50.58
C GLY J 8 31.80 -9.91 51.48
N PRO J 9 32.01 -10.62 52.59
CA PRO J 9 30.95 -10.93 53.55
C PRO J 9 30.50 -9.67 54.29
N GLU J 10 29.25 -9.63 54.71
CA GLU J 10 28.71 -8.45 55.37
C GLU J 10 27.91 -8.82 56.61
N LEU J 11 27.97 -7.95 57.62
CA LEU J 11 27.19 -8.11 58.84
C LEU J 11 26.36 -6.85 59.06
N VAL J 12 25.04 -7.01 59.07
CA VAL J 12 24.14 -5.86 59.20
C VAL J 12 22.99 -6.13 60.16
N ARG J 13 22.56 -5.09 60.85
CA ARG J 13 21.45 -5.18 61.81
C ARG J 13 20.12 -5.21 61.08
N PRO J 14 19.13 -5.90 61.67
CA PRO J 14 17.78 -5.98 61.11
C PRO J 14 17.21 -4.59 60.83
N GLY J 15 16.38 -4.48 59.80
CA GLY J 15 15.79 -3.20 59.43
C GLY J 15 16.63 -2.42 58.44
N ALA J 16 17.93 -2.68 58.45
CA ALA J 16 18.83 -2.01 57.52
C ALA J 16 18.79 -2.68 56.15
N SER J 17 19.56 -2.13 55.21
CA SER J 17 19.61 -2.69 53.87
C SER J 17 21.01 -2.55 53.28
N MET J 18 21.52 -3.64 52.71
CA MET J 18 22.84 -3.60 52.10
C MET J 18 22.81 -4.12 50.66
N LYS J 19 23.86 -3.82 49.91
CA LYS J 19 23.91 -4.15 48.49
C LYS J 19 25.19 -4.90 48.10
N ILE J 20 25.05 -6.12 47.60
CA ILE J 20 26.21 -6.92 47.19
C ILE J 20 26.45 -6.85 45.68
N SER J 21 27.72 -6.92 45.28
CA SER J 21 28.09 -6.76 43.89
C SER J 21 28.62 -8.05 43.27
N CYS J 22 28.67 -8.07 41.94
CA CYS J 22 29.16 -9.22 41.19
C CYS J 22 29.89 -8.72 39.95
N LYS J 23 31.19 -8.50 40.09
CA LYS J 23 31.99 -7.96 38.99
C LYS J 23 32.38 -9.03 37.96
N ALA J 24 31.88 -8.87 36.74
CA ALA J 24 32.11 -9.83 35.68
C ALA J 24 33.28 -9.43 34.80
N SER J 25 34.06 -10.43 34.38
CA SER J 25 35.22 -10.21 33.53
C SER J 25 35.49 -11.42 32.67
N GLY J 26 36.09 -11.20 31.50
CA GLY J 26 36.45 -12.30 30.63
C GLY J 26 35.41 -12.57 29.56
N TYR J 27 34.38 -11.73 29.50
CA TYR J 27 33.37 -11.86 28.47
C TYR J 27 32.66 -10.53 28.25
N SER J 28 32.00 -10.40 27.10
CA SER J 28 31.22 -9.20 26.81
C SER J 28 30.08 -9.09 27.82
N PHE J 29 30.28 -8.27 28.85
CA PHE J 29 29.37 -8.22 30.00
C PHE J 29 27.90 -8.03 29.64
N THR J 30 27.65 -7.26 28.60
CA THR J 30 26.30 -6.85 28.27
C THR J 30 25.55 -7.91 27.47
N GLY J 31 26.24 -9.01 27.17
CA GLY J 31 25.67 -10.04 26.32
C GLY J 31 24.92 -11.14 27.03
N TYR J 32 25.24 -11.35 28.29
CA TYR J 32 24.65 -12.43 29.07
C TYR J 32 23.87 -11.90 30.27
N THR J 33 22.66 -12.41 30.47
CA THR J 33 21.84 -11.95 31.60
C THR J 33 22.25 -12.65 32.90
N MET J 34 22.09 -11.95 34.02
CA MET J 34 22.54 -12.45 35.31
C MET J 34 21.40 -12.94 36.20
N ASN J 35 21.60 -14.10 36.82
CA ASN J 35 20.68 -14.59 37.84
C ASN J 35 21.21 -14.34 39.23
N TRP J 36 20.33 -14.29 40.22
CA TRP J 36 20.73 -14.24 41.61
C TRP J 36 20.06 -15.37 42.38
N VAL J 37 20.88 -16.19 43.03
CA VAL J 37 20.39 -17.36 43.77
C VAL J 37 20.69 -17.20 45.25
N LYS J 38 19.72 -17.54 46.09
CA LYS J 38 19.88 -17.46 47.55
C LYS J 38 19.96 -18.85 48.17
N GLN J 39 21.08 -19.14 48.83
CA GLN J 39 21.25 -20.40 49.53
C GLN J 39 21.25 -20.17 51.03
N SER J 40 20.17 -20.55 51.69
CA SER J 40 20.06 -20.36 53.13
C SER J 40 20.11 -21.69 53.87
N HIS J 41 20.56 -21.65 55.11
CA HIS J 41 20.65 -22.87 55.92
C HIS J 41 19.28 -23.50 56.09
N GLY J 42 18.27 -22.67 56.33
CA GLY J 42 16.92 -23.14 56.60
C GLY J 42 16.25 -23.90 55.47
N LYS J 43 16.51 -23.51 54.23
CA LYS J 43 15.85 -24.12 53.07
C LYS J 43 16.84 -24.49 51.97
N ASN J 44 16.31 -24.79 50.79
CA ASN J 44 17.16 -25.13 49.64
C ASN J 44 17.64 -23.86 48.95
N LEU J 45 18.04 -24.01 47.69
CA LEU J 45 18.37 -22.86 46.85
C LEU J 45 17.08 -22.20 46.40
N GLU J 46 17.07 -20.86 46.42
CA GLU J 46 15.94 -20.13 45.89
C GLU J 46 16.40 -19.20 44.78
N TRP J 47 15.57 -19.08 43.75
CA TRP J 47 15.85 -18.17 42.66
C TRP J 47 15.22 -16.80 42.94
N ILE J 48 16.04 -15.76 43.07
CA ILE J 48 15.56 -14.44 43.44
C ILE J 48 15.01 -13.71 42.22
N GLY J 49 15.80 -13.63 41.17
CA GLY J 49 15.40 -12.92 39.97
C GLY J 49 16.55 -12.84 38.97
N LEU J 50 16.32 -12.15 37.86
CA LEU J 50 17.37 -11.99 36.86
C LEU J 50 17.31 -10.62 36.22
N ILE J 51 18.44 -10.18 35.68
CA ILE J 51 18.53 -8.89 35.02
C ILE J 51 19.33 -9.01 33.73
N ASN J 52 18.86 -8.33 32.69
CA ASN J 52 19.56 -8.29 31.41
C ASN J 52 20.41 -7.03 31.33
N PRO J 53 21.74 -7.19 31.40
CA PRO J 53 22.66 -6.04 31.44
C PRO J 53 22.42 -5.08 30.29
N TYR J 54 22.32 -5.60 29.07
CA TYR J 54 22.16 -4.78 27.88
C TYR J 54 20.87 -4.00 27.89
N ASN J 55 19.85 -4.60 28.50
CA ASN J 55 18.48 -4.13 28.37
C ASN J 55 18.03 -3.31 29.57
N GLY J 56 18.57 -3.63 30.73
CA GLY J 56 18.14 -3.03 31.97
C GLY J 56 16.98 -3.82 32.55
N GLY J 57 16.33 -4.60 31.69
CA GLY J 57 15.15 -5.36 32.07
C GLY J 57 15.37 -6.33 33.21
N THR J 58 14.35 -6.49 34.05
CA THR J 58 14.44 -7.40 35.18
C THR J 58 13.19 -8.25 35.31
N SER J 59 13.31 -9.36 36.03
CA SER J 59 12.18 -10.24 36.31
C SER J 59 12.41 -10.93 37.65
N TYR J 60 11.54 -10.66 38.62
CA TYR J 60 11.74 -11.20 39.97
C TYR J 60 10.85 -12.39 40.28
N ASN J 61 11.35 -13.26 41.15
CA ASN J 61 10.52 -14.29 41.76
C ASN J 61 9.47 -13.58 42.61
N GLN J 62 8.20 -13.96 42.43
CA GLN J 62 7.13 -13.32 43.18
C GLN J 62 7.49 -13.18 44.65
N LYS J 63 8.22 -14.17 45.16
CA LYS J 63 8.60 -14.24 46.57
C LYS J 63 9.45 -13.04 46.99
N PHE J 64 10.39 -12.65 46.14
CA PHE J 64 11.33 -11.57 46.46
C PHE J 64 10.92 -10.23 45.86
N LYS J 65 9.72 -10.18 45.30
CA LYS J 65 9.17 -8.92 44.79
C LYS J 65 9.14 -7.88 45.90
N GLY J 66 10.07 -6.94 45.86
CA GLY J 66 10.13 -5.90 46.87
C GLY J 66 11.21 -6.12 47.91
N LYS J 67 11.76 -7.33 47.95
CA LYS J 67 12.85 -7.64 48.87
C LYS J 67 14.21 -7.40 48.21
N ALA J 68 14.31 -7.72 46.92
CA ALA J 68 15.55 -7.53 46.17
C ALA J 68 15.35 -6.59 44.98
N THR J 69 16.39 -5.83 44.65
CA THR J 69 16.35 -4.91 43.52
C THR J 69 17.59 -5.05 42.67
N LEU J 70 17.47 -5.77 41.55
CA LEU J 70 18.59 -5.99 40.66
C LEU J 70 18.89 -4.78 39.78
N THR J 71 20.16 -4.41 39.72
CA THR J 71 20.61 -3.33 38.86
C THR J 71 21.91 -3.73 38.18
N VAL J 72 22.42 -2.87 37.31
CA VAL J 72 23.64 -3.18 36.58
C VAL J 72 24.37 -1.90 36.17
N ASP J 73 25.69 -1.91 36.28
CA ASP J 73 26.51 -0.78 35.88
C ASP J 73 27.40 -1.17 34.71
N LYS J 74 26.95 -0.83 33.49
CA LYS J 74 27.63 -1.26 32.28
C LYS J 74 29.11 -0.89 32.25
N SER J 75 29.42 0.34 32.66
CA SER J 75 30.79 0.85 32.60
C SER J 75 31.77 -0.07 33.32
N SER J 76 31.39 -0.54 34.49
CA SER J 76 32.29 -1.33 35.33
C SER J 76 32.03 -2.84 35.24
N SER J 77 31.14 -3.25 34.35
CA SER J 77 30.81 -4.66 34.18
C SER J 77 30.40 -5.31 35.50
N THR J 78 29.62 -4.59 36.29
CA THR J 78 29.22 -5.09 37.60
C THR J 78 27.70 -5.24 37.71
N ALA J 79 27.26 -6.32 38.34
CA ALA J 79 25.85 -6.49 38.66
C ALA J 79 25.65 -6.34 40.17
N TYR J 80 24.65 -5.56 40.55
CA TYR J 80 24.40 -5.29 41.96
C TYR J 80 23.05 -5.86 42.39
N MET J 81 22.92 -6.16 43.68
CA MET J 81 21.64 -6.58 44.25
C MET J 81 21.36 -5.89 45.57
N GLU J 82 20.30 -5.10 45.61
CA GLU J 82 19.84 -4.46 46.84
C GLU J 82 18.97 -5.42 47.64
N LEU J 83 19.10 -5.38 48.96
CA LEU J 83 18.24 -6.17 49.84
C LEU J 83 17.67 -5.27 50.91
N LEU J 84 16.36 -5.03 50.85
CA LEU J 84 15.69 -4.09 51.74
C LEU J 84 15.07 -4.78 52.95
N SER J 85 14.77 -3.99 53.98
CA SER J 85 14.15 -4.49 55.21
C SER J 85 14.74 -5.82 55.65
N LEU J 86 16.07 -5.88 55.76
CA LEU J 86 16.76 -7.10 56.14
C LEU J 86 16.26 -7.64 57.48
N THR J 87 16.13 -8.96 57.56
CA THR J 87 15.70 -9.61 58.79
C THR J 87 16.50 -10.89 59.03
N SER J 88 16.08 -11.68 60.01
CA SER J 88 16.76 -12.92 60.33
C SER J 88 16.74 -13.87 59.13
N GLU J 89 15.60 -13.93 58.45
CA GLU J 89 15.42 -14.86 57.34
C GLU J 89 16.32 -14.55 56.14
N ASP J 90 16.85 -13.33 56.10
CA ASP J 90 17.69 -12.91 54.99
C ASP J 90 19.13 -13.35 55.16
N SER J 91 19.44 -13.94 56.31
CA SER J 91 20.80 -14.43 56.58
C SER J 91 21.09 -15.66 55.75
N ALA J 92 21.88 -15.50 54.69
CA ALA J 92 22.19 -16.60 53.80
C ALA J 92 23.42 -16.32 52.96
N VAL J 93 23.67 -17.17 51.96
CA VAL J 93 24.72 -16.94 50.99
C VAL J 93 24.10 -16.64 49.63
N TYR J 94 24.43 -15.50 49.06
CA TYR J 94 23.84 -15.07 47.80
C TYR J 94 24.81 -15.24 46.63
N TYR J 95 24.46 -16.11 45.69
CA TYR J 95 25.28 -16.33 44.52
C TYR J 95 24.74 -15.54 43.34
N CYS J 96 25.60 -15.27 42.36
CA CYS J 96 25.15 -14.72 41.09
C CYS J 96 25.57 -15.69 39.99
N ALA J 97 24.62 -16.07 39.15
CA ALA J 97 24.87 -17.07 38.11
C ALA J 97 24.48 -16.57 36.72
N ARG J 98 25.43 -16.59 35.80
CA ARG J 98 25.22 -16.08 34.45
C ARG J 98 24.38 -17.04 33.61
N ASP J 99 23.59 -16.47 32.70
CA ASP J 99 22.82 -17.28 31.76
C ASP J 99 23.73 -17.73 30.62
N GLY J 100 23.35 -18.80 29.95
CA GLY J 100 24.22 -19.44 28.98
C GLY J 100 24.33 -18.76 27.62
N ASP J 101 23.25 -18.19 27.13
CA ASP J 101 23.19 -17.72 25.74
C ASP J 101 23.70 -16.31 25.51
N TYR J 102 24.17 -16.07 24.27
CA TYR J 102 24.77 -14.81 23.87
C TYR J 102 23.73 -13.87 23.26
N TYR J 103 23.46 -12.78 23.97
CA TYR J 103 22.42 -11.84 23.56
C TYR J 103 21.09 -12.52 23.28
N ARG J 104 20.71 -13.42 24.17
CA ARG J 104 19.38 -14.03 24.18
C ARG J 104 19.26 -14.94 25.40
N TYR J 105 18.04 -15.14 25.85
CA TYR J 105 17.78 -15.89 27.08
C TYR J 105 17.69 -17.39 26.79
N GLY J 106 18.62 -18.15 27.37
CA GLY J 106 18.69 -19.57 27.10
C GLY J 106 18.16 -20.45 28.21
N ARG J 107 17.87 -19.84 29.36
CA ARG J 107 17.38 -20.59 30.50
C ARG J 107 18.29 -21.76 30.86
N TYR J 108 19.58 -21.47 31.06
CA TYR J 108 20.51 -22.46 31.60
C TYR J 108 21.75 -21.79 32.15
N PHE J 109 22.30 -22.33 33.22
CA PHE J 109 23.34 -21.63 33.96
C PHE J 109 24.76 -21.96 33.50
N ASP J 110 25.58 -20.93 33.41
CA ASP J 110 26.99 -21.06 33.10
C ASP J 110 27.80 -21.05 34.37
N TYR J 111 28.38 -19.88 34.63
CA TYR J 111 29.31 -19.67 35.72
C TYR J 111 28.63 -19.00 36.90
N TRP J 112 28.99 -19.42 38.11
CA TRP J 112 28.49 -18.80 39.33
C TRP J 112 29.62 -18.02 39.97
N GLY J 113 29.28 -17.19 40.96
CA GLY J 113 30.28 -16.49 41.73
C GLY J 113 30.69 -17.34 42.92
N GLN J 114 31.64 -16.86 43.72
CA GLN J 114 32.07 -17.61 44.89
C GLN J 114 31.05 -17.49 46.01
N GLY J 115 30.05 -16.64 45.79
CA GLY J 115 29.01 -16.41 46.77
C GLY J 115 29.35 -15.30 47.76
N THR J 116 28.32 -14.65 48.29
CA THR J 116 28.50 -13.62 49.30
C THR J 116 27.70 -14.00 50.54
N THR J 117 28.37 -14.10 51.68
CA THR J 117 27.70 -14.47 52.91
C THR J 117 27.17 -13.23 53.65
N LEU J 118 25.86 -13.16 53.79
CA LEU J 118 25.22 -12.05 54.48
C LEU J 118 24.68 -12.50 55.83
N THR J 119 25.13 -11.83 56.89
CA THR J 119 24.68 -12.15 58.25
C THR J 119 23.86 -11.02 58.84
N VAL J 120 22.57 -11.28 59.08
CA VAL J 120 21.69 -10.28 59.67
C VAL J 120 21.32 -10.63 61.11
N SER J 121 21.86 -9.84 62.04
CA SER J 121 21.65 -10.06 63.47
C SER J 121 21.81 -8.77 64.27
N SER J 122 20.85 -8.48 65.13
CA SER J 122 20.89 -7.30 65.99
C SER J 122 21.62 -7.59 67.30
N ALA J 123 22.63 -8.44 67.23
CA ALA J 123 23.34 -8.89 68.42
C ALA J 123 24.63 -8.11 68.65
N LYS J 124 24.92 -7.85 69.92
CA LYS J 124 26.20 -7.30 70.33
C LYS J 124 27.12 -8.48 70.66
N THR J 125 28.42 -8.23 70.70
CA THR J 125 29.36 -9.29 71.08
C THR J 125 28.93 -9.87 72.43
N THR J 126 28.57 -11.15 72.43
CA THR J 126 28.03 -11.79 73.63
C THR J 126 28.75 -13.10 73.96
N PRO J 127 29.43 -13.15 75.11
CA PRO J 127 30.17 -14.34 75.53
C PRO J 127 29.25 -15.55 75.68
N PRO J 128 29.73 -16.74 75.27
CA PRO J 128 28.96 -17.98 75.32
C PRO J 128 28.68 -18.47 76.74
N SER J 129 27.69 -19.33 76.88
CA SER J 129 27.41 -20.00 78.15
C SER J 129 27.58 -21.50 77.95
N VAL J 130 28.55 -22.10 78.63
CA VAL J 130 28.86 -23.51 78.42
C VAL J 130 28.12 -24.45 79.38
N TYR J 131 27.36 -25.38 78.80
CA TYR J 131 26.59 -26.36 79.58
C TYR J 131 27.03 -27.77 79.20
N PRO J 132 27.22 -28.64 80.21
CA PRO J 132 27.77 -29.99 80.02
C PRO J 132 26.77 -30.97 79.43
N LEU J 133 27.25 -31.88 78.58
CA LEU J 133 26.40 -32.90 77.98
C LEU J 133 26.86 -34.28 78.40
N ALA J 134 26.10 -34.91 79.29
CA ALA J 134 26.40 -36.26 79.77
C ALA J 134 25.26 -37.23 79.45
N PRO J 135 25.60 -38.53 79.27
CA PRO J 135 24.64 -39.52 78.78
C PRO J 135 23.50 -39.78 79.76
N GLY J 136 22.28 -39.88 79.24
CA GLY J 136 21.10 -40.12 80.05
C GLY J 136 21.22 -41.37 80.90
N SER J 137 20.86 -41.23 82.18
CA SER J 137 20.92 -42.33 83.13
C SER J 137 20.14 -43.55 82.62
N MET J 144 31.75 -48.19 75.94
CA MET J 144 31.97 -46.93 75.24
C MET J 144 30.93 -45.88 75.65
N VAL J 145 31.42 -44.74 76.13
CA VAL J 145 30.55 -43.63 76.53
C VAL J 145 30.91 -42.36 75.77
N THR J 146 29.91 -41.57 75.40
CA THR J 146 30.16 -40.33 74.70
C THR J 146 29.78 -39.12 75.55
N LEU J 147 30.68 -38.15 75.63
CA LEU J 147 30.43 -36.92 76.39
C LEU J 147 30.51 -35.71 75.45
N GLY J 148 30.07 -34.55 75.92
CA GLY J 148 30.11 -33.35 75.09
C GLY J 148 29.84 -32.03 75.78
N CYS J 149 30.08 -30.95 75.04
CA CYS J 149 29.83 -29.59 75.52
C CYS J 149 28.79 -28.91 74.65
N LEU J 150 28.01 -28.02 75.25
CA LEU J 150 27.07 -27.19 74.51
C LEU J 150 27.46 -25.73 74.65
N VAL J 151 28.12 -25.18 73.64
CA VAL J 151 28.48 -23.77 73.64
C VAL J 151 27.31 -22.94 73.10
N LYS J 152 26.45 -22.49 74.01
CA LYS J 152 25.13 -21.95 73.65
C LYS J 152 25.00 -20.43 73.76
N GLY J 153 24.54 -19.80 72.68
CA GLY J 153 24.25 -18.38 72.69
C GLY J 153 25.47 -17.48 72.71
N TYR J 154 26.29 -17.59 71.68
CA TYR J 154 27.48 -16.74 71.57
C TYR J 154 27.49 -16.00 70.24
N PHE J 155 28.19 -14.87 70.21
CA PHE J 155 28.27 -14.05 69.03
C PHE J 155 29.44 -13.08 69.17
N PRO J 156 30.16 -12.83 68.07
CA PRO J 156 29.98 -13.52 66.79
C PRO J 156 30.92 -14.72 66.76
N GLU J 157 30.82 -15.55 65.73
CA GLU J 157 31.74 -16.66 65.58
C GLU J 157 33.17 -16.14 65.48
N PRO J 158 34.16 -17.03 65.67
CA PRO J 158 33.96 -18.44 65.98
C PRO J 158 34.24 -18.76 67.45
N VAL J 159 34.08 -20.03 67.81
CA VAL J 159 34.51 -20.53 69.11
C VAL J 159 35.27 -21.84 68.93
N THR J 160 36.38 -21.99 69.63
CA THR J 160 37.21 -23.18 69.53
C THR J 160 37.07 -24.04 70.79
N VAL J 161 36.94 -25.35 70.60
CA VAL J 161 36.78 -26.28 71.70
C VAL J 161 37.86 -27.37 71.70
N THR J 162 38.46 -27.61 72.87
CA THR J 162 39.47 -28.64 73.03
C THR J 162 39.09 -29.56 74.18
N TRP J 163 39.83 -30.65 74.36
CA TRP J 163 39.55 -31.58 75.45
C TRP J 163 40.79 -31.93 76.28
N ASN J 164 40.78 -31.46 77.53
CA ASN J 164 41.89 -31.67 78.46
C ASN J 164 43.15 -30.92 78.03
N SER J 165 42.95 -29.80 77.34
CA SER J 165 44.05 -28.99 76.85
C SER J 165 44.82 -29.68 75.73
N GLY J 166 44.13 -30.57 75.01
CA GLY J 166 44.73 -31.31 73.92
C GLY J 166 45.11 -32.72 74.34
N SER J 167 44.80 -33.07 75.58
CA SER J 167 45.15 -34.37 76.12
C SER J 167 44.57 -35.51 75.28
N LEU J 168 43.26 -35.46 75.04
CA LEU J 168 42.62 -36.44 74.18
C LEU J 168 42.15 -35.81 72.88
N SER J 169 42.50 -36.44 71.77
CA SER J 169 42.21 -35.89 70.44
C SER J 169 41.41 -36.87 69.59
N SER J 170 41.66 -38.16 69.79
CA SER J 170 40.92 -39.20 69.08
C SER J 170 39.50 -39.28 69.60
N GLY J 171 38.53 -39.17 68.69
CA GLY J 171 37.13 -39.21 69.06
C GLY J 171 36.55 -37.82 69.30
N VAL J 172 37.37 -36.79 69.07
CA VAL J 172 36.92 -35.41 69.26
C VAL J 172 36.25 -34.89 68.00
N HIS J 173 35.02 -34.41 68.16
CA HIS J 173 34.26 -33.88 67.04
C HIS J 173 33.52 -32.60 67.41
N THR J 174 34.06 -31.47 66.96
CA THR J 174 33.39 -30.20 67.16
C THR J 174 32.47 -29.88 65.98
N PHE J 175 31.16 -30.01 66.21
CA PHE J 175 30.16 -29.90 65.17
C PHE J 175 29.96 -28.46 64.69
N PRO J 176 29.37 -28.31 63.49
CA PRO J 176 29.02 -26.98 62.96
C PRO J 176 28.07 -26.26 63.90
N ALA J 177 28.06 -24.93 63.83
CA ALA J 177 27.19 -24.12 64.68
C ALA J 177 25.91 -23.75 63.94
N VAL J 178 24.83 -23.56 64.71
CA VAL J 178 23.57 -23.11 64.14
C VAL J 178 23.28 -21.69 64.61
N LEU J 179 22.56 -20.92 63.79
CA LEU J 179 22.25 -19.54 64.12
C LEU J 179 20.79 -19.38 64.55
N GLN J 180 20.56 -19.26 65.85
CA GLN J 180 19.21 -19.15 66.38
C GLN J 180 19.12 -18.06 67.44
N SER J 181 18.07 -17.23 67.34
CA SER J 181 17.88 -16.13 68.29
C SER J 181 18.98 -15.10 68.15
N ASP J 182 19.44 -14.88 66.91
CA ASP J 182 20.52 -13.93 66.64
C ASP J 182 21.87 -14.40 67.21
N LEU J 183 21.85 -15.46 67.99
CA LEU J 183 23.05 -15.96 68.65
C LEU J 183 23.44 -17.36 68.16
N TYR J 184 24.73 -17.54 67.91
CA TYR J 184 25.25 -18.82 67.44
C TYR J 184 25.27 -19.88 68.55
N THR J 185 25.33 -21.15 68.16
CA THR J 185 25.36 -22.24 69.12
C THR J 185 25.91 -23.51 68.47
N LEU J 186 26.85 -24.16 69.16
CA LEU J 186 27.42 -25.42 68.68
C LEU J 186 27.63 -26.40 69.82
N SER J 187 28.28 -27.52 69.51
CA SER J 187 28.63 -28.50 70.53
C SER J 187 29.73 -29.43 70.03
N SER J 188 30.54 -29.92 70.97
CA SER J 188 31.67 -30.79 70.63
C SER J 188 31.64 -32.03 71.52
N SER J 189 31.67 -33.21 70.89
CA SER J 189 31.66 -34.46 71.62
C SER J 189 33.05 -35.07 71.68
N VAL J 190 33.24 -36.02 72.59
CA VAL J 190 34.50 -36.75 72.70
C VAL J 190 34.25 -38.16 73.23
N THR J 191 34.76 -39.16 72.51
CA THR J 191 34.49 -40.55 72.85
C THR J 191 35.63 -41.20 73.64
N VAL J 192 35.27 -41.82 74.76
CA VAL J 192 36.21 -42.54 75.61
C VAL J 192 35.56 -43.83 76.11
N PRO J 193 36.37 -44.81 76.54
CA PRO J 193 35.85 -46.04 77.14
C PRO J 193 35.03 -45.76 78.40
N SER J 194 33.91 -46.45 78.54
CA SER J 194 32.92 -46.13 79.57
C SER J 194 33.44 -46.33 80.99
N SER J 195 34.23 -47.37 81.19
CA SER J 195 34.69 -47.73 82.52
C SER J 195 35.57 -46.63 83.15
N THR J 196 36.34 -45.95 82.31
CA THR J 196 37.26 -44.91 82.78
C THR J 196 36.53 -43.71 83.37
N TRP J 197 35.40 -43.36 82.80
CA TRP J 197 34.66 -42.19 83.25
C TRP J 197 33.57 -42.61 84.26
N PRO J 198 33.41 -41.85 85.34
CA PRO J 198 34.14 -40.61 85.66
C PRO J 198 35.32 -40.82 86.61
N SER J 199 36.33 -41.58 86.18
CA SER J 199 37.52 -41.77 86.99
C SER J 199 38.70 -40.99 86.41
N GLU J 200 38.46 -40.31 85.30
CA GLU J 200 39.47 -39.46 84.67
C GLU J 200 38.90 -38.07 84.37
N THR J 201 39.69 -37.04 84.67
CA THR J 201 39.26 -35.66 84.45
C THR J 201 39.00 -35.39 82.97
N VAL J 202 37.76 -35.03 82.65
CA VAL J 202 37.37 -34.75 81.27
C VAL J 202 36.86 -33.32 81.13
N THR J 203 37.78 -32.36 81.05
CA THR J 203 37.43 -30.96 80.93
C THR J 203 37.43 -30.51 79.46
N CYS J 204 36.38 -29.83 79.05
CA CYS J 204 36.35 -29.24 77.72
C CYS J 204 36.75 -27.76 77.83
N ASN J 205 37.58 -27.31 76.90
CA ASN J 205 38.05 -25.93 76.90
C ASN J 205 37.36 -25.12 75.82
N VAL J 206 36.57 -24.14 76.23
CA VAL J 206 35.88 -23.28 75.28
C VAL J 206 36.54 -21.91 75.22
N ALA J 207 36.84 -21.47 74.00
CA ALA J 207 37.48 -20.18 73.79
C ALA J 207 36.70 -19.33 72.79
N HIS J 208 36.32 -18.13 73.21
CA HIS J 208 35.61 -17.19 72.35
C HIS J 208 36.41 -15.89 72.22
N PRO J 209 37.42 -15.90 71.32
CA PRO J 209 38.41 -14.83 71.17
C PRO J 209 37.79 -13.47 70.87
N ALA J 210 36.56 -13.47 70.37
CA ALA J 210 35.90 -12.22 69.99
C ALA J 210 35.53 -11.37 71.21
N SER J 211 35.58 -11.98 72.38
CA SER J 211 35.21 -11.31 73.62
C SER J 211 36.23 -11.56 74.72
N SER J 212 37.26 -12.33 74.39
CA SER J 212 38.32 -12.66 75.34
C SER J 212 37.85 -13.66 76.40
N THR J 213 36.88 -14.49 76.03
CA THR J 213 36.30 -15.44 76.98
C THR J 213 37.00 -16.80 76.94
N LYS J 214 37.33 -17.32 78.12
CA LYS J 214 37.91 -18.66 78.25
C LYS J 214 37.25 -19.38 79.42
N VAL J 215 36.59 -20.49 79.13
CA VAL J 215 35.86 -21.25 80.14
C VAL J 215 36.13 -22.74 80.08
N ASP J 216 36.25 -23.36 81.24
CA ASP J 216 36.43 -24.81 81.35
C ASP J 216 35.24 -25.42 82.10
N LYS J 217 34.77 -26.57 81.62
CA LYS J 217 33.63 -27.25 82.23
C LYS J 217 33.76 -28.76 82.08
N LYS J 218 34.35 -29.42 83.07
CA LYS J 218 34.55 -30.87 83.00
C LYS J 218 33.23 -31.62 83.09
N ILE J 219 33.11 -32.68 82.29
CA ILE J 219 31.90 -33.48 82.26
C ILE J 219 31.77 -34.34 83.51
N VAL J 220 30.55 -34.44 84.02
CA VAL J 220 30.27 -35.18 85.24
C VAL J 220 28.80 -35.61 85.26
N PRO J 221 28.54 -36.84 85.75
CA PRO J 221 27.16 -37.37 85.76
C PRO J 221 26.31 -36.78 86.88
N GLN K 1 -47.40 -12.03 -26.69
CA GLN K 1 -46.58 -11.06 -25.97
C GLN K 1 -46.51 -9.75 -26.75
N ALA K 2 -45.28 -9.32 -27.04
CA ALA K 2 -45.09 -8.10 -27.82
C ALA K 2 -45.23 -8.38 -29.31
N VAL K 3 -45.85 -7.47 -30.04
CA VAL K 3 -46.03 -7.65 -31.48
C VAL K 3 -45.64 -6.42 -32.28
N VAL K 4 -44.92 -6.64 -33.38
CA VAL K 4 -44.51 -5.55 -34.26
C VAL K 4 -45.48 -5.42 -35.44
N THR K 5 -45.81 -4.18 -35.78
CA THR K 5 -46.81 -3.90 -36.81
C THR K 5 -46.27 -3.01 -37.92
N GLN K 6 -46.53 -3.39 -39.17
CA GLN K 6 -46.12 -2.58 -40.31
C GLN K 6 -47.24 -2.44 -41.33
N GLU K 7 -47.10 -1.44 -42.21
CA GLU K 7 -48.03 -1.29 -43.33
C GLU K 7 -48.00 -2.55 -44.18
N SER K 8 -49.18 -3.05 -44.53
CA SER K 8 -49.27 -4.24 -45.36
C SER K 8 -48.54 -4.03 -46.68
N ALA K 9 -48.77 -2.87 -47.30
CA ALA K 9 -48.10 -2.52 -48.54
C ALA K 9 -48.14 -1.01 -48.80
N LEU K 10 -47.13 -0.53 -49.52
CA LEU K 10 -47.07 0.87 -49.92
C LEU K 10 -46.71 1.02 -51.39
N THR K 11 -47.05 2.17 -51.97
CA THR K 11 -46.78 2.43 -53.38
C THR K 11 -46.06 3.76 -53.53
N THR K 12 -45.15 3.83 -54.49
CA THR K 12 -44.41 5.07 -54.75
C THR K 12 -43.79 5.05 -56.14
N SER K 13 -43.64 6.24 -56.73
CA SER K 13 -43.05 6.36 -58.06
C SER K 13 -41.58 6.74 -57.99
N PRO K 14 -40.81 6.36 -59.02
CA PRO K 14 -39.36 6.60 -59.07
C PRO K 14 -39.00 8.06 -58.86
N GLY K 15 -38.27 8.35 -57.79
CA GLY K 15 -37.85 9.71 -57.50
C GLY K 15 -38.52 10.30 -56.29
N GLU K 16 -39.69 9.77 -55.95
CA GLU K 16 -40.46 10.28 -54.82
C GLU K 16 -39.84 9.89 -53.48
N THR K 17 -40.51 10.26 -52.39
CA THR K 17 -40.04 9.92 -51.05
C THR K 17 -41.11 9.16 -50.27
N VAL K 18 -40.86 7.89 -50.01
CA VAL K 18 -41.78 7.06 -49.26
C VAL K 18 -41.23 6.81 -47.86
N THR K 19 -42.12 6.51 -46.91
CA THR K 19 -41.72 6.25 -45.53
C THR K 19 -42.46 5.06 -44.93
N LEU K 20 -41.71 4.04 -44.53
CA LEU K 20 -42.28 2.87 -43.87
C LEU K 20 -42.19 3.06 -42.38
N THR K 21 -43.18 2.56 -41.63
CA THR K 21 -43.17 2.70 -40.18
C THR K 21 -43.24 1.35 -39.48
N CYS K 22 -42.66 1.30 -38.28
CA CYS K 22 -42.60 0.09 -37.49
C CYS K 22 -43.17 0.40 -36.11
N ARG K 23 -44.24 -0.28 -35.73
CA ARG K 23 -44.94 0.03 -34.47
C ARG K 23 -44.82 -1.07 -33.41
N SER K 24 -44.52 -0.66 -32.18
CA SER K 24 -44.44 -1.57 -31.05
C SER K 24 -45.77 -1.59 -30.31
N SER K 25 -46.20 -2.77 -29.90
CA SER K 25 -47.48 -2.93 -29.22
C SER K 25 -47.40 -2.55 -27.74
N THR K 26 -46.24 -2.74 -27.13
CA THR K 26 -46.06 -2.46 -25.71
C THR K 26 -45.98 -0.96 -25.43
N GLY K 27 -45.61 -0.19 -26.45
CA GLY K 27 -45.49 1.25 -26.31
C GLY K 27 -44.74 1.91 -27.44
N ALA K 28 -44.13 3.05 -27.14
CA ALA K 28 -43.36 3.79 -28.14
C ALA K 28 -42.01 3.13 -28.40
N VAL K 29 -41.58 3.13 -29.65
CA VAL K 29 -40.28 2.57 -30.01
C VAL K 29 -39.18 3.51 -29.51
N THR K 30 -38.40 3.03 -28.55
CA THR K 30 -37.30 3.80 -27.99
C THR K 30 -35.95 3.31 -28.52
N THR K 31 -34.86 3.97 -28.11
CA THR K 31 -33.55 3.64 -28.64
C THR K 31 -33.10 2.24 -28.24
N ILE K 32 -33.57 1.75 -27.09
CA ILE K 32 -33.19 0.42 -26.61
C ILE K 32 -33.96 -0.68 -27.34
N ASN K 33 -34.67 -0.31 -28.39
CA ASN K 33 -35.32 -1.30 -29.26
C ASN K 33 -34.44 -1.62 -30.45
N PHE K 34 -33.44 -0.76 -30.69
CA PHE K 34 -32.48 -0.96 -31.77
C PHE K 34 -33.19 -1.37 -33.06
N ALA K 35 -34.17 -0.56 -33.46
CA ALA K 35 -34.96 -0.84 -34.64
C ALA K 35 -34.09 -1.18 -35.84
N ASN K 36 -34.25 -2.40 -36.34
CA ASN K 36 -33.54 -2.85 -37.53
C ASN K 36 -34.46 -2.88 -38.75
N TRP K 37 -33.89 -2.63 -39.92
CA TRP K 37 -34.63 -2.74 -41.17
C TRP K 37 -33.93 -3.70 -42.12
N VAL K 38 -34.67 -4.69 -42.61
CA VAL K 38 -34.13 -5.69 -43.52
C VAL K 38 -34.90 -5.67 -44.83
N GLN K 39 -34.20 -5.82 -45.95
CA GLN K 39 -34.84 -5.85 -47.25
C GLN K 39 -34.82 -7.27 -47.83
N GLU K 40 -35.94 -7.66 -48.45
CA GLU K 40 -36.01 -8.97 -49.10
C GLU K 40 -36.39 -8.83 -50.57
N LYS K 41 -35.41 -9.01 -51.44
CA LYS K 41 -35.64 -9.05 -52.87
C LYS K 41 -36.24 -10.41 -53.24
N PRO K 42 -36.79 -10.53 -54.46
CA PRO K 42 -37.38 -11.81 -54.88
C PRO K 42 -36.34 -12.92 -54.93
N ASP K 43 -36.78 -14.15 -54.67
CA ASP K 43 -35.91 -15.33 -54.63
C ASP K 43 -35.15 -15.45 -53.31
N HIS K 44 -35.72 -14.88 -52.25
CA HIS K 44 -35.17 -15.01 -50.91
C HIS K 44 -33.80 -14.35 -50.74
N LEU K 45 -33.71 -13.08 -51.15
CA LEU K 45 -32.47 -12.32 -50.99
C LEU K 45 -32.61 -11.30 -49.87
N PHE K 46 -32.12 -11.65 -48.68
CA PHE K 46 -32.17 -10.75 -47.53
C PHE K 46 -30.88 -9.93 -47.37
N THR K 47 -31.03 -8.67 -47.00
CA THR K 47 -29.88 -7.82 -46.64
C THR K 47 -30.31 -6.76 -45.64
N GLY K 48 -29.39 -6.40 -44.74
CA GLY K 48 -29.68 -5.38 -43.75
C GLY K 48 -29.53 -3.97 -44.30
N LEU K 49 -30.26 -3.04 -43.72
CA LEU K 49 -30.16 -1.63 -44.09
C LEU K 49 -29.66 -0.80 -42.92
N ILE K 50 -30.53 -0.65 -41.92
CA ILE K 50 -30.22 0.13 -40.72
C ILE K 50 -30.37 -0.76 -39.48
N GLY K 51 -29.85 -0.30 -38.36
CA GLY K 51 -29.99 -1.01 -37.10
C GLY K 51 -29.21 -0.39 -35.96
N GLY K 52 -29.00 -1.15 -34.89
CA GLY K 52 -28.24 -0.69 -33.75
C GLY K 52 -28.64 0.68 -33.26
N ILE K 53 -27.64 1.51 -32.94
CA ILE K 53 -27.90 2.86 -32.47
C ILE K 53 -28.24 3.78 -33.65
N ASN K 54 -27.22 4.15 -34.43
CA ASN K 54 -27.46 4.89 -35.65
C ASN K 54 -26.50 4.47 -36.76
N ASN K 55 -26.21 3.17 -36.81
CA ASN K 55 -25.33 2.63 -37.84
C ASN K 55 -26.06 1.87 -38.95
N ARG K 56 -25.37 1.68 -40.07
CA ARG K 56 -25.96 1.04 -41.24
C ARG K 56 -25.02 0.00 -41.81
N ALA K 57 -25.56 -0.91 -42.61
CA ALA K 57 -24.79 -2.00 -43.21
C ALA K 57 -23.84 -1.48 -44.28
N PRO K 58 -22.82 -2.28 -44.63
CA PRO K 58 -21.88 -1.91 -45.69
C PRO K 58 -22.58 -1.80 -47.03
N GLY K 59 -22.56 -0.61 -47.62
CA GLY K 59 -23.07 -0.43 -48.97
C GLY K 59 -24.48 0.11 -49.06
N VAL K 60 -25.19 0.16 -47.94
CA VAL K 60 -26.55 0.68 -47.92
C VAL K 60 -26.58 2.10 -48.48
N PRO K 61 -27.27 2.29 -49.61
CA PRO K 61 -27.39 3.57 -50.32
C PRO K 61 -27.72 4.72 -49.39
N ALA K 62 -27.32 5.93 -49.77
CA ALA K 62 -27.50 7.11 -48.94
C ALA K 62 -28.96 7.54 -48.84
N ARG K 63 -29.78 7.09 -49.77
CA ARG K 63 -31.19 7.46 -49.79
C ARG K 63 -31.97 6.83 -48.63
N PHE K 64 -31.50 5.69 -48.14
CA PHE K 64 -32.10 5.04 -46.99
C PHE K 64 -31.69 5.75 -45.70
N SER K 65 -32.64 5.92 -44.78
CA SER K 65 -32.36 6.59 -43.52
C SER K 65 -33.35 6.19 -42.43
N GLY K 66 -32.86 6.11 -41.20
CA GLY K 66 -33.69 5.73 -40.08
C GLY K 66 -34.00 6.90 -39.17
N SER K 67 -35.10 6.79 -38.43
CA SER K 67 -35.52 7.83 -37.50
C SER K 67 -36.60 7.31 -36.56
N LEU K 68 -36.93 8.10 -35.54
CA LEU K 68 -38.02 7.75 -34.64
C LEU K 68 -39.13 8.78 -34.71
N ILE K 69 -39.74 8.89 -35.89
CA ILE K 69 -40.86 9.79 -36.10
C ILE K 69 -42.04 9.40 -35.23
N GLY K 70 -42.60 10.38 -34.54
CA GLY K 70 -43.70 10.11 -33.63
C GLY K 70 -43.28 9.19 -32.50
N ASP K 71 -43.93 8.03 -32.40
CA ASP K 71 -43.56 7.06 -31.38
C ASP K 71 -43.34 5.67 -31.98
N LYS K 72 -42.86 5.64 -33.21
CA LYS K 72 -42.51 4.38 -33.87
C LYS K 72 -41.31 4.55 -34.79
N ALA K 73 -40.63 3.46 -35.10
CA ALA K 73 -39.44 3.49 -35.94
C ALA K 73 -39.81 3.71 -37.40
N ALA K 74 -39.03 4.54 -38.09
CA ALA K 74 -39.31 4.86 -39.48
C ALA K 74 -38.13 4.52 -40.39
N LEU K 75 -38.43 4.30 -41.66
CA LEU K 75 -37.42 4.03 -42.68
C LEU K 75 -37.78 4.85 -43.90
N THR K 76 -37.02 5.91 -44.16
CA THR K 76 -37.35 6.84 -45.24
C THR K 76 -36.41 6.72 -46.45
N ILE K 77 -36.99 6.41 -47.60
CA ILE K 77 -36.23 6.34 -48.85
C ILE K 77 -36.40 7.62 -49.65
N THR K 78 -35.40 8.50 -49.55
CA THR K 78 -35.45 9.78 -50.26
C THR K 78 -34.92 9.65 -51.68
N GLY K 79 -35.83 9.58 -52.64
CA GLY K 79 -35.47 9.43 -54.03
C GLY K 79 -35.54 7.97 -54.46
N ALA K 80 -36.71 7.36 -54.26
CA ALA K 80 -36.91 5.95 -54.54
C ALA K 80 -36.40 5.55 -55.91
N GLN K 81 -35.91 4.32 -56.01
CA GLN K 81 -35.41 3.79 -57.28
C GLN K 81 -36.20 2.55 -57.69
N THR K 82 -36.03 2.13 -58.93
CA THR K 82 -36.71 0.96 -59.44
C THR K 82 -36.35 -0.28 -58.61
N GLU K 83 -35.05 -0.49 -58.40
CA GLU K 83 -34.58 -1.66 -57.68
C GLU K 83 -35.01 -1.65 -56.21
N ASP K 84 -35.43 -0.50 -55.72
CA ASP K 84 -35.85 -0.38 -54.32
C ASP K 84 -37.15 -1.13 -54.04
N GLU K 85 -37.76 -1.68 -55.08
CA GLU K 85 -38.99 -2.43 -54.91
C GLU K 85 -38.73 -3.80 -54.30
N ALA K 86 -39.14 -3.98 -53.05
CA ALA K 86 -38.94 -5.25 -52.34
C ALA K 86 -39.83 -5.32 -51.13
N ILE K 87 -39.60 -6.32 -50.27
CA ILE K 87 -40.31 -6.43 -49.01
C ILE K 87 -39.41 -5.99 -47.87
N TYR K 88 -39.90 -5.08 -47.04
CA TYR K 88 -39.09 -4.53 -45.96
C TYR K 88 -39.59 -4.98 -44.59
N PHE K 89 -38.76 -5.74 -43.88
CA PHE K 89 -39.08 -6.14 -42.52
C PHE K 89 -38.34 -5.24 -41.54
N CYS K 90 -39.03 -4.81 -40.49
CA CYS K 90 -38.38 -4.13 -39.39
C CYS K 90 -38.39 -5.07 -38.19
N ALA K 91 -37.32 -5.03 -37.40
CA ALA K 91 -37.24 -5.87 -36.22
C ALA K 91 -36.96 -5.02 -35.00
N LEU K 92 -37.70 -5.26 -33.93
CA LEU K 92 -37.48 -4.55 -32.68
C LEU K 92 -36.82 -5.49 -31.66
N TRP K 93 -35.99 -4.92 -30.80
CA TRP K 93 -35.31 -5.68 -29.77
C TRP K 93 -36.04 -5.52 -28.44
N TYR K 94 -36.59 -6.61 -27.92
CA TYR K 94 -37.30 -6.58 -26.66
C TYR K 94 -36.54 -7.33 -25.57
N SER K 95 -35.70 -6.60 -24.84
CA SER K 95 -34.99 -7.16 -23.69
C SER K 95 -33.86 -8.14 -24.06
N ASN K 96 -34.20 -9.25 -24.69
CA ASN K 96 -33.20 -10.29 -24.95
C ASN K 96 -33.37 -11.02 -26.29
N HIS K 97 -34.29 -10.54 -27.12
CA HIS K 97 -34.56 -11.22 -28.39
C HIS K 97 -35.17 -10.27 -29.41
N TRP K 98 -35.12 -10.66 -30.68
CA TRP K 98 -35.70 -9.87 -31.73
C TRP K 98 -37.12 -10.29 -32.03
N VAL K 99 -37.96 -9.33 -32.42
CA VAL K 99 -39.31 -9.63 -32.89
C VAL K 99 -39.51 -8.92 -34.23
N PHE K 100 -39.81 -9.70 -35.27
CA PHE K 100 -39.98 -9.14 -36.60
C PHE K 100 -41.41 -8.65 -36.85
N GLY K 101 -41.56 -7.74 -37.81
CA GLY K 101 -42.87 -7.26 -38.20
C GLY K 101 -43.44 -8.12 -39.32
N GLY K 102 -44.63 -7.75 -39.81
CA GLY K 102 -45.25 -8.47 -40.89
C GLY K 102 -44.57 -8.19 -42.22
N GLY K 103 -43.83 -7.09 -42.27
CA GLY K 103 -43.18 -6.68 -43.50
C GLY K 103 -44.07 -5.79 -44.33
N THR K 104 -43.46 -4.83 -45.02
CA THR K 104 -44.19 -3.92 -45.88
C THR K 104 -43.75 -4.16 -47.33
N LYS K 105 -44.71 -4.37 -48.22
CA LYS K 105 -44.39 -4.60 -49.62
C LYS K 105 -44.37 -3.29 -50.41
N LEU K 106 -43.17 -2.72 -50.56
CA LEU K 106 -43.01 -1.47 -51.29
C LEU K 106 -42.97 -1.70 -52.79
N THR K 107 -43.87 -1.03 -53.50
CA THR K 107 -43.93 -1.14 -54.95
C THR K 107 -43.50 0.18 -55.60
N VAL K 108 -42.49 0.10 -56.46
CA VAL K 108 -42.07 1.25 -57.24
C VAL K 108 -42.75 1.16 -58.60
N LEU K 109 -43.72 2.06 -58.82
CA LEU K 109 -44.60 2.01 -59.97
C LEU K 109 -43.90 2.24 -61.30
N GLY K 110 -43.79 1.17 -62.09
CA GLY K 110 -43.26 1.25 -63.44
C GLY K 110 -44.23 0.61 -64.40
N GLN K 111 -45.51 0.67 -64.04
CA GLN K 111 -46.57 0.01 -64.79
C GLN K 111 -47.92 0.54 -64.30
N PRO K 112 -48.92 0.65 -65.21
CA PRO K 112 -50.22 1.16 -64.80
C PRO K 112 -50.98 0.16 -63.95
N LYS K 113 -51.63 0.63 -62.89
CA LYS K 113 -52.39 -0.25 -62.01
C LYS K 113 -53.28 -1.18 -62.81
N SER K 114 -53.49 -2.39 -62.30
CA SER K 114 -54.26 -3.40 -63.02
C SER K 114 -55.12 -4.22 -62.05
N SER K 115 -56.43 -4.11 -62.18
CA SER K 115 -57.36 -4.82 -61.31
C SER K 115 -57.32 -6.33 -61.53
N PRO K 116 -57.52 -7.10 -60.46
CA PRO K 116 -57.34 -8.56 -60.50
C PRO K 116 -58.46 -9.25 -61.26
N SER K 117 -58.12 -10.31 -62.00
CA SER K 117 -59.10 -11.08 -62.74
C SER K 117 -59.47 -12.36 -61.99
N VAL K 118 -60.53 -12.27 -61.19
CA VAL K 118 -60.89 -13.35 -60.28
C VAL K 118 -61.80 -14.39 -60.94
N THR K 119 -61.38 -15.65 -60.87
CA THR K 119 -62.17 -16.77 -61.37
C THR K 119 -62.34 -17.80 -60.26
N LEU K 120 -63.58 -18.19 -59.98
CA LEU K 120 -63.85 -19.19 -58.95
C LEU K 120 -64.44 -20.45 -59.59
N PHE K 121 -63.78 -21.59 -59.35
CA PHE K 121 -64.21 -22.87 -59.91
C PHE K 121 -65.00 -23.71 -58.90
N PRO K 122 -65.94 -24.51 -59.40
CA PRO K 122 -66.69 -25.43 -58.53
C PRO K 122 -65.96 -26.75 -58.39
N PRO K 123 -65.94 -27.31 -57.17
CA PRO K 123 -65.27 -28.59 -56.90
C PRO K 123 -65.75 -29.69 -57.85
N SER K 124 -64.89 -30.07 -58.78
CA SER K 124 -65.22 -31.09 -59.77
C SER K 124 -65.92 -32.29 -59.13
N SER K 125 -66.99 -32.76 -59.75
CA SER K 125 -67.69 -33.95 -59.29
C SER K 125 -66.68 -35.08 -59.10
N GLU K 126 -65.66 -35.08 -59.95
CA GLU K 126 -64.59 -36.05 -59.89
C GLU K 126 -64.07 -36.28 -58.48
N GLU K 127 -63.55 -35.22 -57.85
CA GLU K 127 -62.95 -35.33 -56.53
C GLU K 127 -63.98 -35.50 -55.41
N LEU K 128 -65.24 -35.29 -55.73
CA LEU K 128 -66.31 -35.52 -54.77
C LEU K 128 -66.45 -37.01 -54.48
N GLU K 129 -65.99 -37.83 -55.43
CA GLU K 129 -66.00 -39.28 -55.26
C GLU K 129 -65.05 -39.70 -54.15
N THR K 130 -64.04 -38.86 -53.89
CA THR K 130 -63.10 -39.09 -52.81
C THR K 130 -63.70 -38.59 -51.50
N ASN K 131 -64.98 -38.19 -51.56
CA ASN K 131 -65.68 -37.63 -50.41
C ASN K 131 -64.95 -36.39 -49.89
N LYS K 132 -64.48 -35.57 -50.81
CA LYS K 132 -63.72 -34.36 -50.46
C LYS K 132 -64.06 -33.24 -51.45
N ALA K 133 -64.10 -32.00 -50.93
CA ALA K 133 -64.46 -30.85 -51.75
C ALA K 133 -63.42 -29.73 -51.67
N THR K 134 -63.02 -29.22 -52.84
CA THR K 134 -61.96 -28.22 -52.91
C THR K 134 -62.29 -27.11 -53.91
N LEU K 135 -62.53 -25.90 -53.39
CA LEU K 135 -62.81 -24.74 -54.24
C LEU K 135 -61.55 -23.99 -54.62
N VAL K 136 -61.36 -23.75 -55.92
CA VAL K 136 -60.22 -22.99 -56.42
C VAL K 136 -60.63 -21.59 -56.84
N CYS K 137 -59.83 -20.59 -56.47
CA CYS K 137 -60.10 -19.22 -56.86
C CYS K 137 -58.87 -18.56 -57.44
N THR K 138 -58.63 -18.75 -58.74
CA THR K 138 -57.45 -18.20 -59.38
C THR K 138 -57.54 -16.69 -59.56
N ILE K 139 -56.49 -15.99 -59.18
CA ILE K 139 -56.40 -14.54 -59.31
C ILE K 139 -55.20 -14.19 -60.18
N THR K 140 -55.42 -13.45 -61.26
CA THR K 140 -54.35 -13.13 -62.20
C THR K 140 -54.39 -11.69 -62.70
N ASP K 141 -53.30 -11.26 -63.33
CA ASP K 141 -53.20 -9.94 -63.94
C ASP K 141 -53.54 -8.80 -63.00
N PHE K 142 -52.80 -8.67 -61.90
CA PHE K 142 -52.98 -7.51 -61.03
C PHE K 142 -51.67 -6.83 -60.65
N TYR K 143 -51.76 -5.57 -60.26
CA TYR K 143 -50.59 -4.74 -59.94
C TYR K 143 -51.06 -3.50 -59.20
N PRO K 144 -50.38 -3.16 -58.09
CA PRO K 144 -49.25 -3.90 -57.52
C PRO K 144 -49.67 -5.26 -56.98
N GLY K 145 -48.69 -6.10 -56.66
CA GLY K 145 -48.97 -7.45 -56.19
C GLY K 145 -49.27 -7.53 -54.71
N VAL K 146 -50.46 -7.11 -54.32
CA VAL K 146 -50.88 -7.14 -52.92
C VAL K 146 -52.39 -7.26 -52.81
N VAL K 147 -52.89 -8.50 -52.75
CA VAL K 147 -54.33 -8.71 -52.67
C VAL K 147 -54.72 -9.42 -51.38
N THR K 148 -55.90 -9.08 -50.86
CA THR K 148 -56.44 -9.74 -49.69
C THR K 148 -57.51 -10.74 -50.11
N VAL K 149 -57.39 -11.98 -49.65
CA VAL K 149 -58.36 -13.02 -50.00
C VAL K 149 -59.24 -13.41 -48.82
N ASP K 150 -60.53 -13.06 -48.92
CA ASP K 150 -61.51 -13.40 -47.89
C ASP K 150 -62.61 -14.27 -48.49
N TRP K 151 -62.90 -15.39 -47.82
CA TRP K 151 -63.94 -16.31 -48.28
C TRP K 151 -65.24 -16.11 -47.50
N LYS K 152 -66.34 -16.60 -48.08
CA LYS K 152 -67.64 -16.54 -47.43
C LYS K 152 -68.48 -17.76 -47.79
N VAL K 153 -69.23 -18.26 -46.82
CA VAL K 153 -70.13 -19.38 -47.05
C VAL K 153 -71.53 -19.04 -46.56
N ASP K 154 -72.40 -18.67 -47.50
CA ASP K 154 -73.77 -18.30 -47.19
C ASP K 154 -73.85 -17.05 -46.32
N GLY K 155 -73.22 -15.97 -46.79
CA GLY K 155 -73.23 -14.70 -46.08
C GLY K 155 -72.11 -14.58 -45.07
N THR K 156 -72.01 -15.57 -44.18
CA THR K 156 -71.00 -15.56 -43.12
C THR K 156 -69.60 -15.82 -43.68
N PRO K 157 -68.59 -15.08 -43.17
CA PRO K 157 -67.20 -15.17 -43.62
C PRO K 157 -66.47 -16.41 -43.09
N VAL K 158 -65.77 -17.11 -43.97
CA VAL K 158 -65.05 -18.32 -43.62
C VAL K 158 -63.88 -18.06 -42.67
N THR K 159 -63.79 -18.87 -41.61
CA THR K 159 -62.77 -18.68 -40.59
C THR K 159 -61.79 -19.84 -40.50
N GLN K 160 -62.18 -20.99 -41.04
CA GLN K 160 -61.35 -22.19 -40.98
C GLN K 160 -61.29 -22.90 -42.33
N GLY K 161 -60.11 -23.43 -42.66
CA GLY K 161 -59.94 -24.24 -43.85
C GLY K 161 -59.52 -23.50 -45.11
N MET K 162 -59.04 -22.27 -44.93
CA MET K 162 -58.64 -21.46 -46.07
C MET K 162 -57.12 -21.27 -46.16
N GLU K 163 -56.60 -21.31 -47.39
CA GLU K 163 -55.18 -21.15 -47.65
C GLU K 163 -54.96 -20.45 -48.98
N THR K 164 -54.27 -19.32 -48.94
CA THR K 164 -53.96 -18.55 -50.14
C THR K 164 -52.45 -18.49 -50.35
N THR K 165 -52.03 -18.54 -51.61
CA THR K 165 -50.60 -18.43 -51.94
C THR K 165 -50.16 -16.96 -51.98
N GLN K 166 -48.88 -16.72 -51.73
CA GLN K 166 -48.33 -15.37 -51.84
C GLN K 166 -48.30 -14.94 -53.30
N PRO K 167 -48.66 -13.67 -53.57
CA PRO K 167 -48.63 -13.18 -54.95
C PRO K 167 -47.27 -13.40 -55.60
N SER K 168 -47.26 -13.76 -56.87
CA SER K 168 -46.03 -14.02 -57.60
C SER K 168 -46.03 -13.33 -58.95
N LYS K 169 -44.87 -12.78 -59.33
CA LYS K 169 -44.73 -12.12 -60.63
C LYS K 169 -44.93 -13.10 -61.76
N GLN K 170 -45.89 -12.82 -62.63
CA GLN K 170 -46.09 -13.65 -63.81
C GLN K 170 -45.34 -13.06 -64.99
N SER K 171 -45.71 -13.47 -66.20
CA SER K 171 -45.01 -13.05 -67.40
C SER K 171 -44.98 -11.52 -67.58
N ASN K 172 -46.16 -10.90 -67.54
CA ASN K 172 -46.30 -9.50 -67.89
C ASN K 172 -46.06 -8.51 -66.74
N ASN K 173 -45.14 -8.86 -65.86
CA ASN K 173 -44.77 -7.98 -64.74
C ASN K 173 -45.91 -7.71 -63.76
N LYS K 174 -47.05 -8.36 -63.99
CA LYS K 174 -48.18 -8.33 -63.06
C LYS K 174 -48.10 -9.55 -62.15
N TYR K 175 -48.82 -9.51 -61.04
CA TYR K 175 -48.77 -10.61 -60.08
C TYR K 175 -50.02 -11.50 -60.15
N MET K 176 -49.88 -12.73 -59.65
CA MET K 176 -50.96 -13.70 -59.65
C MET K 176 -50.96 -14.42 -58.31
N ALA K 177 -52.09 -15.06 -57.99
CA ALA K 177 -52.19 -15.83 -56.75
C ALA K 177 -53.35 -16.81 -56.82
N SER K 178 -53.31 -17.82 -55.97
CA SER K 178 -54.41 -18.77 -55.87
C SER K 178 -54.86 -18.94 -54.42
N SER K 179 -56.07 -19.44 -54.23
CA SER K 179 -56.62 -19.62 -52.90
C SER K 179 -57.54 -20.84 -52.87
N TYR K 180 -57.33 -21.72 -51.90
CA TYR K 180 -58.10 -22.96 -51.83
C TYR K 180 -59.01 -22.99 -50.60
N LEU K 181 -60.06 -23.80 -50.68
CA LEU K 181 -60.95 -24.03 -49.56
C LEU K 181 -61.03 -25.53 -49.28
N THR K 182 -61.24 -25.90 -48.03
CA THR K 182 -61.25 -27.31 -47.66
C THR K 182 -62.57 -27.75 -47.01
N LEU K 183 -63.26 -28.69 -47.67
CA LEU K 183 -64.52 -29.21 -47.17
C LEU K 183 -64.62 -30.71 -47.45
N THR K 184 -65.82 -31.27 -47.30
CA THR K 184 -66.05 -32.67 -47.63
C THR K 184 -67.11 -32.82 -48.72
N CYS K 196 -65.78 -15.80 -52.92
CA CYS K 196 -64.35 -15.62 -53.02
C CYS K 196 -63.99 -14.20 -53.45
N GLN K 197 -64.15 -13.26 -52.54
CA GLN K 197 -63.89 -11.85 -52.85
C GLN K 197 -62.42 -11.47 -52.62
N VAL K 198 -61.91 -10.58 -53.47
CA VAL K 198 -60.50 -10.22 -53.46
C VAL K 198 -60.31 -8.71 -53.40
N THR K 199 -59.64 -8.23 -52.35
CA THR K 199 -59.38 -6.80 -52.19
C THR K 199 -58.07 -6.40 -52.87
N HIS K 200 -58.10 -5.31 -53.62
CA HIS K 200 -56.92 -4.83 -54.31
C HIS K 200 -56.93 -3.31 -54.47
N GLU K 201 -55.91 -2.66 -53.92
CA GLU K 201 -55.73 -1.23 -54.09
C GLU K 201 -56.89 -0.42 -53.51
N GLY K 202 -57.88 -1.12 -52.98
CA GLY K 202 -59.05 -0.47 -52.44
C GLY K 202 -60.36 -1.15 -52.83
N HIS K 203 -60.58 -1.30 -54.13
CA HIS K 203 -61.81 -1.91 -54.62
C HIS K 203 -61.78 -3.42 -54.38
N THR K 204 -62.91 -4.08 -54.66
CA THR K 204 -63.01 -5.52 -54.46
C THR K 204 -63.65 -6.20 -55.67
N VAL K 205 -63.32 -7.47 -55.86
CA VAL K 205 -63.88 -8.26 -56.94
C VAL K 205 -64.45 -9.56 -56.39
N GLU K 206 -65.74 -9.78 -56.62
CA GLU K 206 -66.42 -10.94 -56.06
C GLU K 206 -66.84 -11.91 -57.16
N LYS K 207 -66.57 -13.20 -56.93
CA LYS K 207 -67.05 -14.26 -57.81
C LYS K 207 -67.62 -15.40 -56.97
N SER K 208 -68.92 -15.65 -57.12
CA SER K 208 -69.62 -16.64 -56.31
C SER K 208 -70.27 -17.70 -57.19
N LEU K 209 -70.92 -18.67 -56.53
CA LEU K 209 -71.59 -19.77 -57.24
C LEU K 209 -72.57 -20.50 -56.33
N SER K 210 -73.71 -20.88 -56.89
CA SER K 210 -74.70 -21.66 -56.15
C SER K 210 -74.62 -23.15 -56.49
N GLN L 1 -8.52 30.38 44.04
CA GLN L 1 -8.15 29.11 43.41
C GLN L 1 -6.82 28.61 43.98
N ALA L 2 -5.86 28.36 43.09
CA ALA L 2 -4.53 27.91 43.52
C ALA L 2 -3.69 29.11 43.97
N VAL L 3 -2.91 28.92 45.03
CA VAL L 3 -2.06 30.00 45.52
C VAL L 3 -0.63 29.55 45.79
N VAL L 4 0.33 30.36 45.36
CA VAL L 4 1.73 30.08 45.59
C VAL L 4 2.25 30.80 46.84
N THR L 5 3.05 30.10 47.63
CA THR L 5 3.52 30.62 48.91
C THR L 5 5.05 30.62 49.01
N GLN L 6 5.62 31.72 49.46
CA GLN L 6 7.06 31.82 49.66
C GLN L 6 7.42 32.45 51.00
N GLU L 7 8.65 32.24 51.44
CA GLU L 7 9.15 32.89 52.65
C GLU L 7 9.07 34.41 52.45
N SER L 8 8.56 35.10 53.46
CA SER L 8 8.43 36.55 53.39
C SER L 8 9.81 37.17 53.15
N ALA L 9 10.80 36.71 53.91
CA ALA L 9 12.17 37.20 53.76
C ALA L 9 13.19 36.22 54.34
N LEU L 10 14.39 36.23 53.78
CA LEU L 10 15.48 35.40 54.28
C LEU L 10 16.77 36.22 54.40
N THR L 11 17.68 35.74 55.24
CA THR L 11 18.95 36.41 55.48
C THR L 11 20.10 35.44 55.30
N THR L 12 21.21 35.94 54.74
CA THR L 12 22.39 35.10 54.56
C THR L 12 23.64 35.96 54.37
N SER L 13 24.79 35.43 54.78
CA SER L 13 26.06 36.14 54.65
C SER L 13 26.83 35.70 53.40
N PRO L 14 27.67 36.60 52.86
CA PRO L 14 28.44 36.35 51.65
C PRO L 14 29.26 35.07 51.73
N GLY L 15 28.97 34.11 50.86
CA GLY L 15 29.71 32.85 50.83
C GLY L 15 28.89 31.67 51.30
N GLU L 16 27.87 31.94 52.11
CA GLU L 16 27.03 30.88 52.66
C GLU L 16 26.10 30.28 51.60
N THR L 17 25.25 29.35 52.02
CA THR L 17 24.30 28.72 51.12
C THR L 17 22.86 28.88 51.64
N VAL L 18 22.07 29.64 50.92
CA VAL L 18 20.68 29.87 51.29
C VAL L 18 19.77 29.12 50.33
N THR L 19 18.56 28.80 50.79
CA THR L 19 17.59 28.10 49.95
C THR L 19 16.19 28.68 50.08
N LEU L 20 15.64 29.15 48.95
CA LEU L 20 14.29 29.65 48.91
C LEU L 20 13.34 28.53 48.48
N THR L 21 12.13 28.52 49.01
CA THR L 21 11.17 27.49 48.64
C THR L 21 9.87 28.07 48.08
N CYS L 22 9.23 27.30 47.21
CA CYS L 22 7.99 27.71 46.56
C CYS L 22 6.96 26.63 46.79
N ARG L 23 5.85 26.98 47.43
CA ARG L 23 4.85 25.99 47.81
C ARG L 23 3.53 26.12 47.06
N SER L 24 3.01 25.00 46.57
CA SER L 24 1.71 24.97 45.91
C SER L 24 0.61 24.60 46.90
N SER L 25 -0.52 25.29 46.81
CA SER L 25 -1.63 25.06 47.72
C SER L 25 -2.43 23.81 47.37
N THR L 26 -2.50 23.49 46.08
CA THR L 26 -3.28 22.34 45.61
C THR L 26 -2.60 21.01 45.94
N GLY L 27 -1.29 21.05 46.14
CA GLY L 27 -0.55 19.85 46.45
C GLY L 27 0.96 20.02 46.30
N ALA L 28 1.64 18.92 46.01
CA ALA L 28 3.08 18.93 45.83
C ALA L 28 3.46 19.51 44.47
N VAL L 29 4.53 20.28 44.43
CA VAL L 29 5.01 20.84 43.17
C VAL L 29 5.65 19.73 42.33
N THR L 30 5.02 19.42 41.21
CA THR L 30 5.52 18.38 40.31
C THR L 30 6.18 18.99 39.08
N THR L 31 6.71 18.16 38.19
CA THR L 31 7.44 18.65 37.03
C THR L 31 6.55 19.43 36.07
N ILE L 32 5.27 19.09 36.02
CA ILE L 32 4.34 19.78 35.13
C ILE L 32 3.92 21.15 35.66
N ASN L 33 4.58 21.59 36.72
CA ASN L 33 4.37 22.94 37.24
C ASN L 33 5.42 23.89 36.66
N PHE L 34 6.48 23.31 36.10
CA PHE L 34 7.54 24.08 35.46
C PHE L 34 7.95 25.27 36.32
N ALA L 35 8.27 24.98 37.58
CA ALA L 35 8.62 26.01 38.54
C ALA L 35 9.66 26.99 37.96
N ASN L 36 9.26 28.26 37.87
CA ASN L 36 10.16 29.31 37.41
C ASN L 36 10.63 30.18 38.57
N TRP L 37 11.84 30.71 38.46
CA TRP L 37 12.35 31.65 39.44
C TRP L 37 12.79 32.94 38.75
N VAL L 38 12.29 34.06 39.25
CA VAL L 38 12.60 35.36 38.69
C VAL L 38 13.22 36.24 39.76
N GLN L 39 14.22 37.03 39.38
CA GLN L 39 14.88 37.94 40.31
C GLN L 39 14.51 39.38 40.01
N GLU L 40 14.25 40.16 41.06
CA GLU L 40 13.96 41.59 40.88
C GLU L 40 14.93 42.45 41.68
N LYS L 41 15.87 43.07 40.98
CA LYS L 41 16.78 44.04 41.58
C LYS L 41 16.04 45.36 41.77
N PRO L 42 16.60 46.26 42.58
CA PRO L 42 15.95 47.56 42.82
C PRO L 42 15.78 48.36 41.53
N ASP L 43 14.73 49.17 41.47
CA ASP L 43 14.40 49.98 40.30
C ASP L 43 13.70 49.17 39.21
N HIS L 44 13.03 48.10 39.61
CA HIS L 44 12.22 47.29 38.69
C HIS L 44 13.05 46.59 37.62
N LEU L 45 14.08 45.87 38.05
CA LEU L 45 14.91 45.10 37.13
C LEU L 45 14.63 43.61 37.27
N PHE L 46 13.78 43.08 36.38
CA PHE L 46 13.45 41.67 36.40
C PHE L 46 14.33 40.85 35.46
N THR L 47 14.72 39.65 35.88
CA THR L 47 15.41 38.69 35.03
C THR L 47 15.11 37.27 35.47
N GLY L 48 15.05 36.35 34.51
CA GLY L 48 14.80 34.95 34.81
C GLY L 48 16.05 34.23 35.28
N LEU L 49 15.85 33.18 36.07
CA LEU L 49 16.94 32.35 36.54
C LEU L 49 16.77 30.92 36.03
N ILE L 50 15.78 30.23 36.59
CA ILE L 50 15.49 28.85 36.23
C ILE L 50 14.05 28.74 35.74
N GLY L 51 13.72 27.62 35.10
CA GLY L 51 12.36 27.37 34.66
C GLY L 51 12.22 26.11 33.84
N GLY L 52 11.10 25.98 33.12
CA GLY L 52 10.88 24.85 32.26
C GLY L 52 11.13 23.51 32.92
N ILE L 53 11.78 22.60 32.19
CA ILE L 53 12.10 21.29 32.72
C ILE L 53 13.31 21.38 33.64
N ASN L 54 14.49 21.52 33.06
CA ASN L 54 15.69 21.76 33.86
C ASN L 54 16.64 22.72 33.15
N ASN L 55 16.07 23.72 32.50
CA ASN L 55 16.87 24.72 31.81
C ASN L 55 16.93 26.06 32.54
N ARG L 56 17.90 26.88 32.15
CA ARG L 56 18.15 28.16 32.79
C ARG L 56 18.37 29.25 31.76
N ALA L 57 18.21 30.50 32.19
CA ALA L 57 18.34 31.65 31.30
C ALA L 57 19.79 31.88 30.92
N PRO L 58 20.02 32.64 29.83
CA PRO L 58 21.37 32.97 29.40
C PRO L 58 22.10 33.81 30.44
N GLY L 59 23.21 33.29 30.96
CA GLY L 59 24.05 34.04 31.86
C GLY L 59 23.83 33.80 33.34
N VAL L 60 22.76 33.09 33.67
CA VAL L 60 22.49 32.77 35.07
C VAL L 60 23.66 32.05 35.71
N PRO L 61 24.29 32.69 36.70
CA PRO L 61 25.47 32.17 37.41
C PRO L 61 25.31 30.71 37.82
N ALA L 62 26.42 30.00 37.96
CA ALA L 62 26.41 28.58 38.27
C ALA L 62 25.99 28.29 39.70
N ARG L 63 26.06 29.30 40.56
CA ARG L 63 25.70 29.13 41.96
C ARG L 63 24.19 28.92 42.15
N PHE L 64 23.40 29.45 41.23
CA PHE L 64 21.95 29.25 41.24
C PHE L 64 21.60 27.85 40.74
N SER L 65 20.65 27.19 41.40
CA SER L 65 20.24 25.85 41.00
C SER L 65 18.83 25.53 41.48
N GLY L 66 18.09 24.78 40.67
CA GLY L 66 16.74 24.41 40.99
C GLY L 66 16.61 22.95 41.39
N SER L 67 15.55 22.64 42.14
CA SER L 67 15.30 21.28 42.60
C SER L 67 13.89 21.16 43.16
N LEU L 68 13.47 19.93 43.43
CA LEU L 68 12.17 19.69 44.06
C LEU L 68 12.34 19.03 45.42
N ILE L 69 12.98 19.75 46.33
CA ILE L 69 13.19 19.28 47.69
C ILE L 69 11.85 19.11 48.41
N GLY L 70 11.65 17.96 49.05
CA GLY L 70 10.41 17.68 49.72
C GLY L 70 9.27 17.62 48.72
N ASP L 71 8.28 18.48 48.89
CA ASP L 71 7.16 18.54 47.96
C ASP L 71 6.89 19.96 47.48
N LYS L 72 7.96 20.75 47.39
CA LYS L 72 7.87 22.09 46.84
C LYS L 72 9.13 22.47 46.06
N ALA L 73 9.00 23.45 45.17
CA ALA L 73 10.13 23.88 44.35
C ALA L 73 11.14 24.67 45.17
N ALA L 74 12.42 24.42 44.92
CA ALA L 74 13.48 25.09 45.65
C ALA L 74 14.43 25.85 44.72
N LEU L 75 15.09 26.87 45.27
CA LEU L 75 16.09 27.65 44.56
C LEU L 75 17.27 27.82 45.49
N THR L 76 18.37 27.13 45.20
CA THR L 76 19.53 27.14 46.09
C THR L 76 20.70 27.94 45.54
N ILE L 77 21.12 28.96 46.29
CA ILE L 77 22.27 29.75 45.92
C ILE L 77 23.51 29.30 46.69
N THR L 78 24.35 28.50 46.05
CA THR L 78 25.56 27.98 46.69
C THR L 78 26.72 28.95 46.57
N GLY L 79 26.99 29.68 47.64
CA GLY L 79 28.05 30.68 47.64
C GLY L 79 27.49 32.06 47.35
N ALA L 80 26.51 32.47 48.14
CA ALA L 80 25.84 33.75 47.96
C ALA L 80 26.82 34.90 47.76
N GLN L 81 26.41 35.87 46.94
CA GLN L 81 27.23 37.04 46.68
C GLN L 81 26.51 38.31 47.11
N THR L 82 27.23 39.42 47.17
CA THR L 82 26.65 40.69 47.54
C THR L 82 25.51 41.07 46.60
N GLU L 83 25.78 41.01 45.30
CA GLU L 83 24.81 41.41 44.30
C GLU L 83 23.58 40.51 44.29
N ASP L 84 23.70 39.33 44.91
CA ASP L 84 22.59 38.38 44.93
C ASP L 84 21.43 38.86 45.78
N GLU L 85 21.60 39.99 46.46
CA GLU L 85 20.56 40.54 47.30
C GLU L 85 19.47 41.18 46.45
N ALA L 86 18.30 40.53 46.41
CA ALA L 86 17.17 41.04 45.64
C ALA L 86 15.87 40.38 46.09
N ILE L 87 14.81 40.58 45.32
CA ILE L 87 13.54 39.90 45.56
C ILE L 87 13.35 38.77 44.57
N TYR L 88 13.07 37.58 45.08
CA TYR L 88 12.94 36.41 44.22
C TYR L 88 11.50 35.91 44.16
N PHE L 89 10.92 35.97 42.97
CA PHE L 89 9.58 35.43 42.75
C PHE L 89 9.68 34.06 42.11
N CYS L 90 8.88 33.12 42.59
CA CYS L 90 8.75 31.84 41.90
C CYS L 90 7.37 31.79 41.29
N ALA L 91 7.27 31.17 40.11
CA ALA L 91 5.98 31.04 39.43
C ALA L 91 5.72 29.58 39.12
N LEU L 92 4.51 29.13 39.42
CA LEU L 92 4.10 27.77 39.10
C LEU L 92 3.13 27.79 37.93
N TRP L 93 3.18 26.74 37.11
CA TRP L 93 2.28 26.61 35.97
C TRP L 93 1.12 25.69 36.31
N TYR L 94 -0.09 26.24 36.31
CA TYR L 94 -1.28 25.45 36.61
C TYR L 94 -2.15 25.28 35.38
N SER L 95 -1.92 24.19 34.66
CA SER L 95 -2.76 23.82 33.50
C SER L 95 -2.58 24.71 32.27
N ASN L 96 -2.89 26.00 32.40
CA ASN L 96 -2.87 26.89 31.24
C ASN L 96 -2.41 28.31 31.53
N HIS L 97 -1.93 28.56 32.74
CA HIS L 97 -1.51 29.90 33.12
C HIS L 97 -0.50 29.87 34.26
N TRP L 98 0.21 30.98 34.45
CA TRP L 98 1.18 31.10 35.53
C TRP L 98 0.56 31.73 36.77
N VAL L 99 1.03 31.31 37.94
CA VAL L 99 0.64 31.94 39.19
C VAL L 99 1.91 32.27 39.96
N PHE L 100 2.09 33.55 40.28
CA PHE L 100 3.30 33.99 40.98
C PHE L 100 3.15 33.89 42.49
N GLY L 101 4.28 33.80 43.19
CA GLY L 101 4.29 33.79 44.64
C GLY L 101 4.36 35.20 45.20
N GLY L 102 4.43 35.31 46.52
CA GLY L 102 4.54 36.61 47.15
C GLY L 102 5.92 37.21 46.98
N GLY L 103 6.88 36.34 46.68
CA GLY L 103 8.27 36.76 46.56
C GLY L 103 8.99 36.69 47.89
N THR L 104 10.28 36.35 47.83
CA THR L 104 11.11 36.27 49.02
C THR L 104 12.19 37.34 48.97
N LYS L 105 12.31 38.14 50.02
CA LYS L 105 13.32 39.19 50.04
C LYS L 105 14.62 38.69 50.65
N LEU L 106 15.55 38.27 49.80
CA LEU L 106 16.84 37.76 50.25
C LEU L 106 17.80 38.90 50.55
N THR L 107 18.32 38.91 51.77
CA THR L 107 19.26 39.93 52.19
C THR L 107 20.64 39.31 52.38
N VAL L 108 21.64 39.85 51.69
CA VAL L 108 23.01 39.45 51.90
C VAL L 108 23.71 40.44 52.80
N LEU L 109 24.14 39.99 53.96
CA LEU L 109 24.88 40.85 54.85
C LEU L 109 26.13 41.33 54.12
N GLY L 110 26.03 42.50 53.51
CA GLY L 110 27.17 43.12 52.84
C GLY L 110 27.68 44.26 53.69
N GLN L 111 27.19 44.29 54.93
CA GLN L 111 27.59 45.27 55.92
C GLN L 111 26.88 44.92 57.23
N PRO L 112 27.41 45.39 58.36
CA PRO L 112 26.80 45.09 59.66
C PRO L 112 25.36 45.58 59.77
N LYS L 113 24.54 44.85 60.53
CA LYS L 113 23.12 45.15 60.67
C LYS L 113 22.87 46.47 61.38
N SER L 114 22.29 47.43 60.67
CA SER L 114 21.94 48.72 61.26
C SER L 114 20.49 48.72 61.74
N SER L 115 20.20 49.57 62.72
CA SER L 115 18.85 49.67 63.26
C SER L 115 18.18 50.99 62.89
N PRO L 116 16.85 50.98 62.73
CA PRO L 116 16.07 52.09 62.17
C PRO L 116 16.18 53.39 62.95
N SER L 117 16.22 54.51 62.24
CA SER L 117 16.20 55.82 62.87
C SER L 117 14.82 56.43 62.73
N VAL L 118 13.91 56.03 63.61
CA VAL L 118 12.51 56.42 63.49
C VAL L 118 12.22 57.77 64.16
N THR L 119 11.69 58.72 63.38
CA THR L 119 11.33 60.04 63.90
C THR L 119 9.88 60.41 63.55
N LEU L 120 9.04 60.56 64.57
CA LEU L 120 7.61 60.79 64.38
C LEU L 120 7.25 62.27 64.33
N PHE L 121 6.54 62.67 63.29
CA PHE L 121 6.09 64.06 63.16
C PHE L 121 4.58 64.15 63.35
N PRO L 122 4.13 65.12 64.17
CA PRO L 122 2.71 65.37 64.43
C PRO L 122 2.06 66.23 63.35
N PRO L 123 0.71 66.24 63.31
CA PRO L 123 0.00 67.06 62.33
C PRO L 123 0.46 68.50 62.43
N SER L 124 0.99 69.04 61.34
CA SER L 124 1.39 70.45 61.33
C SER L 124 0.19 71.35 61.60
N SER L 125 0.38 72.35 62.45
CA SER L 125 -0.70 73.26 62.79
C SER L 125 -1.20 73.96 61.54
N GLU L 126 -0.49 73.76 60.43
CA GLU L 126 -0.79 74.44 59.17
C GLU L 126 -1.74 73.64 58.29
N GLU L 127 -1.64 72.31 58.37
CA GLU L 127 -2.56 71.45 57.63
C GLU L 127 -3.79 71.15 58.47
N LEU L 128 -3.80 71.68 59.69
CA LEU L 128 -4.90 71.43 60.60
C LEU L 128 -6.12 72.28 60.29
N GLU L 129 -5.89 73.48 59.73
CA GLU L 129 -6.99 74.35 59.34
C GLU L 129 -7.71 73.74 58.13
N THR L 130 -7.13 72.69 57.59
CA THR L 130 -7.75 71.92 56.50
C THR L 130 -8.77 70.97 57.10
N ASN L 131 -8.82 70.94 58.42
CA ASN L 131 -9.70 70.03 59.14
C ASN L 131 -9.22 68.58 59.01
N LYS L 132 -7.92 68.43 58.72
CA LYS L 132 -7.32 67.11 58.57
C LYS L 132 -5.98 67.02 59.31
N ALA L 133 -5.60 65.80 59.68
CA ALA L 133 -4.37 65.57 60.43
C ALA L 133 -3.59 64.37 59.90
N THR L 134 -2.26 64.50 59.87
CA THR L 134 -1.40 63.47 59.31
C THR L 134 -0.13 63.23 60.12
N LEU L 135 -0.10 62.13 60.87
CA LEU L 135 1.10 61.71 61.59
C LEU L 135 2.06 61.02 60.62
N VAL L 136 3.25 61.59 60.44
CA VAL L 136 4.24 61.00 59.55
C VAL L 136 5.39 60.38 60.35
N CYS L 137 5.69 59.11 60.04
CA CYS L 137 6.72 58.37 60.74
C CYS L 137 7.81 57.92 59.76
N THR L 138 8.95 58.59 59.77
CA THR L 138 10.02 58.30 58.82
C THR L 138 11.06 57.35 59.39
N ILE L 139 11.26 56.21 58.72
CA ILE L 139 12.22 55.20 59.15
C ILE L 139 13.39 55.15 58.17
N THR L 140 14.61 55.20 58.68
CA THR L 140 15.78 55.19 57.80
C THR L 140 16.96 54.39 58.34
N ASP L 141 17.94 54.17 57.47
CA ASP L 141 19.20 53.53 57.81
C ASP L 141 19.07 52.23 58.59
N PHE L 142 18.11 51.38 58.20
CA PHE L 142 18.01 50.05 58.82
C PHE L 142 18.44 48.97 57.85
N TYR L 143 18.87 47.83 58.39
CA TYR L 143 19.43 46.76 57.59
C TYR L 143 19.45 45.46 58.38
N PRO L 144 18.89 44.38 57.81
CA PRO L 144 18.32 44.28 56.47
C PRO L 144 17.00 45.04 56.32
N GLY L 145 16.59 45.25 55.07
CA GLY L 145 15.41 46.05 54.79
C GLY L 145 14.10 45.34 55.01
N VAL L 146 13.76 45.10 56.27
CA VAL L 146 12.46 44.55 56.65
C VAL L 146 12.03 45.09 58.01
N VAL L 147 10.92 45.81 58.02
CA VAL L 147 10.43 46.41 59.25
C VAL L 147 8.92 46.24 59.41
N THR L 148 8.46 46.33 60.65
CA THR L 148 7.06 46.14 60.98
C THR L 148 6.58 47.32 61.81
N VAL L 149 6.01 48.32 61.15
CA VAL L 149 5.54 49.52 61.85
C VAL L 149 4.10 49.37 62.37
N ASP L 150 3.93 49.51 63.67
CA ASP L 150 2.60 49.46 64.29
C ASP L 150 2.25 50.80 64.91
N TRP L 151 1.03 51.26 64.65
CA TRP L 151 0.55 52.50 65.26
C TRP L 151 -0.38 52.18 66.43
N LYS L 152 -0.23 52.96 67.51
CA LYS L 152 -1.10 52.83 68.68
C LYS L 152 -1.54 54.21 69.16
N VAL L 153 -2.85 54.42 69.25
CA VAL L 153 -3.37 55.68 69.77
C VAL L 153 -4.09 55.43 71.09
N ASP L 154 -3.59 56.03 72.16
CA ASP L 154 -4.18 55.85 73.49
C ASP L 154 -4.12 54.39 73.91
N GLY L 155 -3.09 53.69 73.45
CA GLY L 155 -2.95 52.27 73.76
C GLY L 155 -3.85 51.39 72.91
N THR L 156 -4.77 52.03 72.18
CA THR L 156 -5.65 51.31 71.26
C THR L 156 -4.95 51.12 69.92
N PRO L 157 -4.54 49.89 69.62
CA PRO L 157 -3.82 49.61 68.37
C PRO L 157 -4.62 50.01 67.12
N VAL L 158 -4.15 51.05 66.43
CA VAL L 158 -4.79 51.52 65.21
C VAL L 158 -4.86 50.41 64.16
N THR L 159 -5.98 50.34 63.45
CA THR L 159 -6.18 49.31 62.43
C THR L 159 -6.86 49.85 61.19
N GLN L 160 -6.84 51.18 61.03
CA GLN L 160 -7.41 51.80 59.84
C GLN L 160 -6.90 53.24 59.71
N GLY L 161 -6.76 53.71 58.48
CA GLY L 161 -6.26 55.05 58.23
C GLY L 161 -4.74 55.06 58.14
N MET L 162 -4.15 53.95 58.54
CA MET L 162 -2.70 53.80 58.53
C MET L 162 -2.21 53.24 57.20
N GLU L 163 -0.96 53.52 56.86
CA GLU L 163 -0.38 53.03 55.61
C GLU L 163 1.13 53.18 55.63
N THR L 164 1.83 52.15 55.14
CA THR L 164 3.28 52.17 55.15
C THR L 164 3.84 51.83 53.78
N THR L 165 4.81 52.62 53.32
CA THR L 165 5.49 52.32 52.07
C THR L 165 6.51 51.21 52.31
N GLN L 166 6.85 50.50 51.25
CA GLN L 166 7.77 49.37 51.34
C GLN L 166 9.21 49.87 51.41
N PRO L 167 10.08 49.12 52.08
CA PRO L 167 11.49 49.49 52.21
C PRO L 167 12.13 49.86 50.87
N SER L 168 12.90 50.95 50.89
CA SER L 168 13.59 51.44 49.71
C SER L 168 15.09 51.42 49.98
N LYS L 169 15.85 50.89 49.03
CA LYS L 169 17.30 50.85 49.18
C LYS L 169 17.88 52.26 49.12
N GLN L 170 18.65 52.61 50.14
CA GLN L 170 19.23 53.95 50.25
C GLN L 170 20.53 54.06 49.46
N SER L 171 20.99 55.30 49.29
CA SER L 171 22.25 55.56 48.62
C SER L 171 23.38 54.80 49.28
N ASN L 172 23.24 54.57 50.59
CA ASN L 172 24.27 53.88 51.37
C ASN L 172 23.93 52.40 51.59
N ASN L 173 23.08 51.86 50.72
CA ASN L 173 22.76 50.44 50.76
C ASN L 173 22.11 49.94 52.05
N LYS L 174 21.57 50.86 52.84
CA LYS L 174 20.67 50.49 53.93
C LYS L 174 19.25 50.69 53.43
N TYR L 175 18.27 50.80 54.32
CA TYR L 175 16.89 50.87 53.85
C TYR L 175 16.02 51.91 54.56
N MET L 176 15.07 52.48 53.83
CA MET L 176 14.17 53.49 54.37
C MET L 176 12.71 53.13 54.10
N ALA L 177 11.80 53.82 54.78
CA ALA L 177 10.36 53.61 54.59
C ALA L 177 9.57 54.60 55.43
N SER L 178 8.46 55.10 54.87
CA SER L 178 7.60 56.01 55.61
C SER L 178 6.28 55.34 55.96
N SER L 179 5.64 55.80 57.04
CA SER L 179 4.35 55.29 57.43
C SER L 179 3.44 56.42 57.90
N TYR L 180 2.33 56.61 57.21
CA TYR L 180 1.40 57.69 57.50
C TYR L 180 0.21 57.16 58.29
N LEU L 181 -0.23 57.94 59.27
CA LEU L 181 -1.45 57.65 60.02
C LEU L 181 -2.41 58.81 59.83
N THR L 182 -3.47 58.60 59.06
CA THR L 182 -4.38 59.69 58.71
C THR L 182 -5.61 59.76 59.61
N LEU L 183 -5.89 60.95 60.12
CA LEU L 183 -7.04 61.16 60.99
C LEU L 183 -7.72 62.48 60.64
N THR L 184 -9.04 62.50 60.73
CA THR L 184 -9.79 63.74 60.59
C THR L 184 -9.49 64.59 61.82
N ALA L 185 -9.36 65.90 61.61
CA ALA L 185 -9.03 66.82 62.70
C ALA L 185 -10.00 66.64 63.87
N ARG L 186 -11.28 66.51 63.57
CA ARG L 186 -12.30 66.31 64.59
C ARG L 186 -12.04 65.04 65.40
N ALA L 187 -11.17 64.17 64.89
CA ALA L 187 -10.83 62.93 65.58
C ALA L 187 -9.43 63.01 66.18
N TRP L 188 -8.59 63.85 65.58
CA TRP L 188 -7.26 64.13 66.13
C TRP L 188 -7.40 64.83 67.46
N GLU L 189 -8.37 65.73 67.54
CA GLU L 189 -8.66 66.49 68.76
C GLU L 189 -9.15 65.56 69.86
N ARG L 190 -9.95 64.57 69.48
CA ARG L 190 -10.53 63.61 70.42
C ARG L 190 -9.45 62.96 71.28
N HIS L 191 -8.73 62.02 70.69
CA HIS L 191 -7.72 61.24 71.41
C HIS L 191 -6.54 62.10 71.84
N SER L 192 -5.64 61.53 72.64
CA SER L 192 -4.57 62.31 73.26
C SER L 192 -3.16 61.72 73.10
N SER L 193 -3.06 60.43 72.81
CA SER L 193 -1.76 59.77 72.70
C SER L 193 -1.54 59.15 71.31
N TYR L 194 -0.35 59.34 70.76
CA TYR L 194 -0.03 58.80 69.44
C TYR L 194 1.35 58.14 69.40
N SER L 195 1.36 56.83 69.08
CA SER L 195 2.58 56.04 69.15
C SER L 195 2.90 55.29 67.85
N CYS L 196 4.06 55.58 67.27
CA CYS L 196 4.55 54.84 66.12
C CYS L 196 5.74 53.99 66.52
N GLN L 197 5.57 52.66 66.51
CA GLN L 197 6.66 51.77 66.88
C GLN L 197 7.07 50.82 65.75
N VAL L 198 8.35 50.83 65.45
CA VAL L 198 8.90 50.06 64.34
C VAL L 198 9.71 48.89 64.87
N THR L 199 9.26 47.67 64.57
CA THR L 199 10.03 46.48 64.90
C THR L 199 11.02 46.19 63.77
N HIS L 200 12.14 45.58 64.11
CA HIS L 200 13.18 45.31 63.13
C HIS L 200 14.21 44.32 63.67
N GLU L 201 14.10 43.07 63.25
CA GLU L 201 15.04 42.04 63.69
C GLU L 201 14.74 41.67 65.14
N GLY L 202 13.45 41.69 65.49
CA GLY L 202 13.02 41.32 66.83
C GLY L 202 12.98 42.46 67.83
N HIS L 203 13.63 43.57 67.51
CA HIS L 203 13.70 44.71 68.43
C HIS L 203 12.79 45.86 68.00
N THR L 204 12.17 46.53 68.96
CA THR L 204 11.23 47.58 68.66
C THR L 204 11.71 48.96 69.14
N VAL L 205 11.62 49.95 68.26
CA VAL L 205 11.89 51.33 68.61
C VAL L 205 10.57 52.09 68.59
N GLU L 206 10.26 52.81 69.67
CA GLU L 206 9.00 53.54 69.73
C GLU L 206 9.22 55.04 69.69
N LYS L 207 8.25 55.77 69.15
CA LYS L 207 8.27 57.23 69.20
C LYS L 207 6.83 57.71 69.41
N SER L 208 6.60 58.40 70.51
CA SER L 208 5.24 58.80 70.89
C SER L 208 5.14 60.30 71.13
N LEU L 209 3.91 60.79 71.30
CA LEU L 209 3.68 62.21 71.58
C LEU L 209 2.24 62.51 72.01
N SER L 210 1.99 63.75 72.38
CA SER L 210 0.65 64.16 72.87
C SER L 210 0.18 65.49 72.27
N GLN M 1 3.26 -24.62 47.14
CA GLN M 1 2.93 -24.67 45.72
C GLN M 1 3.58 -25.88 45.06
N ALA M 2 4.35 -25.64 44.00
CA ALA M 2 5.06 -26.72 43.32
C ALA M 2 6.35 -27.06 44.08
N VAL M 3 6.66 -28.36 44.15
CA VAL M 3 7.88 -28.78 44.83
C VAL M 3 8.71 -29.78 44.01
N VAL M 4 10.02 -29.56 43.99
CA VAL M 4 10.93 -30.46 43.28
C VAL M 4 11.54 -31.48 44.24
N THR M 5 11.63 -32.72 43.79
CA THR M 5 12.08 -33.82 44.63
C THR M 5 13.27 -34.57 44.01
N GLN M 6 14.28 -34.82 44.82
CA GLN M 6 15.45 -35.59 44.36
C GLN M 6 15.85 -36.66 45.37
N GLU M 7 16.64 -37.63 44.92
CA GLU M 7 17.21 -38.63 45.80
C GLU M 7 18.06 -37.94 46.86
N SER M 8 17.87 -38.33 48.12
CA SER M 8 18.64 -37.74 49.20
C SER M 8 20.13 -37.93 48.95
N ALA M 9 20.51 -39.14 48.55
CA ALA M 9 21.90 -39.45 48.26
C ALA M 9 22.04 -40.69 47.39
N LEU M 10 23.10 -40.74 46.60
CA LEU M 10 23.39 -41.91 45.77
C LEU M 10 24.86 -42.30 45.90
N THR M 11 25.16 -43.55 45.56
CA THR M 11 26.53 -44.07 45.64
C THR M 11 26.90 -44.74 44.32
N THR M 12 28.16 -44.59 43.93
CA THR M 12 28.64 -45.22 42.70
C THR M 12 30.17 -45.32 42.69
N SER M 13 30.68 -46.33 42.01
CA SER M 13 32.13 -46.54 41.94
C SER M 13 32.71 -45.98 40.65
N PRO M 14 33.99 -45.59 40.67
CA PRO M 14 34.67 -44.99 39.52
C PRO M 14 34.56 -45.84 38.26
N GLY M 15 33.91 -45.29 37.23
CA GLY M 15 33.77 -46.00 35.97
C GLY M 15 32.35 -46.44 35.68
N GLU M 16 31.55 -46.58 36.75
CA GLU M 16 30.17 -47.03 36.61
C GLU M 16 29.28 -45.94 36.01
N THR M 17 27.99 -46.24 35.91
CA THR M 17 27.03 -45.29 35.38
C THR M 17 25.89 -45.05 36.38
N VAL M 18 25.84 -43.85 36.93
CA VAL M 18 24.81 -43.47 37.89
C VAL M 18 23.81 -42.53 37.24
N THR M 19 22.59 -42.49 37.75
CA THR M 19 21.55 -41.61 37.21
C THR M 19 20.76 -40.92 38.31
N LEU M 20 20.80 -39.58 38.31
CA LEU M 20 20.03 -38.79 39.26
C LEU M 20 18.71 -38.40 38.61
N THR M 21 17.64 -38.31 39.41
CA THR M 21 16.35 -37.94 38.86
C THR M 21 15.76 -36.72 39.56
N CYS M 22 14.96 -35.96 38.82
CA CYS M 22 14.33 -34.75 39.32
C CYS M 22 12.83 -34.86 39.09
N ARG M 23 12.05 -34.81 40.16
CA ARG M 23 10.60 -35.02 40.05
C ARG M 23 9.77 -33.76 40.34
N SER M 24 8.79 -33.51 39.48
CA SER M 24 7.86 -32.40 39.68
C SER M 24 6.61 -32.88 40.39
N SER M 25 6.13 -32.07 41.34
CA SER M 25 4.96 -32.45 42.11
C SER M 25 3.64 -32.21 41.36
N THR M 26 3.63 -31.22 40.47
CA THR M 26 2.43 -30.87 39.73
C THR M 26 2.13 -31.87 38.62
N GLY M 27 3.17 -32.59 38.18
CA GLY M 27 2.99 -33.57 37.13
C GLY M 27 4.31 -34.04 36.54
N ALA M 28 4.26 -34.45 35.28
CA ALA M 28 5.44 -34.93 34.57
C ALA M 28 6.31 -33.77 34.12
N VAL M 29 7.62 -33.93 34.23
CA VAL M 29 8.55 -32.90 33.78
C VAL M 29 8.55 -32.83 32.26
N THR M 30 8.07 -31.71 31.71
CA THR M 30 8.01 -31.52 30.27
C THR M 30 9.13 -30.57 29.81
N THR M 31 9.21 -30.34 28.50
CA THR M 31 10.28 -29.51 27.95
C THR M 31 10.21 -28.07 28.42
N ILE M 32 9.00 -27.57 28.68
CA ILE M 32 8.82 -26.19 29.14
C ILE M 32 9.20 -26.01 30.61
N ASN M 33 9.80 -27.04 31.21
CA ASN M 33 10.33 -26.94 32.56
C ASN M 33 11.81 -26.60 32.51
N PHE M 34 12.41 -26.77 31.34
CA PHE M 34 13.81 -26.45 31.12
C PHE M 34 14.67 -26.95 32.27
N ALA M 35 14.55 -28.25 32.56
CA ALA M 35 15.26 -28.86 33.66
C ALA M 35 16.75 -28.51 33.64
N ASN M 36 17.19 -27.83 34.69
CA ASN M 36 18.60 -27.48 34.87
C ASN M 36 19.27 -28.37 35.90
N TRP M 37 20.57 -28.62 35.72
CA TRP M 37 21.35 -29.36 36.70
C TRP M 37 22.57 -28.55 37.11
N VAL M 38 22.73 -28.37 38.41
CA VAL M 38 23.84 -27.60 38.95
C VAL M 38 24.66 -28.48 39.89
N GLN M 39 25.98 -28.34 39.84
CA GLN M 39 26.86 -29.11 40.71
C GLN M 39 27.46 -28.21 41.79
N GLU M 40 27.54 -28.72 43.01
CA GLU M 40 28.16 -27.99 44.10
C GLU M 40 29.30 -28.78 44.74
N LYS M 41 30.54 -28.38 44.43
CA LYS M 41 31.71 -28.96 45.06
C LYS M 41 31.86 -28.37 46.46
N PRO M 42 32.70 -28.98 47.31
CA PRO M 42 32.89 -28.48 48.67
C PRO M 42 33.46 -27.06 48.68
N ASP M 43 33.11 -26.28 49.70
CA ASP M 43 33.52 -24.89 49.83
C ASP M 43 32.69 -23.94 48.98
N HIS M 44 31.46 -24.35 48.67
CA HIS M 44 30.51 -23.49 47.96
C HIS M 44 30.93 -23.19 46.52
N LEU M 45 31.26 -24.22 45.76
CA LEU M 45 31.63 -24.06 44.37
C LEU M 45 30.52 -24.56 43.46
N PHE M 46 29.69 -23.64 42.98
CA PHE M 46 28.60 -23.98 42.07
C PHE M 46 28.99 -23.83 40.60
N THR M 47 28.51 -24.75 39.76
CA THR M 47 28.65 -24.63 38.32
C THR M 47 27.52 -25.35 37.61
N GLY M 48 27.10 -24.82 36.47
CA GLY M 48 26.02 -25.43 35.71
C GLY M 48 26.50 -26.60 34.87
N LEU M 49 25.60 -27.54 34.59
CA LEU M 49 25.90 -28.67 33.74
C LEU M 49 25.02 -28.64 32.50
N ILE M 50 23.73 -28.91 32.69
CA ILE M 50 22.76 -28.94 31.61
C ILE M 50 21.64 -27.95 31.89
N GLY M 51 20.84 -27.63 30.88
CA GLY M 51 19.70 -26.75 31.07
C GLY M 51 18.98 -26.44 29.77
N GLY M 52 18.16 -25.40 29.80
CA GLY M 52 17.46 -24.94 28.60
C GLY M 52 16.76 -26.04 27.84
N ILE M 53 16.87 -26.01 26.52
CA ILE M 53 16.28 -27.04 25.67
C ILE M 53 17.13 -28.30 25.69
N ASN M 54 18.25 -28.29 24.98
CA ASN M 54 19.19 -29.39 25.06
C ASN M 54 20.63 -28.89 24.98
N ASN M 55 20.88 -27.77 25.64
CA ASN M 55 22.23 -27.19 25.67
C ASN M 55 22.93 -27.39 27.02
N ARG M 56 24.24 -27.21 27.00
CA ARG M 56 25.07 -27.44 28.18
C ARG M 56 26.05 -26.29 28.38
N ALA M 57 26.59 -26.18 29.59
CA ALA M 57 27.51 -25.12 29.93
C ALA M 57 28.88 -25.34 29.28
N PRO M 58 29.68 -24.27 29.18
CA PRO M 58 31.03 -24.39 28.61
C PRO M 58 31.91 -25.30 29.45
N GLY M 59 32.40 -26.38 28.85
CA GLY M 59 33.35 -27.25 29.50
C GLY M 59 32.77 -28.49 30.18
N VAL M 60 31.44 -28.54 30.30
CA VAL M 60 30.80 -29.70 30.91
C VAL M 60 31.19 -30.98 30.19
N PRO M 61 31.89 -31.88 30.90
CA PRO M 61 32.39 -33.15 30.38
C PRO M 61 31.33 -33.92 29.58
N ALA M 62 31.79 -34.75 28.65
CA ALA M 62 30.89 -35.46 27.75
C ALA M 62 30.12 -36.58 28.45
N ARG M 63 30.62 -37.00 29.62
CA ARG M 63 29.98 -38.06 30.37
C ARG M 63 28.64 -37.65 30.96
N PHE M 64 28.49 -36.34 31.21
CA PHE M 64 27.22 -35.81 31.70
C PHE M 64 26.22 -35.70 30.56
N SER M 65 24.97 -36.06 30.83
CA SER M 65 23.92 -36.00 29.81
C SER M 65 22.53 -35.90 30.42
N GLY M 66 21.66 -35.15 29.75
CA GLY M 66 20.30 -34.96 30.24
C GLY M 66 19.28 -35.72 29.42
N SER M 67 18.14 -36.01 30.03
CA SER M 67 17.06 -36.72 29.36
C SER M 67 15.77 -36.62 30.16
N LEU M 68 14.67 -37.08 29.58
CA LEU M 68 13.40 -37.11 30.29
C LEU M 68 12.91 -38.54 30.43
N ILE M 69 13.68 -39.35 31.15
CA ILE M 69 13.31 -40.74 31.43
C ILE M 69 12.03 -40.81 32.25
N GLY M 70 11.09 -41.65 31.81
CA GLY M 70 9.82 -41.77 32.48
C GLY M 70 9.06 -40.47 32.41
N ASP M 71 8.74 -39.89 33.57
CA ASP M 71 8.05 -38.61 33.61
C ASP M 71 8.77 -37.62 34.54
N LYS M 72 10.09 -37.74 34.61
CA LYS M 72 10.90 -36.79 35.37
C LYS M 72 12.25 -36.56 34.70
N ALA M 73 12.89 -35.44 35.03
CA ALA M 73 14.17 -35.08 34.43
C ALA M 73 15.29 -35.95 34.99
N ALA M 74 16.21 -36.37 34.12
CA ALA M 74 17.32 -37.22 34.54
C ALA M 74 18.67 -36.61 34.22
N LEU M 75 19.69 -37.02 34.98
CA LEU M 75 21.06 -36.58 34.75
C LEU M 75 21.94 -37.81 34.86
N THR M 76 22.45 -38.28 33.72
CA THR M 76 23.21 -39.52 33.68
C THR M 76 24.71 -39.30 33.48
N ILE M 77 25.51 -39.77 34.44
CA ILE M 77 26.95 -39.70 34.34
C ILE M 77 27.53 -41.03 33.88
N THR M 78 27.84 -41.13 32.58
CA THR M 78 28.37 -42.36 32.02
C THR M 78 29.88 -42.43 32.17
N GLY M 79 30.33 -43.19 33.14
CA GLY M 79 31.75 -43.34 33.42
C GLY M 79 32.18 -42.40 34.53
N ALA M 80 31.51 -42.51 35.68
CA ALA M 80 31.75 -41.64 36.82
C ALA M 80 33.23 -41.50 37.15
N GLN M 81 33.62 -40.32 37.62
CA GLN M 81 35.01 -40.07 37.99
C GLN M 81 35.09 -39.69 39.47
N THR M 82 36.31 -39.68 40.00
CA THR M 82 36.52 -39.33 41.40
C THR M 82 36.01 -37.93 41.68
N GLU M 83 36.42 -36.98 40.86
CA GLU M 83 36.05 -35.58 41.06
C GLU M 83 34.55 -35.33 40.90
N ASP M 84 33.85 -36.29 40.30
CA ASP M 84 32.41 -36.15 40.09
C ASP M 84 31.62 -36.21 41.40
N GLU M 85 32.31 -36.48 42.49
CA GLU M 85 31.65 -36.54 43.79
C GLU M 85 31.31 -35.14 44.29
N ALA M 86 30.02 -34.82 44.29
CA ALA M 86 29.55 -33.51 44.76
C ALA M 86 28.06 -33.55 45.05
N ILE M 87 27.48 -32.38 45.27
CA ILE M 87 26.03 -32.28 45.45
C ILE M 87 25.39 -31.72 44.18
N TYR M 88 24.38 -32.43 43.68
CA TYR M 88 23.74 -32.05 42.43
C TYR M 88 22.32 -31.53 42.64
N PHE M 89 22.11 -30.26 42.33
CA PHE M 89 20.77 -29.69 42.40
C PHE M 89 20.18 -29.64 41.01
N CYS M 90 18.90 -30.01 40.90
CA CYS M 90 18.17 -29.81 39.67
C CYS M 90 17.15 -28.70 39.90
N ALA M 91 16.92 -27.88 38.88
CA ALA M 91 15.94 -26.80 39.00
C ALA M 91 14.94 -26.90 37.87
N LEU M 92 13.66 -26.78 38.20
CA LEU M 92 12.61 -26.78 37.20
C LEU M 92 12.05 -25.37 37.04
N TRP M 93 11.61 -25.06 35.83
CA TRP M 93 11.03 -23.76 35.53
C TRP M 93 9.52 -23.86 35.52
N TYR M 94 8.87 -23.15 36.45
CA TYR M 94 7.41 -23.16 36.54
C TYR M 94 6.84 -21.80 36.15
N SER M 95 6.52 -21.65 34.87
CA SER M 95 5.84 -20.45 34.37
C SER M 95 6.72 -19.19 34.33
N ASN M 96 7.21 -18.75 35.48
CA ASN M 96 7.96 -17.49 35.52
C ASN M 96 9.11 -17.46 36.53
N HIS M 97 9.43 -18.60 37.12
CA HIS M 97 10.46 -18.66 38.13
C HIS M 97 11.05 -20.05 38.27
N TRP M 98 12.22 -20.15 38.88
CA TRP M 98 12.86 -21.43 39.09
C TRP M 98 12.51 -21.99 40.47
N VAL M 99 12.43 -23.31 40.56
CA VAL M 99 12.29 -24.00 41.83
C VAL M 99 13.34 -25.07 41.93
N PHE M 100 14.18 -25.00 42.96
CA PHE M 100 15.26 -25.97 43.12
C PHE M 100 14.82 -27.21 43.89
N GLY M 101 15.55 -28.30 43.71
CA GLY M 101 15.29 -29.52 44.44
C GLY M 101 16.09 -29.56 45.73
N GLY M 102 15.97 -30.65 46.48
CA GLY M 102 16.70 -30.81 47.72
C GLY M 102 18.17 -31.08 47.47
N GLY M 103 18.47 -31.53 46.26
CA GLY M 103 19.84 -31.87 45.91
C GLY M 103 20.14 -33.32 46.22
N THR M 104 20.97 -33.94 45.40
CA THR M 104 21.37 -35.33 45.59
C THR M 104 22.85 -35.39 45.89
N LYS M 105 23.23 -36.06 46.97
CA LYS M 105 24.65 -36.16 47.32
C LYS M 105 25.28 -37.40 46.71
N LEU M 106 25.91 -37.22 45.55
CA LEU M 106 26.56 -38.32 44.85
C LEU M 106 27.93 -38.62 45.45
N THR M 107 28.12 -39.86 45.86
CA THR M 107 29.41 -40.28 46.42
C THR M 107 30.10 -41.26 45.48
N VAL M 108 31.33 -40.92 45.08
CA VAL M 108 32.15 -41.83 44.31
C VAL M 108 33.04 -42.58 45.29
N LEU M 109 32.67 -43.84 45.53
CA LEU M 109 33.13 -44.64 46.66
C LEU M 109 34.65 -44.80 46.77
N GLY M 110 35.19 -44.49 47.95
CA GLY M 110 36.62 -44.54 48.17
C GLY M 110 37.00 -45.27 49.44
N GLN M 111 35.99 -45.70 50.19
CA GLN M 111 36.23 -46.47 51.41
C GLN M 111 34.95 -47.23 51.78
N PRO M 112 35.07 -48.28 52.62
CA PRO M 112 33.91 -49.10 52.97
C PRO M 112 32.87 -48.31 53.75
N LYS M 113 31.60 -48.64 53.55
CA LYS M 113 30.51 -47.96 54.21
C LYS M 113 30.64 -48.06 55.73
N SER M 114 30.10 -47.06 56.42
CA SER M 114 30.14 -47.05 57.88
C SER M 114 28.84 -46.49 58.43
N SER M 115 28.13 -47.29 59.23
CA SER M 115 26.90 -46.83 59.86
C SER M 115 27.21 -45.78 60.93
N PRO M 116 26.28 -44.84 61.12
CA PRO M 116 26.46 -43.71 62.05
C PRO M 116 26.43 -44.12 63.51
N SER M 117 27.11 -43.37 64.37
CA SER M 117 27.12 -43.63 65.80
C SER M 117 26.29 -42.59 66.53
N VAL M 118 25.06 -42.96 66.88
CA VAL M 118 24.12 -42.02 67.46
C VAL M 118 24.24 -41.93 68.98
N THR M 119 24.01 -40.73 69.51
CA THR M 119 24.06 -40.48 70.95
C THR M 119 23.07 -39.40 71.34
N LEU M 120 22.25 -39.67 72.34
CA LEU M 120 21.24 -38.71 72.79
C LEU M 120 21.56 -38.19 74.18
N PHE M 121 21.58 -36.87 74.33
CA PHE M 121 21.95 -36.25 75.59
C PHE M 121 20.79 -35.49 76.22
N PRO M 122 20.37 -35.93 77.41
CA PRO M 122 19.36 -35.23 78.21
C PRO M 122 19.83 -33.85 78.62
N PRO M 123 18.89 -32.93 78.87
CA PRO M 123 19.19 -31.54 79.23
C PRO M 123 19.99 -31.46 80.51
N SER M 124 21.07 -30.67 80.51
CA SER M 124 21.87 -30.48 81.72
C SER M 124 21.05 -29.76 82.80
N SER M 125 21.23 -30.18 84.04
CA SER M 125 20.53 -29.56 85.16
C SER M 125 20.85 -28.08 85.23
N GLU M 126 22.11 -27.74 84.95
CA GLU M 126 22.57 -26.36 84.98
C GLU M 126 21.78 -25.50 84.02
N GLU M 127 21.37 -26.09 82.90
CA GLU M 127 20.60 -25.38 81.88
C GLU M 127 19.11 -25.39 82.22
N LEU M 128 18.64 -26.48 82.80
CA LEU M 128 17.26 -26.57 83.25
C LEU M 128 16.94 -25.45 84.25
N GLU M 129 17.98 -24.91 84.87
CA GLU M 129 17.84 -23.85 85.87
C GLU M 129 17.36 -22.54 85.23
N THR M 130 17.58 -22.39 83.93
CA THR M 130 17.20 -21.17 83.23
C THR M 130 15.85 -21.29 82.53
N ASN M 131 15.10 -22.34 82.88
CA ASN M 131 13.79 -22.59 82.27
C ASN M 131 13.92 -23.02 80.81
N LYS M 132 15.14 -23.25 80.37
CA LYS M 132 15.40 -23.77 79.03
C LYS M 132 15.93 -25.19 79.08
N ALA M 133 15.57 -25.99 78.08
CA ALA M 133 16.01 -27.38 78.01
C ALA M 133 16.34 -27.72 76.55
N THR M 134 17.55 -28.23 76.33
CA THR M 134 17.99 -28.56 74.99
C THR M 134 18.42 -30.01 74.85
N LEU M 135 17.66 -30.78 74.06
CA LEU M 135 18.05 -32.15 73.73
C LEU M 135 19.11 -32.13 72.64
N VAL M 136 20.28 -32.68 72.93
CA VAL M 136 21.35 -32.76 71.92
C VAL M 136 21.55 -34.18 71.43
N CYS M 137 21.60 -34.34 70.11
CA CYS M 137 21.77 -35.64 69.49
C CYS M 137 22.98 -35.60 68.57
N THR M 138 24.01 -36.39 68.89
CA THR M 138 25.26 -36.36 68.15
C THR M 138 25.47 -37.62 67.31
N ILE M 139 25.71 -37.43 66.01
CA ILE M 139 25.96 -38.53 65.08
C ILE M 139 27.37 -38.42 64.52
N THR M 140 28.15 -39.49 64.62
CA THR M 140 29.53 -39.45 64.14
C THR M 140 29.95 -40.69 63.35
N ASP M 141 31.03 -40.55 62.59
CA ASP M 141 31.65 -41.67 61.88
C ASP M 141 30.69 -42.40 60.93
N PHE M 142 30.08 -41.68 60.00
CA PHE M 142 29.25 -42.33 58.99
C PHE M 142 29.71 -42.06 57.56
N TYR M 143 29.33 -42.95 56.65
CA TYR M 143 29.75 -42.85 55.25
C TYR M 143 28.89 -43.78 54.37
N PRO M 144 28.43 -43.28 53.21
CA PRO M 144 28.60 -41.91 52.73
C PRO M 144 27.95 -40.90 53.68
N GLY M 145 28.35 -39.63 53.59
CA GLY M 145 27.91 -38.63 54.54
C GLY M 145 26.54 -38.02 54.30
N VAL M 146 25.50 -38.83 54.46
CA VAL M 146 24.13 -38.33 54.35
C VAL M 146 23.22 -39.07 55.32
N VAL M 147 22.65 -38.34 56.27
CA VAL M 147 21.75 -38.91 57.26
C VAL M 147 20.42 -38.16 57.31
N THR M 148 19.44 -38.74 57.98
CA THR M 148 18.17 -38.09 58.20
C THR M 148 17.81 -38.16 59.68
N VAL M 149 17.72 -37.01 60.33
CA VAL M 149 17.38 -36.98 61.75
C VAL M 149 15.89 -36.71 61.93
N ASP M 150 15.25 -37.50 62.78
CA ASP M 150 13.83 -37.34 63.06
C ASP M 150 13.56 -37.44 64.55
N TRP M 151 12.89 -36.44 65.10
CA TRP M 151 12.58 -36.44 66.53
C TRP M 151 11.16 -36.90 66.78
N LYS M 152 10.93 -37.46 67.97
CA LYS M 152 9.60 -37.90 68.37
C LYS M 152 9.43 -37.79 69.88
N VAL M 153 8.47 -36.98 70.32
CA VAL M 153 8.13 -36.89 71.75
C VAL M 153 6.89 -37.72 72.04
N ASP M 154 6.96 -38.52 73.11
CA ASP M 154 5.85 -39.39 73.50
C ASP M 154 5.22 -40.09 72.31
N GLY M 155 6.03 -40.83 71.56
CA GLY M 155 5.55 -41.61 70.44
C GLY M 155 5.21 -40.78 69.22
N THR M 156 4.90 -39.51 69.45
CA THR M 156 4.50 -38.61 68.39
C THR M 156 5.68 -37.83 67.84
N PRO M 157 5.84 -37.79 66.51
CA PRO M 157 6.93 -37.05 65.86
C PRO M 157 6.78 -35.54 66.02
N VAL M 158 7.91 -34.84 66.12
CA VAL M 158 7.92 -33.39 66.28
C VAL M 158 8.25 -32.71 64.95
N THR M 159 7.56 -31.61 64.66
CA THR M 159 7.80 -30.88 63.43
C THR M 159 8.65 -29.64 63.67
N GLN M 160 8.40 -28.96 64.78
CA GLN M 160 9.11 -27.72 65.11
C GLN M 160 10.04 -27.89 66.30
N GLY M 161 10.98 -26.96 66.44
CA GLY M 161 11.88 -26.95 67.58
C GLY M 161 13.17 -27.71 67.35
N MET M 162 13.25 -28.40 66.22
CA MET M 162 14.44 -29.19 65.90
C MET M 162 15.36 -28.44 64.93
N GLU M 163 16.66 -28.65 65.09
CA GLU M 163 17.66 -28.05 64.21
C GLU M 163 18.81 -29.02 64.01
N THR M 164 19.08 -29.40 62.76
CA THR M 164 20.15 -30.35 62.46
C THR M 164 21.22 -29.76 61.56
N THR M 165 22.47 -29.84 61.99
CA THR M 165 23.59 -29.32 61.21
C THR M 165 23.82 -30.19 59.96
N GLN M 166 24.53 -29.64 58.99
CA GLN M 166 24.79 -30.37 57.75
C GLN M 166 25.92 -31.37 57.94
N PRO M 167 25.86 -32.50 57.22
CA PRO M 167 26.94 -33.49 57.33
C PRO M 167 28.30 -32.82 57.19
N SER M 168 29.04 -32.76 58.29
CA SER M 168 30.38 -32.19 58.30
C SER M 168 31.41 -33.29 58.12
N LYS M 169 32.51 -32.99 57.43
CA LYS M 169 33.52 -33.99 57.13
C LYS M 169 34.58 -34.06 58.23
N GLN M 170 34.96 -35.28 58.61
CA GLN M 170 35.91 -35.47 59.71
C GLN M 170 37.34 -35.56 59.21
N SER M 171 38.27 -35.85 60.11
CA SER M 171 39.67 -35.97 59.76
C SER M 171 39.97 -37.30 59.08
N ASN M 172 39.07 -38.27 59.26
CA ASN M 172 39.24 -39.59 58.69
C ASN M 172 38.24 -39.89 57.58
N ASN M 173 37.98 -38.89 56.73
CA ASN M 173 37.13 -39.06 55.55
C ASN M 173 35.71 -39.58 55.81
N LYS M 174 35.31 -39.64 57.08
CA LYS M 174 33.93 -39.98 57.43
C LYS M 174 33.20 -38.71 57.85
N TYR M 175 31.90 -38.80 58.09
CA TYR M 175 31.09 -37.61 58.35
C TYR M 175 30.43 -37.59 59.72
N MET M 176 30.17 -36.40 60.23
CA MET M 176 29.50 -36.21 61.51
C MET M 176 28.30 -35.27 61.34
N ALA M 177 27.50 -35.13 62.40
CA ALA M 177 26.34 -34.23 62.38
C ALA M 177 25.73 -34.10 63.77
N SER M 178 25.18 -32.93 64.08
CA SER M 178 24.50 -32.72 65.35
C SER M 178 23.08 -32.19 65.17
N SER M 179 22.19 -32.54 66.09
CA SER M 179 20.80 -32.11 66.02
C SER M 179 20.28 -31.68 67.40
N TYR M 180 19.54 -30.57 67.45
CA TYR M 180 19.06 -30.02 68.71
C TYR M 180 17.55 -29.83 68.73
N LEU M 181 16.86 -30.57 69.60
CA LEU M 181 15.45 -30.29 69.89
C LEU M 181 15.37 -29.33 71.07
N THR M 182 14.57 -28.27 70.92
CA THR M 182 14.53 -27.22 71.93
C THR M 182 13.20 -27.14 72.68
N LEU M 183 13.25 -27.27 74.00
CA LEU M 183 12.04 -27.22 74.81
C LEU M 183 12.26 -26.31 76.01
N THR M 184 11.18 -26.01 76.71
CA THR M 184 11.27 -25.27 77.96
C THR M 184 11.32 -26.25 79.12
N ALA M 185 12.07 -25.90 80.16
CA ALA M 185 12.25 -26.79 81.30
C ALA M 185 10.92 -27.35 81.79
N ARG M 186 9.91 -26.49 81.88
CA ARG M 186 8.59 -26.91 82.33
C ARG M 186 7.94 -27.84 81.31
N ALA M 187 8.38 -27.75 80.06
CA ALA M 187 7.85 -28.60 79.00
C ALA M 187 8.68 -29.86 78.85
N TRP M 188 9.90 -29.82 79.41
CA TRP M 188 10.80 -30.96 79.40
C TRP M 188 10.43 -31.93 80.51
N GLU M 189 9.80 -31.41 81.56
CA GLU M 189 9.32 -32.23 82.66
C GLU M 189 7.89 -32.68 82.43
N ARG M 190 7.24 -32.07 81.43
CA ARG M 190 5.86 -32.38 81.11
C ARG M 190 5.75 -33.72 80.38
N HIS M 191 6.87 -34.20 79.87
CA HIS M 191 6.90 -35.46 79.13
C HIS M 191 7.92 -36.43 79.72
N SER M 192 8.12 -37.56 79.04
CA SER M 192 9.09 -38.56 79.51
C SER M 192 9.62 -39.45 78.38
N SER M 193 9.07 -39.28 77.18
CA SER M 193 9.50 -40.05 76.02
C SER M 193 10.13 -39.16 74.94
N TYR M 194 11.42 -39.38 74.67
CA TYR M 194 12.12 -38.62 73.65
C TYR M 194 12.92 -39.54 72.74
N SER M 195 12.71 -39.39 71.43
CA SER M 195 13.40 -40.20 70.45
C SER M 195 14.17 -39.32 69.47
N CYS M 196 15.32 -39.80 69.03
CA CYS M 196 16.15 -39.10 68.05
C CYS M 196 16.66 -40.11 67.04
N GLN M 197 15.78 -40.61 66.18
CA GLN M 197 16.14 -41.69 65.25
C GLN M 197 16.80 -41.21 63.96
N VAL M 198 17.98 -41.77 63.69
CA VAL M 198 18.84 -41.33 62.60
C VAL M 198 18.95 -42.37 61.48
N THR M 199 18.32 -42.09 60.35
CA THR M 199 18.39 -42.96 59.18
C THR M 199 19.64 -42.66 58.36
N HIS M 200 20.31 -43.70 57.87
CA HIS M 200 21.52 -43.50 57.07
C HIS M 200 21.72 -44.56 56.00
N GLU M 201 21.56 -44.16 54.74
CA GLU M 201 21.81 -45.04 53.61
C GLU M 201 21.02 -46.34 53.76
N GLY M 202 19.72 -46.21 54.02
CA GLY M 202 18.91 -47.37 54.37
C GLY M 202 19.15 -47.74 55.82
N HIS M 203 18.19 -48.40 56.44
CA HIS M 203 18.28 -48.76 57.86
C HIS M 203 18.13 -47.54 58.75
N THR M 204 17.68 -47.77 59.99
CA THR M 204 17.50 -46.69 60.94
C THR M 204 18.05 -47.02 62.33
N VAL M 205 18.70 -46.04 62.94
CA VAL M 205 19.20 -46.18 64.30
C VAL M 205 18.41 -45.23 65.18
N GLU M 206 17.92 -45.73 66.31
CA GLU M 206 17.16 -44.90 67.24
C GLU M 206 17.83 -44.87 68.61
N LYS M 207 17.84 -43.69 69.24
CA LYS M 207 18.28 -43.56 70.62
C LYS M 207 17.20 -42.84 71.40
N SER M 208 16.52 -43.58 72.28
CA SER M 208 15.40 -43.04 73.04
C SER M 208 15.90 -42.28 74.27
N LEU M 209 14.98 -41.89 75.15
CA LEU M 209 15.33 -41.18 76.37
C LEU M 209 14.14 -41.11 77.33
N SER M 210 14.37 -41.47 78.58
CA SER M 210 13.30 -41.49 79.59
C SER M 210 13.83 -41.09 80.97
N GLN N 1 -39.93 38.21 -1.19
CA GLN N 1 -38.79 37.59 -0.52
C GLN N 1 -37.82 38.66 -0.05
N ALA N 2 -36.55 38.54 -0.47
CA ALA N 2 -35.54 39.52 -0.12
C ALA N 2 -35.63 40.75 -1.04
N VAL N 3 -35.45 41.94 -0.49
CA VAL N 3 -35.51 43.16 -1.30
C VAL N 3 -34.34 44.09 -1.03
N VAL N 4 -33.77 44.63 -2.12
CA VAL N 4 -32.67 45.57 -2.01
C VAL N 4 -33.17 47.01 -2.08
N THR N 5 -32.61 47.87 -1.23
CA THR N 5 -33.07 49.24 -1.11
C THR N 5 -31.94 50.25 -1.33
N GLN N 6 -32.21 51.28 -2.14
CA GLN N 6 -31.25 52.34 -2.37
C GLN N 6 -31.89 53.72 -2.27
N GLU N 7 -31.05 54.74 -2.10
CA GLU N 7 -31.52 56.12 -2.14
C GLU N 7 -32.17 56.40 -3.49
N SER N 8 -33.34 57.01 -3.46
CA SER N 8 -34.05 57.34 -4.68
C SER N 8 -33.18 58.21 -5.58
N ALA N 9 -32.55 59.22 -4.98
CA ALA N 9 -31.65 60.11 -5.72
C ALA N 9 -30.70 60.86 -4.79
N LEU N 10 -29.54 61.21 -5.31
CA LEU N 10 -28.56 62.00 -4.55
C LEU N 10 -28.01 63.12 -5.41
N THR N 11 -27.47 64.14 -4.75
CA THR N 11 -26.92 65.30 -5.44
C THR N 11 -25.50 65.59 -4.93
N THR N 12 -24.63 66.02 -5.82
CA THR N 12 -23.26 66.36 -5.44
C THR N 12 -22.61 67.26 -6.48
N SER N 13 -21.67 68.09 -6.04
CA SER N 13 -20.97 69.01 -6.93
C SER N 13 -19.61 68.45 -7.34
N PRO N 14 -19.13 68.85 -8.53
CA PRO N 14 -17.85 68.37 -9.08
C PRO N 14 -16.68 68.55 -8.11
N GLY N 15 -16.08 67.44 -7.69
CA GLY N 15 -14.94 67.49 -6.80
C GLY N 15 -15.26 66.96 -5.41
N GLU N 16 -16.54 67.00 -5.04
CA GLU N 16 -16.95 66.54 -3.72
C GLU N 16 -16.90 65.02 -3.58
N THR N 17 -17.33 64.53 -2.43
CA THR N 17 -17.36 63.09 -2.17
C THR N 17 -18.76 62.63 -1.78
N VAL N 18 -19.39 61.86 -2.66
CA VAL N 18 -20.73 61.33 -2.41
C VAL N 18 -20.64 59.83 -2.11
N THR N 19 -21.63 59.33 -1.38
CA THR N 19 -21.67 57.91 -1.03
C THR N 19 -23.06 57.31 -1.20
N LEU N 20 -23.16 56.31 -2.06
CA LEU N 20 -24.41 55.59 -2.26
C LEU N 20 -24.43 54.36 -1.36
N THR N 21 -25.60 53.98 -0.87
CA THR N 21 -25.70 52.80 -0.01
C THR N 21 -26.70 51.78 -0.55
N CYS N 22 -26.43 50.51 -0.24
CA CYS N 22 -27.26 49.40 -0.69
C CYS N 22 -27.68 48.59 0.53
N ARG N 23 -28.98 48.48 0.77
CA ARG N 23 -29.47 47.83 1.98
C ARG N 23 -30.21 46.52 1.72
N SER N 24 -29.87 45.51 2.51
CA SER N 24 -30.54 44.22 2.44
C SER N 24 -31.67 44.15 3.44
N SER N 25 -32.80 43.57 3.03
CA SER N 25 -33.97 43.49 3.90
C SER N 25 -33.86 42.35 4.90
N THR N 26 -33.18 41.27 4.54
CA THR N 26 -33.04 40.10 5.40
C THR N 26 -32.08 40.36 6.56
N GLY N 27 -31.19 41.32 6.38
CA GLY N 27 -30.22 41.64 7.42
C GLY N 27 -29.08 42.51 6.92
N ALA N 28 -27.93 42.39 7.58
CA ALA N 28 -26.75 43.15 7.20
C ALA N 28 -26.08 42.57 5.96
N VAL N 29 -25.60 43.45 5.09
CA VAL N 29 -24.89 43.00 3.90
C VAL N 29 -23.53 42.45 4.27
N THR N 30 -23.35 41.15 4.08
CA THR N 30 -22.09 40.47 4.39
C THR N 30 -21.28 40.18 3.12
N THR N 31 -20.10 39.60 3.28
CA THR N 31 -19.22 39.38 2.14
C THR N 31 -19.80 38.37 1.15
N ILE N 32 -20.61 37.44 1.65
CA ILE N 32 -21.23 36.43 0.78
C ILE N 32 -22.41 36.97 -0.02
N ASN N 33 -22.60 38.29 0.03
CA ASN N 33 -23.59 38.95 -0.80
C ASN N 33 -22.94 39.47 -2.09
N PHE N 34 -21.61 39.54 -2.09
CA PHE N 34 -20.86 39.97 -3.25
C PHE N 34 -21.48 41.21 -3.88
N ALA N 35 -21.69 42.23 -3.06
CA ALA N 35 -22.32 43.46 -3.49
C ALA N 35 -21.70 43.98 -4.78
N ASN N 36 -22.53 44.06 -5.82
CA ASN N 36 -22.11 44.61 -7.11
C ASN N 36 -22.67 46.01 -7.32
N TRP N 37 -21.92 46.84 -8.05
CA TRP N 37 -22.41 48.15 -8.43
C TRP N 37 -22.33 48.33 -9.94
N VAL N 38 -23.45 48.72 -10.54
CA VAL N 38 -23.54 48.91 -11.98
C VAL N 38 -23.95 50.34 -12.28
N GLN N 39 -23.36 50.92 -13.32
CA GLN N 39 -23.69 52.29 -13.72
C GLN N 39 -24.49 52.28 -15.03
N GLU N 40 -25.52 53.12 -15.11
CA GLU N 40 -26.31 53.25 -16.32
C GLU N 40 -26.32 54.69 -16.82
N LYS N 41 -25.56 54.95 -17.88
CA LYS N 41 -25.57 56.24 -18.55
C LYS N 41 -26.83 56.33 -19.41
N PRO N 42 -27.17 57.55 -19.87
CA PRO N 42 -28.36 57.72 -20.71
C PRO N 42 -28.25 56.93 -22.02
N ASP N 43 -29.40 56.48 -22.54
CA ASP N 43 -29.47 55.67 -23.75
C ASP N 43 -29.14 54.21 -23.51
N HIS N 44 -29.35 53.76 -22.27
CA HIS N 44 -29.19 52.35 -21.92
C HIS N 44 -27.75 51.86 -22.02
N LEU N 45 -26.83 52.59 -21.40
CA LEU N 45 -25.42 52.20 -21.38
C LEU N 45 -25.03 51.66 -20.00
N PHE N 46 -25.03 50.34 -19.85
CA PHE N 46 -24.66 49.72 -18.59
C PHE N 46 -23.18 49.32 -18.56
N THR N 47 -22.55 49.49 -17.40
CA THR N 47 -21.19 49.00 -17.16
C THR N 47 -20.99 48.71 -15.67
N GLY N 48 -20.19 47.68 -15.39
CA GLY N 48 -19.90 47.32 -14.01
C GLY N 48 -18.83 48.20 -13.40
N LEU N 49 -18.87 48.34 -12.08
CA LEU N 49 -17.87 49.10 -11.35
C LEU N 49 -17.13 48.19 -10.38
N ILE N 50 -17.83 47.76 -9.33
CA ILE N 50 -17.27 46.90 -8.30
C ILE N 50 -18.09 45.63 -8.19
N GLY N 51 -17.56 44.62 -7.53
CA GLY N 51 -18.28 43.38 -7.29
C GLY N 51 -17.44 42.32 -6.62
N GLY N 52 -17.90 41.07 -6.69
CA GLY N 52 -17.18 39.94 -6.13
C GLY N 52 -16.69 40.17 -4.72
N ILE N 53 -15.45 39.75 -4.45
CA ILE N 53 -14.86 39.95 -3.13
C ILE N 53 -14.39 41.39 -2.96
N ASN N 54 -13.28 41.74 -3.59
CA ASN N 54 -12.83 43.13 -3.61
C ASN N 54 -12.22 43.49 -4.95
N ASN N 55 -12.80 42.98 -6.02
CA ASN N 55 -12.30 43.28 -7.36
C ASN N 55 -13.20 44.26 -8.12
N ARG N 56 -12.65 44.84 -9.18
CA ARG N 56 -13.34 45.85 -9.97
C ARG N 56 -13.20 45.57 -11.46
N ALA N 57 -14.08 46.17 -12.24
CA ALA N 57 -14.08 45.96 -13.69
C ALA N 57 -12.89 46.66 -14.35
N PRO N 58 -12.55 46.23 -15.59
CA PRO N 58 -11.46 46.85 -16.33
C PRO N 58 -11.76 48.31 -16.64
N GLY N 59 -10.92 49.21 -16.13
CA GLY N 59 -11.02 50.62 -16.47
C GLY N 59 -11.75 51.47 -15.46
N VAL N 60 -12.42 50.84 -14.49
CA VAL N 60 -13.15 51.59 -13.47
C VAL N 60 -12.21 52.55 -12.75
N PRO N 61 -12.48 53.86 -12.89
CA PRO N 61 -11.67 54.94 -12.30
C PRO N 61 -11.33 54.70 -10.84
N ALA N 62 -10.21 55.27 -10.39
CA ALA N 62 -9.74 55.05 -9.04
C ALA N 62 -10.59 55.74 -7.98
N ARG N 63 -11.40 56.70 -8.40
CA ARG N 63 -12.24 57.44 -7.47
C ARG N 63 -13.38 56.59 -6.93
N PHE N 64 -13.80 55.59 -7.70
CA PHE N 64 -14.82 54.65 -7.26
C PHE N 64 -14.23 53.64 -6.27
N SER N 65 -14.98 53.33 -5.21
CA SER N 65 -14.50 52.38 -4.21
C SER N 65 -15.66 51.76 -3.44
N GLY N 66 -15.50 50.49 -3.09
CA GLY N 66 -16.53 49.76 -2.36
C GLY N 66 -16.14 49.52 -0.91
N SER N 67 -17.16 49.32 -0.08
CA SER N 67 -16.95 49.08 1.35
C SER N 67 -18.23 48.57 1.99
N LEU N 68 -18.14 48.13 3.24
CA LEU N 68 -19.31 47.71 3.99
C LEU N 68 -19.51 48.60 5.22
N ILE N 69 -19.76 49.88 4.96
CA ILE N 69 -20.04 50.85 6.02
C ILE N 69 -21.31 50.48 6.77
N GLY N 70 -21.23 50.47 8.10
CA GLY N 70 -22.37 50.10 8.91
C GLY N 70 -22.75 48.66 8.67
N ASP N 71 -23.98 48.43 8.20
CA ASP N 71 -24.43 47.07 7.89
C ASP N 71 -25.05 47.00 6.49
N LYS N 72 -24.54 47.84 5.58
CA LYS N 72 -24.97 47.81 4.20
C LYS N 72 -23.81 48.14 3.25
N ALA N 73 -23.94 47.73 1.99
CA ALA N 73 -22.89 47.94 1.01
C ALA N 73 -22.84 49.41 0.57
N ALA N 74 -21.64 49.93 0.41
CA ALA N 74 -21.46 51.33 0.04
C ALA N 74 -20.65 51.48 -1.24
N LEU N 75 -20.87 52.60 -1.93
CA LEU N 75 -20.12 52.93 -3.14
C LEU N 75 -19.72 54.40 -3.04
N THR N 76 -18.44 54.65 -2.80
CA THR N 76 -17.97 56.01 -2.56
C THR N 76 -17.17 56.58 -3.73
N ILE N 77 -17.64 57.70 -4.27
CA ILE N 77 -16.95 58.39 -5.35
C ILE N 77 -16.17 59.59 -4.79
N THR N 78 -14.87 59.38 -4.60
CA THR N 78 -14.01 60.44 -4.05
C THR N 78 -13.49 61.36 -5.14
N GLY N 79 -14.13 62.53 -5.27
CA GLY N 79 -13.75 63.48 -6.29
C GLY N 79 -14.66 63.37 -7.50
N ALA N 80 -15.96 63.48 -7.25
CA ALA N 80 -16.97 63.30 -8.31
C ALA N 80 -16.65 64.11 -9.55
N GLN N 81 -17.02 63.58 -10.71
CA GLN N 81 -16.79 64.24 -11.98
C GLN N 81 -18.11 64.50 -12.68
N THR N 82 -18.08 65.32 -13.72
CA THR N 82 -19.28 65.63 -14.50
C THR N 82 -19.89 64.36 -15.09
N GLU N 83 -19.04 63.58 -15.76
CA GLU N 83 -19.51 62.36 -16.42
C GLU N 83 -20.03 61.32 -15.44
N ASP N 84 -19.70 61.47 -14.16
CA ASP N 84 -20.13 60.51 -13.15
C ASP N 84 -21.64 60.56 -12.89
N GLU N 85 -22.32 61.51 -13.54
CA GLU N 85 -23.76 61.64 -13.38
C GLU N 85 -24.48 60.54 -14.14
N ALA N 86 -25.07 59.60 -13.42
CA ALA N 86 -25.80 58.49 -14.02
C ALA N 86 -26.70 57.81 -12.99
N ILE N 87 -27.25 56.66 -13.37
CA ILE N 87 -28.03 55.87 -12.43
C ILE N 87 -27.22 54.67 -11.96
N TYR N 88 -27.13 54.50 -10.65
CA TYR N 88 -26.31 53.44 -10.08
C TYR N 88 -27.15 52.35 -9.43
N PHE N 89 -27.08 51.14 -9.99
CA PHE N 89 -27.75 50.00 -9.40
C PHE N 89 -26.76 49.17 -8.61
N CYS N 90 -27.16 48.74 -7.42
CA CYS N 90 -26.38 47.77 -6.68
C CYS N 90 -27.13 46.45 -6.70
N ALA N 91 -26.39 45.36 -6.76
CA ALA N 91 -27.01 44.03 -6.76
C ALA N 91 -26.41 43.17 -5.66
N LEU N 92 -27.27 42.51 -4.90
CA LEU N 92 -26.83 41.61 -3.85
C LEU N 92 -27.04 40.16 -4.27
N TRP N 93 -26.17 39.29 -3.82
CA TRP N 93 -26.26 37.87 -4.15
C TRP N 93 -26.89 37.12 -2.98
N TYR N 94 -28.06 36.54 -3.22
CA TYR N 94 -28.77 35.78 -2.18
C TYR N 94 -28.79 34.29 -2.51
N SER N 95 -27.78 33.58 -2.01
CA SER N 95 -27.73 32.12 -2.14
C SER N 95 -27.43 31.61 -3.55
N ASN N 96 -28.30 31.91 -4.51
CA ASN N 96 -28.13 31.37 -5.85
C ASN N 96 -28.56 32.29 -6.99
N HIS N 97 -28.86 33.54 -6.66
CA HIS N 97 -29.31 34.49 -7.67
C HIS N 97 -29.06 35.93 -7.24
N TRP N 98 -29.09 36.84 -8.22
CA TRP N 98 -28.91 38.25 -7.93
C TRP N 98 -30.24 38.96 -7.71
N VAL N 99 -30.23 39.96 -6.84
CA VAL N 99 -31.37 40.83 -6.65
C VAL N 99 -30.92 42.27 -6.77
N PHE N 100 -31.51 43.01 -7.71
CA PHE N 100 -31.10 44.40 -7.94
C PHE N 100 -31.87 45.36 -7.05
N GLY N 101 -31.29 46.54 -6.84
CA GLY N 101 -31.95 47.59 -6.10
C GLY N 101 -32.77 48.48 -7.01
N GLY N 102 -33.38 49.51 -6.45
CA GLY N 102 -34.18 50.44 -7.23
C GLY N 102 -33.31 51.35 -8.05
N GLY N 103 -32.05 51.47 -7.65
CA GLY N 103 -31.12 52.36 -8.33
C GLY N 103 -31.14 53.75 -7.72
N THR N 104 -29.99 54.40 -7.70
CA THR N 104 -29.86 55.75 -7.17
C THR N 104 -29.49 56.69 -8.31
N LYS N 105 -30.25 57.77 -8.46
CA LYS N 105 -29.95 58.73 -9.52
C LYS N 105 -29.02 59.84 -9.02
N LEU N 106 -27.72 59.65 -9.28
CA LEU N 106 -26.71 60.62 -8.86
C LEU N 106 -26.63 61.78 -9.84
N THR N 107 -26.81 62.99 -9.32
CA THR N 107 -26.73 64.20 -10.13
C THR N 107 -25.50 65.02 -9.76
N VAL N 108 -24.66 65.30 -10.75
CA VAL N 108 -23.52 66.17 -10.56
C VAL N 108 -23.86 67.58 -11.06
N LEU N 109 -23.87 68.56 -10.16
CA LEU N 109 -24.12 69.94 -10.54
C LEU N 109 -23.28 70.32 -11.75
N GLY N 110 -23.93 70.85 -12.79
CA GLY N 110 -23.23 71.16 -14.03
C GLY N 110 -23.68 72.43 -14.72
N GLN N 111 -24.92 72.84 -14.48
CA GLN N 111 -25.48 74.04 -15.11
C GLN N 111 -26.44 74.76 -14.16
N PRO N 112 -26.47 76.10 -14.24
CA PRO N 112 -27.39 76.91 -13.42
C PRO N 112 -28.86 76.56 -13.65
N LYS N 113 -29.70 76.82 -12.64
CA LYS N 113 -31.12 76.51 -12.72
C LYS N 113 -31.81 77.28 -13.84
N SER N 114 -32.76 76.62 -14.51
CA SER N 114 -33.53 77.27 -15.57
C SER N 114 -35.03 77.12 -15.31
N SER N 115 -35.80 78.11 -15.75
CA SER N 115 -37.26 78.09 -15.60
C SER N 115 -37.91 77.42 -16.81
N PRO N 116 -38.98 76.66 -16.56
CA PRO N 116 -39.67 75.89 -17.62
C PRO N 116 -40.45 76.78 -18.58
N SER N 117 -40.17 76.63 -19.88
CA SER N 117 -40.91 77.36 -20.91
C SER N 117 -42.10 76.54 -21.37
N VAL N 118 -43.28 76.90 -20.91
CA VAL N 118 -44.50 76.15 -21.21
C VAL N 118 -45.25 76.75 -22.38
N THR N 119 -45.98 75.90 -23.10
CA THR N 119 -46.86 76.36 -24.17
C THR N 119 -48.03 75.40 -24.30
N LEU N 120 -49.25 75.94 -24.16
CA LEU N 120 -50.45 75.12 -24.23
C LEU N 120 -51.17 75.32 -25.56
N PHE N 121 -51.58 74.23 -26.19
CA PHE N 121 -52.29 74.30 -27.46
C PHE N 121 -53.72 73.80 -27.30
N PRO N 122 -54.66 74.37 -28.08
CA PRO N 122 -56.04 73.90 -28.10
C PRO N 122 -56.16 72.67 -29.01
N PRO N 123 -57.20 71.85 -28.79
CA PRO N 123 -57.41 70.66 -29.62
C PRO N 123 -57.75 71.05 -31.07
N SER N 124 -56.96 70.56 -32.03
CA SER N 124 -57.16 70.88 -33.44
C SER N 124 -58.54 70.50 -33.94
N SER N 125 -59.09 71.33 -34.82
CA SER N 125 -60.42 71.10 -35.36
C SER N 125 -60.52 69.74 -36.05
N THR N 134 -57.59 66.67 -27.63
CA THR N 134 -56.32 66.48 -26.94
C THR N 134 -55.57 67.79 -26.75
N LEU N 135 -55.45 68.22 -25.50
CA LEU N 135 -54.68 69.41 -25.16
C LEU N 135 -53.20 69.05 -25.01
N VAL N 136 -52.32 69.86 -25.60
CA VAL N 136 -50.89 69.60 -25.53
C VAL N 136 -50.16 70.69 -24.74
N CYS N 137 -49.53 70.29 -23.64
CA CYS N 137 -48.81 71.23 -22.78
C CYS N 137 -47.32 70.93 -22.79
N THR N 138 -46.61 71.54 -23.75
CA THR N 138 -45.17 71.31 -23.89
C THR N 138 -44.35 72.11 -22.88
N ILE N 139 -43.24 71.53 -22.44
CA ILE N 139 -42.36 72.16 -21.47
C ILE N 139 -40.92 72.07 -21.95
N THR N 140 -40.26 73.20 -22.11
CA THR N 140 -38.89 73.22 -22.64
C THR N 140 -37.96 74.15 -21.86
N ASP N 141 -36.66 73.94 -22.06
CA ASP N 141 -35.63 74.79 -21.46
C ASP N 141 -35.73 74.93 -19.95
N PHE N 142 -35.61 73.81 -19.23
CA PHE N 142 -35.58 73.83 -17.78
C PHE N 142 -34.46 72.96 -17.23
N TYR N 143 -34.14 73.15 -15.96
CA TYR N 143 -33.03 72.43 -15.32
C TYR N 143 -33.06 72.64 -13.81
N PRO N 144 -32.91 71.55 -13.04
CA PRO N 144 -32.75 70.18 -13.53
C PRO N 144 -34.03 69.64 -14.17
N GLY N 145 -33.98 68.42 -14.70
CA GLY N 145 -35.12 67.84 -15.39
C GLY N 145 -36.11 67.14 -14.47
N VAL N 146 -36.55 67.85 -13.43
CA VAL N 146 -37.49 67.30 -12.46
C VAL N 146 -38.72 68.21 -12.32
N VAL N 147 -39.70 68.02 -13.20
CA VAL N 147 -40.87 68.90 -13.23
C VAL N 147 -42.17 68.20 -12.85
N THR N 159 -58.30 65.22 -12.69
CA THR N 159 -57.85 64.11 -11.85
C THR N 159 -57.38 62.93 -12.69
N GLN N 160 -57.90 62.83 -13.90
CA GLN N 160 -57.58 61.70 -14.76
C GLN N 160 -57.64 62.07 -16.24
N GLY N 161 -57.32 61.11 -17.09
CA GLY N 161 -57.29 61.34 -18.52
C GLY N 161 -55.95 61.86 -18.97
N MET N 162 -55.33 62.70 -18.15
CA MET N 162 -54.04 63.28 -18.46
C MET N 162 -52.94 62.22 -18.50
N GLU N 163 -51.78 62.62 -19.01
CA GLU N 163 -50.63 61.74 -19.09
C GLU N 163 -49.39 62.55 -19.44
N THR N 164 -48.44 62.63 -18.51
CA THR N 164 -47.23 63.41 -18.72
C THR N 164 -46.05 62.49 -19.01
N THR N 165 -45.21 62.90 -19.96
CA THR N 165 -44.06 62.10 -20.38
C THR N 165 -42.95 62.12 -19.33
N GLN N 166 -41.72 61.88 -19.78
CA GLN N 166 -40.56 61.93 -18.89
C GLN N 166 -39.49 62.84 -19.46
N PRO N 167 -38.98 63.76 -18.63
CA PRO N 167 -37.96 64.73 -19.04
C PRO N 167 -36.76 64.06 -19.70
N SER N 168 -36.39 64.52 -20.89
CA SER N 168 -35.23 64.00 -21.60
C SER N 168 -34.27 65.12 -21.99
N LYS N 169 -32.98 64.80 -22.07
CA LYS N 169 -31.97 65.79 -22.42
C LYS N 169 -32.14 66.33 -23.84
N GLN N 170 -31.92 67.63 -24.00
CA GLN N 170 -32.05 68.29 -25.29
C GLN N 170 -30.72 68.90 -25.72
N SER N 171 -30.37 68.67 -26.99
CA SER N 171 -29.14 69.19 -27.59
C SER N 171 -28.24 69.93 -26.59
N ALA N 177 -39.98 68.09 -21.32
CA ALA N 177 -41.08 67.16 -21.11
C ALA N 177 -42.40 67.71 -21.66
N SER N 178 -43.34 66.82 -21.93
CA SER N 178 -44.65 67.21 -22.46
C SER N 178 -45.77 66.42 -21.82
N SER N 179 -46.95 67.03 -21.71
CA SER N 179 -48.09 66.40 -21.07
C SER N 179 -49.31 66.36 -21.98
N LEU N 183 -59.39 63.99 -23.74
CA LEU N 183 -60.82 64.26 -23.53
C LEU N 183 -61.64 63.83 -24.73
N THR N 184 -62.90 64.26 -24.76
CA THR N 184 -63.81 63.97 -25.85
C THR N 184 -64.40 65.25 -26.42
N ALA N 185 -64.99 65.15 -27.61
CA ALA N 185 -65.60 66.31 -28.26
C ALA N 185 -66.77 66.87 -27.43
N GLN O 1 -20.27 -50.70 2.77
CA GLN O 1 -20.36 -49.36 2.20
C GLN O 1 -20.47 -49.41 0.69
N ALA O 2 -19.57 -48.73 0.00
CA ALA O 2 -19.56 -48.70 -1.45
C ALA O 2 -18.88 -49.92 -1.98
N VAL O 3 -19.43 -50.48 -3.05
CA VAL O 3 -18.72 -51.65 -3.65
C VAL O 3 -18.68 -51.72 -5.15
N VAL O 4 -17.52 -52.13 -5.60
CA VAL O 4 -17.20 -52.09 -7.03
C VAL O 4 -17.44 -53.46 -7.66
N THR O 5 -18.05 -53.47 -8.84
CA THR O 5 -18.47 -54.71 -9.48
C THR O 5 -17.90 -54.85 -10.89
N GLN O 6 -17.36 -56.04 -11.19
CA GLN O 6 -16.85 -56.31 -12.53
C GLN O 6 -17.32 -57.67 -13.03
N GLU O 7 -17.21 -57.87 -14.34
CA GLU O 7 -17.49 -59.17 -14.94
C GLU O 7 -16.55 -60.21 -14.34
N SER O 8 -17.10 -61.35 -13.96
CA SER O 8 -16.30 -62.42 -13.37
C SER O 8 -15.20 -62.84 -14.35
N ALA O 9 -15.57 -63.01 -15.61
CA ALA O 9 -14.61 -63.37 -16.64
C ALA O 9 -15.13 -63.03 -18.03
N LEU O 10 -14.20 -62.78 -18.96
CA LEU O 10 -14.56 -62.53 -20.35
C LEU O 10 -13.65 -63.31 -21.28
N THR O 11 -14.13 -63.52 -22.51
CA THR O 11 -13.37 -64.27 -23.50
C THR O 11 -13.29 -63.48 -24.80
N THR O 12 -12.15 -63.58 -25.49
CA THR O 12 -11.96 -62.89 -26.76
C THR O 12 -10.83 -63.51 -27.57
N SER O 13 -10.93 -63.42 -28.88
CA SER O 13 -9.91 -63.97 -29.77
C SER O 13 -8.93 -62.89 -30.24
N PRO O 14 -7.69 -63.30 -30.55
CA PRO O 14 -6.63 -62.37 -30.96
C PRO O 14 -7.05 -61.49 -32.14
N GLY O 15 -7.08 -60.18 -31.92
CA GLY O 15 -7.44 -59.24 -32.97
C GLY O 15 -8.78 -58.58 -32.74
N GLU O 16 -9.64 -59.23 -31.97
CA GLU O 16 -10.98 -58.71 -31.70
C GLU O 16 -10.95 -57.52 -30.73
N THR O 17 -12.13 -57.02 -30.39
CA THR O 17 -12.25 -55.90 -29.47
C THR O 17 -13.14 -56.26 -28.28
N VAL O 18 -12.54 -56.36 -27.11
CA VAL O 18 -13.26 -56.68 -25.89
C VAL O 18 -13.38 -55.44 -25.01
N THR O 19 -14.41 -55.40 -24.17
CA THR O 19 -14.62 -54.27 -23.27
C THR O 19 -14.98 -54.71 -21.86
N LEU O 20 -14.15 -54.33 -20.89
CA LEU O 20 -14.43 -54.61 -19.49
C LEU O 20 -15.13 -53.41 -18.86
N THR O 21 -16.04 -53.67 -17.92
CA THR O 21 -16.76 -52.58 -17.28
C THR O 21 -16.59 -52.61 -15.76
N CYS O 22 -16.66 -51.42 -15.16
CA CYS O 22 -16.49 -51.24 -13.73
C CYS O 22 -17.71 -50.49 -13.20
N ARG O 23 -18.45 -51.10 -12.29
CA ARG O 23 -19.69 -50.52 -11.80
C ARG O 23 -19.66 -50.07 -10.34
N SER O 24 -20.14 -48.86 -10.09
CA SER O 24 -20.24 -48.34 -8.73
C SER O 24 -21.62 -48.62 -8.15
N SER O 25 -21.65 -49.01 -6.88
CA SER O 25 -22.90 -49.35 -6.21
C SER O 25 -23.69 -48.11 -5.77
N THR O 26 -22.97 -47.04 -5.44
CA THR O 26 -23.61 -45.81 -4.96
C THR O 26 -24.28 -45.04 -6.08
N GLY O 27 -23.85 -45.27 -7.31
CA GLY O 27 -24.42 -44.60 -8.46
C GLY O 27 -23.57 -44.73 -9.71
N ALA O 28 -23.69 -43.74 -10.59
CA ALA O 28 -22.94 -43.72 -11.84
C ALA O 28 -21.50 -43.31 -11.60
N VAL O 29 -20.57 -43.97 -12.31
CA VAL O 29 -19.16 -43.61 -12.21
C VAL O 29 -18.91 -42.27 -12.86
N THR O 30 -18.54 -41.28 -12.06
CA THR O 30 -18.26 -39.93 -12.56
C THR O 30 -16.75 -39.67 -12.60
N THR O 31 -16.36 -38.49 -13.08
CA THR O 31 -14.96 -38.18 -13.24
C THR O 31 -14.21 -38.12 -11.92
N ILE O 32 -14.90 -37.75 -10.85
CA ILE O 32 -14.29 -37.66 -9.53
C ILE O 32 -14.09 -39.03 -8.89
N ASN O 33 -14.32 -40.09 -9.66
CA ASN O 33 -14.02 -41.43 -9.21
C ASN O 33 -12.64 -41.88 -9.68
N PHE O 34 -12.10 -41.13 -10.64
CA PHE O 34 -10.77 -41.39 -11.17
C PHE O 34 -10.56 -42.87 -11.42
N ALA O 35 -11.48 -43.47 -12.18
CA ALA O 35 -11.43 -44.89 -12.46
C ALA O 35 -10.05 -45.34 -12.91
N ASN O 36 -9.45 -46.24 -12.14
CA ASN O 36 -8.16 -46.81 -12.47
C ASN O 36 -8.31 -48.24 -12.97
N TRP O 37 -7.41 -48.65 -13.86
CA TRP O 37 -7.37 -50.03 -14.33
C TRP O 37 -5.98 -50.62 -14.12
N VAL O 38 -5.93 -51.76 -13.44
CA VAL O 38 -4.67 -52.43 -13.15
C VAL O 38 -4.68 -53.83 -13.76
N GLN O 39 -3.54 -54.25 -14.30
CA GLN O 39 -3.42 -55.59 -14.89
C GLN O 39 -2.57 -56.49 -14.01
N GLU O 40 -3.00 -57.74 -13.84
CA GLU O 40 -2.22 -58.72 -13.08
C GLU O 40 -1.90 -59.94 -13.93
N LYS O 41 -0.64 -60.03 -14.36
CA LYS O 41 -0.14 -61.21 -15.05
C LYS O 41 0.12 -62.31 -14.03
N PRO O 42 0.30 -63.55 -14.50
CA PRO O 42 0.57 -64.65 -13.57
C PRO O 42 1.86 -64.46 -12.78
N ASP O 43 1.90 -64.97 -11.56
CA ASP O 43 3.05 -64.83 -10.66
C ASP O 43 3.08 -63.49 -9.97
N HIS O 44 1.91 -62.87 -9.82
CA HIS O 44 1.77 -61.62 -9.07
C HIS O 44 2.49 -60.44 -9.72
N LEU O 45 2.24 -60.23 -11.01
CA LEU O 45 2.82 -59.09 -11.72
C LEU O 45 1.77 -58.01 -11.99
N PHE O 46 1.75 -57.00 -11.12
CA PHE O 46 0.81 -55.89 -11.28
C PHE O 46 1.41 -54.72 -12.05
N THR O 47 0.61 -54.09 -12.90
CA THR O 47 0.99 -52.85 -13.56
C THR O 47 -0.24 -52.01 -13.87
N GLY O 48 -0.10 -50.69 -13.81
CA GLY O 48 -1.20 -49.80 -14.12
C GLY O 48 -1.40 -49.60 -15.60
N LEU O 49 -2.63 -49.28 -15.99
CA LEU O 49 -2.95 -49.01 -17.38
C LEU O 49 -3.46 -47.58 -17.52
N ILE O 50 -4.66 -47.34 -17.01
CA ILE O 50 -5.29 -46.03 -17.08
C ILE O 50 -5.62 -45.54 -15.66
N GLY O 51 -5.91 -44.25 -15.53
CA GLY O 51 -6.31 -43.70 -14.24
C GLY O 51 -6.49 -42.20 -14.28
N GLY O 52 -6.51 -41.58 -13.10
CA GLY O 52 -6.63 -40.13 -13.00
C GLY O 52 -7.74 -39.55 -13.85
N ILE O 53 -7.45 -38.42 -14.49
CA ILE O 53 -8.42 -37.77 -15.36
C ILE O 53 -8.51 -38.49 -16.69
N ASN O 54 -7.52 -38.31 -17.54
CA ASN O 54 -7.44 -39.07 -18.79
C ASN O 54 -6.00 -39.41 -19.13
N ASN O 55 -5.21 -39.74 -18.11
CA ASN O 55 -3.82 -40.13 -18.32
C ASN O 55 -3.57 -41.63 -18.17
N ARG O 56 -2.43 -42.07 -18.69
CA ARG O 56 -2.08 -43.49 -18.69
C ARG O 56 -0.65 -43.69 -18.22
N ALA O 57 -0.33 -44.91 -17.81
CA ALA O 57 1.00 -45.24 -17.31
C ALA O 57 2.02 -45.27 -18.43
N PRO O 58 3.31 -45.16 -18.08
CA PRO O 58 4.39 -45.23 -19.07
C PRO O 58 4.42 -46.57 -19.78
N GLY O 59 4.23 -46.57 -21.10
CA GLY O 59 4.37 -47.77 -21.89
C GLY O 59 3.08 -48.50 -22.22
N VAL O 60 1.98 -48.10 -21.57
CA VAL O 60 0.70 -48.74 -21.82
C VAL O 60 0.34 -48.66 -23.29
N PRO O 61 0.25 -49.83 -23.96
CA PRO O 61 -0.04 -49.94 -25.39
C PRO O 61 -1.21 -49.08 -25.83
N ALA O 62 -1.22 -48.68 -27.11
CA ALA O 62 -2.24 -47.78 -27.63
C ALA O 62 -3.61 -48.44 -27.75
N ARG O 63 -3.62 -49.76 -27.75
CA ARG O 63 -4.88 -50.50 -27.89
C ARG O 63 -5.77 -50.36 -26.66
N PHE O 64 -5.15 -50.13 -25.50
CA PHE O 64 -5.89 -49.90 -24.27
C PHE O 64 -6.46 -48.49 -24.24
N SER O 65 -7.70 -48.36 -23.78
CA SER O 65 -8.34 -47.04 -23.72
C SER O 65 -9.46 -47.01 -22.69
N GLY O 66 -9.61 -45.86 -22.03
CA GLY O 66 -10.62 -45.70 -21.02
C GLY O 66 -11.77 -44.82 -21.47
N SER O 67 -12.93 -44.99 -20.85
CA SER O 67 -14.11 -44.21 -21.18
C SER O 67 -15.17 -44.39 -20.11
N LEU O 68 -16.24 -43.59 -20.19
CA LEU O 68 -17.37 -43.72 -19.28
C LEU O 68 -18.64 -44.09 -20.05
N ILE O 69 -18.61 -45.26 -20.66
CA ILE O 69 -19.77 -45.79 -21.39
C ILE O 69 -20.94 -46.03 -20.44
N GLY O 70 -22.12 -45.54 -20.83
CA GLY O 70 -23.29 -45.66 -19.99
C GLY O 70 -23.10 -44.90 -18.69
N ASP O 71 -23.16 -45.62 -17.57
CA ASP O 71 -22.94 -44.99 -16.26
C ASP O 71 -21.92 -45.77 -15.43
N LYS O 72 -20.96 -46.39 -16.12
CA LYS O 72 -19.87 -47.08 -15.46
C LYS O 72 -18.57 -46.95 -16.25
N ALA O 73 -17.44 -47.14 -15.58
CA ALA O 73 -16.13 -47.02 -16.20
C ALA O 73 -15.84 -48.20 -17.11
N ALA O 74 -15.25 -47.93 -18.27
CA ALA O 74 -14.95 -48.98 -19.24
C ALA O 74 -13.47 -49.04 -19.57
N LEU O 75 -13.02 -50.20 -20.02
CA LEU O 75 -11.65 -50.41 -20.46
C LEU O 75 -11.70 -51.22 -21.74
N THR O 76 -11.42 -50.57 -22.86
CA THR O 76 -11.56 -51.21 -24.18
C THR O 76 -10.21 -51.54 -24.82
N ILE O 77 -10.02 -52.82 -25.11
CA ILE O 77 -8.81 -53.28 -25.79
C ILE O 77 -9.09 -53.50 -27.27
N THR O 78 -8.72 -52.51 -28.09
CA THR O 78 -8.96 -52.60 -29.53
C THR O 78 -7.83 -53.34 -30.24
N GLY O 79 -8.07 -54.60 -30.57
CA GLY O 79 -7.07 -55.43 -31.22
C GLY O 79 -6.34 -56.28 -30.20
N ALA O 80 -7.10 -57.06 -29.43
CA ALA O 80 -6.54 -57.88 -28.36
C ALA O 80 -5.34 -58.70 -28.82
N GLN O 81 -4.40 -58.90 -27.90
CA GLN O 81 -3.20 -59.68 -28.19
C GLN O 81 -3.13 -60.89 -27.26
N THR O 82 -2.24 -61.82 -27.59
CA THR O 82 -2.05 -63.01 -26.78
C THR O 82 -1.65 -62.65 -25.35
N GLU O 83 -0.64 -61.79 -25.23
CA GLU O 83 -0.12 -61.40 -23.92
C GLU O 83 -1.14 -60.61 -23.10
N ASP O 84 -2.18 -60.10 -23.76
CA ASP O 84 -3.19 -59.32 -23.07
C ASP O 84 -4.04 -60.16 -22.12
N GLU O 85 -3.81 -61.47 -22.13
CA GLU O 85 -4.56 -62.37 -21.25
C GLU O 85 -4.05 -62.24 -19.82
N ALA O 86 -4.89 -61.66 -18.96
CA ALA O 86 -4.55 -61.49 -17.55
C ALA O 86 -5.78 -61.19 -16.72
N ILE O 87 -5.58 -60.79 -15.47
CA ILE O 87 -6.68 -60.36 -14.62
C ILE O 87 -6.66 -58.84 -14.51
N TYR O 88 -7.81 -58.22 -14.77
CA TYR O 88 -7.91 -56.77 -14.77
C TYR O 88 -8.75 -56.25 -13.61
N PHE O 89 -8.12 -55.51 -12.71
CA PHE O 89 -8.83 -54.87 -11.61
C PHE O 89 -9.08 -53.42 -11.94
N CYS O 90 -10.29 -52.95 -11.66
CA CYS O 90 -10.56 -51.53 -11.74
C CYS O 90 -10.74 -51.00 -10.33
N ALA O 91 -10.29 -49.78 -10.09
CA ALA O 91 -10.42 -49.18 -8.77
C ALA O 91 -11.13 -47.84 -8.89
N LEU O 92 -12.10 -47.60 -8.02
CA LEU O 92 -12.79 -46.32 -7.98
C LEU O 92 -12.36 -45.54 -6.75
N TRP O 93 -12.34 -44.21 -6.89
CA TRP O 93 -11.97 -43.35 -5.78
C TRP O 93 -13.23 -42.80 -5.13
N TYR O 94 -13.44 -43.14 -3.86
CA TYR O 94 -14.61 -42.65 -3.13
C TYR O 94 -14.20 -41.67 -2.03
N SER O 95 -14.18 -40.38 -2.36
CA SER O 95 -13.93 -39.32 -1.38
C SER O 95 -12.47 -39.24 -0.90
N ASN O 96 -11.98 -40.29 -0.25
CA ASN O 96 -10.65 -40.25 0.34
C ASN O 96 -9.87 -41.56 0.29
N HIS O 97 -10.39 -42.54 -0.43
CA HIS O 97 -9.74 -43.84 -0.50
C HIS O 97 -10.14 -44.61 -1.76
N TRP O 98 -9.35 -45.62 -2.10
CA TRP O 98 -9.65 -46.45 -3.24
C TRP O 98 -10.46 -47.68 -2.86
N VAL O 99 -11.32 -48.13 -3.76
CA VAL O 99 -12.03 -49.39 -3.59
C VAL O 99 -11.86 -50.21 -4.86
N PHE O 100 -11.31 -51.41 -4.71
CA PHE O 100 -11.05 -52.26 -5.87
C PHE O 100 -12.26 -53.12 -6.22
N GLY O 101 -12.31 -53.58 -7.46
CA GLY O 101 -13.35 -54.50 -7.91
C GLY O 101 -12.92 -55.93 -7.70
N GLY O 102 -13.77 -56.87 -8.11
CA GLY O 102 -13.47 -58.28 -7.99
C GLY O 102 -12.43 -58.71 -9.00
N GLY O 103 -12.29 -57.91 -10.06
CA GLY O 103 -11.37 -58.24 -11.13
C GLY O 103 -12.05 -59.07 -12.21
N THR O 104 -11.65 -58.86 -13.45
CA THR O 104 -12.20 -59.60 -14.58
C THR O 104 -11.10 -60.45 -15.19
N LYS O 105 -11.35 -61.74 -15.37
CA LYS O 105 -10.35 -62.62 -15.96
C LYS O 105 -10.51 -62.71 -17.46
N LEU O 106 -9.73 -61.91 -18.18
CA LEU O 106 -9.79 -61.87 -19.63
C LEU O 106 -8.97 -62.99 -20.24
N THR O 107 -9.62 -63.82 -21.06
CA THR O 107 -8.94 -64.92 -21.72
C THR O 107 -8.84 -64.67 -23.22
N VAL O 108 -7.62 -64.69 -23.74
CA VAL O 108 -7.41 -64.61 -25.18
C VAL O 108 -7.25 -66.04 -25.72
N LEU O 109 -8.25 -66.49 -26.48
CA LEU O 109 -8.34 -67.90 -26.89
C LEU O 109 -7.08 -68.46 -27.55
N GLY O 110 -6.71 -69.69 -27.18
CA GLY O 110 -5.57 -70.38 -27.77
C GLY O 110 -5.87 -71.83 -28.09
N GLN O 111 -6.65 -72.48 -27.23
CA GLN O 111 -7.04 -73.87 -27.41
C GLN O 111 -8.55 -73.97 -27.45
N PRO O 112 -9.09 -74.94 -28.21
CA PRO O 112 -10.54 -75.18 -28.26
C PRO O 112 -11.15 -75.33 -26.87
N LYS O 113 -12.41 -74.93 -26.72
CA LYS O 113 -13.09 -74.97 -25.44
C LYS O 113 -13.33 -76.40 -24.96
N SER O 114 -13.48 -76.57 -23.65
CA SER O 114 -13.62 -77.89 -23.05
C SER O 114 -14.60 -77.86 -21.88
N SER O 115 -15.48 -78.86 -21.83
CA SER O 115 -16.46 -78.96 -20.75
C SER O 115 -15.82 -79.58 -19.50
N PRO O 116 -16.23 -79.09 -18.31
CA PRO O 116 -15.67 -79.55 -17.03
C PRO O 116 -16.11 -80.97 -16.64
N SER O 117 -15.13 -81.87 -16.48
CA SER O 117 -15.40 -83.22 -16.02
C SER O 117 -15.56 -83.24 -14.50
N VAL O 118 -16.80 -83.30 -14.04
CA VAL O 118 -17.09 -83.24 -12.61
C VAL O 118 -17.28 -84.62 -11.98
N THR O 119 -16.93 -84.73 -10.70
CA THR O 119 -17.12 -85.95 -9.93
C THR O 119 -17.31 -85.59 -8.45
N LEU O 120 -18.43 -86.01 -7.87
CA LEU O 120 -18.76 -85.67 -6.50
C LEU O 120 -18.53 -86.83 -5.53
N PHE O 121 -17.61 -86.66 -4.60
CA PHE O 121 -17.28 -87.69 -3.62
C PHE O 121 -17.98 -87.42 -2.28
N PRO O 122 -18.60 -88.46 -1.71
CA PRO O 122 -19.27 -88.37 -0.40
C PRO O 122 -18.24 -88.36 0.73
N PRO O 123 -18.69 -88.07 1.96
CA PRO O 123 -17.81 -88.08 3.13
C PRO O 123 -17.52 -89.49 3.65
N SER O 124 -16.26 -89.89 3.60
CA SER O 124 -15.84 -91.23 4.01
C SER O 124 -16.17 -91.52 5.47
N SER O 125 -16.02 -92.78 5.87
CA SER O 125 -16.36 -93.23 7.21
C SER O 125 -15.43 -92.67 8.30
N GLU O 126 -14.16 -92.45 7.95
CA GLU O 126 -13.21 -91.92 8.93
C GLU O 126 -13.65 -90.55 9.39
N GLU O 127 -14.10 -89.72 8.46
CA GLU O 127 -14.62 -88.40 8.80
C GLU O 127 -15.89 -88.49 9.65
N LEU O 128 -16.79 -89.39 9.26
CA LEU O 128 -18.02 -89.57 10.03
C LEU O 128 -17.71 -89.94 11.47
N GLU O 129 -16.66 -90.74 11.65
CA GLU O 129 -16.20 -91.13 12.97
C GLU O 129 -15.68 -89.92 13.74
N THR O 130 -14.98 -89.05 13.02
CA THR O 130 -14.43 -87.83 13.59
C THR O 130 -15.53 -86.91 14.06
N ASN O 131 -16.73 -87.09 13.49
CA ASN O 131 -17.89 -86.26 13.79
C ASN O 131 -17.94 -85.02 12.89
N LYS O 132 -17.02 -84.94 11.94
CA LYS O 132 -17.02 -83.87 10.93
C LYS O 132 -17.08 -84.46 9.53
N ALA O 133 -18.10 -84.07 8.76
CA ALA O 133 -18.27 -84.58 7.39
C ALA O 133 -17.77 -83.58 6.35
N THR O 134 -17.04 -84.09 5.35
CA THR O 134 -16.50 -83.25 4.30
C THR O 134 -16.87 -83.80 2.92
N LEU O 135 -17.29 -82.90 2.02
CA LEU O 135 -17.60 -83.28 0.65
C LEU O 135 -16.54 -82.73 -0.31
N VAL O 136 -16.28 -83.49 -1.37
CA VAL O 136 -15.29 -83.08 -2.37
C VAL O 136 -15.87 -83.19 -3.79
N CYS O 137 -15.86 -82.08 -4.51
CA CYS O 137 -16.36 -82.04 -5.86
C CYS O 137 -15.22 -81.63 -6.80
N THR O 138 -14.47 -82.61 -7.29
CA THR O 138 -13.27 -82.34 -8.09
C THR O 138 -13.60 -81.98 -9.54
N ILE O 139 -12.99 -80.91 -10.04
CA ILE O 139 -13.21 -80.45 -11.40
C ILE O 139 -11.91 -80.51 -12.20
N THR O 140 -11.91 -81.30 -13.28
CA THR O 140 -10.73 -81.48 -14.10
C THR O 140 -11.01 -81.25 -15.59
N ASP O 141 -9.99 -80.82 -16.33
CA ASP O 141 -10.08 -80.70 -17.78
C ASP O 141 -11.14 -79.71 -18.24
N PHE O 142 -10.88 -78.42 -18.03
CA PHE O 142 -11.77 -77.38 -18.54
C PHE O 142 -10.99 -76.16 -19.05
N TYR O 143 -11.58 -75.44 -19.98
CA TYR O 143 -10.93 -74.27 -20.58
C TYR O 143 -11.98 -73.32 -21.16
N PRO O 144 -11.80 -72.01 -20.95
CA PRO O 144 -10.70 -71.40 -20.18
C PRO O 144 -10.82 -71.63 -18.67
N GLY O 145 -9.84 -71.15 -17.91
CA GLY O 145 -9.79 -71.38 -16.48
C GLY O 145 -10.81 -70.60 -15.69
N VAL O 146 -12.09 -70.84 -15.97
CA VAL O 146 -13.18 -70.20 -15.26
C VAL O 146 -14.32 -71.17 -15.01
N VAL O 147 -14.49 -71.55 -13.74
CA VAL O 147 -15.61 -72.39 -13.34
C VAL O 147 -16.30 -71.80 -12.11
N THR O 148 -17.60 -72.07 -11.98
CA THR O 148 -18.37 -71.57 -10.84
C THR O 148 -19.07 -72.71 -10.10
N VAL O 149 -18.59 -73.03 -8.91
CA VAL O 149 -19.17 -74.12 -8.12
C VAL O 149 -20.37 -73.65 -7.31
N ASP O 150 -21.43 -74.46 -7.32
CA ASP O 150 -22.68 -74.13 -6.65
C ASP O 150 -23.25 -75.40 -6.02
N TRP O 151 -23.42 -75.38 -4.71
CA TRP O 151 -23.91 -76.56 -3.98
C TRP O 151 -25.43 -76.53 -3.78
N GLY O 161 -20.26 -72.58 4.42
CA GLY O 161 -19.64 -73.86 4.73
C GLY O 161 -18.79 -74.37 3.58
N MET O 162 -19.10 -73.93 2.37
CA MET O 162 -18.36 -74.35 1.19
C MET O 162 -17.10 -73.51 0.97
N GLU O 163 -16.20 -74.00 0.13
CA GLU O 163 -14.93 -73.33 -0.12
C GLU O 163 -14.19 -73.93 -1.33
N THR O 164 -14.35 -73.31 -2.49
CA THR O 164 -13.75 -73.82 -3.71
C THR O 164 -12.38 -73.19 -3.98
N THR O 165 -11.48 -73.96 -4.58
CA THR O 165 -10.11 -73.51 -4.82
C THR O 165 -9.98 -72.78 -6.15
N GLN O 166 -8.91 -72.00 -6.29
CA GLN O 166 -8.70 -71.17 -7.47
C GLN O 166 -8.21 -71.98 -8.66
N PRO O 167 -8.74 -71.68 -9.85
CA PRO O 167 -8.36 -72.34 -11.11
C PRO O 167 -6.85 -72.40 -11.34
N SER O 168 -6.35 -73.61 -11.61
CA SER O 168 -4.92 -73.79 -11.87
C SER O 168 -4.70 -74.77 -13.03
N LYS O 169 -4.03 -74.28 -14.07
CA LYS O 169 -3.75 -75.05 -15.28
C LYS O 169 -3.13 -76.43 -14.97
N GLN O 170 -3.19 -77.32 -15.95
CA GLN O 170 -2.69 -78.69 -15.77
C GLN O 170 -1.47 -78.94 -16.65
N SER O 171 -1.31 -80.19 -17.05
CA SER O 171 -0.24 -80.59 -17.95
C SER O 171 -0.71 -80.47 -19.40
N ASN O 172 -2.03 -80.47 -19.58
CA ASN O 172 -2.63 -80.36 -20.90
C ASN O 172 -3.26 -78.99 -21.14
N ASN O 173 -2.87 -78.01 -20.32
CA ASN O 173 -3.34 -76.64 -20.45
C ASN O 173 -4.85 -76.45 -20.28
N LYS O 174 -5.48 -77.35 -19.52
CA LYS O 174 -6.89 -77.21 -19.15
C LYS O 174 -7.04 -77.06 -17.64
N TYR O 175 -7.14 -75.81 -17.18
CA TYR O 175 -7.20 -75.49 -15.75
C TYR O 175 -8.09 -76.46 -14.97
N MET O 176 -7.71 -76.71 -13.71
CA MET O 176 -8.45 -77.63 -12.85
C MET O 176 -8.68 -77.02 -11.46
N ALA O 177 -9.59 -77.61 -10.69
CA ALA O 177 -9.89 -77.11 -9.35
C ALA O 177 -10.72 -78.09 -8.52
N SER O 178 -10.81 -77.83 -7.23
CA SER O 178 -11.55 -78.69 -6.31
C SER O 178 -12.47 -77.88 -5.39
N SER O 179 -13.63 -78.44 -5.07
CA SER O 179 -14.59 -77.77 -4.19
C SER O 179 -14.79 -78.54 -2.89
N TYR O 180 -14.92 -77.80 -1.78
CA TYR O 180 -15.07 -78.43 -0.47
C TYR O 180 -16.27 -77.87 0.29
N LEU O 181 -17.29 -78.70 0.47
CA LEU O 181 -18.46 -78.35 1.27
C LEU O 181 -18.34 -78.98 2.65
N THR O 182 -18.16 -78.15 3.67
CA THR O 182 -17.92 -78.65 5.02
C THR O 182 -19.18 -78.70 5.87
N LEU O 183 -19.40 -79.83 6.53
CA LEU O 183 -20.57 -80.05 7.37
C LEU O 183 -20.18 -80.74 8.67
N THR O 184 -21.17 -81.09 9.47
CA THR O 184 -20.95 -81.88 10.67
C THR O 184 -21.59 -83.25 10.52
N ALA O 185 -21.08 -84.24 11.24
CA ALA O 185 -21.57 -85.61 11.11
C ALA O 185 -23.07 -85.71 11.37
N ARG O 186 -23.56 -84.97 12.35
CA ARG O 186 -24.98 -84.98 12.67
C ARG O 186 -25.82 -84.34 11.56
N ALA O 187 -25.27 -83.30 10.94
CA ALA O 187 -25.94 -82.64 9.82
C ALA O 187 -25.92 -83.53 8.58
N TRP O 188 -24.87 -84.34 8.48
CA TRP O 188 -24.73 -85.30 7.39
C TRP O 188 -25.83 -86.36 7.47
N GLU O 189 -26.08 -86.84 8.68
CA GLU O 189 -27.15 -87.80 8.93
C GLU O 189 -28.50 -87.08 8.88
N TYR O 194 -27.68 -84.59 -1.56
CA TYR O 194 -26.51 -83.77 -1.84
C TYR O 194 -26.21 -83.75 -3.33
N SER O 195 -25.81 -82.59 -3.84
CA SER O 195 -25.48 -82.45 -5.27
C SER O 195 -24.56 -81.27 -5.55
N CYS O 196 -23.63 -81.48 -6.47
CA CYS O 196 -22.70 -80.43 -6.87
C CYS O 196 -22.90 -80.11 -8.35
N GLN O 197 -23.19 -78.85 -8.66
CA GLN O 197 -23.39 -78.43 -10.04
C GLN O 197 -22.35 -77.39 -10.48
N VAL O 198 -21.69 -77.67 -11.60
CA VAL O 198 -20.68 -76.78 -12.15
C VAL O 198 -21.18 -76.10 -13.42
N THR O 199 -21.31 -74.78 -13.37
CA THR O 199 -21.69 -74.01 -14.55
C THR O 199 -20.46 -73.45 -15.26
N HIS O 200 -20.21 -73.92 -16.47
CA HIS O 200 -19.02 -73.53 -17.21
C HIS O 200 -19.35 -72.98 -18.61
N GLU O 201 -19.38 -71.65 -18.70
CA GLU O 201 -19.49 -70.96 -19.99
C GLU O 201 -20.58 -71.56 -20.87
N GLY O 202 -21.77 -71.76 -20.30
CA GLY O 202 -22.89 -72.31 -21.04
C GLY O 202 -23.69 -73.33 -20.26
N HIS O 203 -23.67 -74.57 -20.73
CA HIS O 203 -24.39 -75.66 -20.07
C HIS O 203 -23.98 -75.78 -18.61
N THR O 204 -24.64 -76.67 -17.88
CA THR O 204 -24.35 -76.85 -16.46
C THR O 204 -24.31 -78.33 -16.08
N VAL O 205 -23.10 -78.84 -15.85
CA VAL O 205 -22.93 -80.24 -15.45
C VAL O 205 -23.25 -80.41 -13.96
N GLU O 206 -24.17 -81.33 -13.66
CA GLU O 206 -24.63 -81.52 -12.29
C GLU O 206 -24.70 -83.00 -11.90
N LYS O 207 -24.26 -83.32 -10.68
CA LYS O 207 -24.30 -84.70 -10.18
C LYS O 207 -24.65 -84.77 -8.71
N SER O 208 -25.43 -85.80 -8.33
CA SER O 208 -25.97 -85.93 -6.99
C SER O 208 -25.30 -87.05 -6.17
C1 IVM P . 36.46 28.83 -13.24
O1 IVM P . 37.29 25.56 -14.79
C2 IVM P . 35.78 28.13 -14.39
O2 IVM P . 34.83 27.40 -8.05
C3 IVM P . 36.78 27.80 -15.48
O3 IVM P . 32.82 31.00 -9.16
C4 IVM P . 36.11 27.21 -16.71
O4 IVM P . 32.04 30.56 -6.42
C5 IVM P . 37.86 26.86 -14.95
O5 IVM P . 29.64 33.49 -8.56
C6 IVM P . 38.16 24.68 -14.07
O6 IVM P . 27.85 31.63 -7.22
C7 IVM P . 39.47 24.51 -14.83
O7 IVM P . 30.71 31.80 -4.97
C8 IVM P . 39.53 25.36 -16.09
O8 IVM P . 35.37 29.10 -6.52
C9 IVM P . 39.08 26.79 -15.86
O9 IVM P . 31.83 19.78 -10.16
C10 IVM P . 40.23 27.63 -15.30
O10 IVM P . 31.79 17.92 -11.77
C11 IVM P . 37.48 23.34 -13.91
O11 IVM P . 33.85 22.77 -13.99
C12 IVM P . 36.22 23.44 -13.06
O12 IVM P . 35.73 22.12 -12.85
C13 IVM P . 36.59 24.05 -11.71
O13 IVM P . 31.69 22.40 -12.54
C14 IVM P . 37.33 25.37 -11.88
O14 IVM P . 38.42 25.29 -12.80
C15 IVM P . 37.86 25.76 -10.51
C16 IVM P . 36.71 26.17 -9.64
C17 IVM P . 36.72 25.93 -8.31
C18 IVM P . 37.89 25.24 -7.70
C19 IVM P . 35.56 26.32 -7.46
C20 IVM P . 35.47 28.66 -7.88
C21 IVM P . 34.81 29.68 -8.80
C22 IVM P . 33.38 29.97 -8.35
C23 IVM P . 32.68 30.57 -10.51
C24 IVM P . 33.38 30.39 -6.88
C25 IVM P . 31.78 31.87 -5.92
C26 IVM P . 31.42 32.83 -7.05
C27 IVM P . 30.08 32.45 -7.68
C28 IVM P . 30.42 33.59 -9.76
C29 IVM P . 29.01 32.21 -6.62
C30 IVM P . 29.53 31.26 -5.54
C31 IVM P . 28.47 31.04 -4.46
C32 IVM P . 34.04 29.28 -6.07
C33 IVM P . 34.06 29.63 -4.59
C34 IVM P . 34.62 25.13 -7.33
C35 IVM P . 33.36 25.54 -6.59
C36 IVM P . 34.24 24.64 -8.71
C37 IVM P . 33.76 23.41 -8.90
C38 IVM P . 33.40 23.00 -10.26
C39 IVM P . 32.79 21.84 -10.49
C40 IVM P . 32.39 20.86 -9.41
C41 IVM P . 31.39 20.25 -11.45
C42 IVM P . 31.23 19.08 -12.40
C43 IVM P . 31.94 19.24 -13.71
C44 IVM P . 32.94 20.13 -13.86
C45 IVM P . 33.53 20.84 -12.68
C46 IVM P . 34.34 21.97 -13.22
C47 IVM P . 32.37 21.37 -11.84
C48 IVM P . 31.51 18.41 -14.88
C1B LMT Q . 58.87 32.67 -33.66
C2B LMT Q . 60.33 32.71 -34.15
C3B LMT Q . 60.87 34.01 -33.81
C4B LMT Q . 60.09 35.08 -34.35
C5B LMT Q . 58.58 34.87 -34.32
C6B LMT Q . 57.88 35.80 -35.29
O1B LMT Q . 58.78 33.33 -32.43
O2B LMT Q . 61.13 31.77 -33.51
O3B LMT Q . 62.13 34.14 -34.43
O4' LMT Q . 60.38 36.23 -33.61
O5B LMT Q . 58.17 33.48 -34.54
O6B LMT Q . 57.89 37.15 -34.98
C1' LMT Q . 55.66 33.00 -29.66
C2' LMT Q . 56.83 33.93 -29.52
C3' LMT Q . 57.60 34.08 -30.75
C4' LMT Q . 57.98 32.85 -31.32
C5' LMT Q . 56.73 32.08 -31.62
C6' LMT Q . 56.89 30.77 -32.36
O1' LMT Q . 55.23 32.81 -28.34
O2' LMT Q . 56.39 35.17 -29.17
O3' LMT Q . 58.73 34.79 -30.35
O5' LMT Q . 55.97 31.82 -30.36
O6' LMT Q . 56.05 29.73 -32.03
C1 LMT Q . 54.44 31.72 -27.91
C2 LMT Q . 53.72 31.88 -26.56
C3 LMT Q . 52.24 31.51 -26.48
C1B LMT R . 37.61 8.32 9.47
C2B LMT R . 36.33 9.09 9.83
C3B LMT R . 36.46 9.62 11.17
C4B LMT R . 36.67 8.58 12.11
C5B LMT R . 37.88 7.74 11.74
C6B LMT R . 38.15 6.60 12.70
O1B LMT R . 38.73 9.18 9.58
O2B LMT R . 36.13 10.18 9.00
O3B LMT R . 35.25 10.26 11.49
O4' LMT R . 36.90 9.18 13.35
O5B LMT R . 37.79 7.25 10.35
O6B LMT R . 39.31 5.87 12.50
C1' LMT R . 41.55 10.69 7.04
C2' LMT R . 40.17 11.32 7.03
C3' LMT R . 39.35 10.88 8.17
C4' LMT R . 39.29 9.48 8.30
C5' LMT R . 40.64 8.82 8.26
C6' LMT R . 40.55 7.31 8.23
O1' LMT R . 42.23 11.05 5.87
O2' LMT R . 40.31 12.68 7.13
O3' LMT R . 38.09 11.38 7.88
O5' LMT R . 41.50 9.30 7.14
O6' LMT R . 41.65 6.61 7.78
C1 LMT R . 42.11 10.18 4.75
C2 LMT R . 42.00 10.81 3.34
C3 LMT R . 43.31 11.14 2.63
C4 LMT R . 43.29 11.11 1.11
I IOD S . 54.01 10.82 -29.86
C1B LMT T . 51.55 34.82 -33.82
C2B LMT T . 52.61 33.76 -34.15
C3B LMT T . 53.86 34.38 -34.55
C4B LMT T . 53.69 35.25 -35.66
C5B LMT T . 52.52 36.22 -35.51
C6B LMT T . 52.20 36.91 -36.82
O1B LMT T . 51.85 35.65 -32.70
O2B LMT T . 52.90 32.94 -33.06
O3B LMT T . 54.69 33.34 -35.03
O4' LMT T . 54.85 36.01 -35.77
O5B LMT T . 51.31 35.61 -34.95
O6B LMT T . 53.21 37.61 -37.45
C1' LMT T . 50.78 35.27 -28.69
C2' LMT T . 52.22 35.05 -29.12
C3' LMT T . 52.48 35.53 -30.49
C4' LMT T . 51.56 35.04 -31.44
C5' LMT T . 50.15 35.36 -31.00
C6' LMT T . 49.07 34.89 -31.96
O1' LMT T . 50.54 34.63 -27.45
O2' LMT T . 53.05 35.77 -28.28
O3' LMT T . 53.75 35.06 -30.77
O5' LMT T . 49.87 34.83 -29.65
O6' LMT T . 47.78 34.82 -31.47
C1 LMT T . 49.27 34.75 -26.86
C2 LMT T . 49.22 35.07 -25.34
C3 LMT T . 48.27 36.19 -24.90
C1 OCT U . 32.56 30.14 -33.89
C2 OCT U . 31.45 30.97 -33.32
C3 OCT U . 30.14 30.21 -33.31
C4 OCT U . 29.06 30.99 -32.57
C5 OCT U . 27.73 30.25 -32.62
C6 OCT U . 26.66 30.95 -31.79
C7 OCT U . 25.30 30.29 -31.99
C8 OCT U . 24.25 30.90 -31.08
C1 UND V . 47.22 39.48 -31.66
C2 UND V . 46.81 38.09 -31.18
C3 UND V . 46.19 38.09 -29.79
C4 UND V . 45.79 36.68 -29.33
C5 UND V . 45.26 36.68 -27.89
C6 UND V . 44.48 35.41 -27.53
C7 UND V . 43.92 35.45 -26.11
C8 UND V . 42.91 34.33 -25.86
C9 UND V . 42.35 34.34 -24.43
C10 UND V . 41.10 33.44 -24.32
C11 UND V . 40.59 33.30 -22.89
I IOD W . 50.23 15.43 -33.87
CL CL X . 39.13 8.26 -28.14
C1 IVM Y . 21.48 23.35 -36.96
O1 IVM Y . 24.21 21.51 -35.21
C2 IVM Y . 21.71 21.86 -36.87
O2 IVM Y . 18.69 25.81 -32.73
C3 IVM Y . 23.11 21.50 -37.35
O3 IVM Y . 15.96 25.10 -35.94
C4 IVM Y . 23.31 19.99 -37.39
O4 IVM Y . 14.43 26.55 -33.99
C5 IVM Y . 24.16 22.16 -36.48
O5 IVM Y . 12.09 24.64 -37.12
C6 IVM Y . 24.99 22.24 -34.27
O6 IVM Y . 10.91 23.97 -34.53
C7 IVM Y . 26.43 22.34 -34.76
O7 IVM Y . 12.24 27.33 -34.00
C8 IVM Y . 26.62 21.73 -36.14
O8 IVM Y . 17.79 27.85 -33.44
C9 IVM Y . 25.55 22.15 -37.13
O9 IVM Y . 20.44 19.86 -26.98
C10 IVM Y . 25.88 23.51 -37.74
O10 IVM Y . 21.86 17.98 -26.29
C11 IVM Y . 24.96 21.50 -32.93
O11 IVM Y . 22.33 19.17 -31.84
C12 IVM Y . 23.57 21.46 -32.35
O12 IVM Y . 23.67 20.88 -31.05
C13 IVM Y . 23.07 22.87 -32.21
O13 IVM Y . 20.16 18.89 -30.37
C14 IVM Y . 23.14 23.63 -33.53
O14 IVM Y . 24.43 23.54 -34.15
C15 IVM Y . 22.85 25.09 -33.22
C16 IVM Y . 21.38 25.24 -32.88
C17 IVM Y . 20.96 26.15 -31.99
C18 IVM Y . 21.97 27.04 -31.31
C19 IVM Y . 19.50 26.28 -31.66
C20 IVM Y . 18.61 26.74 -33.81
C21 IVM Y . 18.00 26.03 -35.02
C22 IVM Y . 16.54 25.66 -34.76
C23 IVM Y . 16.57 23.86 -36.27
C24 IVM Y . 15.77 26.90 -34.34
C25 IVM Y . 13.45 27.25 -34.77
C26 IVM Y . 13.20 26.53 -36.08
C27 IVM Y . 12.54 25.17 -35.86
C28 IVM Y . 13.15 24.22 -37.97
C29 IVM Y . 11.36 25.28 -34.91
C30 IVM Y . 11.74 26.04 -33.65
C31 IVM Y . 10.55 26.17 -32.70
C32 IVM Y . 16.44 27.49 -33.10
C33 IVM Y . 15.72 28.73 -32.61
C34 IVM Y . 19.22 25.43 -30.43
C35 IVM Y . 17.73 25.43 -30.14
C36 IVM Y . 19.69 24.01 -30.68
C37 IVM Y . 19.93 23.16 -29.68
C38 IVM Y . 20.37 21.80 -29.99
C39 IVM Y . 20.45 20.88 -29.03
C40 IVM Y . 20.13 21.12 -27.58
C41 IVM Y . 20.41 18.82 -27.97
C42 IVM Y . 21.18 17.60 -27.46
C43 IVM Y . 22.20 17.08 -28.42
C44 IVM Y . 22.67 17.83 -29.42
C45 IVM Y . 22.37 19.30 -29.49
C46 IVM Y . 22.76 19.76 -30.86
C47 IVM Y . 20.88 19.47 -29.26
C48 IVM Y . 22.70 15.67 -28.25
C1 IVM Z . 23.27 -4.63 -42.62
O1 IVM Z . 25.38 -2.29 -40.64
C2 IVM Z . 24.08 -4.91 -41.37
O2 IVM Z . 18.09 -2.53 -41.97
C3 IVM Z . 25.53 -4.51 -41.56
O3 IVM Z . 17.78 -6.74 -42.59
C4 IVM Z . 26.37 -4.90 -40.35
O4 IVM Z . 15.06 -5.83 -42.52
C5 IVM Z . 25.63 -3.01 -41.83
O5 IVM Z . 15.56 -10.13 -42.16
C6 IVM Z . 25.22 -0.89 -40.87
O6 IVM Z . 13.77 -9.22 -40.04
C7 IVM Z . 26.50 -0.31 -41.47
O7 IVM Z . 13.04 -6.95 -42.80
C8 IVM Z . 27.55 -1.39 -41.72
O8 IVM Z . 16.80 -2.94 -43.88
C9 IVM Z . 27.00 -2.62 -42.41
O9 IVM Z . 19.43 0.74 -34.30
C10 IVM Z . 26.93 -2.41 -43.91
O10 IVM Z . 21.05 1.52 -32.60
C11 IVM Z . 24.91 -0.19 -39.56
O11 IVM Z . 23.42 -1.78 -36.61
C12 IVM Z . 23.58 -0.64 -38.98
O12 IVM Z . 23.31 0.17 -37.84
C13 IVM Z . 22.50 -0.40 -40.01
O13 IVM Z . 21.22 -2.16 -35.23
C14 IVM Z . 22.83 -1.06 -41.35
O14 IVM Z . 24.15 -0.73 -41.81
C15 IVM Z . 21.82 -0.55 -42.35
C16 IVM Z . 20.47 -1.16 -42.04
C17 IVM Z . 19.34 -0.48 -42.26
C18 IVM Z . 19.38 0.91 -42.81
C19 IVM Z . 18.01 -1.11 -41.95
C20 IVM Z . 18.10 -3.05 -43.30
C21 IVM Z . 18.51 -4.53 -43.24
C22 IVM Z . 17.44 -5.36 -42.55
C23 IVM Z . 18.96 -6.99 -41.83
C24 IVM Z . 16.09 -5.13 -43.23
C25 IVM Z . 14.35 -6.76 -43.34
C26 IVM Z . 15.09 -8.10 -43.38
C27 IVM Z . 15.10 -8.79 -42.01
C28 IVM Z . 16.96 -10.22 -42.43
C29 IVM Z . 13.69 -8.80 -41.41
C30 IVM Z . 13.07 -7.41 -41.45
C31 IVM Z . 11.66 -7.42 -40.85
C32 IVM Z . 15.78 -3.65 -43.19
C33 IVM Z . 14.43 -3.34 -43.84
C34 IVM Z . 17.60 -0.67 -40.54
C35 IVM Z . 16.33 -1.40 -40.12
C36 IVM Z . 18.71 -1.03 -39.57
C37 IVM Z . 18.81 -0.43 -38.38
C38 IVM Z . 19.90 -0.82 -37.49
C39 IVM Z . 19.94 -0.38 -36.22
C40 IVM Z . 18.91 0.53 -35.62
C41 IVM Z . 20.33 -0.31 -33.95
C42 IVM Z . 21.24 0.13 -32.79
C43 IVM Z . 22.70 -0.10 -33.04
C44 IVM Z . 23.19 -0.27 -34.27
C45 IVM Z . 22.33 -0.02 -35.48
C46 IVM Z . 23.03 -0.62 -36.65
C47 IVM Z . 21.01 -0.74 -35.24
C48 IVM Z . 23.63 -0.14 -31.87
C1 OCT AA . 37.72 -16.42 -34.43
C2 OCT AA . 37.56 -16.95 -33.03
C3 OCT AA . 36.17 -17.49 -32.75
C4 OCT AA . 36.07 -18.08 -31.36
C5 OCT AA . 34.64 -18.52 -31.02
C6 OCT AA . 34.59 -19.29 -29.71
C7 OCT AA . 33.18 -19.72 -29.36
C8 OCT AA . 33.14 -20.63 -28.16
I IOD BA . 48.29 6.20 -40.07
C1 IVM CA . 39.16 -16.78 -21.56
O1 IVM CA . 38.91 -13.36 -23.01
C2 IVM CA . 39.28 -15.44 -20.86
O2 IVM CA . 34.02 -18.90 -22.33
C3 IVM CA . 40.35 -14.57 -21.52
O3 IVM CA . 35.73 -20.73 -18.88
C4 IVM CA . 40.57 -13.28 -20.75
O4 IVM CA . 33.23 -22.09 -19.24
C5 IVM CA . 39.98 -14.30 -22.97
O5 IVM CA . 35.12 -22.73 -15.38
C6 IVM CA . 38.36 -13.25 -24.33
O6 IVM CA . 32.33 -22.01 -14.92
C7 IVM CA . 39.43 -12.75 -25.30
O7 IVM CA . 32.23 -23.85 -18.08
C8 IVM CA . 40.78 -12.58 -24.64
O8 IVM CA . 34.13 -21.22 -22.65
C9 IVM CA . 41.18 -13.78 -23.78
O9 IVM CA . 29.97 -11.48 -21.90
C10 IVM CA . 41.78 -14.88 -24.64
O10 IVM CA . 30.08 -9.03 -22.04
C11 IVM CA . 37.20 -12.27 -24.29
O11 IVM CA . 35.20 -11.46 -21.32
C12 IVM CA . 36.06 -12.78 -23.43
O12 IVM CA . 34.98 -11.87 -23.58
C13 IVM CA . 35.64 -14.15 -23.94
O13 IVM CA . 32.95 -11.92 -20.02
C14 IVM CA . 36.82 -15.12 -24.03
O14 IVM CA . 37.94 -14.56 -24.72
C15 IVM CA . 36.32 -16.34 -24.80
C16 IVM CA . 35.36 -17.10 -23.92
C17 IVM CA . 34.33 -17.78 -24.44
C18 IVM CA . 34.10 -17.77 -25.92
C19 IVM CA . 33.38 -18.53 -23.56
C20 IVM CA . 34.88 -20.02 -22.48
C21 IVM CA . 35.75 -20.14 -21.23
C22 IVM CA . 34.90 -20.52 -20.02
C23 IVM CA . 36.37 -19.53 -18.48
C24 IVM CA . 34.11 -21.78 -20.32
C25 IVM CA . 33.45 -23.39 -18.68
C26 IVM CA . 34.56 -23.34 -17.65
C27 IVM CA . 34.17 -22.53 -16.42
C28 IVM CA . 36.38 -22.10 -15.64
C29 IVM CA . 32.78 -22.94 -15.92
C30 IVM CA . 31.77 -22.96 -17.06
C31 IVM CA . 30.39 -23.38 -16.57
C32 IVM CA . 33.27 -21.53 -21.57
C33 IVM CA . 32.42 -22.76 -21.92
C34 IVM CA . 32.20 -17.61 -23.24
C35 IVM CA . 31.28 -18.28 -22.23
C36 IVM CA . 32.71 -16.32 -22.65
C37 IVM CA . 31.98 -15.21 -22.64
C38 IVM CA . 32.53 -14.00 -22.05
C39 IVM CA . 31.76 -12.92 -21.86
C40 IVM CA . 30.30 -12.84 -22.23
C41 IVM CA . 30.91 -10.97 -20.93
C42 IVM CA . 30.86 -9.44 -20.93
C43 IVM CA . 32.21 -8.79 -21.05
C44 IVM CA . 33.26 -9.45 -21.54
C45 IVM CA . 33.11 -10.81 -22.17
C46 IVM CA . 34.47 -11.40 -22.30
C47 IVM CA . 32.24 -11.65 -21.23
C48 IVM CA . 32.36 -7.36 -20.63
C1 IVM DA . 47.24 4.13 -3.71
O1 IVM DA . 46.20 4.03 -7.28
C2 IVM DA . 46.42 5.14 -4.49
O2 IVM DA . 44.56 -0.26 -1.45
C3 IVM DA . 47.16 5.59 -5.73
O3 IVM DA . 45.11 2.69 1.58
C4 IVM DA . 46.40 6.70 -6.45
O4 IVM DA . 43.94 0.45 2.95
C5 IVM DA . 47.42 4.42 -6.66
O5 IVM DA . 43.91 4.20 5.16
C6 IVM DA . 46.32 2.79 -7.97
O6 IVM DA . 41.25 3.04 5.29
C7 IVM DA . 47.37 2.90 -9.08
O7 IVM DA . 43.42 0.11 5.20
C8 IVM DA . 48.04 4.28 -9.10
O8 IVM DA . 45.81 -1.17 0.30
C9 IVM DA . 48.48 4.74 -7.71
O9 IVM DA . 37.96 -0.01 -6.77
C10 IVM DA . 49.82 4.12 -7.37
O10 IVM DA . 37.03 0.75 -8.89
C11 IVM DA . 44.97 2.42 -8.57
O11 IVM DA . 41.72 3.61 -7.36
C12 IVM DA . 43.93 2.19 -7.50
O12 IVM DA . 42.76 1.72 -8.15
C13 IVM DA . 44.44 1.10 -6.56
O13 IVM DA . 39.60 3.03 -5.94
C14 IVM DA . 45.81 1.44 -6.00
O14 IVM DA . 46.75 1.81 -7.01
C15 IVM DA . 46.33 0.20 -5.29
C16 IVM DA . 45.52 0.00 -4.02
C17 IVM DA . 45.26 -1.23 -3.55
C18 IVM DA . 45.75 -2.44 -4.30
C19 IVM DA . 44.44 -1.41 -2.30
C20 IVM DA . 45.78 -0.20 -0.74
C21 IVM DA . 45.93 1.20 -0.14
C22 IVM DA . 44.89 1.42 0.95
C23 IVM DA . 44.89 3.77 0.66
C24 IVM DA . 44.97 0.31 1.99
C25 IVM DA . 44.42 0.57 4.29
C26 IVM DA . 44.80 2.01 4.60
C27 IVM DA . 43.57 2.92 4.63
C28 IVM DA . 44.73 4.98 4.29
C29 IVM DA . 42.46 2.30 5.47
C30 IVM DA . 42.20 0.85 5.07
C31 IVM DA . 41.10 0.23 5.91
C32 IVM DA . 44.77 -1.02 1.27
C33 IVM DA . 44.83 -2.19 2.24
C34 IVM DA . 42.99 -1.60 -2.69
C35 IVM DA . 42.12 -1.65 -1.44
C36 IVM DA . 42.53 -0.45 -3.56
C37 IVM DA . 41.47 -0.53 -4.34
C38 IVM DA . 41.09 0.63 -5.15
C39 IVM DA . 39.94 0.64 -5.83
C40 IVM DA . 38.95 -0.48 -5.84
C41 IVM DA . 38.01 1.42 -6.84
C42 IVM DA . 37.30 1.90 -8.10
C43 IVM DA . 38.11 2.83 -8.95
C44 IVM DA . 39.44 2.91 -8.83
C45 IVM DA . 40.21 1.92 -8.00
C46 IVM DA . 41.57 2.49 -7.80
C47 IVM DA . 39.48 1.80 -6.67
C48 IVM DA . 37.40 3.70 -9.95
C1 OCT EA . 50.23 -4.76 -8.95
C2 OCT EA . 49.93 -4.29 -7.55
C3 OCT EA . 48.77 -5.02 -6.91
C4 OCT EA . 48.66 -4.60 -5.45
C5 OCT EA . 47.49 -5.25 -4.71
C6 OCT EA . 47.54 -4.84 -3.24
C7 OCT EA . 46.32 -5.31 -2.46
C8 OCT EA . 46.41 -4.94 -1.00
I IOD FA . 52.82 5.02 -33.62
#